data_8UZW
#
_entry.id   8UZW
#
_cell.length_a   1.00
_cell.length_b   1.00
_cell.length_c   1.00
_cell.angle_alpha   90.00
_cell.angle_beta   90.00
_cell.angle_gamma   90.00
#
_symmetry.space_group_name_H-M   'P 1'
#
_entity_poly.entity_id   1
_entity_poly.type   'polypeptide(L)'
_entity_poly.pdbx_seq_one_letter_code
;MTTETRSLYSQLPAIDRLLRDSSFLSLRDTYGHTRVVELLRQMLDEAREVIRGSQTLPAWCENWAQEVDARLTKEAQSAL
RPVINLTGTVLHTNLGRALQAEAAVEAVAQAMRSPVTLEYDLDDAGRGHRDRALAQLLCRITGAEDACIVNNNAAAVLLM
LAATASGKEVVVSRGELVEIGGAFRIPDVMRQAGCTLHEVGTTNRTHANDYRQAVNENTALLMKVHTSNYSIQGFTKAID
EAELVALGKELDVPVVTDLGSGSLVDLSQYGLPKEPMPQELIAAGVSLVSFSGD(LLP)LLGGPQAGIIVGKKEMIARLQ
SHPLKRALRADKMTLAALEATLRLYLHPEALSEKLPTLRLLTRSAEVIQIQAQRLQAPLAAHYGAEFAVQVMPCLSQIGS
GSLPVDRLPSAALTFTPHDGRGSHLESLAARWRELPVPVIGRIYDGRLWLDLRCLEDEQRFLEMLLK
;
_entity_poly.pdbx_strand_id   A,B,C,D,E,F,G,H,I,J
#
# COMPACT_ATOMS: atom_id res chain seq x y z
N GLN A 77 -2.65 1.22 71.49
CA GLN A 77 -1.70 0.28 70.89
C GLN A 77 -1.66 0.43 69.38
N SER A 78 -0.46 0.64 68.83
CA SER A 78 -0.31 0.75 67.39
C SER A 78 -0.50 -0.62 66.73
N ALA A 79 -0.88 -0.59 65.46
CA ALA A 79 -1.10 -1.82 64.72
C ALA A 79 0.19 -2.49 64.24
N LEU A 80 1.32 -1.79 64.30
CA LEU A 80 2.62 -2.41 64.06
C LEU A 80 3.17 -2.98 65.37
N ARG A 81 2.38 -3.89 65.93
CA ARG A 81 2.67 -4.43 67.26
C ARG A 81 3.94 -5.27 67.22
N PRO A 82 4.87 -5.07 68.16
CA PRO A 82 5.95 -6.06 68.32
C PRO A 82 5.36 -7.42 68.66
N VAL A 83 5.95 -8.47 68.09
CA VAL A 83 5.42 -9.82 68.23
C VAL A 83 6.58 -10.76 68.52
N ILE A 84 6.33 -11.71 69.43
CA ILE A 84 7.29 -12.76 69.75
C ILE A 84 7.09 -13.89 68.75
N ASN A 85 8.00 -13.98 67.79
CA ASN A 85 7.91 -14.94 66.69
C ASN A 85 8.35 -16.31 67.20
N LEU A 86 7.38 -17.09 67.70
CA LEU A 86 7.62 -18.44 68.14
C LEU A 86 7.11 -19.49 67.16
N THR A 87 6.79 -19.06 65.93
CA THR A 87 6.32 -19.98 64.90
C THR A 87 7.40 -20.92 64.40
N GLY A 88 8.66 -20.67 64.74
CA GLY A 88 9.76 -21.48 64.28
C GLY A 88 10.48 -20.93 63.07
N THR A 89 9.85 -20.04 62.32
CA THR A 89 10.49 -19.40 61.18
C THR A 89 11.36 -18.26 61.70
N VAL A 90 12.68 -18.40 61.56
CA VAL A 90 13.59 -17.39 62.07
C VAL A 90 13.41 -16.07 61.33
N LEU A 91 13.22 -16.14 60.01
CA LEU A 91 13.16 -14.96 59.16
C LEU A 91 11.81 -14.97 58.45
N HIS A 92 10.79 -14.44 59.12
CA HIS A 92 9.43 -14.45 58.62
C HIS A 92 9.22 -13.27 57.68
N THR A 93 8.78 -13.56 56.46
CA THR A 93 8.59 -12.50 55.48
C THR A 93 7.49 -11.53 55.89
N ASN A 94 6.48 -12.01 56.62
CA ASN A 94 5.37 -11.19 57.05
C ASN A 94 5.62 -10.52 58.40
N LEU A 95 6.79 -10.75 59.01
CA LEU A 95 7.13 -10.18 60.31
C LEU A 95 8.35 -9.27 60.23
N GLY A 96 8.72 -8.82 59.04
CA GLY A 96 9.84 -7.93 58.87
C GLY A 96 11.15 -8.57 58.44
N ARG A 97 11.13 -9.87 58.14
CA ARG A 97 12.33 -10.62 57.71
C ARG A 97 13.38 -10.48 58.81
N ALA A 98 14.58 -9.99 58.52
CA ALA A 98 15.68 -10.07 59.46
C ALA A 98 15.58 -9.02 60.56
N LEU A 99 15.82 -9.46 61.80
CA LEU A 99 16.01 -8.53 62.90
C LEU A 99 17.35 -7.83 62.78
N GLN A 100 17.47 -6.69 63.46
CA GLN A 100 18.58 -5.78 63.26
C GLN A 100 19.50 -5.76 64.47
N ALA A 101 20.79 -5.54 64.21
CA ALA A 101 21.80 -5.52 65.25
C ALA A 101 21.72 -4.22 66.06
N GLU A 102 22.38 -4.23 67.22
CA GLU A 102 22.42 -3.05 68.06
C GLU A 102 23.20 -1.92 67.39
N ALA A 103 24.26 -2.25 66.65
CA ALA A 103 25.00 -1.22 65.92
C ALA A 103 24.13 -0.58 64.86
N ALA A 104 23.33 -1.37 64.15
CA ALA A 104 22.39 -0.81 63.18
C ALA A 104 21.37 0.08 63.85
N VAL A 105 20.86 -0.33 65.01
CA VAL A 105 19.88 0.48 65.73
C VAL A 105 20.49 1.82 66.15
N GLU A 106 21.72 1.78 66.67
CA GLU A 106 22.37 3.02 67.09
C GLU A 106 22.64 3.94 65.92
N ALA A 107 23.11 3.39 64.79
CA ALA A 107 23.36 4.22 63.62
C ALA A 107 22.07 4.82 63.10
N VAL A 108 20.99 4.04 63.08
CA VAL A 108 19.71 4.55 62.60
C VAL A 108 19.20 5.66 63.51
N ALA A 109 19.30 5.47 64.83
CA ALA A 109 18.85 6.51 65.75
C ALA A 109 19.67 7.78 65.59
N GLN A 110 20.99 7.63 65.40
CA GLN A 110 21.84 8.80 65.20
C GLN A 110 21.47 9.53 63.91
N ALA A 111 21.19 8.79 62.84
CA ALA A 111 20.78 9.44 61.60
C ALA A 111 19.42 10.11 61.72
N MET A 112 18.50 9.51 62.49
CA MET A 112 17.18 10.10 62.67
C MET A 112 17.26 11.39 63.47
N ARG A 113 18.02 11.38 64.58
CA ARG A 113 18.02 12.52 65.48
C ARG A 113 18.78 13.71 64.91
N SER A 114 19.83 13.47 64.15
CA SER A 114 20.73 14.53 63.74
C SER A 114 20.92 14.53 62.23
N PRO A 115 21.23 15.68 61.65
CA PRO A 115 21.51 15.73 60.20
C PRO A 115 22.74 14.89 59.88
N VAL A 116 22.72 14.29 58.70
CA VAL A 116 23.82 13.45 58.24
C VAL A 116 24.21 13.84 56.83
N THR A 117 25.46 13.58 56.47
CA THR A 117 25.95 13.90 55.14
C THR A 117 25.40 12.89 54.13
N LEU A 118 24.10 12.99 53.84
CA LEU A 118 23.47 12.05 52.92
C LEU A 118 23.95 12.26 51.50
N GLU A 119 23.98 13.51 51.04
CA GLU A 119 24.42 13.85 49.70
C GLU A 119 25.43 14.99 49.73
N TYR A 120 26.13 15.13 50.85
CA TYR A 120 27.15 16.16 51.03
C TYR A 120 28.51 15.49 51.13
N ASP A 121 29.43 15.87 50.25
CA ASP A 121 30.75 15.27 50.21
C ASP A 121 31.77 16.13 50.95
N GLY A 128 28.72 15.20 46.37
CA GLY A 128 28.99 13.77 46.24
C GLY A 128 27.73 12.96 46.01
N HIS A 129 27.89 11.63 45.94
CA HIS A 129 26.75 10.75 45.72
C HIS A 129 26.21 10.23 47.05
N ARG A 130 25.03 9.63 46.97
CA ARG A 130 24.30 9.21 48.17
C ARG A 130 24.90 7.97 48.81
N ASP A 131 25.31 6.99 48.01
CA ASP A 131 25.75 5.68 48.53
C ASP A 131 27.14 5.35 48.04
N ARG A 132 28.07 6.29 48.16
CA ARG A 132 29.44 6.05 47.74
C ARG A 132 30.23 5.27 48.79
N ALA A 133 30.09 5.63 50.07
CA ALA A 133 30.80 4.90 51.12
C ALA A 133 30.29 3.48 51.25
N LEU A 134 28.98 3.27 51.08
CA LEU A 134 28.44 1.92 51.05
C LEU A 134 28.98 1.15 49.86
N ALA A 135 29.16 1.81 48.72
CA ALA A 135 29.77 1.15 47.57
C ALA A 135 31.20 0.73 47.86
N GLN A 136 31.95 1.58 48.56
CA GLN A 136 33.31 1.20 48.95
C GLN A 136 33.31 0.03 49.91
N LEU A 137 32.38 0.02 50.87
CA LEU A 137 32.27 -1.08 51.81
C LEU A 137 31.93 -2.38 51.09
N LEU A 138 31.02 -2.32 50.12
CA LEU A 138 30.65 -3.51 49.36
C LEU A 138 31.79 -3.97 48.44
N CYS A 139 32.58 -3.02 47.92
CA CYS A 139 33.77 -3.40 47.18
C CYS A 139 34.76 -4.13 48.07
N ARG A 140 34.92 -3.65 49.30
CA ARG A 140 35.83 -4.32 50.23
C ARG A 140 35.34 -5.71 50.59
N ILE A 141 34.02 -5.87 50.79
CA ILE A 141 33.48 -7.15 51.24
C ILE A 141 33.38 -8.14 50.08
N THR A 142 32.57 -7.81 49.08
CA THR A 142 32.32 -8.72 47.96
C THR A 142 33.45 -8.74 46.93
N GLY A 143 34.04 -7.58 46.64
CA GLY A 143 35.06 -7.50 45.61
C GLY A 143 34.60 -6.92 44.29
N ALA A 144 33.41 -6.34 44.22
CA ALA A 144 32.92 -5.76 43.00
C ALA A 144 33.49 -4.36 42.78
N GLU A 145 33.43 -3.91 41.53
CA GLU A 145 33.96 -2.59 41.19
C GLU A 145 33.09 -1.48 41.79
N ASP A 146 31.78 -1.58 41.63
CA ASP A 146 30.86 -0.55 42.09
C ASP A 146 29.60 -1.20 42.62
N ALA A 147 28.77 -0.41 43.30
CA ALA A 147 27.55 -0.89 43.92
C ALA A 147 26.46 0.17 43.85
N CYS A 148 25.21 -0.28 43.87
CA CYS A 148 24.03 0.56 43.81
C CYS A 148 23.00 0.03 44.80
N ILE A 149 22.31 0.93 45.48
CA ILE A 149 21.36 0.55 46.53
C ILE A 149 20.00 1.14 46.18
N VAL A 150 18.98 0.29 46.20
CA VAL A 150 17.62 0.69 45.86
C VAL A 150 16.66 0.19 46.94
N ASN A 151 15.36 0.41 46.70
CA ASN A 151 14.35 0.19 47.74
C ASN A 151 14.36 -1.26 48.23
N ASN A 152 14.32 -2.22 47.30
CA ASN A 152 14.37 -3.63 47.66
C ASN A 152 14.87 -4.41 46.44
N ASN A 153 14.91 -5.74 46.56
CA ASN A 153 15.43 -6.56 45.47
C ASN A 153 14.49 -6.58 44.27
N ALA A 154 13.19 -6.43 44.48
CA ALA A 154 12.30 -6.24 43.33
C ALA A 154 12.67 -4.97 42.57
N ALA A 155 12.95 -3.89 43.31
CA ALA A 155 13.43 -2.66 42.69
C ALA A 155 14.79 -2.86 42.05
N ALA A 156 15.66 -3.66 42.68
CA ALA A 156 16.98 -3.91 42.10
C ALA A 156 16.88 -4.62 40.77
N VAL A 157 16.06 -5.68 40.70
CA VAL A 157 15.88 -6.41 39.45
C VAL A 157 15.23 -5.52 38.40
N LEU A 158 14.20 -4.76 38.80
CA LEU A 158 13.54 -3.86 37.85
C LEU A 158 14.52 -2.86 37.26
N LEU A 159 15.30 -2.20 38.12
CA LEU A 159 16.26 -1.20 37.65
C LEU A 159 17.34 -1.83 36.80
N MET A 160 17.85 -3.00 37.20
CA MET A 160 18.87 -3.70 36.42
C MET A 160 18.37 -4.01 35.03
N LEU A 161 17.16 -4.55 34.92
CA LEU A 161 16.63 -4.94 33.62
C LEU A 161 16.27 -3.73 32.77
N ALA A 162 15.73 -2.68 33.39
CA ALA A 162 15.34 -1.50 32.64
C ALA A 162 16.54 -0.66 32.22
N ALA A 163 17.65 -0.74 32.94
CA ALA A 163 18.82 0.05 32.59
C ALA A 163 19.78 -0.68 31.67
N THR A 164 19.87 -2.01 31.77
CA THR A 164 20.82 -2.75 30.96
C THR A 164 20.20 -3.55 29.84
N ALA A 165 18.88 -3.76 29.84
CA ALA A 165 18.29 -4.62 28.83
C ALA A 165 16.94 -4.10 28.34
N SER A 166 16.74 -2.79 28.35
CA SER A 166 15.46 -2.24 27.93
C SER A 166 15.28 -2.40 26.43
N GLY A 167 14.15 -2.97 26.03
CA GLY A 167 13.85 -3.19 24.64
C GLY A 167 14.57 -4.36 24.00
N LYS A 168 15.30 -5.15 24.78
CA LYS A 168 16.11 -6.25 24.26
C LYS A 168 15.78 -7.53 25.02
N GLU A 169 16.07 -8.65 24.37
CA GLU A 169 15.79 -9.96 24.94
C GLU A 169 16.74 -10.26 26.09
N VAL A 170 16.24 -11.02 27.07
CA VAL A 170 17.04 -11.53 28.16
C VAL A 170 16.80 -13.03 28.26
N VAL A 171 17.88 -13.80 28.24
CA VAL A 171 17.79 -15.26 28.26
C VAL A 171 17.77 -15.72 29.71
N VAL A 172 16.66 -16.32 30.12
CA VAL A 172 16.50 -16.88 31.45
C VAL A 172 16.11 -18.34 31.31
N SER A 173 16.71 -19.18 32.14
CA SER A 173 16.37 -20.60 32.13
C SER A 173 14.91 -20.80 32.51
N ARG A 174 14.28 -21.79 31.90
CA ARG A 174 12.89 -22.09 32.18
C ARG A 174 12.67 -22.62 33.59
N GLY A 175 13.73 -23.04 34.27
CA GLY A 175 13.67 -23.49 35.64
C GLY A 175 14.07 -22.47 36.67
N GLU A 176 14.21 -21.20 36.28
CA GLU A 176 14.55 -20.13 37.20
C GLU A 176 13.55 -18.99 37.17
N LEU A 177 12.42 -19.18 36.49
CA LEU A 177 11.36 -18.17 36.45
C LEU A 177 10.61 -18.25 37.77
N VAL A 178 11.13 -17.54 38.75
CA VAL A 178 10.79 -17.72 40.16
C VAL A 178 9.69 -16.75 40.57
N GLU A 179 8.87 -17.18 41.52
CA GLU A 179 7.91 -16.32 42.19
C GLU A 179 8.24 -16.27 43.67
N ILE A 180 8.37 -15.06 44.21
CA ILE A 180 8.69 -14.85 45.62
C ILE A 180 7.50 -14.18 46.28
N GLY A 181 7.01 -14.78 47.37
CA GLY A 181 5.93 -14.19 48.12
C GLY A 181 4.59 -14.27 47.44
N GLY A 182 4.52 -13.80 46.19
CA GLY A 182 3.27 -13.79 45.45
C GLY A 182 3.12 -12.55 44.61
N ALA A 183 3.77 -11.45 45.04
CA ALA A 183 3.74 -10.21 44.29
C ALA A 183 4.92 -10.06 43.34
N PHE A 184 5.97 -10.85 43.52
CA PHE A 184 7.15 -10.80 42.67
C PHE A 184 7.17 -12.03 41.77
N ARG A 185 7.17 -11.80 40.46
CA ARG A 185 7.26 -12.85 39.46
C ARG A 185 8.27 -12.42 38.41
N ILE A 186 9.20 -13.29 38.08
CA ILE A 186 10.23 -12.94 37.09
C ILE A 186 9.63 -12.58 35.74
N PRO A 187 8.69 -13.35 35.17
CA PRO A 187 8.09 -12.91 33.90
C PRO A 187 7.40 -11.56 33.99
N ASP A 188 6.69 -11.28 35.08
CA ASP A 188 5.98 -10.01 35.20
C ASP A 188 6.95 -8.85 35.42
N VAL A 189 7.99 -9.06 36.23
CA VAL A 189 9.00 -8.03 36.44
C VAL A 189 9.71 -7.73 35.13
N MET A 190 9.99 -8.76 34.34
CA MET A 190 10.64 -8.56 33.05
C MET A 190 9.72 -7.83 32.08
N ARG A 191 8.41 -8.08 32.18
CA ARG A 191 7.46 -7.31 31.37
C ARG A 191 7.45 -5.84 31.77
N GLN A 192 7.47 -5.56 33.07
CA GLN A 192 7.46 -4.17 33.52
C GLN A 192 8.73 -3.44 33.10
N ALA A 193 9.87 -4.09 33.20
CA ALA A 193 11.16 -3.47 32.92
C ALA A 193 11.41 -3.26 31.45
N GLY A 194 10.45 -3.53 30.56
CA GLY A 194 10.64 -3.25 29.16
C GLY A 194 11.48 -4.26 28.41
N CYS A 195 11.83 -5.38 29.03
CA CYS A 195 12.63 -6.40 28.37
C CYS A 195 11.74 -7.44 27.71
N THR A 196 12.37 -8.33 26.96
CA THR A 196 11.71 -9.49 26.38
C THR A 196 12.27 -10.74 27.05
N LEU A 197 11.39 -11.56 27.62
CA LEU A 197 11.83 -12.77 28.29
C LEU A 197 12.02 -13.87 27.26
N HIS A 198 13.24 -14.40 27.19
CA HIS A 198 13.55 -15.55 26.35
C HIS A 198 13.80 -16.73 27.28
N GLU A 199 12.92 -17.72 27.23
CA GLU A 199 12.99 -18.89 28.09
C GLU A 199 13.69 -20.01 27.34
N VAL A 200 14.63 -20.67 28.00
CA VAL A 200 15.45 -21.69 27.40
C VAL A 200 15.43 -22.93 28.28
N GLY A 201 15.66 -24.08 27.65
CA GLY A 201 15.69 -25.30 28.42
C GLY A 201 14.30 -25.70 28.88
N THR A 202 14.28 -26.52 29.93
CA THR A 202 13.06 -26.99 30.54
C THR A 202 13.07 -26.65 32.03
N THR A 203 12.00 -27.08 32.71
CA THR A 203 11.88 -26.77 34.13
C THR A 203 12.96 -27.45 34.95
N ASN A 204 13.30 -28.70 34.62
CA ASN A 204 14.29 -29.43 35.40
C ASN A 204 15.66 -29.51 34.75
N ARG A 205 15.73 -29.58 33.42
CA ARG A 205 17.00 -29.76 32.71
C ARG A 205 17.22 -28.59 31.77
N THR A 206 18.24 -27.78 32.05
CA THR A 206 18.69 -26.72 31.15
C THR A 206 20.15 -26.93 30.84
N HIS A 207 20.49 -26.97 29.56
CA HIS A 207 21.85 -27.20 29.10
C HIS A 207 22.43 -25.91 28.54
N ALA A 208 23.76 -25.86 28.48
CA ALA A 208 24.43 -24.66 27.99
C ALA A 208 24.09 -24.38 26.53
N ASN A 209 23.80 -25.43 25.76
CA ASN A 209 23.38 -25.24 24.39
C ASN A 209 22.03 -24.54 24.31
N ASP A 210 21.17 -24.72 25.31
CA ASP A 210 19.91 -23.99 25.35
C ASP A 210 20.15 -22.50 25.47
N TYR A 211 21.12 -22.10 26.29
CA TYR A 211 21.52 -20.70 26.36
C TYR A 211 22.14 -20.25 25.04
N ARG A 212 22.99 -21.09 24.46
CA ARG A 212 23.73 -20.70 23.25
C ARG A 212 22.79 -20.47 22.08
N GLN A 213 21.79 -21.34 21.90
CA GLN A 213 20.91 -21.23 20.74
C GLN A 213 20.01 -20.00 20.79
N ALA A 214 19.82 -19.41 21.97
CA ALA A 214 18.94 -18.27 22.11
C ALA A 214 19.66 -16.93 21.97
N VAL A 215 20.99 -16.91 22.09
CA VAL A 215 21.73 -15.67 21.98
C VAL A 215 21.73 -15.22 20.53
N ASN A 216 21.24 -14.01 20.28
CA ASN A 216 21.20 -13.43 18.94
C ASN A 216 21.55 -11.95 19.07
N GLU A 217 21.29 -11.19 18.01
CA GLU A 217 21.64 -9.78 17.98
C GLU A 217 20.77 -8.94 18.90
N ASN A 218 19.59 -9.41 19.27
CA ASN A 218 18.71 -8.70 20.18
C ASN A 218 18.92 -9.07 21.65
N THR A 219 19.77 -10.05 21.92
CA THR A 219 20.00 -10.47 23.30
C THR A 219 20.86 -9.45 24.02
N ALA A 220 20.43 -9.04 25.21
CA ALA A 220 21.17 -8.09 26.02
C ALA A 220 21.82 -8.70 27.26
N LEU A 221 21.23 -9.75 27.82
CA LEU A 221 21.73 -10.32 29.05
C LEU A 221 21.50 -11.82 29.06
N LEU A 222 22.29 -12.50 29.89
CA LEU A 222 22.00 -13.86 30.34
C LEU A 222 21.75 -13.76 31.84
N MET A 223 20.52 -14.00 32.26
CA MET A 223 20.11 -13.80 33.63
C MET A 223 20.01 -15.14 34.35
N LYS A 224 20.71 -15.28 35.46
CA LYS A 224 20.58 -16.43 36.34
C LYS A 224 19.87 -15.99 37.60
N VAL A 225 18.73 -16.59 37.89
CA VAL A 225 17.95 -16.26 39.06
C VAL A 225 18.13 -17.36 40.09
N HIS A 226 18.54 -17.00 41.29
CA HIS A 226 18.72 -17.99 42.35
C HIS A 226 17.36 -18.34 42.92
N THR A 227 16.99 -19.62 42.80
CA THR A 227 15.72 -20.12 43.32
C THR A 227 15.87 -20.24 44.84
N SER A 228 15.66 -19.13 45.52
CA SER A 228 15.87 -19.10 46.96
C SER A 228 14.74 -19.76 47.73
N ASN A 229 13.50 -19.67 47.25
CA ASN A 229 12.35 -20.21 47.96
C ASN A 229 11.95 -21.59 47.48
N TYR A 230 12.70 -22.20 46.57
CA TYR A 230 12.37 -23.54 46.13
C TYR A 230 13.60 -24.22 45.57
N SER A 231 13.52 -25.55 45.49
CA SER A 231 14.56 -26.37 44.89
C SER A 231 13.91 -27.49 44.11
N ILE A 232 14.40 -27.74 42.90
CA ILE A 232 13.91 -28.82 42.07
C ILE A 232 14.81 -30.02 42.29
N GLN A 233 14.23 -31.12 42.76
CA GLN A 233 14.97 -32.33 43.08
C GLN A 233 14.55 -33.45 42.15
N GLY A 234 15.51 -34.28 41.77
CA GLY A 234 15.25 -35.38 40.87
C GLY A 234 16.17 -35.38 39.67
N PHE A 235 15.62 -35.61 38.48
CA PHE A 235 16.38 -35.54 37.23
C PHE A 235 16.46 -34.08 36.83
N THR A 236 17.53 -33.41 37.28
CA THR A 236 17.69 -31.98 37.09
C THR A 236 19.08 -31.67 36.55
N LYS A 237 19.18 -30.50 35.92
CA LYS A 237 20.47 -29.99 35.47
C LYS A 237 20.37 -28.48 35.32
N ALA A 238 21.31 -27.76 35.93
CA ALA A 238 21.37 -26.32 35.84
C ALA A 238 22.79 -25.91 35.45
N ILE A 239 22.89 -24.89 34.61
CA ILE A 239 24.19 -24.35 34.21
C ILE A 239 24.67 -23.39 35.30
N ASP A 240 25.86 -23.64 35.82
CA ASP A 240 26.40 -22.80 36.88
C ASP A 240 26.77 -21.43 36.35
N GLU A 241 27.10 -20.52 37.26
CA GLU A 241 27.42 -19.16 36.87
C GLU A 241 28.74 -19.08 36.11
N ALA A 242 29.75 -19.86 36.51
CA ALA A 242 31.04 -19.80 35.83
C ALA A 242 30.92 -20.20 34.37
N GLU A 243 30.20 -21.29 34.09
CA GLU A 243 29.99 -21.72 32.71
C GLU A 243 29.23 -20.66 31.93
N LEU A 244 28.25 -20.01 32.57
CA LEU A 244 27.43 -19.05 31.85
C LEU A 244 28.21 -17.77 31.55
N VAL A 245 29.06 -17.32 32.47
CA VAL A 245 29.89 -16.15 32.17
C VAL A 245 30.94 -16.50 31.12
N ALA A 246 31.44 -17.75 31.11
CA ALA A 246 32.33 -18.14 30.02
C ALA A 246 31.60 -18.09 28.68
N LEU A 247 30.37 -18.59 28.63
CA LEU A 247 29.59 -18.55 27.40
C LEU A 247 29.32 -17.11 26.98
N GLY A 248 28.99 -16.25 27.93
CA GLY A 248 28.73 -14.85 27.61
C GLY A 248 29.97 -14.13 27.13
N LYS A 249 31.13 -14.44 27.71
CA LYS A 249 32.39 -13.87 27.22
C LYS A 249 32.65 -14.34 25.79
N GLU A 250 32.39 -15.62 25.52
CA GLU A 250 32.57 -16.12 24.15
C GLU A 250 31.63 -15.41 23.18
N LEU A 251 30.39 -15.17 23.59
CA LEU A 251 29.39 -14.56 22.72
C LEU A 251 29.23 -13.06 22.94
N ASP A 252 30.06 -12.45 23.79
CA ASP A 252 30.01 -11.01 24.07
C ASP A 252 28.63 -10.58 24.57
N VAL A 253 28.12 -11.31 25.56
CA VAL A 253 26.85 -11.00 26.19
C VAL A 253 27.05 -11.00 27.71
N PRO A 254 26.70 -9.92 28.42
CA PRO A 254 26.90 -9.91 29.86
C PRO A 254 25.99 -10.88 30.58
N VAL A 255 26.43 -11.31 31.76
CA VAL A 255 25.70 -12.26 32.59
C VAL A 255 25.38 -11.58 33.91
N VAL A 256 24.11 -11.57 34.28
CA VAL A 256 23.67 -10.98 35.54
C VAL A 256 23.01 -12.06 36.39
N THR A 257 22.91 -11.78 37.68
CA THR A 257 22.38 -12.75 38.64
C THR A 257 21.46 -12.06 39.63
N ASP A 258 20.29 -12.64 39.83
CA ASP A 258 19.32 -12.22 40.83
C ASP A 258 19.49 -13.13 42.03
N LEU A 259 20.54 -12.88 42.81
CA LEU A 259 20.88 -13.78 43.91
C LEU A 259 19.78 -13.82 44.96
N GLY A 260 19.24 -12.66 45.32
CA GLY A 260 18.14 -12.60 46.26
C GLY A 260 18.57 -12.66 47.71
N SER A 261 18.93 -13.86 48.19
CA SER A 261 19.19 -14.04 49.61
C SER A 261 20.36 -13.18 50.08
N GLY A 262 21.45 -13.18 49.33
CA GLY A 262 22.59 -12.34 49.64
C GLY A 262 23.31 -12.67 50.95
N SER A 263 23.57 -13.96 51.18
CA SER A 263 24.39 -14.35 52.32
C SER A 263 25.84 -13.96 52.04
N LEU A 264 26.41 -13.12 52.89
CA LEU A 264 27.76 -12.62 52.69
C LEU A 264 28.83 -13.50 53.31
N VAL A 265 28.44 -14.53 54.06
CA VAL A 265 29.39 -15.44 54.69
C VAL A 265 29.00 -16.87 54.35
N ASP A 266 29.98 -17.77 54.42
CA ASP A 266 29.74 -19.19 54.17
C ASP A 266 28.97 -19.77 55.35
N LEU A 267 27.68 -20.06 55.15
CA LEU A 267 26.86 -20.59 56.23
C LEU A 267 27.29 -21.98 56.66
N SER A 268 27.99 -22.72 55.80
CA SER A 268 28.42 -24.06 56.15
C SER A 268 29.35 -24.07 57.37
N GLN A 269 30.05 -22.96 57.61
CA GLN A 269 30.90 -22.86 58.79
C GLN A 269 30.10 -22.91 60.08
N TYR A 270 28.82 -22.55 60.05
CA TYR A 270 27.97 -22.55 61.23
C TYR A 270 27.05 -23.76 61.29
N GLY A 271 27.24 -24.74 60.40
CA GLY A 271 26.35 -25.86 60.30
C GLY A 271 25.09 -25.60 59.51
N LEU A 272 24.92 -24.37 59.01
CA LEU A 272 23.76 -24.01 58.21
C LEU A 272 23.99 -24.44 56.76
N PRO A 273 22.91 -24.63 55.99
CA PRO A 273 23.07 -24.99 54.58
C PRO A 273 23.81 -23.88 53.83
N LYS A 274 24.69 -24.29 52.92
CA LYS A 274 25.45 -23.33 52.14
C LYS A 274 24.56 -22.67 51.10
N GLU A 275 24.70 -21.35 50.97
CA GLU A 275 23.99 -20.57 49.97
C GLU A 275 25.00 -19.80 49.13
N PRO A 276 24.71 -19.57 47.85
CA PRO A 276 25.64 -18.82 47.00
C PRO A 276 25.87 -17.43 47.55
N MET A 277 27.11 -16.97 47.46
CA MET A 277 27.51 -15.69 48.01
C MET A 277 27.84 -14.71 46.90
N PRO A 278 27.63 -13.41 47.13
CA PRO A 278 28.02 -12.43 46.10
C PRO A 278 29.50 -12.42 45.80
N GLN A 279 30.34 -12.80 46.77
CA GLN A 279 31.77 -12.86 46.52
C GLN A 279 32.09 -13.90 45.45
N GLU A 280 31.48 -15.07 45.55
CA GLU A 280 31.74 -16.13 44.57
C GLU A 280 31.27 -15.72 43.18
N LEU A 281 30.10 -15.10 43.07
CA LEU A 281 29.58 -14.68 41.77
C LEU A 281 30.42 -13.56 41.18
N ILE A 282 30.87 -12.62 42.02
CA ILE A 282 31.70 -11.52 41.54
C ILE A 282 33.06 -12.03 41.07
N ALA A 283 33.65 -12.95 41.83
CA ALA A 283 34.92 -13.53 41.42
C ALA A 283 34.78 -14.36 40.16
N ALA A 284 33.63 -15.04 40.00
CA ALA A 284 33.42 -15.88 38.83
C ALA A 284 33.28 -15.07 37.55
N GLY A 285 32.99 -13.78 37.64
CA GLY A 285 32.86 -12.94 36.48
C GLY A 285 31.44 -12.49 36.14
N VAL A 286 30.54 -12.45 37.10
CA VAL A 286 29.18 -11.99 36.84
C VAL A 286 29.17 -10.46 36.78
N SER A 287 28.55 -9.92 35.72
CA SER A 287 28.56 -8.48 35.52
C SER A 287 27.82 -7.74 36.63
N LEU A 288 26.66 -8.23 37.03
CA LEU A 288 25.87 -7.61 38.09
C LEU A 288 25.23 -8.69 38.93
N VAL A 289 25.24 -8.50 40.25
CA VAL A 289 24.63 -9.42 41.20
C VAL A 289 23.75 -8.60 42.14
N SER A 290 22.47 -8.94 42.19
CA SER A 290 21.52 -8.20 43.03
C SER A 290 21.03 -9.09 44.17
N PHE A 291 21.11 -8.58 45.40
CA PHE A 291 20.68 -9.35 46.55
C PHE A 291 19.99 -8.45 47.56
N SER A 292 19.16 -9.08 48.40
CA SER A 292 18.39 -8.35 49.39
C SER A 292 19.22 -8.05 50.62
N GLY A 293 18.77 -7.08 51.41
CA GLY A 293 19.48 -6.68 52.60
C GLY A 293 18.91 -7.23 53.89
N ASP A 294 17.71 -7.78 53.84
CA ASP A 294 17.07 -8.30 55.05
C ASP A 294 16.73 -9.77 54.94
N1 LLP A 295 14.30 -11.83 43.65
C2 LLP A 295 14.76 -12.85 44.38
C2' LLP A 295 15.63 -13.97 43.73
C3 LLP A 295 14.48 -12.90 45.77
O3 LLP A 295 14.97 -13.96 46.53
C4 LLP A 295 13.72 -11.92 46.36
C4' LLP A 295 13.44 -12.06 47.94
C5 LLP A 295 13.24 -10.88 45.63
C6 LLP A 295 13.53 -10.82 44.26
C5' LLP A 295 12.37 -9.74 46.26
OP4 LLP A 295 12.93 -9.16 47.43
P LLP A 295 11.98 -8.59 48.49
OP1 LLP A 295 12.34 -7.12 48.68
OP2 LLP A 295 12.17 -9.28 49.80
OP3 LLP A 295 10.55 -8.75 48.05
N LLP A 295 17.36 -10.46 54.00
CA LLP A 295 17.02 -11.86 53.73
CB LLP A 295 17.10 -12.13 52.26
CG LLP A 295 15.70 -12.04 51.66
CD LLP A 295 15.55 -13.22 50.72
CE LLP A 295 14.26 -13.03 49.90
NZ LLP A 295 14.63 -12.49 48.58
C LLP A 295 17.91 -12.79 54.46
O LLP A 295 17.44 -13.70 55.11
N LEU A 296 19.21 -12.60 54.34
CA LEU A 296 20.19 -13.43 55.03
C LEU A 296 21.38 -12.57 55.40
N LEU A 297 21.42 -11.36 54.83
CA LEU A 297 22.44 -10.39 55.19
C LEU A 297 22.22 -9.88 56.61
N GLY A 298 20.97 -9.83 57.06
CA GLY A 298 20.66 -9.43 58.42
C GLY A 298 20.44 -7.96 58.62
N GLY A 299 20.20 -7.19 57.56
CA GLY A 299 20.07 -5.76 57.67
C GLY A 299 18.68 -5.26 57.35
N PRO A 300 18.59 -4.07 56.74
CA PRO A 300 17.30 -3.48 56.40
C PRO A 300 16.82 -3.92 55.02
N GLN A 301 15.57 -3.59 54.73
CA GLN A 301 15.04 -3.84 53.40
C GLN A 301 15.77 -2.99 52.38
N ALA A 302 16.62 -3.61 51.57
CA ALA A 302 17.37 -2.88 50.58
C ALA A 302 17.68 -3.81 49.42
N GLY A 303 17.85 -3.24 48.23
CA GLY A 303 18.28 -4.00 47.08
C GLY A 303 19.68 -3.59 46.68
N ILE A 304 20.65 -4.47 46.83
CA ILE A 304 22.04 -4.15 46.62
C ILE A 304 22.52 -4.82 45.34
N ILE A 305 22.95 -4.01 44.38
CA ILE A 305 23.46 -4.48 43.10
C ILE A 305 24.94 -4.18 43.05
N VAL A 306 25.76 -5.22 42.93
CA VAL A 306 27.20 -5.04 42.91
C VAL A 306 27.74 -5.59 41.60
N GLY A 307 28.71 -4.90 41.02
CA GLY A 307 29.30 -5.44 39.80
C GLY A 307 30.15 -4.40 39.09
N LYS A 308 30.23 -4.56 37.77
CA LYS A 308 31.11 -3.74 36.96
C LYS A 308 30.72 -2.27 37.05
N LYS A 309 31.74 -1.40 37.06
CA LYS A 309 31.50 0.03 37.17
C LYS A 309 30.74 0.56 35.96
N GLU A 310 31.00 0.01 34.78
CA GLU A 310 30.37 0.49 33.56
C GLU A 310 28.87 0.22 33.54
N MET A 311 28.40 -0.82 34.22
CA MET A 311 26.98 -1.13 34.28
C MET A 311 26.31 -0.49 35.48
N ILE A 312 27.01 -0.42 36.62
CA ILE A 312 26.49 0.30 37.76
C ILE A 312 26.29 1.77 37.41
N ALA A 313 27.18 2.35 36.60
CA ALA A 313 27.02 3.73 36.17
C ALA A 313 25.75 3.90 35.33
N ARG A 314 25.42 2.92 34.50
CA ARG A 314 24.15 2.94 33.78
C ARG A 314 22.98 2.86 34.74
N LEU A 315 23.12 2.05 35.78
CA LEU A 315 22.03 1.91 36.76
C LEU A 315 21.79 3.21 37.52
N GLN A 316 22.85 3.87 37.98
CA GLN A 316 22.70 5.08 38.78
C GLN A 316 22.16 6.24 37.95
N SER A 317 22.37 6.23 36.64
CA SER A 317 21.95 7.31 35.77
C SER A 317 20.57 7.07 35.15
N HIS A 318 19.91 5.97 35.48
CA HIS A 318 18.60 5.70 34.92
C HIS A 318 17.55 6.61 35.55
N PRO A 319 16.52 6.98 34.78
CA PRO A 319 15.42 7.76 35.37
C PRO A 319 14.73 7.05 36.52
N LEU A 320 14.65 5.72 36.48
CA LEU A 320 13.99 4.98 37.56
C LEU A 320 14.72 5.11 38.88
N LYS A 321 16.03 5.33 38.87
CA LYS A 321 16.81 5.28 40.10
C LYS A 321 16.28 6.25 41.15
N ARG A 322 15.92 7.47 40.75
CA ARG A 322 15.35 8.40 41.73
C ARG A 322 14.12 7.83 42.40
N ALA A 323 13.23 7.19 41.63
CA ALA A 323 12.06 6.56 42.24
C ALA A 323 12.46 5.44 43.19
N LEU A 324 13.55 4.74 42.90
CA LEU A 324 13.97 3.59 43.68
C LEU A 324 15.07 3.92 44.68
N ARG A 325 15.40 5.19 44.85
CA ARG A 325 16.49 5.60 45.71
C ARG A 325 16.25 5.14 47.15
N ALA A 326 17.35 4.97 47.89
CA ALA A 326 17.31 4.44 49.25
C ALA A 326 17.35 5.56 50.28
N ASP A 327 16.62 5.34 51.37
CA ASP A 327 16.44 6.33 52.43
C ASP A 327 17.68 6.41 53.31
N LYS A 328 17.79 7.51 54.08
CA LYS A 328 18.94 7.68 54.95
C LYS A 328 18.93 6.69 56.11
N MET A 329 17.75 6.33 56.64
CA MET A 329 17.70 5.27 57.64
C MET A 329 18.14 3.94 57.04
N THR A 330 17.70 3.66 55.81
CA THR A 330 18.11 2.43 55.15
C THR A 330 19.62 2.40 54.95
N LEU A 331 20.20 3.51 54.49
CA LEU A 331 21.65 3.56 54.29
C LEU A 331 22.40 3.44 55.61
N ALA A 332 21.91 4.09 56.66
CA ALA A 332 22.57 4.00 57.96
C ALA A 332 22.56 2.56 58.48
N ALA A 333 21.39 1.91 58.41
CA ALA A 333 21.29 0.53 58.86
C ALA A 333 22.16 -0.39 58.01
N LEU A 334 22.17 -0.18 56.70
CA LEU A 334 22.96 -1.03 55.82
C LEU A 334 24.45 -0.88 56.09
N GLU A 335 24.92 0.36 56.27
CA GLU A 335 26.33 0.57 56.57
C GLU A 335 26.71 -0.04 57.92
N ALA A 336 25.87 0.14 58.94
CA ALA A 336 26.19 -0.44 60.24
C ALA A 336 26.19 -1.96 60.19
N THR A 337 25.25 -2.55 59.44
CA THR A 337 25.22 -4.00 59.31
C THR A 337 26.44 -4.52 58.55
N LEU A 338 26.81 -3.85 57.46
CA LEU A 338 27.97 -4.28 56.70
C LEU A 338 29.26 -4.11 57.48
N ARG A 339 29.29 -3.16 58.42
CA ARG A 339 30.46 -3.00 59.28
C ARG A 339 30.68 -4.24 60.15
N LEU A 340 29.61 -4.97 60.46
CA LEU A 340 29.75 -6.19 61.25
C LEU A 340 30.51 -7.26 60.49
N TYR A 341 30.31 -7.34 59.17
CA TYR A 341 30.96 -8.36 58.36
C TYR A 341 32.46 -8.10 58.21
N LEU A 342 32.94 -6.91 58.57
CA LEU A 342 34.37 -6.65 58.59
C LEU A 342 35.07 -7.27 59.79
N HIS A 343 34.32 -7.71 60.80
CA HIS A 343 34.87 -8.37 61.98
C HIS A 343 34.10 -9.67 62.17
N PRO A 344 34.40 -10.69 61.36
CA PRO A 344 33.59 -11.92 61.40
C PRO A 344 33.65 -12.67 62.72
N GLU A 345 34.67 -12.45 63.53
CA GLU A 345 34.82 -13.22 64.77
C GLU A 345 33.62 -13.05 65.69
N ALA A 346 33.10 -11.82 65.80
CA ALA A 346 31.93 -11.53 66.60
C ALA A 346 30.65 -11.55 65.78
N LEU A 347 30.73 -11.92 64.50
CA LEU A 347 29.56 -11.84 63.63
C LEU A 347 28.44 -12.75 64.12
N SER A 348 28.77 -13.94 64.60
CA SER A 348 27.75 -14.84 65.12
C SER A 348 27.12 -14.33 66.41
N GLU A 349 27.69 -13.30 67.03
CA GLU A 349 27.16 -12.73 68.26
C GLU A 349 26.42 -11.43 68.02
N LYS A 350 27.00 -10.53 67.22
CA LYS A 350 26.43 -9.21 66.99
C LYS A 350 25.34 -9.20 65.93
N LEU A 351 25.18 -10.27 65.17
CA LEU A 351 24.14 -10.33 64.15
C LEU A 351 22.97 -11.14 64.67
N PRO A 352 21.82 -10.53 64.93
CA PRO A 352 20.69 -11.29 65.51
C PRO A 352 20.23 -12.45 64.64
N THR A 353 20.28 -12.28 63.31
CA THR A 353 19.90 -13.38 62.42
C THR A 353 20.83 -14.57 62.61
N LEU A 354 22.14 -14.32 62.57
CA LEU A 354 23.10 -15.41 62.75
C LEU A 354 23.04 -15.96 64.17
N ARG A 355 22.82 -15.09 65.16
CA ARG A 355 22.72 -15.56 66.55
C ARG A 355 21.52 -16.49 66.72
N LEU A 356 20.39 -16.16 66.11
CA LEU A 356 19.21 -17.02 66.22
C LEU A 356 19.40 -18.30 65.41
N LEU A 357 20.05 -18.21 64.25
CA LEU A 357 20.25 -19.40 63.43
C LEU A 357 21.26 -20.35 64.05
N THR A 358 22.36 -19.82 64.57
CA THR A 358 23.42 -20.65 65.15
C THR A 358 23.15 -21.02 66.60
N ARG A 359 21.98 -20.68 67.14
CA ARG A 359 21.66 -21.05 68.51
C ARG A 359 21.64 -22.56 68.65
N SER A 360 22.30 -23.08 69.69
CA SER A 360 22.40 -24.51 69.88
C SER A 360 21.09 -25.08 70.39
N ALA A 361 20.86 -26.35 70.09
CA ALA A 361 19.61 -27.00 70.49
C ALA A 361 19.58 -27.31 71.98
N GLU A 362 20.75 -27.53 72.59
CA GLU A 362 20.78 -27.83 74.02
C GLU A 362 20.31 -26.63 74.85
N VAL A 363 20.73 -25.42 74.47
CA VAL A 363 20.30 -24.23 75.21
C VAL A 363 18.80 -24.03 75.05
N ILE A 364 18.27 -24.25 73.85
CA ILE A 364 16.83 -24.14 73.65
C ILE A 364 16.10 -25.17 74.50
N GLN A 365 16.62 -26.39 74.57
CA GLN A 365 15.99 -27.42 75.40
C GLN A 365 15.99 -27.03 76.86
N ILE A 366 17.11 -26.50 77.35
CA ILE A 366 17.20 -26.07 78.74
C ILE A 366 16.22 -24.94 79.02
N GLN A 367 16.15 -23.96 78.12
CA GLN A 367 15.23 -22.84 78.30
C GLN A 367 13.78 -23.30 78.30
N ALA A 368 13.43 -24.23 77.40
CA ALA A 368 12.07 -24.75 77.35
C ALA A 368 11.74 -25.51 78.63
N GLN A 369 12.67 -26.34 79.12
CA GLN A 369 12.42 -27.04 80.37
C GLN A 369 12.24 -26.08 81.53
N ARG A 370 13.05 -25.02 81.57
CA ARG A 370 12.93 -24.03 82.64
C ARG A 370 11.59 -23.31 82.58
N LEU A 371 11.15 -22.94 81.37
CA LEU A 371 9.88 -22.23 81.24
C LEU A 371 8.68 -23.15 81.36
N GLN A 372 8.87 -24.47 81.27
CA GLN A 372 7.74 -25.39 81.35
C GLN A 372 7.06 -25.34 82.71
N ALA A 373 7.84 -25.23 83.79
CA ALA A 373 7.27 -25.37 85.13
C ALA A 373 6.18 -24.35 85.43
N PRO A 374 6.36 -23.03 85.22
CA PRO A 374 5.23 -22.13 85.46
C PRO A 374 4.09 -22.35 84.48
N LEU A 375 4.40 -22.61 83.21
CA LEU A 375 3.36 -22.88 82.23
C LEU A 375 2.62 -24.18 82.55
N ALA A 376 3.35 -25.20 83.01
CA ALA A 376 2.70 -26.44 83.41
C ALA A 376 1.82 -26.23 84.63
N ALA A 377 2.27 -25.41 85.58
CA ALA A 377 1.45 -25.12 86.76
C ALA A 377 0.17 -24.39 86.38
N HIS A 378 0.28 -23.41 85.48
CA HIS A 378 -0.89 -22.60 85.12
C HIS A 378 -1.86 -23.35 84.23
N TYR A 379 -1.35 -24.09 83.24
CA TYR A 379 -2.18 -24.71 82.22
C TYR A 379 -2.33 -26.21 82.38
N GLY A 380 -1.73 -26.80 83.43
CA GLY A 380 -1.74 -28.25 83.55
C GLY A 380 -3.14 -28.83 83.67
N ALA A 381 -4.03 -28.12 84.35
CA ALA A 381 -5.41 -28.59 84.46
C ALA A 381 -6.17 -28.48 83.15
N GLU A 382 -5.65 -27.71 82.19
CA GLU A 382 -6.34 -27.50 80.92
C GLU A 382 -5.53 -27.91 79.70
N PHE A 383 -4.20 -27.86 79.76
CA PHE A 383 -3.37 -28.24 78.63
C PHE A 383 -2.16 -29.04 79.11
N ALA A 384 -1.64 -29.88 78.23
CA ALA A 384 -0.47 -30.70 78.53
C ALA A 384 0.77 -29.96 78.02
N VAL A 385 1.36 -29.15 78.90
CA VAL A 385 2.54 -28.36 78.55
C VAL A 385 3.74 -29.29 78.57
N GLN A 386 4.19 -29.71 77.38
CA GLN A 386 5.30 -30.62 77.24
C GLN A 386 6.33 -30.06 76.29
N VAL A 387 7.59 -30.37 76.56
CA VAL A 387 8.72 -29.93 75.75
C VAL A 387 9.18 -31.11 74.90
N MET A 388 9.10 -30.96 73.59
CA MET A 388 9.59 -32.00 72.70
C MET A 388 10.33 -31.39 71.52
N PRO A 389 11.23 -32.14 70.89
CA PRO A 389 12.00 -31.58 69.77
C PRO A 389 11.16 -31.43 68.52
N CYS A 390 11.33 -30.29 67.87
CA CYS A 390 10.74 -30.00 66.58
C CYS A 390 11.79 -29.44 65.64
N LEU A 391 11.36 -28.97 64.47
CA LEU A 391 12.27 -28.40 63.49
C LEU A 391 11.84 -26.99 63.14
N SER A 392 12.80 -26.17 62.76
CA SER A 392 12.60 -24.76 62.52
C SER A 392 13.15 -24.39 61.15
N GLN A 393 12.42 -23.51 60.46
CA GLN A 393 12.86 -23.01 59.17
C GLN A 393 13.82 -21.86 59.34
N ILE A 394 14.77 -21.75 58.40
CA ILE A 394 15.65 -20.58 58.37
C ILE A 394 14.84 -19.34 58.05
N GLY A 395 13.93 -19.43 57.08
CA GLY A 395 13.11 -18.29 56.71
C GLY A 395 13.30 -17.87 55.27
N SER A 396 13.24 -16.56 55.02
CA SER A 396 13.41 -16.04 53.67
C SER A 396 14.85 -16.22 53.20
N GLY A 397 15.00 -16.48 51.90
CA GLY A 397 16.29 -16.68 51.28
C GLY A 397 16.82 -18.09 51.34
N SER A 398 16.17 -18.98 52.09
CA SER A 398 16.59 -20.37 52.20
C SER A 398 15.40 -21.25 51.85
N LEU A 399 15.67 -22.52 51.55
CA LEU A 399 14.63 -23.47 51.19
C LEU A 399 13.63 -23.58 52.33
N PRO A 400 12.35 -23.30 52.08
CA PRO A 400 11.31 -23.36 53.13
C PRO A 400 10.99 -24.79 53.57
N VAL A 401 11.90 -25.37 54.35
CA VAL A 401 11.70 -26.69 54.93
C VAL A 401 12.10 -26.63 56.40
N ASP A 402 11.44 -27.47 57.20
CA ASP A 402 11.74 -27.57 58.63
C ASP A 402 13.05 -28.32 58.80
N ARG A 403 14.15 -27.57 58.99
CA ARG A 403 15.49 -28.15 58.98
C ARG A 403 16.19 -28.08 60.33
N LEU A 404 16.31 -26.91 60.93
CA LEU A 404 17.16 -26.77 62.11
C LEU A 404 16.50 -27.42 63.33
N PRO A 405 17.17 -28.33 64.02
CA PRO A 405 16.58 -28.92 65.22
C PRO A 405 16.40 -27.89 66.31
N SER A 406 15.32 -28.04 67.07
CA SER A 406 15.00 -27.12 68.15
C SER A 406 14.09 -27.85 69.13
N ALA A 407 13.80 -27.19 70.25
CA ALA A 407 12.91 -27.71 71.27
C ALA A 407 11.73 -26.76 71.43
N ALA A 408 10.51 -27.31 71.46
CA ALA A 408 9.33 -26.48 71.54
C ALA A 408 8.39 -27.01 72.62
N LEU A 409 7.67 -26.09 73.25
CA LEU A 409 6.62 -26.41 74.20
C LEU A 409 5.28 -26.41 73.49
N THR A 410 4.43 -27.38 73.84
CA THR A 410 3.16 -27.58 73.16
C THR A 410 2.01 -27.48 74.14
N PHE A 411 0.86 -27.05 73.61
CA PHE A 411 -0.41 -27.03 74.33
C PHE A 411 -1.32 -28.05 73.66
N THR A 412 -1.86 -28.98 74.45
CA THR A 412 -2.65 -30.12 74.01
C THR A 412 -4.01 -30.10 74.68
N PRO A 413 -5.10 -30.24 73.93
CA PRO A 413 -6.43 -30.25 74.56
C PRO A 413 -6.70 -31.57 75.26
N HIS A 414 -7.37 -31.48 76.40
CA HIS A 414 -7.74 -32.69 77.14
C HIS A 414 -8.89 -33.44 76.46
N ASP A 415 -9.85 -32.70 75.90
CA ASP A 415 -10.97 -33.31 75.21
C ASP A 415 -10.73 -33.49 73.72
N GLY A 416 -9.56 -33.09 73.22
CA GLY A 416 -9.26 -33.24 71.81
C GLY A 416 -10.09 -32.39 70.88
N ARG A 417 -10.37 -31.15 71.28
CA ARG A 417 -11.15 -30.22 70.46
C ARG A 417 -10.23 -29.16 69.88
N GLY A 418 -10.34 -28.93 68.57
CA GLY A 418 -9.58 -27.86 67.94
C GLY A 418 -10.12 -26.48 68.24
N SER A 419 -11.36 -26.38 68.71
CA SER A 419 -11.91 -25.10 69.10
C SER A 419 -11.10 -24.46 70.22
N HIS A 420 -10.64 -25.27 71.17
CA HIS A 420 -9.77 -24.76 72.22
C HIS A 420 -8.47 -24.19 71.64
N LEU A 421 -7.91 -24.89 70.66
CA LEU A 421 -6.67 -24.42 70.04
C LEU A 421 -6.88 -23.09 69.32
N GLU A 422 -7.97 -22.98 68.55
CA GLU A 422 -8.24 -21.73 67.84
C GLU A 422 -8.52 -20.60 68.81
N SER A 423 -9.24 -20.88 69.90
CA SER A 423 -9.51 -19.87 70.91
C SER A 423 -8.22 -19.42 71.58
N LEU A 424 -7.32 -20.35 71.87
CA LEU A 424 -6.03 -19.98 72.46
C LEU A 424 -5.21 -19.12 71.49
N ALA A 425 -5.22 -19.48 70.21
CA ALA A 425 -4.49 -18.68 69.22
C ALA A 425 -5.06 -17.28 69.13
N ALA A 426 -6.39 -17.14 69.10
CA ALA A 426 -6.99 -15.82 69.05
C ALA A 426 -6.75 -15.03 70.33
N ARG A 427 -6.70 -15.72 71.48
CA ARG A 427 -6.41 -15.06 72.75
C ARG A 427 -4.98 -14.54 72.79
N TRP A 428 -4.03 -15.28 72.22
CA TRP A 428 -2.64 -14.86 72.18
C TRP A 428 -2.32 -13.93 71.01
N ARG A 429 -3.24 -13.77 70.06
CA ARG A 429 -3.02 -12.84 68.96
C ARG A 429 -3.54 -11.43 69.23
N GLU A 430 -4.40 -11.25 70.23
CA GLU A 430 -4.94 -9.94 70.56
C GLU A 430 -4.23 -9.28 71.72
N LEU A 431 -3.18 -9.90 72.25
CA LEU A 431 -2.45 -9.33 73.37
C LEU A 431 -1.65 -8.11 72.91
N PRO A 432 -1.31 -7.19 73.84
CA PRO A 432 -0.48 -6.04 73.45
C PRO A 432 0.86 -6.43 72.85
N VAL A 433 1.44 -7.55 73.29
CA VAL A 433 2.62 -8.12 72.64
C VAL A 433 2.22 -9.52 72.19
N PRO A 434 1.66 -9.66 70.98
CA PRO A 434 1.08 -10.94 70.57
C PRO A 434 2.12 -12.06 70.53
N VAL A 435 1.67 -13.27 70.86
CA VAL A 435 2.47 -14.48 70.76
C VAL A 435 1.83 -15.36 69.72
N ILE A 436 2.58 -15.70 68.67
CA ILE A 436 2.07 -16.49 67.55
C ILE A 436 2.84 -17.80 67.49
N GLY A 437 2.11 -18.91 67.57
CA GLY A 437 2.69 -20.23 67.40
C GLY A 437 2.10 -20.92 66.18
N ARG A 438 2.22 -22.24 66.10
CA ARG A 438 1.68 -22.98 64.97
C ARG A 438 0.75 -24.08 65.46
N ILE A 439 -0.43 -24.17 64.84
CA ILE A 439 -1.43 -25.17 65.18
C ILE A 439 -1.28 -26.32 64.19
N TYR A 440 -0.78 -27.45 64.66
CA TYR A 440 -0.68 -28.64 63.82
C TYR A 440 -0.57 -29.86 64.71
N ASP A 441 -0.88 -31.03 64.12
CA ASP A 441 -0.92 -32.29 64.86
C ASP A 441 -1.86 -32.21 66.06
N GLY A 442 -2.92 -31.42 65.95
CA GLY A 442 -3.84 -31.23 67.04
C GLY A 442 -3.27 -30.53 68.24
N ARG A 443 -2.12 -29.87 68.09
CA ARG A 443 -1.44 -29.21 69.20
C ARG A 443 -0.97 -27.82 68.77
N LEU A 444 -0.83 -26.95 69.76
CA LEU A 444 -0.30 -25.61 69.54
C LEU A 444 1.17 -25.58 69.97
N TRP A 445 2.07 -25.37 69.01
CA TRP A 445 3.50 -25.43 69.25
C TRP A 445 4.07 -24.02 69.31
N LEU A 446 4.93 -23.77 70.29
CA LEU A 446 5.62 -22.50 70.47
C LEU A 446 7.12 -22.77 70.39
N ASP A 447 7.68 -22.67 69.19
CA ASP A 447 9.11 -22.90 69.02
C ASP A 447 9.89 -21.78 69.69
N LEU A 448 10.80 -22.15 70.59
CA LEU A 448 11.54 -21.18 71.40
C LEU A 448 12.91 -20.88 70.84
N ARG A 449 13.14 -21.13 69.55
CA ARG A 449 14.43 -20.79 68.95
C ARG A 449 14.63 -19.28 68.89
N CYS A 450 13.56 -18.53 68.61
CA CYS A 450 13.63 -17.10 68.41
C CYS A 450 13.21 -16.29 69.63
N LEU A 451 13.09 -16.91 70.80
CA LEU A 451 12.72 -16.21 72.02
C LEU A 451 14.01 -15.74 72.70
N GLU A 452 14.21 -14.43 72.75
CA GLU A 452 15.41 -13.84 73.34
C GLU A 452 15.18 -13.24 74.71
N ASP A 453 13.98 -12.74 74.99
CA ASP A 453 13.66 -12.13 76.28
C ASP A 453 12.69 -13.05 77.01
N GLU A 454 13.23 -13.87 77.91
CA GLU A 454 12.41 -14.85 78.63
C GLU A 454 11.51 -14.17 79.67
N GLN A 455 12.01 -13.10 80.29
CA GLN A 455 11.24 -12.45 81.37
C GLN A 455 9.95 -11.87 80.84
N ARG A 456 9.99 -11.19 79.69
CA ARG A 456 8.78 -10.63 79.11
C ARG A 456 7.80 -11.72 78.72
N PHE A 457 8.30 -12.82 78.13
CA PHE A 457 7.42 -13.92 77.74
C PHE A 457 6.74 -14.54 78.95
N LEU A 458 7.50 -14.76 80.03
CA LEU A 458 6.91 -15.30 81.24
C LEU A 458 5.88 -14.35 81.83
N GLU A 459 6.21 -13.07 81.92
CA GLU A 459 5.29 -12.09 82.49
C GLU A 459 4.06 -11.89 81.63
N MET A 460 4.13 -12.21 80.33
CA MET A 460 3.07 -11.87 79.40
C MET A 460 2.13 -13.04 79.11
N LEU A 461 2.69 -14.23 78.85
CA LEU A 461 1.83 -15.37 78.51
C LEU A 461 1.04 -15.84 79.72
N LEU A 462 1.62 -15.79 80.92
CA LEU A 462 0.93 -16.28 82.11
C LEU A 462 -0.34 -15.49 82.39
N LYS A 463 -0.28 -14.17 82.23
CA LYS A 463 -1.44 -13.32 82.46
C LYS A 463 -2.42 -13.38 81.30
N GLN B 77 35.04 7.46 62.03
CA GLN B 77 34.19 8.18 61.09
C GLN B 77 33.46 7.20 60.17
N SER B 78 32.22 7.55 59.80
CA SER B 78 31.40 6.70 58.95
C SER B 78 30.87 7.49 57.76
N ALA B 79 29.92 6.91 57.03
CA ALA B 79 29.30 7.62 55.92
C ALA B 79 28.38 8.73 56.42
N LEU B 80 27.35 8.36 57.17
CA LEU B 80 26.37 9.34 57.67
C LEU B 80 26.82 9.89 59.02
N ARG B 81 27.93 10.62 59.00
CA ARG B 81 28.40 11.27 60.20
C ARG B 81 27.39 12.34 60.63
N PRO B 82 27.08 12.44 61.92
CA PRO B 82 26.23 13.55 62.37
C PRO B 82 26.91 14.88 62.08
N VAL B 83 26.13 15.82 61.55
CA VAL B 83 26.62 17.15 61.21
C VAL B 83 25.69 18.17 61.83
N ILE B 84 26.27 19.23 62.38
CA ILE B 84 25.50 20.33 62.95
C ILE B 84 25.24 21.32 61.82
N ASN B 85 23.98 21.46 61.43
CA ASN B 85 23.60 22.26 60.27
C ASN B 85 23.47 23.71 60.70
N LEU B 86 24.51 24.50 60.48
CA LEU B 86 24.49 25.93 60.79
C LEU B 86 24.25 26.79 59.55
N THR B 87 23.96 26.18 58.41
CA THR B 87 23.74 26.94 57.19
C THR B 87 22.44 27.73 57.20
N GLY B 88 21.55 27.48 58.17
CA GLY B 88 20.28 28.15 58.23
C GLY B 88 19.16 27.47 57.50
N THR B 89 19.46 26.45 56.70
CA THR B 89 18.45 25.68 55.99
C THR B 89 18.04 24.52 56.88
N VAL B 90 16.82 24.59 57.44
CA VAL B 90 16.37 23.58 58.38
C VAL B 90 16.18 22.23 57.68
N LEU B 91 15.46 22.23 56.56
CA LEU B 91 15.23 21.01 55.79
C LEU B 91 16.18 20.99 54.61
N HIS B 92 17.43 20.63 54.89
CA HIS B 92 18.46 20.55 53.86
C HIS B 92 18.28 19.25 53.09
N THR B 93 18.09 19.34 51.77
CA THR B 93 17.88 18.15 50.97
C THR B 93 19.10 17.24 50.96
N ASN B 94 20.29 17.81 51.12
CA ASN B 94 21.52 17.04 51.11
C ASN B 94 21.92 16.57 52.51
N LEU B 95 21.14 16.90 53.53
CA LEU B 95 21.44 16.52 54.90
C LEU B 95 20.35 15.64 55.51
N GLY B 96 19.50 15.06 54.69
CA GLY B 96 18.43 14.19 55.16
C GLY B 96 17.08 14.83 55.33
N ARG B 97 16.91 16.09 54.92
CA ARG B 97 15.65 16.84 55.03
C ARG B 97 15.24 16.87 56.49
N ALA B 98 14.05 16.39 56.87
CA ALA B 98 13.53 16.62 58.20
C ALA B 98 14.09 15.63 59.21
N LEU B 99 14.46 16.15 60.38
CA LEU B 99 14.79 15.32 61.53
C LEU B 99 13.53 14.74 62.14
N GLN B 100 13.64 13.53 62.67
CA GLN B 100 12.48 12.80 63.16
C GLN B 100 12.36 12.93 64.67
N ALA B 101 11.13 12.81 65.16
CA ALA B 101 10.82 12.98 66.57
C ALA B 101 11.30 11.79 67.39
N GLU B 102 11.31 11.98 68.70
CA GLU B 102 11.71 10.90 69.59
C GLU B 102 10.72 9.75 69.57
N ALA B 103 9.42 10.04 69.38
CA ALA B 103 8.45 8.96 69.23
C ALA B 103 8.73 8.13 67.99
N ALA B 104 9.06 8.79 66.87
CA ALA B 104 9.45 8.07 65.67
C ALA B 104 10.71 7.26 65.88
N VAL B 105 11.69 7.82 66.61
CA VAL B 105 12.92 7.10 66.89
C VAL B 105 12.64 5.85 67.70
N GLU B 106 11.79 5.96 68.72
CA GLU B 106 11.48 4.81 69.56
C GLU B 106 10.71 3.74 68.79
N ALA B 107 9.74 4.15 67.97
CA ALA B 107 9.01 3.18 67.17
C ALA B 107 9.93 2.47 66.19
N VAL B 108 10.83 3.22 65.55
CA VAL B 108 11.78 2.63 64.62
C VAL B 108 12.69 1.65 65.35
N ALA B 109 13.16 2.02 66.54
CA ALA B 109 14.03 1.12 67.30
C ALA B 109 13.33 -0.16 67.69
N GLN B 110 12.07 -0.06 68.12
CA GLN B 110 11.37 -1.27 68.56
C GLN B 110 10.97 -2.16 67.39
N ALA B 111 10.70 -1.57 66.22
CA ALA B 111 10.47 -2.39 65.04
C ALA B 111 11.78 -2.97 64.51
N MET B 112 12.89 -2.28 64.77
CA MET B 112 14.19 -2.72 64.30
C MET B 112 14.70 -3.90 65.12
N ARG B 113 14.50 -3.84 66.44
CA ARG B 113 14.99 -4.87 67.35
C ARG B 113 14.09 -6.10 67.40
N SER B 114 12.80 -5.96 67.15
CA SER B 114 11.85 -7.03 67.39
C SER B 114 10.95 -7.23 66.17
N PRO B 115 10.44 -8.45 65.98
CA PRO B 115 9.50 -8.68 64.87
C PRO B 115 8.23 -7.87 65.05
N VAL B 116 7.65 -7.44 63.93
CA VAL B 116 6.44 -6.63 63.95
C VAL B 116 5.44 -7.22 62.96
N THR B 117 4.16 -6.93 63.20
CA THR B 117 3.11 -7.39 62.31
C THR B 117 3.10 -6.56 61.03
N LEU B 118 4.09 -6.79 60.17
CA LEU B 118 4.23 -5.99 58.96
C LEU B 118 3.14 -6.31 57.95
N GLU B 119 2.85 -7.60 57.75
CA GLU B 119 1.91 -8.05 56.74
C GLU B 119 0.95 -9.08 57.32
N TYR B 120 0.42 -8.78 58.50
CA TYR B 120 -0.57 -9.64 59.14
C TYR B 120 -1.52 -8.75 59.93
N ASP B 121 -2.78 -8.69 59.51
CA ASP B 121 -3.78 -7.88 60.19
C ASP B 121 -4.47 -8.69 61.29
N GLY B 128 -5.14 -8.72 55.46
CA GLY B 128 -4.75 -7.34 55.57
C GLY B 128 -3.54 -6.99 54.72
N HIS B 129 -3.33 -5.70 54.49
CA HIS B 129 -2.23 -5.20 53.67
C HIS B 129 -1.08 -4.73 54.56
N ARG B 130 -0.03 -4.25 53.90
CA ARG B 130 1.16 -3.80 54.63
C ARG B 130 0.92 -2.46 55.33
N ASP B 131 0.18 -1.56 54.69
CA ASP B 131 0.02 -0.21 55.23
C ASP B 131 -1.43 0.17 55.45
N ARG B 132 -2.21 -0.73 56.06
CA ARG B 132 -3.61 -0.41 56.36
C ARG B 132 -3.73 0.49 57.59
N ALA B 133 -2.86 0.33 58.59
CA ALA B 133 -2.89 1.19 59.76
C ALA B 133 -2.58 2.64 59.37
N LEU B 134 -1.58 2.82 58.52
CA LEU B 134 -1.26 4.17 58.05
C LEU B 134 -2.36 4.73 57.16
N ALA B 135 -3.01 3.88 56.37
CA ALA B 135 -4.15 4.35 55.58
C ALA B 135 -5.28 4.85 56.47
N GLN B 136 -5.56 4.13 57.55
CA GLN B 136 -6.58 4.57 58.50
C GLN B 136 -6.15 5.88 59.18
N LEU B 137 -4.88 5.98 59.56
CA LEU B 137 -4.39 7.20 60.20
C LEU B 137 -4.50 8.41 59.26
N LEU B 138 -4.17 8.21 57.99
CA LEU B 138 -4.26 9.30 57.02
C LEU B 138 -5.71 9.65 56.69
N CYS B 139 -6.60 8.65 56.70
CA CYS B 139 -8.02 8.94 56.55
C CYS B 139 -8.52 9.78 57.72
N ARG B 140 -8.05 9.48 58.94
CA ARG B 140 -8.42 10.28 60.09
C ARG B 140 -7.87 11.70 59.96
N ILE B 141 -6.64 11.85 59.49
CA ILE B 141 -6.01 13.16 59.43
C ILE B 141 -6.46 13.92 58.19
N THR B 142 -6.16 13.40 57.00
CA THR B 142 -6.46 14.12 55.77
C THR B 142 -7.95 14.07 55.43
N GLY B 143 -8.59 12.92 55.61
CA GLY B 143 -9.97 12.75 55.21
C GLY B 143 -10.17 12.00 53.91
N ALA B 144 -9.14 11.35 53.38
CA ALA B 144 -9.26 10.61 52.14
C ALA B 144 -9.83 9.23 52.38
N GLU B 145 -10.32 8.61 51.30
CA GLU B 145 -10.90 7.28 51.41
C GLU B 145 -9.82 6.23 51.69
N ASP B 146 -8.72 6.29 50.95
CA ASP B 146 -7.65 5.30 51.09
C ASP B 146 -6.32 5.97 50.85
N ALA B 147 -5.25 5.24 51.19
CA ALA B 147 -3.89 5.76 51.09
C ALA B 147 -2.92 4.65 50.68
N CYS B 148 -1.83 5.06 50.04
CA CYS B 148 -0.78 4.18 49.57
C CYS B 148 0.56 4.80 49.92
N ILE B 149 1.52 3.97 50.30
CA ILE B 149 2.83 4.44 50.75
C ILE B 149 3.90 3.79 49.88
N VAL B 150 4.80 4.60 49.34
CA VAL B 150 5.87 4.13 48.48
C VAL B 150 7.19 4.72 48.93
N ASN B 151 8.26 4.42 48.16
CA ASN B 151 9.61 4.76 48.58
C ASN B 151 9.77 6.26 48.83
N ASN B 152 9.36 7.09 47.88
CA ASN B 152 9.40 8.54 48.04
C ASN B 152 8.38 9.15 47.08
N ASN B 153 8.28 10.48 47.10
CA ASN B 153 7.27 11.15 46.29
C ASN B 153 7.57 11.06 44.80
N ALA B 154 8.84 10.90 44.41
CA ALA B 154 9.13 10.59 43.02
C ALA B 154 8.53 9.24 42.63
N ALA B 155 8.67 8.24 43.51
CA ALA B 155 8.01 6.96 43.30
C ALA B 155 6.50 7.10 43.35
N ALA B 156 5.99 7.98 44.20
CA ALA B 156 4.55 8.21 44.27
C ALA B 156 4.01 8.74 42.95
N VAL B 157 4.67 9.75 42.39
CA VAL B 157 4.24 10.29 41.11
C VAL B 157 4.37 9.26 40.00
N LEU B 158 5.47 8.51 40.00
CA LEU B 158 5.66 7.48 38.97
C LEU B 158 4.57 6.43 39.04
N LEU B 159 4.27 5.92 40.24
CA LEU B 159 3.23 4.91 40.39
C LEU B 159 1.86 5.46 40.03
N MET B 160 1.57 6.69 40.47
CA MET B 160 0.29 7.32 40.15
C MET B 160 0.09 7.41 38.64
N LEU B 161 1.10 7.89 37.93
CA LEU B 161 0.99 8.07 36.49
C LEU B 161 0.94 6.74 35.76
N ALA B 162 1.73 5.76 36.22
CA ALA B 162 1.78 4.47 35.54
C ALA B 162 0.55 3.62 35.80
N ALA B 163 -0.15 3.85 36.92
CA ALA B 163 -1.31 3.05 37.24
C ALA B 163 -2.63 3.71 36.87
N THR B 164 -2.67 5.04 36.76
CA THR B 164 -3.91 5.71 36.41
C THR B 164 -3.91 6.32 35.00
N ALA B 165 -2.75 6.48 34.37
CA ALA B 165 -2.70 7.17 33.09
C ALA B 165 -1.72 6.53 32.11
N SER B 166 -1.48 5.24 32.24
CA SER B 166 -0.53 4.57 31.36
C SER B 166 -1.06 4.51 29.94
N GLY B 167 -0.28 5.00 28.99
CA GLY B 167 -0.65 5.01 27.60
C GLY B 167 -1.60 6.12 27.20
N LYS B 168 -1.97 7.00 28.12
CA LYS B 168 -2.94 8.05 27.87
C LYS B 168 -2.31 9.41 28.17
N GLU B 169 -2.97 10.45 27.69
CA GLU B 169 -2.49 11.82 27.88
C GLU B 169 -2.79 12.31 29.28
N VAL B 170 -1.90 13.16 29.79
CA VAL B 170 -2.11 13.86 31.05
C VAL B 170 -1.92 15.33 30.78
N VAL B 171 -2.88 16.14 31.21
CA VAL B 171 -2.86 17.58 30.98
C VAL B 171 -2.21 18.25 32.17
N VAL B 172 -1.07 18.89 31.94
CA VAL B 172 -0.33 19.61 32.97
C VAL B 172 -0.11 21.03 32.48
N SER B 173 -0.27 22.00 33.37
CA SER B 173 -0.01 23.39 33.02
C SER B 173 1.45 23.57 32.64
N ARG B 174 1.69 24.46 31.68
CA ARG B 174 3.06 24.74 31.24
C ARG B 174 3.89 25.43 32.31
N GLY B 175 3.25 26.00 33.34
CA GLY B 175 3.94 26.62 34.45
C GLY B 175 4.06 25.75 35.68
N GLU B 176 3.81 24.45 35.57
CA GLU B 176 3.96 23.52 36.69
C GLU B 176 4.86 22.35 36.36
N LEU B 177 5.54 22.39 35.21
CA LEU B 177 6.49 21.34 34.84
C LEU B 177 7.78 21.58 35.64
N VAL B 178 7.79 21.01 36.84
CA VAL B 178 8.72 21.38 37.89
C VAL B 178 9.92 20.44 37.88
N GLU B 179 11.07 20.97 38.28
CA GLU B 179 12.27 20.19 38.54
C GLU B 179 12.64 20.35 40.00
N ILE B 180 12.81 19.23 40.69
CA ILE B 180 13.16 19.21 42.11
C ILE B 180 14.55 18.63 42.25
N GLY B 181 15.45 19.38 42.87
CA GLY B 181 16.78 18.89 43.16
C GLY B 181 17.68 18.79 41.94
N GLY B 182 17.20 18.13 40.89
CA GLY B 182 17.98 17.94 39.69
C GLY B 182 17.78 16.56 39.09
N ALA B 183 17.44 15.59 39.93
CA ALA B 183 17.14 14.25 39.46
C ALA B 183 15.66 14.04 39.17
N PHE B 184 14.78 14.83 39.78
CA PHE B 184 13.35 14.75 39.53
C PHE B 184 12.97 15.86 38.57
N ARG B 185 12.20 15.50 37.54
CA ARG B 185 11.83 16.41 36.47
C ARG B 185 10.54 15.90 35.87
N ILE B 186 9.48 16.71 35.90
CA ILE B 186 8.14 16.22 35.57
C ILE B 186 8.06 15.65 34.16
N PRO B 187 8.54 16.33 33.10
CA PRO B 187 8.43 15.72 31.77
C PRO B 187 9.10 14.36 31.67
N ASP B 188 10.26 14.19 32.31
CA ASP B 188 10.94 12.89 32.27
C ASP B 188 10.23 11.85 33.11
N VAL B 189 9.60 12.27 34.21
CA VAL B 189 8.82 11.33 35.02
C VAL B 189 7.62 10.82 34.22
N MET B 190 6.96 11.71 33.50
CA MET B 190 5.85 11.28 32.65
C MET B 190 6.33 10.41 31.49
N ARG B 191 7.51 10.69 30.96
CA ARG B 191 8.06 9.81 29.93
C ARG B 191 8.32 8.41 30.48
N GLN B 192 8.88 8.33 31.68
CA GLN B 192 9.19 7.03 32.29
C GLN B 192 7.92 6.27 32.66
N ALA B 193 6.89 6.98 33.10
CA ALA B 193 5.67 6.35 33.58
C ALA B 193 4.74 5.90 32.47
N GLY B 194 5.12 6.08 31.20
CA GLY B 194 4.33 5.62 30.09
C GLY B 194 3.21 6.53 29.67
N CYS B 195 3.09 7.71 30.27
CA CYS B 195 2.05 8.66 29.90
C CYS B 195 2.51 9.57 28.78
N THR B 196 1.57 10.35 28.26
CA THR B 196 1.85 11.41 27.29
C THR B 196 1.60 12.74 27.98
N LEU B 197 2.63 13.59 28.00
CA LEU B 197 2.50 14.90 28.64
C LEU B 197 1.83 15.86 27.68
N HIS B 198 0.71 16.41 28.08
CA HIS B 198 0.00 17.46 27.34
C HIS B 198 0.16 18.76 28.10
N GLU B 199 0.86 19.72 27.49
CA GLU B 199 1.13 20.99 28.13
C GLU B 199 0.16 22.05 27.62
N VAL B 200 -0.39 22.83 28.55
CA VAL B 200 -1.44 23.79 28.24
C VAL B 200 -1.05 25.14 28.81
N GLY B 201 -1.57 26.19 28.20
CA GLY B 201 -1.28 27.52 28.69
C GLY B 201 0.15 27.92 28.42
N THR B 202 0.59 28.91 29.17
CA THR B 202 1.95 29.44 29.08
C THR B 202 2.63 29.30 30.44
N THR B 203 3.87 29.77 30.50
CA THR B 203 4.67 29.61 31.71
C THR B 203 4.06 30.41 32.87
N ASN B 204 3.58 31.62 32.60
CA ASN B 204 3.06 32.47 33.66
C ASN B 204 1.54 32.50 33.74
N ARG B 205 0.85 32.40 32.61
CA ARG B 205 -0.61 32.51 32.57
C ARG B 205 -1.20 31.23 32.00
N THR B 206 -1.96 30.51 32.82
CA THR B 206 -2.73 29.35 32.38
C THR B 206 -4.18 29.56 32.75
N HIS B 207 -5.07 29.41 31.78
CA HIS B 207 -6.49 29.63 31.95
C HIS B 207 -7.24 28.30 31.93
N ALA B 208 -8.44 28.31 32.48
CA ALA B 208 -9.23 27.07 32.54
C ALA B 208 -9.58 26.58 31.15
N ASN B 209 -9.74 27.48 30.19
CA ASN B 209 -9.97 27.06 28.81
C ASN B 209 -8.78 26.34 28.22
N ASP B 210 -7.56 26.64 28.68
CA ASP B 210 -6.39 25.89 28.24
C ASP B 210 -6.49 24.43 28.65
N TYR B 211 -6.96 24.18 29.88
CA TYR B 211 -7.23 22.81 30.32
C TYR B 211 -8.37 22.21 29.51
N ARG B 212 -9.42 22.99 29.26
CA ARG B 212 -10.61 22.48 28.59
C ARG B 212 -10.32 22.04 27.16
N GLN B 213 -9.53 22.82 26.42
CA GLN B 213 -9.28 22.51 25.03
C GLN B 213 -8.44 21.25 24.84
N ALA B 214 -7.65 20.87 25.85
CA ALA B 214 -6.76 19.73 25.72
C ALA B 214 -7.43 18.41 26.09
N VAL B 215 -8.58 18.45 26.76
CA VAL B 215 -9.26 17.23 27.18
C VAL B 215 -9.92 16.60 25.96
N ASN B 216 -9.57 15.36 25.68
CA ASN B 216 -10.13 14.61 24.57
C ASN B 216 -10.35 13.17 25.04
N GLU B 217 -10.58 12.27 24.10
CA GLU B 217 -10.86 10.87 24.44
C GLU B 217 -9.63 10.14 24.96
N ASN B 218 -8.42 10.63 24.69
CA ASN B 218 -7.20 10.02 25.20
C ASN B 218 -6.72 10.62 26.52
N THR B 219 -7.37 11.67 27.01
CA THR B 219 -6.95 12.28 28.26
C THR B 219 -7.36 11.42 29.43
N ALA B 220 -6.39 11.15 30.32
CA ALA B 220 -6.64 10.33 31.50
C ALA B 220 -6.70 11.12 32.79
N LEU B 221 -5.94 12.22 32.90
CA LEU B 221 -5.88 12.97 34.14
C LEU B 221 -5.71 14.45 33.84
N LEU B 222 -6.07 15.27 34.82
CA LEU B 222 -5.63 16.65 34.90
C LEU B 222 -4.72 16.73 36.12
N MET B 223 -3.44 16.96 35.89
CA MET B 223 -2.44 16.91 36.94
C MET B 223 -2.04 18.33 37.34
N LYS B 224 -2.19 18.65 38.62
CA LYS B 224 -1.70 19.90 39.18
C LYS B 224 -0.48 19.61 40.02
N VAL B 225 0.65 20.20 39.66
CA VAL B 225 1.90 20.02 40.38
C VAL B 225 2.15 21.26 41.21
N HIS B 226 2.39 21.07 42.50
CA HIS B 226 2.69 22.20 43.37
C HIS B 226 4.14 22.61 43.18
N THR B 227 4.36 23.84 42.75
CA THR B 227 5.70 24.38 42.57
C THR B 227 6.26 24.69 43.95
N SER B 228 6.79 23.66 44.60
CA SER B 228 7.24 23.82 45.97
C SER B 228 8.57 24.55 46.07
N ASN B 229 9.46 24.38 45.10
CA ASN B 229 10.78 24.98 45.17
C ASN B 229 10.89 26.29 44.40
N TYR B 230 9.82 26.75 43.77
CA TYR B 230 9.87 28.01 43.05
C TYR B 230 8.50 28.65 43.02
N SER B 231 8.49 29.95 42.75
CA SER B 231 7.25 30.73 42.58
C SER B 231 7.44 31.70 41.44
N ILE B 232 6.45 31.75 40.55
CA ILE B 232 6.46 32.70 39.43
C ILE B 232 5.74 33.96 39.90
N GLN B 233 6.42 35.10 39.79
CA GLN B 233 5.89 36.37 40.29
C GLN B 233 5.78 37.36 39.16
N GLY B 234 4.73 38.19 39.22
CA GLY B 234 4.48 39.17 38.18
C GLY B 234 3.12 39.00 37.56
N PHE B 235 3.06 39.03 36.22
CA PHE B 235 1.82 38.81 35.49
C PHE B 235 1.61 37.31 35.39
N THR B 236 0.84 36.76 36.32
CA THR B 236 0.65 35.31 36.44
C THR B 236 -0.82 34.98 36.57
N LYS B 237 -1.13 33.71 36.31
CA LYS B 237 -2.49 33.20 36.42
C LYS B 237 -2.41 31.69 36.54
N ALA B 238 -2.93 31.14 37.63
CA ALA B 238 -2.97 29.71 37.85
C ALA B 238 -4.38 29.29 38.20
N ILE B 239 -4.81 28.15 37.66
CA ILE B 239 -6.12 27.59 37.97
C ILE B 239 -6.01 26.79 39.26
N ASP B 240 -6.79 27.15 40.27
CA ASP B 240 -6.75 26.46 41.55
C ASP B 240 -7.33 25.06 41.42
N GLU B 241 -7.18 24.28 42.49
CA GLU B 241 -7.60 22.89 42.43
C GLU B 241 -9.12 22.73 42.44
N ALA B 242 -9.84 23.64 43.10
CA ALA B 242 -11.30 23.54 43.13
C ALA B 242 -11.90 23.72 41.74
N GLU B 243 -11.44 24.74 41.02
CA GLU B 243 -11.94 24.98 39.67
C GLU B 243 -11.57 23.84 38.73
N LEU B 244 -10.36 23.31 38.86
CA LEU B 244 -9.95 22.20 38.01
C LEU B 244 -10.73 20.93 38.34
N VAL B 245 -11.04 20.71 39.62
CA VAL B 245 -11.87 19.57 40.01
C VAL B 245 -13.26 19.70 39.41
N ALA B 246 -13.83 20.91 39.46
CA ALA B 246 -15.12 21.14 38.82
C ALA B 246 -15.07 20.88 37.32
N LEU B 247 -14.00 21.35 36.66
CA LEU B 247 -13.86 21.13 35.23
C LEU B 247 -13.74 19.65 34.91
N GLY B 248 -12.97 18.91 35.70
CA GLY B 248 -12.83 17.48 35.47
C GLY B 248 -14.12 16.73 35.72
N LYS B 249 -14.90 17.15 36.73
CA LYS B 249 -16.21 16.57 36.94
C LYS B 249 -17.13 16.82 35.75
N GLU B 250 -17.08 18.04 35.21
CA GLU B 250 -17.89 18.34 34.02
C GLU B 250 -17.47 17.49 32.83
N LEU B 251 -16.18 17.29 32.65
CA LEU B 251 -15.66 16.54 31.51
C LEU B 251 -15.38 15.08 31.82
N ASP B 252 -15.71 14.61 33.02
CA ASP B 252 -15.50 13.22 33.42
C ASP B 252 -14.04 12.80 33.31
N VAL B 253 -13.16 13.65 33.84
CA VAL B 253 -11.72 13.39 33.86
C VAL B 253 -11.21 13.60 35.29
N PRO B 254 -10.55 12.62 35.89
CA PRO B 254 -10.07 12.79 37.26
C PRO B 254 -8.95 13.83 37.34
N VAL B 255 -8.84 14.45 38.52
CA VAL B 255 -7.85 15.48 38.79
C VAL B 255 -6.95 14.97 39.90
N VAL B 256 -5.64 14.92 39.62
CA VAL B 256 -4.66 14.50 40.61
C VAL B 256 -3.72 15.66 40.89
N THR B 257 -3.00 15.55 42.01
CA THR B 257 -2.14 16.62 42.48
C THR B 257 -0.85 16.04 43.04
N ASP B 258 0.27 16.59 42.59
CA ASP B 258 1.58 16.26 43.14
C ASP B 258 1.97 17.37 44.10
N LEU B 259 1.43 17.27 45.32
CA LEU B 259 1.62 18.33 46.31
C LEU B 259 3.08 18.47 46.70
N GLY B 260 3.75 17.36 46.95
CA GLY B 260 5.16 17.40 47.31
C GLY B 260 5.44 17.67 48.76
N SER B 261 5.30 18.92 49.19
CA SER B 261 5.70 19.31 50.54
C SER B 261 4.90 18.55 51.59
N GLY B 262 3.59 18.46 51.41
CA GLY B 262 2.75 17.70 52.32
C GLY B 262 2.68 18.22 53.74
N SER B 263 2.51 19.53 53.89
CA SER B 263 2.29 20.10 55.22
C SER B 263 0.89 19.75 55.69
N LEU B 264 0.79 19.07 56.83
CA LEU B 264 -0.49 18.60 57.34
C LEU B 264 -1.16 19.60 58.27
N VAL B 265 -0.50 20.70 58.60
CA VAL B 265 -1.06 21.71 59.48
C VAL B 265 -0.92 23.08 58.81
N ASP B 266 -1.77 24.00 59.24
CA ASP B 266 -1.73 25.36 58.71
C ASP B 266 -0.50 26.08 59.28
N LEU B 267 0.50 26.31 58.44
CA LEU B 267 1.72 26.96 58.91
C LEU B 267 1.49 28.41 59.32
N SER B 268 0.46 29.06 58.77
CA SER B 268 0.17 30.44 59.16
C SER B 268 -0.16 30.56 60.64
N GLN B 269 -0.60 29.47 61.28
CA GLN B 269 -0.85 29.50 62.71
C GLN B 269 0.43 29.74 63.49
N TYR B 270 1.58 29.36 62.94
CA TYR B 270 2.87 29.50 63.60
C TYR B 270 3.66 30.70 63.11
N GLY B 271 3.03 31.60 62.35
CA GLY B 271 3.73 32.75 61.81
C GLY B 271 4.56 32.46 60.58
N LEU B 272 4.45 31.26 60.03
CA LEU B 272 5.20 30.82 58.87
C LEU B 272 4.34 30.90 57.61
N PRO B 273 4.95 30.98 56.43
CA PRO B 273 4.16 31.06 55.20
C PRO B 273 3.28 29.84 55.03
N LYS B 274 2.04 30.07 54.60
CA LYS B 274 1.09 28.99 54.44
C LYS B 274 1.39 28.19 53.18
N GLU B 275 1.23 26.87 53.27
CA GLU B 275 1.40 25.97 52.15
C GLU B 275 0.15 25.12 52.00
N PRO B 276 -0.19 24.71 50.78
CA PRO B 276 -1.40 23.89 50.58
C PRO B 276 -1.30 22.58 51.36
N MET B 277 -2.44 22.16 51.91
CA MET B 277 -2.49 20.98 52.74
C MET B 277 -3.26 19.87 52.03
N PRO B 278 -2.92 18.60 52.29
CA PRO B 278 -3.69 17.51 51.69
C PRO B 278 -5.15 17.51 52.09
N GLN B 279 -5.47 18.01 53.29
CA GLN B 279 -6.87 18.09 53.71
C GLN B 279 -7.67 19.00 52.78
N GLU B 280 -7.11 20.16 52.42
CA GLU B 280 -7.82 21.08 51.55
C GLU B 280 -8.04 20.47 50.17
N LEU B 281 -7.02 19.79 49.63
CA LEU B 281 -7.16 19.18 48.32
C LEU B 281 -8.16 18.03 48.34
N ILE B 282 -8.15 17.23 49.40
CA ILE B 282 -9.09 16.11 49.50
C ILE B 282 -10.51 16.64 49.64
N ALA B 283 -10.71 17.69 50.44
CA ALA B 283 -12.03 18.28 50.57
C ALA B 283 -12.49 18.90 49.26
N ALA B 284 -11.58 19.53 48.52
CA ALA B 284 -11.93 20.18 47.26
C ALA B 284 -12.31 19.18 46.16
N GLY B 285 -12.06 17.89 46.35
CA GLY B 285 -12.44 16.89 45.38
C GLY B 285 -11.33 16.39 44.50
N VAL B 286 -10.08 16.43 44.94
CA VAL B 286 -8.96 15.92 44.15
C VAL B 286 -8.91 14.41 44.29
N SER B 287 -8.83 13.72 43.15
CA SER B 287 -8.90 12.26 43.14
C SER B 287 -7.73 11.64 43.88
N LEU B 288 -6.51 12.12 43.64
CA LEU B 288 -5.32 11.60 44.30
C LEU B 288 -4.39 12.76 44.62
N VAL B 289 -3.77 12.72 45.79
CA VAL B 289 -2.82 13.73 46.24
C VAL B 289 -1.59 13.02 46.75
N SER B 290 -0.43 13.31 46.16
CA SER B 290 0.81 12.66 46.55
C SER B 290 1.76 13.68 47.18
N PHE B 291 2.33 13.32 48.32
CA PHE B 291 3.23 14.22 49.02
C PHE B 291 4.34 13.44 49.71
N SER B 292 5.40 14.17 50.09
CA SER B 292 6.55 13.57 50.74
C SER B 292 6.35 13.48 52.25
N GLY B 293 7.09 12.58 52.87
CA GLY B 293 7.02 12.41 54.30
C GLY B 293 8.16 13.07 55.05
N ASP B 294 9.22 13.44 54.33
CA ASP B 294 10.38 14.05 54.98
C ASP B 294 10.52 15.52 54.65
N1 LLP B 295 7.40 16.43 43.56
C2 LLP B 295 7.31 17.53 44.31
C2' LLP B 295 6.24 18.61 44.00
C3 LLP B 295 8.20 17.71 45.40
O3 LLP B 295 8.09 18.86 46.18
C4 LLP B 295 9.16 16.77 45.70
C4' LLP B 295 10.13 17.06 46.95
C5 LLP B 295 9.26 15.64 44.93
C6 LLP B 295 8.38 15.47 43.86
C5' LLP B 295 10.31 14.51 45.16
OP4 LLP B 295 10.50 14.14 46.51
P LLP B 295 11.93 13.72 46.93
OP1 LLP B 295 11.87 12.25 47.35
OP2 LLP B 295 12.40 14.52 48.09
OP3 LLP B 295 12.87 13.88 45.76
N LLP B 295 9.57 16.05 53.89
CA LLP B 295 9.61 17.46 53.50
CB LLP B 295 8.78 17.69 52.28
CG LLP B 295 9.61 18.50 51.27
CD LLP B 295 10.16 17.58 50.17
CE LLP B 295 9.11 17.39 49.06
NZ LLP B 295 9.56 18.04 47.83
C LLP B 295 9.14 18.29 54.65
O LLP B 295 9.86 18.49 55.60
N LEU B 296 7.91 18.80 54.56
CA LEU B 296 7.36 19.64 55.61
C LEU B 296 6.57 18.82 56.64
N LEU B 297 6.40 17.54 56.36
CA LEU B 297 5.66 16.68 57.28
C LEU B 297 6.47 16.33 58.52
N GLY B 298 7.80 16.25 58.39
CA GLY B 298 8.66 16.00 59.51
C GLY B 298 8.94 14.55 59.82
N GLY B 299 8.72 13.64 58.86
CA GLY B 299 8.92 12.24 59.10
C GLY B 299 10.02 11.64 58.26
N PRO B 300 9.88 10.37 57.89
CA PRO B 300 10.88 9.70 57.08
C PRO B 300 10.64 9.92 55.58
N GLN B 301 11.62 9.50 54.79
CA GLN B 301 11.47 9.56 53.34
C GLN B 301 10.37 8.58 52.92
N ALA B 302 9.23 9.11 52.52
CA ALA B 302 8.11 8.28 52.11
C ALA B 302 7.30 9.04 51.08
N GLY B 303 6.61 8.29 50.22
CA GLY B 303 5.70 8.91 49.28
C GLY B 303 4.28 8.51 49.59
N ILE B 304 3.46 9.46 50.03
CA ILE B 304 2.12 9.18 50.54
C ILE B 304 1.11 9.67 49.52
N ILE B 305 0.30 8.75 49.00
CA ILE B 305 -0.75 9.07 48.05
C ILE B 305 -2.09 8.83 48.75
N VAL B 306 -2.93 9.85 48.81
CA VAL B 306 -4.21 9.73 49.47
C VAL B 306 -5.31 10.12 48.49
N GLY B 307 -6.42 9.38 48.54
CA GLY B 307 -7.52 9.76 47.67
C GLY B 307 -8.56 8.66 47.57
N LYS B 308 -9.22 8.63 46.41
CA LYS B 308 -10.35 7.73 46.21
C LYS B 308 -9.92 6.28 46.35
N LYS B 309 -10.81 5.47 46.92
CA LYS B 309 -10.49 4.07 47.19
C LYS B 309 -10.23 3.29 45.91
N GLU B 310 -10.99 3.58 44.85
CA GLU B 310 -10.82 2.84 43.60
C GLU B 310 -9.45 3.12 42.97
N MET B 311 -9.03 4.38 42.92
CA MET B 311 -7.73 4.69 42.33
C MET B 311 -6.59 4.22 43.21
N ILE B 312 -6.75 4.31 44.53
CA ILE B 312 -5.73 3.77 45.42
C ILE B 312 -5.60 2.26 45.22
N ALA B 313 -6.72 1.57 45.08
CA ALA B 313 -6.68 0.13 44.82
C ALA B 313 -6.05 -0.17 43.47
N ARG B 314 -6.22 0.73 42.50
CA ARG B 314 -5.47 0.60 41.25
C ARG B 314 -3.97 0.71 41.49
N LEU B 315 -3.57 1.64 42.36
CA LEU B 315 -2.15 1.83 42.64
C LEU B 315 -1.56 0.60 43.35
N GLN B 316 -2.26 0.08 44.36
CA GLN B 316 -1.72 -1.02 45.15
C GLN B 316 -1.61 -2.30 44.33
N SER B 317 -2.44 -2.44 43.30
CA SER B 317 -2.43 -3.62 42.46
C SER B 317 -1.49 -3.52 41.28
N HIS B 318 -0.82 -2.39 41.11
CA HIS B 318 0.09 -2.23 39.99
C HIS B 318 1.35 -3.07 40.21
N PRO B 319 1.93 -3.61 39.14
CA PRO B 319 3.18 -4.36 39.29
C PRO B 319 4.32 -3.53 39.86
N LEU B 320 4.34 -2.22 39.60
CA LEU B 320 5.39 -1.36 40.13
C LEU B 320 5.37 -1.27 41.65
N LYS B 321 4.22 -1.49 42.27
CA LYS B 321 4.10 -1.27 43.71
C LYS B 321 5.08 -2.12 44.50
N ARG B 322 5.24 -3.39 44.11
CA ARG B 322 6.24 -4.24 44.76
C ARG B 322 7.63 -3.62 44.73
N ALA B 323 8.00 -3.00 43.61
CA ALA B 323 9.31 -2.35 43.54
C ALA B 323 9.35 -1.11 44.43
N LEU B 324 8.22 -0.41 44.57
CA LEU B 324 8.16 0.85 45.29
C LEU B 324 7.69 0.68 46.73
N ARG B 325 7.54 -0.54 47.20
CA ARG B 325 7.02 -0.81 48.53
C ARG B 325 7.84 -0.10 49.59
N ALA B 326 7.24 0.10 50.76
CA ALA B 326 7.85 0.85 51.85
C ALA B 326 8.36 -0.09 52.94
N ASP B 327 9.53 0.23 53.48
CA ASP B 327 10.19 -0.59 54.49
C ASP B 327 9.43 -0.52 55.82
N LYS B 328 9.68 -1.50 56.68
CA LYS B 328 9.05 -1.50 57.99
C LYS B 328 9.56 -0.36 58.87
N MET B 329 10.82 0.04 58.71
CA MET B 329 11.30 1.23 59.40
C MET B 329 10.57 2.47 58.91
N THR B 330 10.37 2.58 57.59
CA THR B 330 9.63 3.72 57.05
C THR B 330 8.21 3.73 57.59
N LEU B 331 7.54 2.57 57.62
CA LEU B 331 6.19 2.53 58.13
C LEU B 331 6.12 2.86 59.61
N ALA B 332 7.07 2.36 60.39
CA ALA B 332 7.08 2.65 61.82
C ALA B 332 7.29 4.14 62.08
N ALA B 333 8.28 4.73 61.40
CA ALA B 333 8.54 6.16 61.57
C ALA B 333 7.35 7.00 61.12
N LEU B 334 6.75 6.63 59.98
CA LEU B 334 5.63 7.40 59.47
C LEU B 334 4.42 7.30 60.39
N GLU B 335 4.15 6.11 60.93
CA GLU B 335 3.03 5.96 61.86
C GLU B 335 3.26 6.77 63.13
N ALA B 336 4.47 6.71 63.69
CA ALA B 336 4.75 7.46 64.91
C ALA B 336 4.71 8.97 64.66
N THR B 337 5.16 9.41 63.48
CA THR B 337 5.10 10.83 63.14
C THR B 337 3.66 11.28 62.95
N LEU B 338 2.86 10.49 62.24
CA LEU B 338 1.47 10.87 61.99
C LEU B 338 0.66 10.87 63.28
N ARG B 339 1.01 10.01 64.24
CA ARG B 339 0.32 10.04 65.53
C ARG B 339 0.59 11.33 66.31
N LEU B 340 1.66 12.05 65.98
CA LEU B 340 1.88 13.35 66.61
C LEU B 340 0.87 14.38 66.13
N TYR B 341 0.41 14.28 64.89
CA TYR B 341 -0.56 15.21 64.35
C TYR B 341 -1.95 15.02 64.95
N LEU B 342 -2.18 13.93 65.67
CA LEU B 342 -3.42 13.73 66.42
C LEU B 342 -3.41 14.48 67.75
N HIS B 343 -2.28 15.09 68.11
CA HIS B 343 -2.13 15.88 69.33
C HIS B 343 -1.56 17.23 68.96
N PRO B 344 -2.35 18.10 68.32
CA PRO B 344 -1.79 19.31 67.72
C PRO B 344 -1.12 20.26 68.71
N GLU B 345 -1.64 20.37 69.94
CA GLU B 345 -1.11 21.37 70.86
C GLU B 345 0.34 21.12 71.23
N ALA B 346 0.76 19.86 71.27
CA ALA B 346 2.16 19.52 71.53
C ALA B 346 2.97 19.38 70.25
N LEU B 347 2.36 19.57 69.09
CA LEU B 347 3.05 19.33 67.83
C LEU B 347 4.23 20.28 67.64
N SER B 348 4.09 21.53 68.12
CA SER B 348 5.19 22.48 68.02
C SER B 348 6.38 22.10 68.90
N GLU B 349 6.22 21.14 69.81
CA GLU B 349 7.32 20.68 70.65
C GLU B 349 7.79 19.28 70.30
N LYS B 350 6.87 18.37 70.00
CA LYS B 350 7.26 16.99 69.69
C LYS B 350 7.93 16.88 68.33
N LEU B 351 7.50 17.69 67.36
CA LEU B 351 8.04 17.61 66.01
C LEU B 351 9.30 18.45 65.91
N PRO B 352 10.47 17.85 65.67
CA PRO B 352 11.70 18.66 65.61
C PRO B 352 11.69 19.68 64.49
N THR B 353 11.07 19.36 63.35
CA THR B 353 11.00 20.31 62.24
C THR B 353 10.21 21.54 62.66
N LEU B 354 9.04 21.34 63.25
CA LEU B 354 8.24 22.47 63.71
C LEU B 354 8.93 23.22 64.84
N ARG B 355 9.60 22.50 65.74
CA ARG B 355 10.29 23.15 66.84
C ARG B 355 11.41 24.06 66.33
N LEU B 356 12.16 23.59 65.32
CA LEU B 356 13.20 24.43 64.74
C LEU B 356 12.61 25.58 63.95
N LEU B 357 11.50 25.35 63.24
CA LEU B 357 10.91 26.39 62.41
C LEU B 357 10.25 27.48 63.24
N THR B 358 9.53 27.12 64.29
CA THR B 358 8.86 28.10 65.14
C THR B 358 9.72 28.57 66.30
N ARG B 359 11.01 28.28 66.29
CA ARG B 359 11.91 28.79 67.32
C ARG B 359 11.95 30.32 67.27
N SER B 360 11.80 30.94 68.43
CA SER B 360 11.77 32.40 68.49
C SER B 360 13.16 32.99 68.27
N ALA B 361 13.19 34.21 67.73
CA ALA B 361 14.45 34.85 67.41
C ALA B 361 15.16 35.36 68.66
N GLU B 362 14.41 35.70 69.70
CA GLU B 362 15.03 36.19 70.94
C GLU B 362 15.88 35.11 71.60
N VAL B 363 15.40 33.87 71.61
CA VAL B 363 16.17 32.78 72.18
C VAL B 363 17.45 32.55 71.39
N ILE B 364 17.37 32.67 70.06
CA ILE B 364 18.57 32.55 69.24
C ILE B 364 19.55 33.68 69.56
N GLN B 365 19.04 34.90 69.74
CA GLN B 365 19.89 36.01 70.13
C GLN B 365 20.61 35.71 71.44
N ILE B 366 19.87 35.23 72.44
CA ILE B 366 20.46 34.96 73.74
C ILE B 366 21.52 33.86 73.63
N GLN B 367 21.20 32.78 72.90
CA GLN B 367 22.15 31.69 72.76
C GLN B 367 23.41 32.13 72.02
N ALA B 368 23.26 32.94 70.98
CA ALA B 368 24.42 33.45 70.25
C ALA B 368 25.27 34.34 71.14
N GLN B 369 24.65 35.21 71.92
CA GLN B 369 25.41 36.06 72.84
C GLN B 369 26.14 35.22 73.88
N ARG B 370 25.49 34.18 74.40
CA ARG B 370 26.12 33.32 75.37
C ARG B 370 27.31 32.57 74.79
N LEU B 371 27.16 32.05 73.56
CA LEU B 371 28.24 31.30 72.92
C LEU B 371 29.33 32.18 72.35
N GLN B 372 29.08 33.49 72.20
CA GLN B 372 30.09 34.38 71.62
C GLN B 372 31.33 34.46 72.49
N ALA B 373 31.16 34.55 73.81
CA ALA B 373 32.28 34.84 74.69
C ALA B 373 33.43 33.84 74.60
N PRO B 374 33.20 32.52 74.69
CA PRO B 374 34.35 31.61 74.57
C PRO B 374 35.00 31.63 73.20
N LEU B 375 34.21 31.69 72.13
CA LEU B 375 34.79 31.73 70.79
C LEU B 375 35.45 33.08 70.53
N ALA B 376 34.91 34.15 71.11
CA ALA B 376 35.57 35.45 70.99
C ALA B 376 36.91 35.44 71.72
N ALA B 377 36.98 34.79 72.87
CA ALA B 377 38.25 34.67 73.57
C ALA B 377 39.24 33.82 72.77
N HIS B 378 38.75 32.76 72.13
CA HIS B 378 39.65 31.88 71.38
C HIS B 378 40.13 32.50 70.07
N TYR B 379 39.30 33.31 69.42
CA TYR B 379 39.61 33.84 68.10
C TYR B 379 39.81 35.35 68.06
N GLY B 380 39.44 36.08 69.12
CA GLY B 380 39.45 37.52 69.07
C GLY B 380 40.81 38.13 68.80
N ALA B 381 41.87 37.49 69.31
CA ALA B 381 43.21 37.98 69.07
C ALA B 381 43.63 37.83 67.61
N GLU B 382 42.89 37.05 66.83
CA GLU B 382 43.26 36.82 65.43
C GLU B 382 42.13 37.10 64.44
N PHE B 383 40.89 36.77 64.79
CA PHE B 383 39.77 36.90 63.86
C PHE B 383 38.58 37.53 64.58
N ALA B 384 37.74 38.23 63.81
CA ALA B 384 36.58 38.91 64.38
C ALA B 384 35.43 37.92 64.52
N VAL B 385 35.05 37.64 65.76
CA VAL B 385 33.94 36.73 66.07
C VAL B 385 32.81 37.55 66.66
N GLN B 386 31.69 37.63 65.94
CA GLN B 386 30.62 38.53 66.34
C GLN B 386 29.27 37.87 66.15
N VAL B 387 28.25 38.45 66.80
CA VAL B 387 26.88 37.98 66.66
C VAL B 387 26.11 39.03 65.87
N MET B 388 25.59 38.64 64.70
CA MET B 388 24.85 39.58 63.87
C MET B 388 23.52 39.00 63.40
N PRO B 389 22.49 39.83 63.13
CA PRO B 389 21.26 39.29 62.64
C PRO B 389 21.34 38.75 61.22
N CYS B 390 20.50 37.77 60.94
CA CYS B 390 20.47 37.13 59.63
C CYS B 390 19.10 36.51 59.41
N LEU B 391 18.95 35.84 58.27
CA LEU B 391 17.72 35.17 57.93
C LEU B 391 18.01 33.73 57.53
N SER B 392 17.00 32.87 57.67
CA SER B 392 17.13 31.43 57.49
C SER B 392 16.09 30.92 56.52
N GLN B 393 16.43 29.86 55.80
CA GLN B 393 15.53 29.22 54.86
C GLN B 393 14.75 28.12 55.56
N ILE B 394 13.47 27.98 55.19
CA ILE B 394 12.67 26.87 55.72
C ILE B 394 13.26 25.55 55.26
N GLY B 395 13.67 25.46 54.00
CA GLY B 395 14.30 24.28 53.46
C GLY B 395 13.53 23.70 52.28
N SER B 396 13.65 22.39 52.12
CA SER B 396 12.94 21.70 51.05
C SER B 396 11.43 21.71 51.31
N GLY B 397 10.66 21.80 50.22
CA GLY B 397 9.22 21.88 50.31
C GLY B 397 8.66 23.28 50.36
N SER B 398 9.48 24.28 50.67
CA SER B 398 9.07 25.67 50.69
C SER B 398 9.96 26.46 49.74
N LEU B 399 9.48 27.64 49.36
CA LEU B 399 10.23 28.48 48.45
C LEU B 399 11.51 28.97 49.12
N PRO B 400 12.66 28.82 48.48
CA PRO B 400 13.93 29.23 49.09
C PRO B 400 14.17 30.73 49.00
N VAL B 401 13.61 31.51 49.93
CA VAL B 401 13.75 32.96 49.87
C VAL B 401 14.42 33.51 51.11
N ASP B 402 14.91 32.64 51.98
CA ASP B 402 15.74 33.03 53.13
C ASP B 402 14.98 34.01 54.03
N ARG B 403 13.91 33.49 54.64
CA ARG B 403 12.80 34.31 55.11
C ARG B 403 12.64 34.44 56.62
N LEU B 404 13.33 33.63 57.44
CA LEU B 404 12.98 33.70 58.85
C LEU B 404 14.06 34.40 59.67
N PRO B 405 13.69 35.36 60.53
CA PRO B 405 14.70 36.08 61.31
C PRO B 405 15.45 35.13 62.24
N SER B 406 16.74 35.39 62.42
CA SER B 406 17.58 34.53 63.27
C SER B 406 18.86 35.30 63.60
N ALA B 407 19.65 34.72 64.48
CA ALA B 407 20.94 35.26 64.87
C ALA B 407 22.05 34.36 64.31
N ALA B 408 23.16 34.97 63.92
CA ALA B 408 24.24 34.22 63.30
C ALA B 408 25.57 34.57 63.93
N LEU B 409 26.40 33.56 64.06
CA LEU B 409 27.77 33.72 64.56
C LEU B 409 28.69 33.87 63.36
N THR B 410 29.36 35.01 63.28
CA THR B 410 30.13 35.38 62.10
C THR B 410 31.61 35.44 62.44
N PHE B 411 32.42 34.76 61.61
CA PHE B 411 33.87 34.80 61.62
C PHE B 411 34.30 35.70 60.47
N THR B 412 35.17 36.66 60.76
CA THR B 412 35.68 37.61 59.78
C THR B 412 37.20 37.61 59.83
N PRO B 413 37.89 37.46 58.69
CA PRO B 413 39.35 37.55 58.70
C PRO B 413 39.80 39.01 58.70
N HIS B 414 40.83 39.29 59.51
CA HIS B 414 41.30 40.67 59.64
C HIS B 414 42.02 41.14 58.39
N ASP B 415 42.73 40.25 57.70
CA ASP B 415 43.46 40.64 56.49
C ASP B 415 42.57 40.69 55.25
N GLY B 416 41.31 40.29 55.35
CA GLY B 416 40.42 40.33 54.21
C GLY B 416 40.70 39.27 53.17
N ARG B 417 41.26 38.13 53.56
CA ARG B 417 41.58 37.04 52.65
C ARG B 417 40.54 35.95 52.76
N GLY B 418 40.03 35.49 51.62
CA GLY B 418 39.14 34.35 51.61
C GLY B 418 39.82 33.02 51.82
N SER B 419 41.15 32.99 51.73
CA SER B 419 41.89 31.76 52.00
C SER B 419 41.70 31.31 53.43
N HIS B 420 41.69 32.26 54.38
CA HIS B 420 41.45 31.90 55.78
C HIS B 420 40.08 31.27 55.97
N LEU B 421 39.05 31.84 55.34
CA LEU B 421 37.71 31.28 55.45
C LEU B 421 37.62 29.91 54.82
N GLU B 422 38.23 29.73 53.65
CA GLU B 422 38.20 28.43 52.99
C GLU B 422 38.94 27.38 53.82
N SER B 423 40.07 27.74 54.39
CA SER B 423 40.81 26.81 55.24
C SER B 423 40.03 26.47 56.50
N LEU B 424 39.34 27.45 57.09
CA LEU B 424 38.52 27.17 58.26
C LEU B 424 37.37 26.23 57.92
N ALA B 425 36.73 26.46 56.76
CA ALA B 425 35.65 25.57 56.33
C ALA B 425 36.15 24.15 56.09
N ALA B 426 37.32 24.02 55.45
CA ALA B 426 37.90 22.70 55.23
C ALA B 426 38.28 22.02 56.55
N ARG B 427 38.79 22.80 57.51
CA ARG B 427 39.10 22.25 58.83
C ARG B 427 37.85 21.73 59.51
N TRP B 428 36.75 22.48 59.45
CA TRP B 428 35.53 22.06 60.10
C TRP B 428 34.90 20.86 59.41
N ARG B 429 34.98 20.80 58.07
CA ARG B 429 34.36 19.71 57.34
C ARG B 429 35.04 18.36 57.59
N GLU B 430 36.27 18.37 58.10
CA GLU B 430 36.99 17.13 58.40
C GLU B 430 36.89 16.71 59.85
N LEU B 431 36.17 17.46 60.68
CA LEU B 431 36.03 17.13 62.09
C LEU B 431 35.15 15.90 62.26
N PRO B 432 35.28 15.18 63.38
CA PRO B 432 34.40 14.01 63.61
C PRO B 432 32.92 14.36 63.57
N VAL B 433 32.56 15.54 64.05
CA VAL B 433 31.20 16.04 63.95
C VAL B 433 31.26 17.33 63.14
N PRO B 434 31.21 17.26 61.81
CA PRO B 434 31.48 18.44 60.98
C PRO B 434 30.51 19.58 61.26
N VAL B 435 31.03 20.80 61.18
CA VAL B 435 30.24 22.02 61.31
C VAL B 435 30.20 22.68 59.93
N ILE B 436 29.00 22.88 59.40
CA ILE B 436 28.81 23.41 58.05
C ILE B 436 28.22 24.81 58.18
N GLY B 437 28.96 25.81 57.72
CA GLY B 437 28.47 27.17 57.67
C GLY B 437 28.39 27.68 56.25
N ARG B 438 28.14 28.97 56.07
CA ARG B 438 28.02 29.56 54.74
C ARG B 438 29.02 30.70 54.60
N ILE B 439 29.80 30.68 53.52
CA ILE B 439 30.77 31.74 53.23
C ILE B 439 30.07 32.72 52.31
N TYR B 440 29.61 33.83 52.87
CA TYR B 440 28.94 34.86 52.09
C TYR B 440 29.15 36.22 52.75
N ASP B 441 28.99 37.27 51.96
CA ASP B 441 29.28 38.64 52.37
C ASP B 441 30.70 38.78 52.91
N GLY B 442 31.61 37.99 52.34
CA GLY B 442 32.99 37.99 52.79
C GLY B 442 33.23 37.46 54.18
N ARG B 443 32.23 36.79 54.77
CA ARG B 443 32.33 36.31 56.14
C ARG B 443 31.77 34.90 56.24
N LEU B 444 32.21 34.18 57.27
CA LEU B 444 31.73 32.83 57.51
C LEU B 444 30.62 32.88 58.56
N TRP B 445 29.42 32.44 58.18
CA TRP B 445 28.23 32.58 59.00
C TRP B 445 27.76 31.20 59.46
N LEU B 446 27.44 31.09 60.75
CA LEU B 446 26.84 29.90 61.35
C LEU B 446 25.50 30.34 61.92
N ASP B 447 24.41 29.92 61.28
CA ASP B 447 23.08 30.29 61.72
C ASP B 447 22.63 29.36 62.84
N LEU B 448 22.43 29.91 64.02
CA LEU B 448 22.16 29.12 65.22
C LEU B 448 20.69 28.73 65.37
N ARG B 449 19.91 28.82 64.30
CA ARG B 449 18.51 28.39 64.36
C ARG B 449 18.40 26.89 64.60
N CYS B 450 19.25 26.10 63.93
CA CYS B 450 19.18 24.65 63.98
C CYS B 450 20.09 24.04 65.03
N LEU B 451 20.75 24.85 65.85
CA LEU B 451 21.67 24.36 66.88
C LEU B 451 20.84 24.07 68.11
N GLU B 452 20.61 22.79 68.39
CA GLU B 452 19.79 22.37 69.53
C GLU B 452 20.63 22.07 70.76
N ASP B 453 21.83 21.51 70.59
CA ASP B 453 22.70 21.12 71.70
C ASP B 453 23.97 21.97 71.64
N GLU B 454 24.00 23.05 72.43
CA GLU B 454 25.16 23.92 72.47
C GLU B 454 26.32 23.32 73.25
N GLN B 455 26.05 22.38 74.17
CA GLN B 455 27.13 21.76 74.92
C GLN B 455 28.08 21.01 74.00
N ARG B 456 27.54 20.24 73.04
CA ARG B 456 28.39 19.57 72.08
C ARG B 456 29.04 20.56 71.11
N PHE B 457 28.33 21.62 70.75
CA PHE B 457 28.87 22.60 69.81
C PHE B 457 30.12 23.27 70.37
N LEU B 458 30.05 23.70 71.63
CA LEU B 458 31.22 24.34 72.24
C LEU B 458 32.38 23.37 72.38
N GLU B 459 32.10 22.14 72.82
CA GLU B 459 33.17 21.17 73.01
C GLU B 459 33.77 20.69 71.69
N MET B 460 33.04 20.83 70.59
CA MET B 460 33.54 20.41 69.29
C MET B 460 34.28 21.53 68.55
N LEU B 461 33.71 22.73 68.49
CA LEU B 461 34.28 23.82 67.71
C LEU B 461 35.49 24.46 68.37
N LEU B 462 35.52 24.54 69.71
CA LEU B 462 36.63 25.19 70.38
C LEU B 462 37.95 24.47 70.15
N LYS B 463 37.92 23.14 70.14
CA LYS B 463 39.14 22.34 69.93
C LYS B 463 39.20 21.81 68.50
N GLN C 77 -16.62 64.76 22.18
CA GLN C 77 -15.59 64.02 22.90
C GLN C 77 -15.56 62.56 22.47
N SER C 78 -14.45 62.15 21.86
CA SER C 78 -14.29 60.78 21.41
C SER C 78 -14.05 59.86 22.61
N ALA C 79 -13.90 58.57 22.33
CA ALA C 79 -13.57 57.60 23.38
C ALA C 79 -12.07 57.54 23.66
N LEU C 80 -11.25 58.19 22.85
CA LEU C 80 -9.81 58.29 23.11
C LEU C 80 -9.50 59.52 23.95
N ARG C 81 -10.17 59.64 25.08
CA ARG C 81 -10.05 60.82 25.92
C ARG C 81 -8.68 60.85 26.58
N PRO C 82 -8.04 62.02 26.68
CA PRO C 82 -6.86 62.13 27.54
C PRO C 82 -7.24 61.81 28.98
N VAL C 83 -6.35 61.11 29.68
CA VAL C 83 -6.62 60.66 31.04
C VAL C 83 -5.40 60.95 31.91
N ILE C 84 -5.67 61.42 33.13
CA ILE C 84 -4.63 61.66 34.11
C ILE C 84 -4.37 60.33 34.81
N ASN C 85 -3.35 59.61 34.34
CA ASN C 85 -3.02 58.29 34.86
C ASN C 85 -2.41 58.40 36.26
N LEU C 86 -3.24 58.27 37.29
CA LEU C 86 -2.79 58.38 38.67
C LEU C 86 -2.80 57.04 39.39
N THR C 87 -2.79 55.93 38.65
CA THR C 87 -2.79 54.60 39.24
C THR C 87 -1.42 54.17 39.74
N GLY C 88 -0.36 54.92 39.42
CA GLY C 88 0.99 54.55 39.78
C GLY C 88 1.71 53.73 38.74
N THR C 89 1.02 53.24 37.72
CA THR C 89 1.64 52.50 36.62
C THR C 89 1.98 53.50 35.53
N VAL C 90 3.27 53.79 35.36
CA VAL C 90 3.68 54.76 34.35
C VAL C 90 3.44 54.23 32.95
N LEU C 91 3.87 52.99 32.69
CA LEU C 91 3.72 52.38 31.37
C LEU C 91 2.50 51.47 31.37
N HIS C 92 1.34 52.10 31.40
CA HIS C 92 0.07 51.38 31.40
C HIS C 92 -0.23 50.88 30.00
N THR C 93 -0.32 49.56 29.84
CA THR C 93 -0.58 48.99 28.53
C THR C 93 -1.94 49.39 27.99
N ASN C 94 -2.92 49.61 28.87
CA ASN C 94 -4.26 50.00 28.45
C ASN C 94 -4.37 51.50 28.19
N LEU C 95 -3.34 52.28 28.52
CA LEU C 95 -3.38 53.73 28.36
C LEU C 95 -2.36 54.21 27.33
N GLY C 96 -1.87 53.33 26.48
CA GLY C 96 -0.93 53.70 25.44
C GLY C 96 0.52 53.47 25.74
N ARG C 97 0.84 52.80 26.85
CA ARG C 97 2.22 52.50 27.26
C ARG C 97 2.96 53.83 27.41
N ALA C 98 4.06 54.07 26.69
CA ALA C 98 4.93 55.20 26.98
C ALA C 98 4.46 56.46 26.29
N LEU C 99 4.49 57.57 27.03
CA LEU C 99 4.28 58.88 26.44
C LEU C 99 5.50 59.29 25.64
N GLN C 100 5.27 60.03 24.57
CA GLN C 100 6.34 60.41 23.65
C GLN C 100 6.85 61.82 23.95
N ALA C 101 8.10 62.06 23.56
CA ALA C 101 8.77 63.31 23.84
C ALA C 101 8.25 64.43 22.95
N GLU C 102 8.58 65.66 23.34
CA GLU C 102 8.18 66.82 22.54
C GLU C 102 8.87 66.82 21.18
N ALA C 103 10.12 66.36 21.12
CA ALA C 103 10.79 66.24 19.83
C ALA C 103 10.07 65.24 18.93
N ALA C 104 9.63 64.11 19.51
CA ALA C 104 8.85 63.15 18.74
C ALA C 104 7.54 63.75 18.27
N VAL C 105 6.88 64.53 19.13
CA VAL C 105 5.62 65.17 18.75
C VAL C 105 5.83 66.13 17.60
N GLU C 106 6.91 66.93 17.66
CA GLU C 106 7.17 67.88 16.59
C GLU C 106 7.50 67.17 15.28
N ALA C 107 8.31 66.10 15.35
CA ALA C 107 8.62 65.34 14.14
C ALA C 107 7.37 64.72 13.54
N VAL C 108 6.48 64.19 14.38
CA VAL C 108 5.25 63.58 13.88
C VAL C 108 4.36 64.63 13.23
N ALA C 109 4.21 65.80 13.87
CA ALA C 109 3.39 66.86 13.28
C ALA C 109 3.96 67.32 11.95
N GLN C 110 5.29 67.45 11.88
CA GLN C 110 5.94 67.86 10.63
C GLN C 110 5.71 66.81 9.53
N ALA C 111 5.81 65.53 9.88
CA ALA C 111 5.58 64.49 8.89
C ALA C 111 4.13 64.44 8.44
N MET C 112 3.19 64.73 9.33
CA MET C 112 1.78 64.73 8.95
C MET C 112 1.46 65.91 8.04
N ARG C 113 1.94 67.11 8.40
CA ARG C 113 1.55 68.31 7.67
C ARG C 113 2.15 68.36 6.27
N SER C 114 3.35 67.82 6.08
CA SER C 114 4.08 68.00 4.85
C SER C 114 4.56 66.66 4.30
N PRO C 115 4.71 66.55 2.99
CA PRO C 115 5.25 65.30 2.43
C PRO C 115 6.68 65.06 2.91
N VAL C 116 7.02 63.78 3.09
CA VAL C 116 8.32 63.40 3.58
C VAL C 116 8.90 62.32 2.69
N THR C 117 10.23 62.21 2.71
CA THR C 117 10.92 61.19 1.91
C THR C 117 10.75 59.81 2.55
N LEU C 118 9.54 59.27 2.51
CA LEU C 118 9.29 57.96 3.08
C LEU C 118 10.03 56.86 2.34
N GLU C 119 9.89 56.83 1.01
CA GLU C 119 10.49 55.80 0.18
C GLU C 119 11.17 56.44 -1.03
N TYR C 120 11.62 57.68 -0.89
CA TYR C 120 12.28 58.43 -1.94
C TYR C 120 13.73 58.63 -1.52
N ASP C 121 14.63 57.79 -2.04
CA ASP C 121 16.04 57.86 -1.71
C ASP C 121 16.71 58.93 -2.57
N LEU C 122 17.47 59.80 -1.92
CA LEU C 122 18.13 60.89 -2.62
C LEU C 122 19.44 60.44 -3.27
N HIS C 129 15.40 52.89 0.77
CA HIS C 129 14.36 52.07 1.38
C HIS C 129 13.59 52.90 2.41
N ARG C 130 12.59 52.30 3.04
CA ARG C 130 11.70 53.03 3.92
C ARG C 130 12.38 53.38 5.25
N ASP C 131 13.17 52.47 5.80
CA ASP C 131 13.72 52.65 7.15
C ASP C 131 15.23 52.46 7.17
N ARG C 132 15.93 53.01 6.17
CA ARG C 132 17.39 52.98 6.17
C ARG C 132 17.99 53.95 7.16
N ALA C 133 17.44 55.15 7.29
CA ALA C 133 17.97 56.12 8.25
C ALA C 133 17.79 55.61 9.67
N LEU C 134 16.64 55.01 9.97
CA LEU C 134 16.43 54.42 11.28
C LEU C 134 17.36 53.24 11.51
N ALA C 135 17.63 52.45 10.46
CA ALA C 135 18.58 51.35 10.60
C ALA C 135 19.97 51.87 10.92
N GLN C 136 20.38 52.97 10.29
CA GLN C 136 21.67 53.57 10.59
C GLN C 136 21.70 54.10 12.03
N LEU C 137 20.61 54.72 12.47
CA LEU C 137 20.55 55.22 13.84
C LEU C 137 20.65 54.07 14.84
N LEU C 138 19.96 52.96 14.58
CA LEU C 138 20.02 51.82 15.47
C LEU C 138 21.38 51.14 15.44
N CYS C 139 22.04 51.12 14.28
CA CYS C 139 23.41 50.63 14.22
C CYS C 139 24.34 51.50 15.05
N ARG C 140 24.14 52.81 15.00
CA ARG C 140 24.93 53.71 15.84
C ARG C 140 24.68 53.45 17.32
N ILE C 141 23.42 53.23 17.70
CA ILE C 141 23.08 53.07 19.10
C ILE C 141 23.37 51.64 19.58
N THR C 142 22.70 50.66 18.98
CA THR C 142 22.83 49.28 19.46
C THR C 142 24.14 48.64 19.03
N GLY C 143 24.59 48.91 17.80
CA GLY C 143 25.76 48.26 17.26
C GLY C 143 25.50 47.10 16.34
N ALA C 144 24.24 46.90 15.91
CA ALA C 144 23.92 45.81 15.01
C ALA C 144 24.22 46.19 13.57
N GLU C 145 24.32 45.16 12.71
CA GLU C 145 24.62 45.39 11.31
C GLU C 145 23.46 46.07 10.60
N ASP C 146 22.24 45.56 10.80
CA ASP C 146 21.07 46.08 10.11
C ASP C 146 19.87 46.03 11.06
N ALA C 147 18.79 46.69 10.65
CA ALA C 147 17.58 46.79 11.46
C ALA C 147 16.35 46.78 10.59
N CYS C 148 15.24 46.34 11.17
CA CYS C 148 13.94 46.25 10.52
C CYS C 148 12.88 46.75 11.50
N ILE C 149 11.88 47.46 10.99
CA ILE C 149 10.85 48.05 11.81
C ILE C 149 9.49 47.57 11.31
N VAL C 150 8.68 47.05 12.23
CA VAL C 150 7.36 46.52 11.91
C VAL C 150 6.33 47.13 12.85
N ASN C 151 5.09 46.65 12.74
CA ASN C 151 3.97 47.27 13.44
C ASN C 151 4.18 47.28 14.94
N ASN C 152 4.48 46.13 15.53
CA ASN C 152 4.79 46.03 16.96
C ASN C 152 5.66 44.80 17.18
N ASN C 153 6.05 44.56 18.43
CA ASN C 153 6.95 43.46 18.72
C ASN C 153 6.30 42.10 18.51
N ALA C 154 4.98 42.02 18.62
CA ALA C 154 4.30 40.78 18.22
C ALA C 154 4.50 40.53 16.73
N ALA C 155 4.36 41.57 15.92
CA ALA C 155 4.66 41.46 14.49
C ALA C 155 6.14 41.19 14.26
N ALA C 156 7.02 41.74 15.10
CA ALA C 156 8.44 41.49 14.97
C ALA C 156 8.76 40.01 15.19
N VAL C 157 8.20 39.42 16.24
CA VAL C 157 8.42 38.00 16.51
C VAL C 157 7.82 37.15 15.41
N LEU C 158 6.61 37.50 14.96
CA LEU C 158 5.98 36.75 13.87
C LEU C 158 6.83 36.77 12.61
N LEU C 159 7.30 37.96 12.21
CA LEU C 159 8.12 38.07 11.00
C LEU C 159 9.45 37.35 11.18
N MET C 160 10.08 37.48 12.35
CA MET C 160 11.33 36.78 12.62
C MET C 160 11.17 35.27 12.45
N LEU C 161 10.13 34.71 13.06
CA LEU C 161 9.95 33.27 13.00
C LEU C 161 9.52 32.80 11.62
N ALA C 162 8.71 33.59 10.92
CA ALA C 162 8.25 33.20 9.60
C ALA C 162 9.33 33.34 8.54
N ALA C 163 10.29 34.24 8.75
CA ALA C 163 11.34 34.46 7.76
C ALA C 163 12.60 33.65 8.03
N THR C 164 12.89 33.31 9.28
CA THR C 164 14.10 32.58 9.59
C THR C 164 13.87 31.14 10.02
N ALA C 165 12.64 30.75 10.36
CA ALA C 165 12.41 29.40 10.88
C ALA C 165 11.13 28.79 10.34
N SER C 166 10.69 29.18 9.16
CA SER C 166 9.44 28.65 8.62
C SER C 166 9.61 27.18 8.26
N GLY C 167 8.71 26.35 8.77
CA GLY C 167 8.74 24.92 8.51
C GLY C 167 9.77 24.15 9.31
N LYS C 168 10.51 24.80 10.20
CA LYS C 168 11.57 24.18 10.96
C LYS C 168 11.31 24.34 12.46
N GLU C 169 12.14 23.69 13.26
CA GLU C 169 11.97 23.70 14.71
C GLU C 169 12.66 24.91 15.32
N VAL C 170 12.07 25.42 16.40
CA VAL C 170 12.66 26.47 17.21
C VAL C 170 12.76 25.95 18.63
N VAL C 171 13.95 26.02 19.21
CA VAL C 171 14.21 25.51 20.55
C VAL C 171 14.06 26.66 21.54
N VAL C 172 13.10 26.53 22.44
CA VAL C 172 12.82 27.56 23.45
C VAL C 172 12.74 26.87 24.81
N SER C 173 13.30 27.52 25.82
CA SER C 173 13.23 27.00 27.18
C SER C 173 11.77 26.90 27.62
N ARG C 174 11.48 25.87 28.40
CA ARG C 174 10.13 25.69 28.92
C ARG C 174 9.74 26.76 29.92
N GLY C 175 10.68 27.55 30.41
CA GLY C 175 10.43 28.64 31.31
C GLY C 175 10.44 30.02 30.67
N GLU C 176 10.41 30.09 29.33
CA GLU C 176 10.34 31.35 28.61
C GLU C 176 9.16 31.41 27.67
N LEU C 177 8.24 30.45 27.74
CA LEU C 177 7.02 30.46 26.93
C LEU C 177 6.06 31.46 27.55
N VAL C 178 6.23 32.71 27.16
CA VAL C 178 5.66 33.86 27.86
C VAL C 178 4.33 34.25 27.24
N GLU C 179 3.44 34.79 28.07
CA GLU C 179 2.21 35.42 27.61
C GLU C 179 2.23 36.88 28.04
N ILE C 180 2.01 37.78 27.08
CA ILE C 180 1.99 39.21 27.32
C ILE C 180 0.58 39.71 27.09
N GLY C 181 0.01 40.37 28.11
CA GLY C 181 -1.29 40.98 27.97
C GLY C 181 -2.44 39.99 27.93
N GLY C 182 -2.36 38.99 27.07
CA GLY C 182 -3.40 38.00 26.93
C GLY C 182 -3.64 37.58 25.50
N ALA C 183 -3.33 38.48 24.56
CA ALA C 183 -3.45 38.17 23.14
C ALA C 183 -2.15 37.65 22.54
N PHE C 184 -1.03 37.78 23.23
CA PHE C 184 0.26 37.33 22.75
C PHE C 184 0.72 36.15 23.59
N ARG C 185 0.91 35.00 22.94
CA ARG C 185 1.44 33.81 23.58
C ARG C 185 2.50 33.22 22.66
N ILE C 186 3.65 32.86 23.22
CA ILE C 186 4.75 32.34 22.39
C ILE C 186 4.34 31.08 21.63
N PRO C 187 3.73 30.07 22.24
CA PRO C 187 3.33 28.89 21.44
C PRO C 187 2.39 29.22 20.30
N ASP C 188 1.43 30.12 20.53
CA ASP C 188 0.49 30.49 19.47
C ASP C 188 1.17 31.28 18.37
N VAL C 189 2.13 32.14 18.74
CA VAL C 189 2.88 32.89 17.72
C VAL C 189 3.70 31.94 16.86
N MET C 190 4.33 30.93 17.48
CA MET C 190 5.04 29.94 16.68
C MET C 190 4.10 29.14 15.80
N ARG C 191 2.91 28.82 16.29
CA ARG C 191 1.95 28.11 15.44
C ARG C 191 1.55 28.96 14.24
N GLN C 192 1.32 30.26 14.45
CA GLN C 192 0.99 31.13 13.34
C GLN C 192 2.16 31.27 12.36
N ALA C 193 3.37 31.41 12.89
CA ALA C 193 4.54 31.68 12.05
C ALA C 193 5.04 30.47 11.30
N GLY C 194 4.37 29.33 11.39
CA GLY C 194 4.74 28.15 10.64
C GLY C 194 5.89 27.36 11.22
N CYS C 195 6.38 27.72 12.40
CA CYS C 195 7.48 27.01 13.04
C CYS C 195 6.95 25.86 13.89
N THR C 196 7.88 25.02 14.34
CA THR C 196 7.60 23.97 15.30
C THR C 196 8.29 24.34 16.61
N LEU C 197 7.51 24.51 17.67
CA LEU C 197 8.07 24.87 18.96
C LEU C 197 8.64 23.63 19.62
N HIS C 198 9.93 23.68 19.94
CA HIS C 198 10.60 22.63 20.67
C HIS C 198 10.88 23.13 22.08
N GLU C 199 10.24 22.53 23.07
CA GLU C 199 10.36 22.95 24.46
C GLU C 199 11.41 22.10 25.15
N VAL C 200 12.31 22.76 25.87
CA VAL C 200 13.44 22.10 26.52
C VAL C 200 13.49 22.52 27.97
N GLY C 201 14.09 21.67 28.80
CA GLY C 201 14.21 22.00 30.19
C GLY C 201 12.89 21.92 30.92
N THR C 202 12.83 22.66 32.02
CA THR C 202 11.64 22.74 32.85
C THR C 202 11.24 24.20 33.04
N THR C 203 10.16 24.41 33.79
CA THR C 203 9.66 25.77 34.00
C THR C 203 10.66 26.61 34.79
N ASN C 204 11.30 26.03 35.81
CA ASN C 204 12.20 26.80 36.66
C ASN C 204 13.66 26.59 36.33
N ARG C 205 14.05 25.39 35.88
CA ARG C 205 15.46 25.03 35.76
C ARG C 205 15.72 24.44 34.38
N THR C 206 16.38 25.21 33.52
CA THR C 206 16.78 24.76 32.19
C THR C 206 18.30 24.82 32.08
N HIS C 207 18.89 23.72 31.61
CA HIS C 207 20.33 23.61 31.47
C HIS C 207 20.73 23.65 30.00
N ALA C 208 22.01 23.94 29.77
CA ALA C 208 22.50 24.04 28.40
C ALA C 208 22.42 22.70 27.68
N ASN C 209 22.51 21.60 28.42
CA ASN C 209 22.36 20.30 27.79
C ASN C 209 20.94 20.09 27.27
N ASP C 210 19.95 20.73 27.89
CA ASP C 210 18.59 20.66 27.38
C ASP C 210 18.51 21.31 26.00
N TYR C 211 19.19 22.44 25.81
CA TYR C 211 19.29 23.03 24.48
C TYR C 211 20.06 22.13 23.53
N ARG C 212 21.15 21.53 24.01
CA ARG C 212 22.02 20.73 23.15
C ARG C 212 21.31 19.49 22.63
N GLN C 213 20.53 18.81 23.49
CA GLN C 213 19.91 17.56 23.08
C GLN C 213 18.79 17.77 22.06
N ALA C 214 18.26 18.99 21.95
CA ALA C 214 17.16 19.24 21.04
C ALA C 214 17.60 19.69 19.66
N VAL C 215 18.86 20.11 19.51
CA VAL C 215 19.34 20.60 18.22
C VAL C 215 19.55 19.42 17.29
N ASN C 216 18.90 19.46 16.13
CA ASN C 216 19.03 18.42 15.12
C ASN C 216 19.03 19.09 13.76
N GLU C 217 18.84 18.31 12.71
CA GLU C 217 18.89 18.85 11.35
C GLU C 217 17.67 19.70 11.01
N ASN C 218 16.57 19.58 11.74
CA ASN C 218 15.39 20.41 11.52
C ASN C 218 15.37 21.68 12.38
N THR C 219 16.34 21.84 13.27
CA THR C 219 16.37 23.03 14.12
C THR C 219 16.84 24.23 13.31
N ALA C 220 16.10 25.33 13.41
CA ALA C 220 16.44 26.56 12.70
C ALA C 220 16.97 27.65 13.62
N LEU C 221 16.52 27.71 14.87
CA LEU C 221 16.91 28.78 15.77
C LEU C 221 16.98 28.24 17.19
N LEU C 222 17.72 28.96 18.03
CA LEU C 222 17.63 28.87 19.48
C LEU C 222 17.08 30.21 19.93
N MET C 223 15.87 30.21 20.48
CA MET C 223 15.16 31.44 20.79
C MET C 223 15.14 31.66 22.29
N LYS C 224 15.63 32.82 22.72
CA LYS C 224 15.55 33.23 24.11
C LYS C 224 14.54 34.36 24.22
N VAL C 225 13.51 34.15 25.04
CA VAL C 225 12.47 35.14 25.24
C VAL C 225 12.67 35.76 26.62
N HIS C 226 12.75 37.09 26.66
CA HIS C 226 12.90 37.79 27.92
C HIS C 226 11.55 37.86 28.61
N THR C 227 11.47 37.27 29.80
CA THR C 227 10.24 37.28 30.60
C THR C 227 10.09 38.67 31.20
N SER C 228 9.53 39.58 30.41
CA SER C 228 9.44 40.97 30.83
C SER C 228 8.34 41.17 31.87
N ASN C 229 7.24 40.43 31.77
CA ASN C 229 6.10 40.63 32.68
C ASN C 229 6.11 39.66 33.86
N TYR C 230 7.13 38.83 34.01
CA TYR C 230 7.17 37.93 35.15
C TYR C 230 8.60 37.52 35.43
N SER C 231 8.82 37.04 36.65
CA SER C 231 10.09 36.48 37.07
C SER C 231 9.84 35.26 37.93
N ILE C 232 10.60 34.20 37.68
CA ILE C 232 10.49 32.98 38.46
C ILE C 232 11.52 33.03 39.59
N GLN C 233 11.05 32.92 40.82
CA GLN C 233 11.90 33.06 41.99
C GLN C 233 12.02 31.71 42.70
N GLY C 234 13.19 31.45 43.28
CA GLY C 234 13.41 30.23 44.00
C GLY C 234 14.50 29.37 43.41
N PHE C 235 14.27 28.06 43.34
CA PHE C 235 15.22 27.12 42.74
C PHE C 235 15.08 27.23 41.22
N THR C 236 15.92 28.06 40.61
CA THR C 236 15.83 28.35 39.19
C THR C 236 17.20 28.24 38.54
N LYS C 237 17.17 28.16 37.21
CA LYS C 237 18.39 28.11 36.41
C LYS C 237 18.02 28.46 34.98
N ALA C 238 18.66 29.50 34.44
CA ALA C 238 18.44 29.92 33.06
C ALA C 238 19.79 30.05 32.36
N ILE C 239 19.82 29.63 31.10
CA ILE C 239 21.03 29.77 30.29
C ILE C 239 21.07 31.18 29.71
N ASP C 240 22.17 31.88 29.95
CA ASP C 240 22.30 33.25 29.50
C ASP C 240 22.48 33.29 27.98
N GLU C 241 22.42 34.50 27.43
CA GLU C 241 22.50 34.66 25.98
C GLU C 241 23.89 34.37 25.46
N ALA C 242 24.94 34.71 26.21
CA ALA C 242 26.30 34.45 25.75
C ALA C 242 26.57 32.95 25.64
N GLU C 243 26.17 32.18 26.64
CA GLU C 243 26.37 30.74 26.61
C GLU C 243 25.59 30.10 25.47
N LEU C 244 24.36 30.56 25.25
CA LEU C 244 23.55 30.02 24.16
C LEU C 244 24.12 30.42 22.80
N VAL C 245 24.67 31.62 22.68
CA VAL C 245 25.33 32.02 21.44
C VAL C 245 26.53 31.15 21.16
N ALA C 246 27.32 30.85 22.19
CA ALA C 246 28.45 29.95 22.02
C ALA C 246 27.99 28.55 21.60
N LEU C 247 26.92 28.06 22.23
CA LEU C 247 26.39 26.75 21.87
C LEU C 247 25.90 26.71 20.42
N GLY C 248 25.20 27.77 20.00
CA GLY C 248 24.73 27.82 18.63
C GLY C 248 25.86 27.94 17.62
N LYS C 249 26.92 28.66 17.98
CA LYS C 249 28.11 28.71 17.12
C LYS C 249 28.74 27.34 17.00
N GLU C 250 28.81 26.60 18.12
CA GLU C 250 29.36 25.25 18.07
C GLU C 250 28.51 24.34 17.20
N LEU C 251 27.18 24.46 17.28
CA LEU C 251 26.27 23.60 16.55
C LEU C 251 25.78 24.21 15.23
N ASP C 252 26.29 25.39 14.86
CA ASP C 252 25.92 26.08 13.63
C ASP C 252 24.42 26.34 13.56
N VAL C 253 23.87 26.87 14.66
CA VAL C 253 22.46 27.23 14.76
C VAL C 253 22.37 28.67 15.26
N PRO C 254 21.68 29.56 14.55
CA PRO C 254 21.60 30.94 15.02
C PRO C 254 20.76 31.07 16.28
N VAL C 255 21.06 32.11 17.05
CA VAL C 255 20.40 32.40 18.31
C VAL C 255 19.69 33.73 18.17
N VAL C 256 18.38 33.75 18.44
CA VAL C 256 17.60 34.97 18.38
C VAL C 256 17.00 35.24 19.75
N THR C 257 16.58 36.48 19.96
CA THR C 257 16.08 36.93 21.26
C THR C 257 14.87 37.82 21.07
N ASP C 258 13.82 37.52 21.83
CA ASP C 258 12.63 38.36 21.92
C ASP C 258 12.76 39.19 23.19
N LEU C 259 13.54 40.27 23.10
CA LEU C 259 13.83 41.08 24.28
C LEU C 259 12.57 41.72 24.83
N GLY C 260 11.73 42.26 23.96
CA GLY C 260 10.48 42.87 24.37
C GLY C 260 10.61 44.28 24.87
N SER C 261 11.12 44.45 26.09
CA SER C 261 11.13 45.77 26.72
C SER C 261 11.97 46.76 25.93
N GLY C 262 13.17 46.34 25.52
CA GLY C 262 14.02 47.17 24.70
C GLY C 262 14.52 48.44 25.35
N SER C 263 14.98 48.34 26.59
CA SER C 263 15.61 49.48 27.25
C SER C 263 16.99 49.71 26.63
N LEU C 264 17.20 50.90 26.09
CA LEU C 264 18.44 51.21 25.40
C LEU C 264 19.51 51.79 26.32
N VAL C 265 19.19 52.06 27.58
CA VAL C 265 20.14 52.62 28.53
C VAL C 265 20.13 51.78 29.80
N ASP C 266 21.22 51.86 30.54
CA ASP C 266 21.35 51.14 31.80
C ASP C 266 20.46 51.80 32.85
N LEU C 267 19.35 51.14 33.18
CA LEU C 267 18.42 51.70 34.16
C LEU C 267 19.03 51.78 35.55
N SER C 268 20.02 50.93 35.85
CA SER C 268 20.65 50.98 37.17
C SER C 268 21.34 52.31 37.41
N GLN C 269 21.70 53.03 36.35
CA GLN C 269 22.29 54.35 36.49
C GLN C 269 21.31 55.33 37.12
N TYR C 270 20.01 55.11 36.91
CA TYR C 270 18.98 56.00 37.44
C TYR C 270 18.34 55.47 38.71
N GLY C 271 18.92 54.44 39.32
CA GLY C 271 18.35 53.86 40.53
C GLY C 271 17.22 52.89 40.31
N LEU C 272 16.92 52.56 39.06
CA LEU C 272 15.85 51.65 38.70
C LEU C 272 16.41 50.27 38.41
N PRO C 273 15.58 49.23 38.51
CA PRO C 273 16.08 47.86 38.25
C PRO C 273 16.62 47.72 36.84
N LYS C 274 17.72 47.00 36.72
CA LYS C 274 18.38 46.81 35.43
C LYS C 274 17.61 45.82 34.57
N GLU C 275 17.47 46.14 33.29
CA GLU C 275 16.87 45.28 32.29
C GLU C 275 17.89 45.02 31.17
N PRO C 276 17.83 43.85 30.55
CA PRO C 276 18.78 43.57 29.46
C PRO C 276 18.61 44.55 28.32
N MET C 277 19.73 44.93 27.72
CA MET C 277 19.72 45.93 26.67
C MET C 277 20.07 45.30 25.32
N PRO C 278 19.57 45.86 24.22
CA PRO C 278 19.92 45.30 22.90
C PRO C 278 21.41 45.39 22.60
N GLN C 279 22.11 46.37 23.17
CA GLN C 279 23.55 46.48 22.96
C GLN C 279 24.28 45.26 23.50
N GLU C 280 23.91 44.83 24.71
CA GLU C 280 24.55 43.67 25.32
C GLU C 280 24.30 42.41 24.50
N LEU C 281 23.07 42.22 24.04
CA LEU C 281 22.75 41.03 23.25
C LEU C 281 23.45 41.05 21.90
N ILE C 282 23.51 42.23 21.27
CA ILE C 282 24.19 42.34 19.98
C ILE C 282 25.68 42.07 20.13
N ALA C 283 26.29 42.62 21.19
CA ALA C 283 27.70 42.35 21.44
C ALA C 283 27.96 40.89 21.76
N ALA C 284 27.05 40.24 22.49
CA ALA C 284 27.22 38.85 22.87
C ALA C 284 27.11 37.88 21.71
N GLY C 285 26.66 38.34 20.54
CA GLY C 285 26.59 37.50 19.36
C GLY C 285 25.22 36.96 19.03
N VAL C 286 24.15 37.68 19.36
CA VAL C 286 22.80 37.24 19.04
C VAL C 286 22.47 37.68 17.61
N SER C 287 21.99 36.73 16.80
CA SER C 287 21.74 37.01 15.39
C SER C 287 20.66 38.07 15.21
N LEU C 288 19.57 37.97 15.96
CA LEU C 288 18.46 38.90 15.85
C LEU C 288 17.92 39.19 17.23
N VAL C 289 17.62 40.46 17.51
CA VAL C 289 17.05 40.90 18.77
C VAL C 289 15.85 41.77 18.45
N SER C 290 14.67 41.40 18.95
CA SER C 290 13.45 42.14 18.67
C SER C 290 12.91 42.75 19.95
N PHE C 291 12.56 44.03 19.89
CA PHE C 291 12.05 44.72 21.06
C PHE C 291 11.01 45.76 20.66
N SER C 292 10.20 46.15 21.64
CA SER C 292 9.15 47.13 21.44
C SER C 292 9.70 48.55 21.49
N GLY C 293 8.97 49.47 20.89
CA GLY C 293 9.37 50.87 20.89
C GLY C 293 8.60 51.72 21.87
N ASP C 294 7.50 51.21 22.39
CA ASP C 294 6.67 51.98 23.31
C ASP C 294 6.75 51.48 24.73
N1 LLP C 295 7.18 39.84 23.32
C2 LLP C 295 7.71 40.24 24.47
C2' LLP C 295 8.86 39.43 25.15
C3 LLP C 295 7.25 41.43 25.09
O3 LLP C 295 7.82 41.83 26.30
C4 LLP C 295 6.24 42.17 24.52
C4' LLP C 295 5.75 43.50 25.28
C5 LLP C 295 5.69 41.77 23.33
C6 LLP C 295 6.15 40.60 22.72
C5' LLP C 295 4.54 42.58 22.65
OP4 LLP C 295 4.93 43.91 22.39
P LLP C 295 3.89 44.95 21.91
OP1 LLP C 295 4.55 45.82 20.84
OP2 LLP C 295 3.45 45.82 23.03
OP3 LLP C 295 2.72 44.24 21.33
N LLP C 295 7.71 50.59 24.99
CA LLP C 295 7.89 50.03 26.34
CB LLP C 295 8.41 48.63 26.28
CG LLP C 295 7.41 47.68 26.92
CD LLP C 295 6.79 46.79 25.83
CE LLP C 295 6.50 45.41 26.42
NZ LLP C 295 6.85 44.39 25.43
C LLP C 295 8.82 50.91 27.10
O LLP C 295 8.49 52.05 27.40
N LEU C 296 9.99 50.38 27.43
CA LEU C 296 10.97 51.13 28.19
C LEU C 296 11.78 52.06 27.30
N LEU C 297 11.61 51.91 25.99
CA LEU C 297 12.29 52.79 25.04
C LEU C 297 11.69 54.19 25.05
N GLY C 298 10.39 54.30 25.31
CA GLY C 298 9.76 55.60 25.43
C GLY C 298 9.29 56.22 24.13
N GLY C 299 9.10 55.42 23.08
CA GLY C 299 8.72 55.96 21.79
C GLY C 299 7.36 55.47 21.33
N PRO C 300 7.22 55.30 20.02
CA PRO C 300 5.95 54.85 19.45
C PRO C 300 5.82 53.32 19.47
N GLN C 301 4.60 52.85 19.21
CA GLN C 301 4.39 51.42 19.06
C GLN C 301 5.10 50.95 17.80
N ALA C 302 6.18 50.20 17.99
CA ALA C 302 6.95 49.69 16.86
C ALA C 302 7.64 48.42 17.28
N GLY C 303 7.92 47.57 16.30
CA GLY C 303 8.69 46.37 16.56
C GLY C 303 10.04 46.46 15.88
N ILE C 304 11.11 46.60 16.65
CA ILE C 304 12.44 46.85 16.13
C ILE C 304 13.27 45.58 16.24
N ILE C 305 13.72 45.07 15.10
CA ILE C 305 14.54 43.87 15.03
C ILE C 305 15.90 44.29 14.52
N VAL C 306 16.93 44.08 15.34
CA VAL C 306 18.29 44.48 14.98
C VAL C 306 19.17 43.23 14.96
N GLY C 307 20.12 43.21 14.04
CA GLY C 307 21.04 42.09 14.04
C GLY C 307 21.77 41.95 12.71
N LYS C 308 22.05 40.70 12.37
CA LYS C 308 22.89 40.40 11.21
C LYS C 308 22.26 40.90 9.93
N LYS C 309 23.11 41.37 9.02
CA LYS C 309 22.63 41.93 7.76
C LYS C 309 21.90 40.89 6.93
N GLU C 310 22.41 39.65 6.90
CA GLU C 310 21.75 38.60 6.12
C GLU C 310 20.39 38.24 6.70
N MET C 311 20.29 38.14 8.03
CA MET C 311 19.01 37.84 8.66
C MET C 311 18.00 38.96 8.42
N ILE C 312 18.44 40.21 8.57
CA ILE C 312 17.55 41.34 8.31
C ILE C 312 17.13 41.36 6.85
N ALA C 313 18.04 41.04 5.94
CA ALA C 313 17.69 40.97 4.52
C ALA C 313 16.65 39.90 4.26
N ARG C 314 16.76 38.77 4.95
CA ARG C 314 15.72 37.75 4.87
C ARG C 314 14.39 38.28 5.38
N LEU C 315 14.42 39.06 6.45
CA LEU C 315 13.20 39.59 7.05
C LEU C 315 12.51 40.57 6.11
N GLN C 316 13.27 41.53 5.57
CA GLN C 316 12.68 42.57 4.72
C GLN C 316 12.16 42.00 3.40
N SER C 317 12.68 40.85 2.97
CA SER C 317 12.26 40.24 1.73
C SER C 317 11.05 39.34 1.89
N HIS C 318 10.60 39.09 3.12
CA HIS C 318 9.46 38.22 3.34
C HIS C 318 8.17 38.87 2.85
N PRO C 319 7.24 38.08 2.33
CA PRO C 319 5.94 38.65 1.93
C PRO C 319 5.18 39.27 3.07
N LEU C 320 5.39 38.80 4.31
CA LEU C 320 4.69 39.38 5.45
C LEU C 320 5.08 40.82 5.72
N LYS C 321 6.27 41.25 5.29
CA LYS C 321 6.78 42.56 5.65
C LYS C 321 5.85 43.67 5.18
N ARG C 322 5.32 43.56 3.96
CA ARG C 322 4.35 44.54 3.49
C ARG C 322 3.17 44.66 4.43
N ALA C 323 2.66 43.55 4.95
CA ALA C 323 1.57 43.62 5.90
C ALA C 323 2.00 44.28 7.20
N LEU C 324 3.26 44.07 7.60
CA LEU C 324 3.77 44.54 8.88
C LEU C 324 4.53 45.85 8.77
N ARG C 325 4.51 46.49 7.62
CA ARG C 325 5.26 47.72 7.39
C ARG C 325 4.87 48.78 8.41
N ALA C 326 5.76 49.76 8.60
CA ALA C 326 5.58 50.80 9.60
C ALA C 326 5.18 52.13 8.96
N ASP C 327 4.26 52.83 9.61
CA ASP C 327 3.72 54.08 9.11
C ASP C 327 4.76 55.20 9.18
N LYS C 328 4.52 56.26 8.41
CA LYS C 328 5.44 57.40 8.43
C LYS C 328 5.39 58.14 9.75
N MET C 329 4.23 58.21 10.41
CA MET C 329 4.18 58.77 11.75
C MET C 329 4.98 57.91 12.72
N THR C 330 4.86 56.59 12.61
CA THR C 330 5.64 55.70 13.47
C THR C 330 7.13 55.88 13.25
N LEU C 331 7.56 55.96 11.99
CA LEU C 331 8.98 56.14 11.71
C LEU C 331 9.47 57.50 12.19
N ALA C 332 8.68 58.55 12.02
CA ALA C 332 9.08 59.87 12.47
C ALA C 332 9.23 59.90 13.99
N ALA C 333 8.26 59.34 14.70
CA ALA C 333 8.34 59.29 16.16
C ALA C 333 9.52 58.45 16.60
N LEU C 334 9.78 57.33 15.94
CA LEU C 334 10.87 56.46 16.35
C LEU C 334 12.22 57.12 16.13
N GLU C 335 12.41 57.79 14.98
CA GLU C 335 13.68 58.49 14.76
C GLU C 335 13.86 59.63 15.74
N ALA C 336 12.81 60.39 16.02
CA ALA C 336 12.94 61.50 16.97
C ALA C 336 13.24 60.98 18.37
N THR C 337 12.63 59.85 18.76
CA THR C 337 12.93 59.27 20.06
C THR C 337 14.36 58.74 20.12
N LEU C 338 14.81 58.05 19.08
CA LEU C 338 16.17 57.52 19.06
C LEU C 338 17.22 58.62 19.01
N ARG C 339 16.88 59.79 18.45
CA ARG C 339 17.80 60.91 18.46
C ARG C 339 18.08 61.39 19.87
N LEU C 340 17.13 61.20 20.79
CA LEU C 340 17.34 61.58 22.19
C LEU C 340 18.44 60.75 22.83
N TYR C 341 18.54 59.46 22.46
CA TYR C 341 19.54 58.58 23.03
C TYR C 341 20.95 58.90 22.56
N LEU C 342 21.09 59.75 21.54
CA LEU C 342 22.41 60.20 21.12
C LEU C 342 23.00 61.26 22.05
N HIS C 343 22.19 61.86 22.91
CA HIS C 343 22.65 62.83 23.91
C HIS C 343 22.11 62.39 25.26
N PRO C 344 22.72 61.38 25.87
CA PRO C 344 22.16 60.81 27.11
C PRO C 344 22.10 61.79 28.27
N GLU C 345 22.89 62.86 28.26
CA GLU C 345 22.93 63.77 29.39
C GLU C 345 21.57 64.38 29.66
N ALA C 346 20.85 64.77 28.61
CA ALA C 346 19.51 65.32 28.74
C ALA C 346 18.43 64.26 28.63
N LEU C 347 18.81 62.98 28.53
CA LEU C 347 17.83 61.93 28.29
C LEU C 347 16.83 61.82 29.44
N SER C 348 17.29 61.99 30.67
CA SER C 348 16.39 61.94 31.82
C SER C 348 15.42 63.12 31.84
N GLU C 349 15.64 64.15 31.03
CA GLU C 349 14.77 65.31 30.98
C GLU C 349 13.85 65.31 29.76
N LYS C 350 14.39 65.04 28.57
CA LYS C 350 13.60 65.09 27.35
C LYS C 350 12.76 63.85 27.12
N LEU C 351 12.99 62.77 27.85
CA LEU C 351 12.22 61.55 27.68
C LEU C 351 11.15 61.49 28.76
N PRO C 352 9.86 61.62 28.43
CA PRO C 352 8.83 61.62 29.48
C PRO C 352 8.79 60.33 30.29
N THR C 353 9.06 59.19 29.66
CA THR C 353 9.07 57.93 30.39
C THR C 353 10.15 57.94 31.46
N LEU C 354 11.37 58.31 31.08
CA LEU C 354 12.46 58.37 32.04
C LEU C 354 12.23 59.47 33.07
N ARG C 355 11.69 60.61 32.64
CA ARG C 355 11.42 61.70 33.58
C ARG C 355 10.42 61.29 34.64
N LEU C 356 9.36 60.57 34.25
CA LEU C 356 8.39 60.09 35.23
C LEU C 356 8.97 58.96 36.08
N LEU C 357 9.82 58.13 35.49
CA LEU C 357 10.38 57.01 36.24
C LEU C 357 11.40 57.48 37.28
N THR C 358 12.25 58.43 36.90
CA THR C 358 13.29 58.92 37.81
C THR C 358 12.86 60.13 38.62
N ARG C 359 11.57 60.44 38.66
CA ARG C 359 11.09 61.52 39.50
C ARG C 359 11.34 61.19 40.97
N SER C 360 11.91 62.14 41.70
CA SER C 360 12.25 61.91 43.10
C SER C 360 10.99 61.88 43.96
N ALA C 361 11.04 61.08 45.03
CA ALA C 361 9.89 60.94 45.91
C ALA C 361 9.65 62.19 46.75
N GLU C 362 10.69 62.97 47.04
CA GLU C 362 10.51 64.18 47.82
C GLU C 362 9.66 65.21 47.08
N VAL C 363 9.89 65.37 45.78
CA VAL C 363 9.11 66.32 44.99
C VAL C 363 7.65 65.87 44.90
N ILE C 364 7.42 64.57 44.74
CA ILE C 364 6.06 64.04 44.73
C ILE C 364 5.38 64.29 46.07
N GLN C 365 6.10 64.09 47.17
CA GLN C 365 5.54 64.35 48.49
C GLN C 365 5.18 65.83 48.65
N ILE C 366 6.06 66.72 48.20
CA ILE C 366 5.80 68.15 48.30
C ILE C 366 4.56 68.52 47.49
N GLN C 367 4.47 68.01 46.25
CA GLN C 367 3.32 68.34 45.41
C GLN C 367 2.03 67.78 45.98
N ALA C 368 2.09 66.58 46.56
CA ALA C 368 0.91 66.00 47.21
C ALA C 368 0.47 66.84 48.40
N GLN C 369 1.43 67.27 49.22
CA GLN C 369 1.09 68.12 50.35
C GLN C 369 0.48 69.44 49.90
N ARG C 370 1.03 70.02 48.83
CA ARG C 370 0.50 71.27 48.29
C ARG C 370 -0.92 71.10 47.77
N LEU C 371 -1.19 70.01 47.05
CA LEU C 371 -2.53 69.75 46.54
C LEU C 371 -3.50 69.31 47.62
N GLN C 372 -2.99 68.86 48.77
CA GLN C 372 -3.87 68.44 49.86
C GLN C 372 -4.69 69.59 50.42
N ALA C 373 -4.11 70.79 50.48
CA ALA C 373 -4.78 71.91 51.14
C ALA C 373 -6.12 72.27 50.53
N PRO C 374 -6.26 72.48 49.20
CA PRO C 374 -7.59 72.85 48.69
C PRO C 374 -8.59 71.71 48.75
N LEU C 375 -8.16 70.49 48.44
CA LEU C 375 -9.08 69.36 48.48
C LEU C 375 -9.58 69.11 49.90
N ALA C 376 -8.69 69.18 50.89
CA ALA C 376 -9.11 69.02 52.28
C ALA C 376 -9.96 70.19 52.74
N ALA C 377 -9.67 71.40 52.25
CA ALA C 377 -10.46 72.57 52.65
C ALA C 377 -11.89 72.49 52.12
N HIS C 378 -12.06 72.02 50.88
CA HIS C 378 -13.39 72.03 50.27
C HIS C 378 -14.11 70.69 50.47
N TYR C 379 -13.55 69.60 49.94
CA TYR C 379 -14.18 68.29 49.99
C TYR C 379 -13.64 67.42 51.11
N GLY C 380 -12.85 67.98 52.03
CA GLY C 380 -12.30 67.20 53.12
C GLY C 380 -13.33 66.75 54.14
N ALA C 381 -14.49 67.41 54.18
CA ALA C 381 -15.54 67.02 55.12
C ALA C 381 -16.13 65.66 54.79
N GLU C 382 -16.01 65.20 53.54
CA GLU C 382 -16.56 63.91 53.13
C GLU C 382 -15.50 62.85 52.89
N PHE C 383 -14.26 63.23 52.61
CA PHE C 383 -13.18 62.27 52.38
C PHE C 383 -11.94 62.70 53.15
N ALA C 384 -11.19 61.72 53.66
CA ALA C 384 -9.99 61.97 54.45
C ALA C 384 -8.83 62.20 53.48
N VAL C 385 -8.62 63.47 53.13
CA VAL C 385 -7.57 63.86 52.18
C VAL C 385 -6.25 63.88 52.94
N GLN C 386 -5.44 62.84 52.73
CA GLN C 386 -4.18 62.70 53.44
C GLN C 386 -3.09 62.27 52.47
N VAL C 387 -1.85 62.66 52.78
CA VAL C 387 -0.69 62.31 51.97
C VAL C 387 0.07 61.23 52.74
N MET C 388 0.22 60.04 52.15
CA MET C 388 0.98 58.98 52.78
C MET C 388 1.81 58.24 51.75
N PRO C 389 2.88 57.52 52.16
CA PRO C 389 3.65 56.74 51.18
C PRO C 389 2.85 55.67 50.44
N CYS C 390 3.27 55.44 49.19
CA CYS C 390 2.73 54.41 48.32
C CYS C 390 3.85 53.94 47.40
N LEU C 391 3.60 52.83 46.72
CA LEU C 391 4.57 52.27 45.79
C LEU C 391 3.98 52.18 44.39
N SER C 392 4.81 52.51 43.40
CA SER C 392 4.39 52.67 42.02
C SER C 392 5.11 51.66 41.13
N GLN C 393 4.38 51.15 40.15
CA GLN C 393 4.90 50.21 39.17
C GLN C 393 5.58 50.95 38.03
N ILE C 394 6.60 50.33 37.45
CA ILE C 394 7.20 50.88 36.24
C ILE C 394 6.23 50.75 35.07
N GLY C 395 5.59 49.60 34.94
CA GLY C 395 4.61 49.37 33.88
C GLY C 395 5.06 48.23 32.97
N SER C 396 4.75 48.38 31.67
CA SER C 396 5.12 47.37 30.69
C SER C 396 6.63 47.31 30.52
N GLY C 397 7.13 46.10 30.27
CA GLY C 397 8.55 45.86 30.08
C GLY C 397 9.32 45.54 31.33
N SER C 398 8.75 45.82 32.51
CA SER C 398 9.38 45.52 33.79
C SER C 398 8.50 44.57 34.58
N LEU C 399 9.08 43.99 35.62
CA LEU C 399 8.34 43.09 36.49
C LEU C 399 7.20 43.84 37.18
N PRO C 400 5.96 43.38 37.09
CA PRO C 400 4.86 44.08 37.74
C PRO C 400 4.92 43.99 39.26
N VAL C 401 5.86 44.72 39.86
CA VAL C 401 5.95 44.84 41.30
C VAL C 401 5.92 46.32 41.67
N ASP C 402 5.55 46.62 42.90
CA ASP C 402 5.42 48.00 43.39
C ASP C 402 6.78 48.41 43.97
N ARG C 403 7.62 49.02 43.15
CA ARG C 403 9.01 49.25 43.53
C ARG C 403 9.40 50.71 43.66
N LEU C 404 8.65 51.65 43.09
CA LEU C 404 9.08 53.04 43.11
C LEU C 404 8.39 53.79 44.24
N PRO C 405 9.12 54.30 45.22
CA PRO C 405 8.48 55.07 46.30
C PRO C 405 7.80 56.32 45.76
N SER C 406 6.67 56.66 46.34
CA SER C 406 5.93 57.84 45.92
C SER C 406 4.98 58.24 47.04
N ALA C 407 4.28 59.35 46.85
CA ALA C 407 3.28 59.81 47.80
C ALA C 407 1.91 59.78 47.13
N ALA C 408 0.89 59.42 47.90
CA ALA C 408 -0.43 59.19 47.33
C ALA C 408 -1.47 60.08 47.99
N LEU C 409 -2.51 60.39 47.24
CA LEU C 409 -3.66 61.15 47.73
C LEU C 409 -4.85 60.20 47.84
N THR C 410 -5.44 60.14 49.04
CA THR C 410 -6.47 59.15 49.33
C THR C 410 -7.80 59.83 49.65
N PHE C 411 -8.87 59.18 49.24
CA PHE C 411 -10.24 59.61 49.53
C PHE C 411 -10.92 58.50 50.34
N THR C 412 -10.96 58.69 51.66
CA THR C 412 -11.49 57.68 52.57
C THR C 412 -12.94 58.01 52.92
N PRO C 413 -13.88 57.11 52.67
CA PRO C 413 -15.27 57.37 53.10
C PRO C 413 -15.41 57.36 54.61
N HIS C 414 -16.34 58.16 55.11
CA HIS C 414 -16.54 58.28 56.55
C HIS C 414 -17.24 57.05 57.12
N ASP C 415 -18.25 56.55 56.42
CA ASP C 415 -19.01 55.40 56.90
C ASP C 415 -18.36 54.06 56.56
N GLY C 416 -17.25 54.07 55.83
CA GLY C 416 -16.58 52.83 55.51
C GLY C 416 -17.29 51.97 54.48
N ARG C 417 -18.09 52.57 53.61
CA ARG C 417 -18.82 51.85 52.59
C ARG C 417 -18.17 52.07 51.23
N GLY C 418 -18.11 51.00 50.43
CA GLY C 418 -17.56 51.11 49.08
C GLY C 418 -18.46 51.78 48.08
N SER C 419 -19.72 52.05 48.44
CA SER C 419 -20.62 52.75 47.54
C SER C 419 -20.11 54.16 47.24
N HIS C 420 -19.60 54.85 48.26
CA HIS C 420 -19.04 56.19 48.04
C HIS C 420 -17.85 56.13 47.10
N LEU C 421 -16.97 55.14 47.28
CA LEU C 421 -15.81 55.00 46.41
C LEU C 421 -16.22 54.71 44.97
N GLU C 422 -17.20 53.81 44.79
CA GLU C 422 -17.66 53.49 43.44
C GLU C 422 -18.32 54.70 42.78
N SER C 423 -19.11 55.46 43.55
CA SER C 423 -19.73 56.66 43.01
C SER C 423 -18.69 57.70 42.61
N LEU C 424 -17.65 57.87 43.44
CA LEU C 424 -16.59 58.81 43.11
C LEU C 424 -15.84 58.38 41.87
N ALA C 425 -15.56 57.08 41.74
CA ALA C 425 -14.90 56.57 40.54
C ALA C 425 -15.75 56.80 39.30
N ALA C 426 -17.06 56.56 39.40
CA ALA C 426 -17.95 56.81 38.28
C ALA C 426 -18.00 58.29 37.92
N ARG C 427 -17.99 59.16 38.94
CA ARG C 427 -17.99 60.60 38.70
C ARG C 427 -16.72 61.02 37.97
N TRP C 428 -15.57 60.47 38.36
CA TRP C 428 -14.32 60.87 37.74
C TRP C 428 -14.19 60.30 36.32
N ARG C 429 -14.67 59.07 36.12
CA ARG C 429 -14.57 58.46 34.79
C ARG C 429 -15.48 59.13 33.77
N GLU C 430 -16.44 59.93 34.22
CA GLU C 430 -17.34 60.65 33.31
C GLU C 430 -16.86 62.05 32.98
N LEU C 431 -15.77 62.51 33.59
CA LEU C 431 -15.28 63.86 33.34
C LEU C 431 -14.70 63.98 31.94
N PRO C 432 -14.68 65.18 31.36
CA PRO C 432 -14.07 65.34 30.03
C PRO C 432 -12.62 64.89 29.98
N VAL C 433 -11.86 65.10 31.06
CA VAL C 433 -10.52 64.55 31.19
C VAL C 433 -10.54 63.61 32.38
N PRO C 434 -10.84 62.32 32.16
CA PRO C 434 -11.05 61.41 33.29
C PRO C 434 -9.79 61.25 34.14
N VAL C 435 -10.02 60.99 35.43
CA VAL C 435 -8.96 60.70 36.38
C VAL C 435 -9.18 59.28 36.88
N ILE C 436 -8.16 58.44 36.77
CA ILE C 436 -8.26 57.02 37.10
C ILE C 436 -7.39 56.78 38.33
N GLY C 437 -8.00 56.24 39.38
CA GLY C 437 -7.29 55.86 40.58
C GLY C 437 -7.43 54.38 40.86
N ARG C 438 -6.99 53.92 42.03
CA ARG C 438 -7.06 52.51 42.37
C ARG C 438 -7.77 52.34 43.71
N ILE C 439 -8.63 51.32 43.79
CA ILE C 439 -9.28 50.96 45.04
C ILE C 439 -8.33 50.02 45.77
N TYR C 440 -7.47 50.59 46.62
CA TYR C 440 -6.41 49.86 47.30
C TYR C 440 -6.57 50.04 48.80
N ASP C 441 -6.48 48.93 49.54
CA ASP C 441 -6.55 48.94 50.99
C ASP C 441 -7.84 49.62 51.49
N GLY C 442 -8.93 49.40 50.76
CA GLY C 442 -10.20 49.97 51.16
C GLY C 442 -10.35 51.45 50.94
N ARG C 443 -9.39 52.08 50.25
CA ARG C 443 -9.43 53.51 50.01
C ARG C 443 -9.17 53.78 48.53
N LEU C 444 -9.62 54.95 48.07
CA LEU C 444 -9.37 55.38 46.70
C LEU C 444 -8.06 56.15 46.67
N TRP C 445 -7.06 55.59 46.00
CA TRP C 445 -5.70 56.13 45.94
C TRP C 445 -5.43 56.73 44.57
N LEU C 446 -4.82 57.91 44.55
CA LEU C 446 -4.31 58.57 43.35
C LEU C 446 -2.81 58.74 43.57
N ASP C 447 -2.03 58.05 42.75
CA ASP C 447 -0.58 58.18 42.80
C ASP C 447 -0.16 59.40 42.00
N LEU C 448 0.59 60.30 42.64
CA LEU C 448 0.95 61.56 42.04
C LEU C 448 2.29 61.52 41.31
N ARG C 449 2.80 60.32 41.03
CA ARG C 449 4.06 60.19 40.31
C ARG C 449 3.94 60.68 38.87
N CYS C 450 2.83 60.34 38.21
CA CYS C 450 2.64 60.63 36.79
C CYS C 450 1.89 61.93 36.54
N LEU C 451 1.57 62.69 37.59
CA LEU C 451 0.84 63.95 37.45
C LEU C 451 1.87 65.04 37.15
N GLU C 452 1.86 65.58 35.94
CA GLU C 452 2.84 66.57 35.52
C GLU C 452 2.31 68.00 35.58
N ASP C 453 1.00 68.19 35.43
CA ASP C 453 0.39 69.52 35.43
C ASP C 453 -0.64 69.57 36.56
N GLU C 454 -0.24 70.15 37.70
CA GLU C 454 -1.12 70.18 38.86
C GLU C 454 -2.25 71.18 38.72
N GLN C 455 -2.05 72.23 37.94
CA GLN C 455 -3.10 73.24 37.75
C GLN C 455 -4.33 72.62 37.09
N ARG C 456 -4.13 71.85 36.03
CA ARG C 456 -5.25 71.19 35.37
C ARG C 456 -5.91 70.18 36.29
N PHE C 457 -5.12 69.46 37.08
CA PHE C 457 -5.67 68.49 38.03
C PHE C 457 -6.58 69.17 39.03
N LEU C 458 -6.11 70.28 39.62
CA LEU C 458 -6.94 71.01 40.58
C LEU C 458 -8.20 71.56 39.91
N GLU C 459 -8.05 72.14 38.72
CA GLU C 459 -9.20 72.74 38.04
C GLU C 459 -10.25 71.70 37.71
N MET C 460 -9.82 70.51 37.30
CA MET C 460 -10.78 69.47 36.93
C MET C 460 -11.40 68.81 38.15
N LEU C 461 -10.62 68.59 39.21
CA LEU C 461 -11.15 67.89 40.38
C LEU C 461 -12.05 68.79 41.22
N LEU C 462 -11.64 70.04 41.45
CA LEU C 462 -12.40 70.91 42.34
C LEU C 462 -13.79 71.21 41.76
N LYS C 463 -13.86 71.48 40.46
CA LYS C 463 -15.13 71.78 39.81
C LYS C 463 -15.35 70.87 38.61
N GLN D 77 18.96 66.67 6.73
CA GLN D 77 19.08 67.08 8.13
C GLN D 77 18.40 66.07 9.04
N SER D 78 17.56 65.22 8.45
CA SER D 78 16.89 64.15 9.17
C SER D 78 16.53 63.05 8.19
N ALA D 79 15.71 62.10 8.66
CA ALA D 79 15.23 61.03 7.80
C ALA D 79 14.05 61.49 6.96
N LEU D 80 12.94 61.83 7.61
CA LEU D 80 11.74 62.24 6.91
C LEU D 80 11.78 63.76 6.72
N ARG D 81 12.72 64.18 5.89
CA ARG D 81 12.86 65.60 5.58
C ARG D 81 11.60 66.08 4.86
N PRO D 82 10.99 67.18 5.30
CA PRO D 82 9.84 67.72 4.56
C PRO D 82 10.26 68.09 3.15
N VAL D 83 9.38 67.79 2.19
CA VAL D 83 9.63 68.09 0.79
C VAL D 83 8.41 68.81 0.23
N ILE D 84 8.63 69.56 -0.83
CA ILE D 84 7.58 70.31 -1.51
C ILE D 84 7.26 69.53 -2.78
N ASN D 85 6.19 68.74 -2.73
CA ASN D 85 5.87 67.81 -3.80
C ASN D 85 5.28 68.55 -5.00
N LEU D 86 6.16 69.00 -5.90
CA LEU D 86 5.76 69.71 -7.11
C LEU D 86 5.77 68.82 -8.34
N THR D 87 5.86 67.50 -8.17
CA THR D 87 5.84 66.58 -9.30
C THR D 87 4.46 66.50 -9.95
N GLY D 88 3.42 67.05 -9.33
CA GLY D 88 2.08 66.98 -9.85
C GLY D 88 1.25 65.85 -9.29
N THR D 89 1.88 64.83 -8.71
CA THR D 89 1.16 63.72 -8.09
C THR D 89 0.78 64.16 -6.68
N VAL D 90 -0.52 64.41 -6.46
CA VAL D 90 -0.98 64.88 -5.16
C VAL D 90 -0.81 63.80 -4.12
N LEU D 91 -1.28 62.58 -4.42
CA LEU D 91 -1.22 61.47 -3.48
C LEU D 91 -0.03 60.58 -3.82
N HIS D 92 1.17 61.14 -3.65
CA HIS D 92 2.38 60.43 -4.01
C HIS D 92 2.65 59.32 -3.02
N THR D 93 2.74 58.08 -3.52
CA THR D 93 2.91 56.93 -2.64
C THR D 93 4.26 56.95 -1.93
N ASN D 94 5.30 57.45 -2.60
CA ASN D 94 6.64 57.45 -2.04
C ASN D 94 6.89 58.63 -1.11
N LEU D 95 5.91 59.53 -0.95
CA LEU D 95 6.04 60.70 -0.10
C LEU D 95 5.05 60.68 1.05
N GLY D 96 4.51 59.51 1.40
CA GLY D 96 3.58 59.39 2.49
C GLY D 96 2.11 59.39 2.12
N ARG D 97 1.78 59.34 0.83
CA ARG D 97 0.40 59.34 0.33
C ARG D 97 -0.28 60.61 0.85
N ALA D 98 -1.34 60.52 1.64
CA ALA D 98 -2.19 61.67 1.93
C ALA D 98 -1.64 62.49 3.09
N LEU D 99 -1.58 63.81 2.89
CA LEU D 99 -1.37 64.73 4.00
C LEU D 99 -2.59 64.75 4.90
N GLN D 100 -2.37 65.07 6.16
CA GLN D 100 -3.41 64.93 7.18
C GLN D 100 -3.83 66.28 7.73
N ALA D 101 -5.10 66.34 8.12
CA ALA D 101 -5.73 67.60 8.52
C ALA D 101 -5.16 68.11 9.83
N GLU D 102 -5.39 69.41 10.07
CA GLU D 102 -4.97 70.01 11.34
C GLU D 102 -5.71 69.40 12.52
N ALA D 103 -6.97 68.99 12.31
CA ALA D 103 -7.69 68.29 13.38
C ALA D 103 -7.02 66.96 13.69
N ALA D 104 -6.61 66.22 12.65
CA ALA D 104 -5.90 64.96 12.87
C ALA D 104 -4.56 65.21 13.57
N VAL D 105 -3.85 66.27 13.17
CA VAL D 105 -2.57 66.58 13.80
C VAL D 105 -2.76 66.91 15.28
N GLU D 106 -3.79 67.70 15.59
CA GLU D 106 -4.04 68.06 16.98
C GLU D 106 -4.44 66.84 17.81
N ALA D 107 -5.30 65.98 17.25
CA ALA D 107 -5.68 64.77 17.97
C ALA D 107 -4.48 63.87 18.22
N VAL D 108 -3.60 63.73 17.20
CA VAL D 108 -2.42 62.89 17.36
C VAL D 108 -1.50 63.46 18.43
N ALA D 109 -1.27 64.77 18.41
CA ALA D 109 -0.41 65.38 19.43
C ALA D 109 -1.00 65.22 20.82
N GLN D 110 -2.31 65.40 20.95
CA GLN D 110 -2.96 65.24 22.25
C GLN D 110 -2.86 63.82 22.76
N ALA D 111 -3.13 62.84 21.90
CA ALA D 111 -3.04 61.43 22.30
C ALA D 111 -1.62 60.95 22.46
N MET D 112 -0.64 61.70 21.96
CA MET D 112 0.75 61.33 22.01
C MET D 112 1.46 61.92 23.22
N ARG D 113 1.07 63.13 23.63
CA ARG D 113 1.66 63.76 24.81
C ARG D 113 1.11 63.18 26.10
N SER D 114 -0.14 62.75 26.12
CA SER D 114 -0.83 62.38 27.34
C SER D 114 -1.45 61.00 27.21
N PRO D 115 -1.63 60.29 28.32
CA PRO D 115 -2.27 58.96 28.25
C PRO D 115 -3.71 59.08 27.75
N VAL D 116 -4.14 58.06 27.00
CA VAL D 116 -5.48 58.02 26.45
C VAL D 116 -6.08 56.65 26.70
N THR D 117 -7.41 56.60 26.71
CA THR D 117 -8.11 55.35 26.94
C THR D 117 -8.04 54.46 25.70
N LEU D 118 -6.85 53.93 25.42
CA LEU D 118 -6.66 53.12 24.22
C LEU D 118 -7.41 51.78 24.34
N GLU D 119 -7.24 51.10 25.47
CA GLU D 119 -7.89 49.82 25.70
C GLU D 119 -8.55 49.79 27.07
N TYR D 120 -8.95 50.95 27.57
CA TYR D 120 -9.59 51.08 28.87
C TYR D 120 -10.99 51.65 28.68
N ASP D 121 -11.99 50.91 29.12
CA ASP D 121 -13.38 51.32 28.99
C ASP D 121 -13.82 52.07 30.25
N LEU D 122 -14.53 53.17 30.07
CA LEU D 122 -14.96 53.99 31.18
C LEU D 122 -16.43 53.76 31.52
N ARG D 127 -12.30 45.69 30.66
CA ARG D 127 -11.61 46.41 29.61
C ARG D 127 -12.46 46.50 28.35
N GLY D 128 -12.29 47.60 27.61
CA GLY D 128 -12.98 47.80 26.35
C GLY D 128 -12.05 47.57 25.19
N HIS D 129 -12.61 47.27 24.03
CA HIS D 129 -11.78 46.96 22.87
C HIS D 129 -11.12 48.23 22.33
N ARG D 130 -10.07 48.02 21.54
CA ARG D 130 -9.19 49.11 21.13
C ARG D 130 -9.88 50.09 20.18
N ASP D 131 -10.71 49.58 19.25
CA ASP D 131 -11.20 50.39 18.16
C ASP D 131 -12.72 50.39 18.07
N ARG D 132 -13.40 50.45 19.22
CA ARG D 132 -14.86 50.52 19.20
C ARG D 132 -15.38 51.91 18.81
N ALA D 133 -14.71 52.98 19.24
CA ALA D 133 -15.14 54.31 18.84
C ALA D 133 -15.06 54.47 17.32
N LEU D 134 -13.97 53.98 16.73
CA LEU D 134 -13.83 54.03 15.28
C LEU D 134 -14.83 53.12 14.58
N ALA D 135 -15.14 51.97 15.18
CA ALA D 135 -16.17 51.11 14.60
C ALA D 135 -17.52 51.80 14.58
N GLN D 136 -17.86 52.50 15.66
CA GLN D 136 -19.11 53.26 15.69
C GLN D 136 -19.10 54.37 14.65
N LEU D 137 -17.96 55.07 14.52
CA LEU D 137 -17.86 56.14 13.53
C LEU D 137 -18.04 55.60 12.12
N LEU D 138 -17.43 54.45 11.82
CA LEU D 138 -17.55 53.85 10.49
C LEU D 138 -18.94 53.29 10.24
N CYS D 139 -19.60 52.78 11.28
CA CYS D 139 -21.00 52.38 11.15
C CYS D 139 -21.87 53.58 10.82
N ARG D 140 -21.60 54.73 11.46
CA ARG D 140 -22.36 55.93 11.15
C ARG D 140 -22.09 56.39 9.71
N ILE D 141 -20.84 56.30 9.26
CA ILE D 141 -20.50 56.81 7.94
C ILE D 141 -20.83 55.79 6.85
N THR D 142 -20.21 54.61 6.91
CA THR D 142 -20.39 53.63 5.86
C THR D 142 -21.73 52.92 5.96
N GLY D 143 -22.19 52.61 7.17
CA GLY D 143 -23.39 51.84 7.35
C GLY D 143 -23.18 50.36 7.61
N ALA D 144 -21.95 49.94 7.88
CA ALA D 144 -21.67 48.53 8.14
C ALA D 144 -21.95 48.19 9.59
N GLU D 145 -22.10 46.88 9.85
CA GLU D 145 -22.39 46.41 11.19
C GLU D 145 -21.21 46.63 12.13
N ASP D 146 -20.01 46.25 11.71
CA ASP D 146 -18.85 46.35 12.57
C ASP D 146 -17.60 46.58 11.71
N ALA D 147 -16.56 47.10 12.35
CA ALA D 147 -15.33 47.46 11.66
C ALA D 147 -14.11 47.00 12.45
N CYS D 148 -13.02 46.76 11.70
CA CYS D 148 -11.73 46.35 12.24
C CYS D 148 -10.66 47.19 11.60
N ILE D 149 -9.61 47.52 12.35
CA ILE D 149 -8.54 48.40 11.88
C ILE D 149 -7.21 47.70 12.09
N VAL D 150 -6.41 47.65 11.03
CA VAL D 150 -5.11 46.99 11.06
C VAL D 150 -4.05 47.92 10.50
N ASN D 151 -2.82 47.40 10.38
CA ASN D 151 -1.67 48.23 10.05
C ASN D 151 -1.85 48.96 8.73
N ASN D 152 -2.21 48.24 7.68
CA ASN D 152 -2.49 48.84 6.38
C ASN D 152 -3.42 47.92 5.61
N ASN D 153 -3.79 48.32 4.40
CA ASN D 153 -4.74 47.53 3.62
C ASN D 153 -4.16 46.22 3.15
N ALA D 154 -2.83 46.14 3.00
CA ALA D 154 -2.22 44.83 2.76
C ALA D 154 -2.43 43.91 3.95
N ALA D 155 -2.27 44.44 5.17
CA ALA D 155 -2.59 43.68 6.37
C ALA D 155 -4.07 43.38 6.45
N ALA D 156 -4.92 44.31 5.98
CA ALA D 156 -6.36 44.07 5.99
C ALA D 156 -6.72 42.89 5.10
N VAL D 157 -6.18 42.85 3.89
CA VAL D 157 -6.46 41.74 2.98
C VAL D 157 -5.90 40.44 3.54
N LEU D 158 -4.68 40.48 4.08
CA LEU D 158 -4.09 39.29 4.67
C LEU D 158 -4.94 38.73 5.80
N LEU D 159 -5.35 39.59 6.74
CA LEU D 159 -6.17 39.14 7.86
C LEU D 159 -7.52 38.65 7.39
N MET D 160 -8.14 39.35 6.44
CA MET D 160 -9.44 38.95 5.92
C MET D 160 -9.37 37.55 5.32
N LEU D 161 -8.36 37.28 4.50
CA LEU D 161 -8.26 35.99 3.84
C LEU D 161 -7.84 34.89 4.81
N ALA D 162 -6.99 35.22 5.79
CA ALA D 162 -6.54 34.21 6.74
C ALA D 162 -7.60 33.87 7.78
N ALA D 163 -8.54 34.79 8.04
CA ALA D 163 -9.55 34.54 9.05
C ALA D 163 -10.89 34.09 8.47
N THR D 164 -11.18 34.40 7.21
CA THR D 164 -12.43 33.97 6.62
C THR D 164 -12.28 32.87 5.58
N ALA D 165 -11.08 32.63 5.05
CA ALA D 165 -10.93 31.67 3.97
C ALA D 165 -9.66 30.85 4.10
N SER D 166 -9.20 30.59 5.32
CA SER D 166 -7.97 29.83 5.49
C SER D 166 -8.18 28.37 5.09
N GLY D 167 -7.33 27.88 4.21
CA GLY D 167 -7.42 26.52 3.73
C GLY D 167 -8.50 26.26 2.71
N LYS D 168 -9.18 27.30 2.24
CA LYS D 168 -10.31 27.14 1.32
C LYS D 168 -10.09 28.02 0.10
N GLU D 169 -10.72 27.64 -1.00
CA GLU D 169 -10.59 28.37 -2.25
C GLU D 169 -11.28 29.71 -2.16
N VAL D 170 -10.71 30.69 -2.86
CA VAL D 170 -11.31 32.01 -3.04
C VAL D 170 -11.37 32.29 -4.53
N VAL D 171 -12.53 32.66 -5.03
CA VAL D 171 -12.73 32.92 -6.45
C VAL D 171 -12.47 34.39 -6.72
N VAL D 172 -11.44 34.67 -7.52
CA VAL D 172 -11.09 36.01 -7.93
C VAL D 172 -11.04 36.05 -9.44
N SER D 173 -11.59 37.12 -10.02
CA SER D 173 -11.55 37.27 -11.47
C SER D 173 -10.12 37.38 -11.95
N ARG D 174 -9.87 36.82 -13.14
CA ARG D 174 -8.53 36.85 -13.73
C ARG D 174 -8.10 38.25 -14.14
N GLY D 175 -9.03 39.20 -14.19
CA GLY D 175 -8.74 40.59 -14.48
C GLY D 175 -8.67 41.48 -13.27
N GLU D 176 -8.64 40.93 -12.06
CA GLU D 176 -8.52 41.71 -10.84
C GLU D 176 -7.36 41.26 -9.97
N LEU D 177 -6.47 40.42 -10.49
CA LEU D 177 -5.28 40.00 -9.76
C LEU D 177 -4.26 41.13 -9.85
N VAL D 178 -4.39 42.07 -8.93
CA VAL D 178 -3.77 43.39 -9.01
C VAL D 178 -2.41 43.37 -8.33
N GLU D 179 -1.52 44.23 -8.79
CA GLU D 179 -0.26 44.51 -8.11
C GLU D 179 -0.20 45.99 -7.79
N ILE D 180 0.05 46.32 -6.52
CA ILE D 180 0.14 47.69 -6.04
C ILE D 180 1.58 47.96 -5.63
N GLY D 181 2.18 49.01 -6.18
CA GLY D 181 3.52 49.40 -5.79
C GLY D 181 4.59 48.46 -6.30
N GLY D 182 4.47 47.17 -5.97
CA GLY D 182 5.45 46.19 -6.38
C GLY D 182 5.66 45.13 -5.31
N ALA D 183 5.33 45.47 -4.06
CA ALA D 183 5.42 44.52 -2.96
C ALA D 183 4.10 43.83 -2.66
N PHE D 184 2.98 44.37 -3.14
CA PHE D 184 1.67 43.78 -2.92
C PHE D 184 1.19 43.15 -4.22
N ARG D 185 0.92 41.85 -4.19
CA ARG D 185 0.40 41.10 -5.32
C ARG D 185 -0.70 40.20 -4.79
N ILE D 186 -1.88 40.26 -5.42
CA ILE D 186 -3.01 39.46 -4.95
C ILE D 186 -2.68 37.96 -4.92
N PRO D 187 -2.07 37.35 -5.94
CA PRO D 187 -1.71 35.94 -5.81
C PRO D 187 -0.78 35.66 -4.64
N ASP D 188 0.19 36.55 -4.38
CA ASP D 188 1.15 36.31 -3.32
C ASP D 188 0.54 36.50 -1.93
N VAL D 189 -0.31 37.53 -1.77
CA VAL D 189 -1.01 37.71 -0.51
C VAL D 189 -1.96 36.54 -0.25
N MET D 190 -2.59 36.03 -1.31
CA MET D 190 -3.44 34.87 -1.16
C MET D 190 -2.65 33.63 -0.77
N ARG D 191 -1.43 33.47 -1.32
CA ARG D 191 -0.59 32.36 -0.91
C ARG D 191 -0.17 32.49 0.55
N GLN D 192 0.18 33.70 0.99
CA GLN D 192 0.57 33.91 2.38
C GLN D 192 -0.59 33.65 3.33
N ALA D 193 -1.78 34.11 2.96
CA ALA D 193 -2.94 34.01 3.84
C ALA D 193 -3.48 32.60 3.99
N GLY D 194 -2.90 31.62 3.31
CA GLY D 194 -3.29 30.24 3.46
C GLY D 194 -4.49 29.81 2.63
N CYS D 195 -5.06 30.70 1.83
CA CYS D 195 -6.16 30.33 0.97
C CYS D 195 -5.65 29.85 -0.38
N THR D 196 -6.56 29.33 -1.19
CA THR D 196 -6.27 28.88 -2.54
C THR D 196 -6.91 29.85 -3.53
N LEU D 197 -6.10 30.40 -4.43
CA LEU D 197 -6.61 31.32 -5.43
C LEU D 197 -7.24 30.55 -6.58
N HIS D 198 -8.53 30.78 -6.79
CA HIS D 198 -9.24 30.25 -7.95
C HIS D 198 -9.46 31.39 -8.93
N GLU D 199 -8.90 31.25 -10.12
CA GLU D 199 -8.97 32.28 -11.15
C GLU D 199 -10.06 31.92 -12.15
N VAL D 200 -10.90 32.89 -12.46
CA VAL D 200 -12.05 32.68 -13.32
C VAL D 200 -12.06 33.74 -14.41
N GLY D 201 -12.67 33.40 -15.55
CA GLY D 201 -12.76 34.36 -16.61
C GLY D 201 -11.42 34.57 -17.29
N THR D 202 -11.35 35.69 -18.02
CA THR D 202 -10.14 36.10 -18.72
C THR D 202 -9.71 37.46 -18.19
N THR D 203 -8.63 37.98 -18.77
CA THR D 203 -8.08 39.25 -18.30
C THR D 203 -9.04 40.40 -18.58
N ASN D 204 -9.69 40.40 -19.74
CA ASN D 204 -10.57 41.50 -20.10
C ASN D 204 -12.05 41.18 -19.91
N ARG D 205 -12.47 39.93 -20.12
CA ARG D 205 -13.88 39.56 -20.06
C ARG D 205 -14.07 38.47 -19.01
N THR D 206 -14.77 38.80 -17.94
CA THR D 206 -15.20 37.84 -16.94
C THR D 206 -16.72 37.88 -16.85
N HIS D 207 -17.34 36.72 -16.94
CA HIS D 207 -18.79 36.60 -16.91
C HIS D 207 -19.24 35.97 -15.59
N ALA D 208 -20.51 36.18 -15.25
CA ALA D 208 -21.04 35.64 -14.01
C ALA D 208 -21.00 34.12 -13.98
N ASN D 209 -21.13 33.49 -15.16
CA ASN D 209 -21.01 32.04 -15.23
C ASN D 209 -19.61 31.58 -14.89
N ASP D 210 -18.59 32.42 -15.12
CA ASP D 210 -17.23 32.07 -14.72
C ASP D 210 -17.13 31.97 -13.19
N TYR D 211 -17.78 32.91 -12.49
CA TYR D 211 -17.86 32.80 -11.03
C TYR D 211 -18.67 31.58 -10.62
N ARG D 212 -19.78 31.34 -11.30
CA ARG D 212 -20.68 30.25 -10.92
C ARG D 212 -20.04 28.88 -11.07
N GLN D 213 -19.30 28.67 -12.15
CA GLN D 213 -18.72 27.36 -12.41
C GLN D 213 -17.61 27.00 -11.43
N ALA D 214 -17.03 27.98 -10.75
CA ALA D 214 -15.93 27.73 -9.84
C ALA D 214 -16.36 27.50 -8.40
N VAL D 215 -17.58 27.90 -8.05
CA VAL D 215 -18.05 27.74 -6.68
C VAL D 215 -18.31 26.25 -6.43
N ASN D 216 -17.67 25.70 -5.42
CA ASN D 216 -17.86 24.31 -5.04
C ASN D 216 -17.86 24.25 -3.51
N GLU D 217 -17.73 23.04 -2.96
CA GLU D 217 -17.78 22.87 -1.52
C GLU D 217 -16.55 23.40 -0.80
N ASN D 218 -15.44 23.60 -1.52
CA ASN D 218 -14.24 24.17 -0.92
C ASN D 218 -14.16 25.68 -1.05
N THR D 219 -15.07 26.30 -1.79
CA THR D 219 -15.04 27.74 -1.97
C THR D 219 -15.50 28.44 -0.70
N ALA D 220 -14.72 29.42 -0.25
CA ALA D 220 -15.04 30.19 0.95
C ALA D 220 -15.50 31.60 0.65
N LEU D 221 -14.99 32.23 -0.41
CA LEU D 221 -15.32 33.62 -0.69
C LEU D 221 -15.39 33.83 -2.20
N LEU D 222 -16.11 34.88 -2.58
CA LEU D 222 -16.00 35.49 -3.90
C LEU D 222 -15.40 36.88 -3.64
N MET D 223 -14.18 37.10 -4.11
CA MET D 223 -13.43 38.30 -3.79
C MET D 223 -13.37 39.21 -5.01
N LYS D 224 -13.87 40.42 -4.88
CA LYS D 224 -13.75 41.44 -5.91
C LYS D 224 -12.68 42.43 -5.49
N VAL D 225 -11.67 42.59 -6.32
CA VAL D 225 -10.56 43.50 -6.04
C VAL D 225 -10.73 44.72 -6.93
N HIS D 226 -10.69 45.91 -6.33
CA HIS D 226 -10.81 47.13 -7.11
C HIS D 226 -9.45 47.46 -7.70
N THR D 227 -9.39 47.49 -9.04
CA THR D 227 -8.16 47.83 -9.75
C THR D 227 -7.96 49.33 -9.64
N SER D 228 -7.37 49.75 -8.52
CA SER D 228 -7.23 51.17 -8.24
C SER D 228 -6.13 51.82 -9.07
N ASN D 229 -5.05 51.08 -9.36
CA ASN D 229 -3.91 51.65 -10.06
C ASN D 229 -3.94 51.40 -11.56
N TYR D 230 -4.97 50.74 -12.09
CA TYR D 230 -5.02 50.49 -13.51
C TYR D 230 -6.47 50.31 -13.95
N SER D 231 -6.69 50.45 -15.25
CA SER D 231 -7.98 50.20 -15.87
C SER D 231 -7.76 49.50 -17.20
N ILE D 232 -8.55 48.47 -17.45
CA ILE D 232 -8.52 47.75 -18.72
C ILE D 232 -9.55 48.39 -19.65
N GLN D 233 -9.10 48.81 -20.83
CA GLN D 233 -9.95 49.52 -21.76
C GLN D 233 -10.06 48.75 -23.07
N GLY D 234 -11.24 48.78 -23.67
CA GLY D 234 -11.48 48.07 -24.91
C GLY D 234 -12.63 47.09 -24.78
N PHE D 235 -12.44 45.89 -25.31
CA PHE D 235 -13.43 44.83 -25.20
C PHE D 235 -13.31 44.22 -23.82
N THR D 236 -14.14 44.68 -22.89
CA THR D 236 -14.04 44.29 -21.49
C THR D 236 -15.42 43.94 -20.95
N LYS D 237 -15.41 43.18 -19.85
CA LYS D 237 -16.63 42.80 -19.14
C LYS D 237 -16.26 42.44 -17.72
N ALA D 238 -16.88 43.13 -16.76
CA ALA D 238 -16.69 42.85 -15.34
C ALA D 238 -18.04 42.72 -14.66
N ILE D 239 -18.15 41.75 -13.77
CA ILE D 239 -19.37 41.58 -12.97
C ILE D 239 -19.32 42.55 -11.81
N ASP D 240 -20.37 43.36 -11.66
CA ASP D 240 -20.43 44.34 -10.60
C ASP D 240 -20.61 43.66 -9.25
N GLU D 241 -20.50 44.45 -8.19
CA GLU D 241 -20.59 43.88 -6.84
C GLU D 241 -22.00 43.40 -6.54
N ALA D 242 -23.03 44.13 -6.97
CA ALA D 242 -24.41 43.74 -6.66
C ALA D 242 -24.75 42.38 -7.27
N GLU D 243 -24.39 42.17 -8.53
CA GLU D 243 -24.64 40.88 -9.17
C GLU D 243 -23.87 39.77 -8.48
N LEU D 244 -22.65 40.07 -8.02
CA LEU D 244 -21.85 39.04 -7.36
C LEU D 244 -22.40 38.68 -5.99
N VAL D 245 -22.89 39.66 -5.23
CA VAL D 245 -23.50 39.33 -3.94
C VAL D 245 -24.80 38.59 -4.14
N ALA D 246 -25.53 38.89 -5.22
CA ALA D 246 -26.72 38.10 -5.54
C ALA D 246 -26.34 36.65 -5.84
N LEU D 247 -25.29 36.45 -6.63
CA LEU D 247 -24.83 35.10 -6.94
C LEU D 247 -24.37 34.38 -5.67
N GLY D 248 -23.66 35.07 -4.79
CA GLY D 248 -23.20 34.46 -3.56
C GLY D 248 -24.34 34.11 -2.63
N LYS D 249 -25.37 34.95 -2.57
CA LYS D 249 -26.57 34.63 -1.80
C LYS D 249 -27.26 33.40 -2.37
N GLU D 250 -27.33 33.30 -3.69
CA GLU D 250 -27.92 32.11 -4.31
C GLU D 250 -27.12 30.86 -3.97
N LEU D 251 -25.78 30.97 -3.99
CA LEU D 251 -24.92 29.83 -3.75
C LEU D 251 -24.41 29.73 -2.31
N ASP D 252 -24.88 30.61 -1.43
CA ASP D 252 -24.50 30.60 -0.01
C ASP D 252 -22.98 30.74 0.16
N VAL D 253 -22.40 31.71 -0.55
CA VAL D 253 -20.98 32.00 -0.47
C VAL D 253 -20.81 33.50 -0.24
N PRO D 254 -20.09 33.93 0.80
CA PRO D 254 -19.94 35.36 1.05
C PRO D 254 -19.08 36.04 -0.02
N VAL D 255 -19.32 37.33 -0.18
CA VAL D 255 -18.62 38.15 -1.17
C VAL D 255 -17.87 39.25 -0.42
N VAL D 256 -16.57 39.32 -0.64
CA VAL D 256 -15.73 40.34 -0.02
C VAL D 256 -15.15 41.22 -1.13
N THR D 257 -14.66 42.39 -0.72
CA THR D 257 -14.12 43.38 -1.65
C THR D 257 -12.87 44.02 -1.08
N ASP D 258 -11.83 44.05 -1.90
CA ASP D 258 -10.59 44.75 -1.59
C ASP D 258 -10.64 46.10 -2.30
N LEU D 259 -11.39 47.04 -1.71
CA LEU D 259 -11.63 48.32 -2.36
C LEU D 259 -10.35 49.11 -2.54
N GLY D 260 -9.51 49.15 -1.51
CA GLY D 260 -8.24 49.83 -1.60
C GLY D 260 -8.31 51.32 -1.37
N SER D 261 -8.81 52.06 -2.37
CA SER D 261 -8.77 53.52 -2.32
C SER D 261 -9.57 54.05 -1.13
N GLY D 262 -10.79 53.55 -0.95
CA GLY D 262 -11.60 53.94 0.19
C GLY D 262 -12.05 55.39 0.20
N SER D 263 -12.50 55.90 -0.94
CA SER D 263 -13.09 57.23 -0.98
C SER D 263 -14.45 57.19 -0.31
N LEU D 264 -14.63 58.01 0.73
CA LEU D 264 -15.88 58.00 1.50
C LEU D 264 -16.91 58.98 0.98
N VAL D 265 -16.57 59.79 -0.02
CA VAL D 265 -17.51 60.76 -0.59
C VAL D 265 -17.49 60.62 -2.11
N ASP D 266 -18.59 61.04 -2.72
CA ASP D 266 -18.69 61.03 -4.18
C ASP D 266 -17.78 62.10 -4.76
N LEU D 267 -16.70 61.68 -5.40
CA LEU D 267 -15.76 62.63 -5.98
C LEU D 267 -16.35 63.41 -7.15
N SER D 268 -17.38 62.89 -7.81
CA SER D 268 -17.96 63.57 -8.95
C SER D 268 -18.55 64.92 -8.56
N GLN D 269 -18.90 65.11 -7.29
CA GLN D 269 -19.41 66.40 -6.84
C GLN D 269 -18.34 67.48 -6.93
N TYR D 270 -17.07 67.11 -6.88
CA TYR D 270 -15.97 68.05 -6.96
C TYR D 270 -15.34 68.10 -8.34
N GLY D 271 -15.91 67.41 -9.32
CA GLY D 271 -15.34 67.35 -10.64
C GLY D 271 -14.28 66.29 -10.82
N LEU D 272 -13.89 65.60 -9.77
CA LEU D 272 -12.92 64.52 -9.85
C LEU D 272 -13.60 63.24 -10.32
N PRO D 273 -12.84 62.32 -10.92
CA PRO D 273 -13.43 61.05 -11.36
C PRO D 273 -14.02 60.29 -10.19
N LYS D 274 -15.18 59.66 -10.42
CA LYS D 274 -15.87 58.92 -9.37
C LYS D 274 -15.16 57.59 -9.12
N GLU D 275 -15.08 57.23 -7.83
CA GLU D 275 -14.52 55.96 -7.40
C GLU D 275 -15.52 55.24 -6.52
N PRO D 276 -15.52 53.90 -6.52
CA PRO D 276 -16.46 53.17 -5.67
C PRO D 276 -16.26 53.50 -4.20
N MET D 277 -17.36 53.59 -3.47
CA MET D 277 -17.32 53.97 -2.07
C MET D 277 -17.70 52.79 -1.19
N PRO D 278 -17.19 52.73 0.04
CA PRO D 278 -17.60 51.66 0.96
C PRO D 278 -19.08 51.67 1.27
N GLN D 279 -19.71 52.85 1.24
CA GLN D 279 -21.16 52.93 1.49
C GLN D 279 -21.93 52.14 0.44
N GLU D 280 -21.57 52.32 -0.83
CA GLU D 280 -22.27 51.62 -1.90
C GLU D 280 -22.07 50.11 -1.81
N LEU D 281 -20.85 49.67 -1.49
CA LEU D 281 -20.59 48.24 -1.38
C LEU D 281 -21.31 47.64 -0.17
N ILE D 282 -21.35 48.38 0.95
CA ILE D 282 -22.03 47.89 2.13
C ILE D 282 -23.54 47.80 1.89
N ALA D 283 -24.10 48.82 1.24
CA ALA D 283 -25.52 48.79 0.91
C ALA D 283 -25.86 47.69 -0.08
N ALA D 284 -24.96 47.43 -1.04
CA ALA D 284 -25.20 46.38 -2.03
C ALA D 284 -25.21 44.99 -1.44
N GLY D 285 -24.64 44.79 -0.26
CA GLY D 285 -24.62 43.49 0.37
C GLY D 285 -23.28 42.79 0.40
N VAL D 286 -22.18 43.53 0.39
CA VAL D 286 -20.85 42.92 0.45
C VAL D 286 -20.52 42.60 1.90
N SER D 287 -20.08 41.36 2.14
CA SER D 287 -19.85 40.90 3.50
C SER D 287 -18.75 41.68 4.19
N LEU D 288 -17.63 41.89 3.49
CA LEU D 288 -16.50 42.64 4.04
C LEU D 288 -15.92 43.53 2.96
N VAL D 289 -15.56 44.76 3.33
CA VAL D 289 -14.94 45.72 2.42
C VAL D 289 -13.71 46.28 3.12
N SER D 290 -12.56 46.14 2.48
CA SER D 290 -11.31 46.61 3.07
C SER D 290 -10.73 47.74 2.24
N PHE D 291 -10.33 48.82 2.90
CA PHE D 291 -9.79 49.97 2.19
C PHE D 291 -8.71 50.65 3.02
N SER D 292 -7.93 51.50 2.35
CA SER D 292 -6.81 52.18 2.99
C SER D 292 -7.26 53.49 3.63
N GLY D 293 -6.56 53.88 4.69
CA GLY D 293 -6.87 55.11 5.39
C GLY D 293 -6.12 56.32 4.87
N ASP D 294 -5.02 56.06 4.15
CA ASP D 294 -4.14 57.15 3.65
C ASP D 294 -4.24 57.35 2.14
N1 LLP D 295 -5.06 46.51 -2.24
C2 LLP D 295 -5.61 47.43 -3.02
C2' LLP D 295 -6.72 47.05 -3.94
C3 LLP D 295 -5.14 48.74 -3.00
O3 LLP D 295 -5.73 49.63 -3.83
C4 LLP D 295 -4.08 49.11 -2.16
C4' LLP D 295 -3.62 50.48 -2.17
C5 LLP D 295 -3.53 48.12 -1.33
C6 LLP D 295 -4.03 46.86 -1.42
C5' LLP D 295 -2.37 48.37 -0.41
OP4 LLP D 295 -2.51 49.57 0.44
P LLP D 295 -1.66 49.72 1.79
OP1 LLP D 295 -1.51 48.32 2.30
OP2 LLP D 295 -0.33 50.31 1.45
OP3 LLP D 295 -2.48 50.60 2.70
N LLP D 295 -5.19 56.71 1.48
CA LLP D 295 -5.34 57.00 0.03
CB LLP D 295 -5.71 55.70 -0.70
CG LLP D 295 -4.63 55.13 -1.59
CD LLP D 295 -4.15 53.76 -1.14
CE LLP D 295 -4.20 52.75 -2.25
NZ LLP D 295 -4.32 51.41 -1.68
C LLP D 295 -6.35 58.12 -0.10
O LLP D 295 -6.07 59.22 0.38
N LEU D 296 -7.52 57.88 -0.69
CA LEU D 296 -8.49 58.95 -0.92
C LEU D 296 -9.28 59.28 0.36
N LEU D 297 -9.15 58.47 1.41
CA LEU D 297 -9.82 58.80 2.71
C LEU D 297 -9.08 60.02 3.25
N GLY D 298 -7.78 60.10 3.02
CA GLY D 298 -7.08 61.31 3.42
C GLY D 298 -6.55 61.31 4.83
N GLY D 299 -6.32 60.14 5.41
CA GLY D 299 -5.86 60.05 6.78
C GLY D 299 -4.51 59.38 6.93
N PRO D 300 -4.36 58.59 7.99
CA PRO D 300 -3.10 57.88 8.24
C PRO D 300 -3.09 56.51 7.57
N GLN D 301 -1.91 55.89 7.57
CA GLN D 301 -1.78 54.54 7.04
C GLN D 301 -2.56 53.59 7.94
N ALA D 302 -3.69 53.08 7.44
CA ALA D 302 -4.50 52.15 8.20
C ALA D 302 -5.24 51.24 7.23
N GLY D 303 -5.59 50.05 7.71
CA GLY D 303 -6.40 49.15 6.92
C GLY D 303 -7.75 48.95 7.56
N ILE D 304 -8.81 49.44 6.93
CA ILE D 304 -10.13 49.47 7.55
C ILE D 304 -11.00 48.44 6.85
N ILE D 305 -11.49 47.45 7.61
CA ILE D 305 -12.38 46.42 7.12
C ILE D 305 -13.73 46.63 7.77
N VAL D 306 -14.77 46.81 6.96
CA VAL D 306 -16.10 47.05 7.46
C VAL D 306 -17.04 45.99 6.91
N GLY D 307 -18.04 45.61 7.70
CA GLY D 307 -18.99 44.66 7.18
C GLY D 307 -19.73 43.93 8.29
N LYS D 308 -20.10 42.69 8.01
CA LYS D 308 -20.96 41.93 8.90
C LYS D 308 -20.28 41.71 10.24
N LYS D 309 -21.10 41.72 11.30
CA LYS D 309 -20.58 41.63 12.66
C LYS D 309 -19.90 40.29 12.90
N GLU D 310 -20.47 39.20 12.38
CA GLU D 310 -19.90 37.89 12.63
C GLU D 310 -18.53 37.72 11.96
N MET D 311 -18.38 38.17 10.72
CA MET D 311 -17.10 38.05 10.05
C MET D 311 -16.07 39.01 10.62
N ILE D 312 -16.50 40.21 11.00
CA ILE D 312 -15.59 41.14 11.67
C ILE D 312 -15.11 40.54 12.99
N ALA D 313 -16.02 39.89 13.72
CA ALA D 313 -15.63 39.22 14.97
C ALA D 313 -14.68 38.07 14.71
N ARG D 314 -14.84 37.39 13.57
CA ARG D 314 -13.87 36.38 13.17
C ARG D 314 -12.50 37.00 12.95
N LEU D 315 -12.45 38.17 12.30
CA LEU D 315 -11.18 38.84 12.07
C LEU D 315 -10.54 39.29 13.39
N GLN D 316 -11.35 39.87 14.28
CA GLN D 316 -10.81 40.45 15.51
C GLN D 316 -10.27 39.37 16.45
N SER D 317 -10.77 38.14 16.34
CA SER D 317 -10.33 37.05 17.18
C SER D 317 -9.21 36.22 16.56
N HIS D 318 -8.77 36.56 15.36
CA HIS D 318 -7.70 35.80 14.73
C HIS D 318 -6.36 36.09 15.42
N PRO D 319 -5.48 35.09 15.48
CA PRO D 319 -4.15 35.34 16.08
C PRO D 319 -3.35 36.38 15.33
N LEU D 320 -3.58 36.57 14.03
CA LEU D 320 -2.84 37.58 13.28
C LEU D 320 -3.20 38.99 13.73
N LYS D 321 -4.41 39.20 14.24
CA LYS D 321 -4.88 40.54 14.57
C LYS D 321 -3.97 41.22 15.58
N ARG D 322 -3.40 40.46 16.51
CA ARG D 322 -2.48 41.04 17.48
C ARG D 322 -1.24 41.62 16.80
N ALA D 323 -0.72 40.92 15.79
CA ALA D 323 0.44 41.43 15.06
C ALA D 323 0.07 42.62 14.18
N LEU D 324 -1.13 42.63 13.63
CA LEU D 324 -1.56 43.66 12.70
C LEU D 324 -2.28 44.82 13.39
N ARG D 325 -2.32 44.82 14.72
CA ARG D 325 -3.04 45.82 15.50
C ARG D 325 -2.58 47.23 15.11
N ALA D 326 -3.45 48.20 15.38
CA ALA D 326 -3.22 49.59 14.98
C ALA D 326 -2.73 50.42 16.16
N ASP D 327 -1.78 51.31 15.88
CA ASP D 327 -1.15 52.14 16.89
C ASP D 327 -2.14 53.16 17.45
N LYS D 328 -1.79 53.77 18.58
CA LYS D 328 -2.68 54.75 19.19
C LYS D 328 -2.71 56.06 18.40
N MET D 329 -1.58 56.48 17.81
CA MET D 329 -1.64 57.65 16.94
C MET D 329 -2.39 57.34 15.65
N THR D 330 -2.26 56.11 15.16
CA THR D 330 -3.05 55.72 14.00
C THR D 330 -4.53 55.83 14.28
N LEU D 331 -4.98 55.33 15.44
CA LEU D 331 -6.37 55.44 15.80
C LEU D 331 -6.79 56.89 16.03
N ALA D 332 -5.93 57.70 16.65
CA ALA D 332 -6.26 59.10 16.88
C ALA D 332 -6.45 59.84 15.57
N ALA D 333 -5.49 59.68 14.64
CA ALA D 333 -5.58 60.34 13.35
C ALA D 333 -6.79 59.83 12.56
N LEU D 334 -7.04 58.52 12.60
CA LEU D 334 -8.16 57.98 11.85
C LEU D 334 -9.48 58.51 12.39
N GLU D 335 -9.62 58.57 13.72
CA GLU D 335 -10.86 59.08 14.31
C GLU D 335 -11.05 60.56 13.98
N ALA D 336 -9.99 61.36 14.08
CA ALA D 336 -10.11 62.78 13.77
C ALA D 336 -10.43 62.99 12.30
N THR D 337 -9.82 62.21 11.40
CA THR D 337 -10.12 62.33 9.98
C THR D 337 -11.55 61.89 9.67
N LEU D 338 -12.00 60.80 10.29
CA LEU D 338 -13.37 60.34 10.05
C LEU D 338 -14.40 61.33 10.57
N ARG D 339 -14.08 62.06 11.64
CA ARG D 339 -15.00 63.08 12.11
C ARG D 339 -15.12 64.25 11.14
N LEU D 340 -14.17 64.41 10.22
CA LEU D 340 -14.31 65.43 9.19
C LEU D 340 -15.42 65.08 8.21
N TYR D 341 -15.65 63.80 7.98
CA TYR D 341 -16.68 63.35 7.06
C TYR D 341 -18.08 63.47 7.63
N LEU D 342 -18.21 63.74 8.93
CA LEU D 342 -19.50 64.06 9.52
C LEU D 342 -19.92 65.50 9.29
N HIS D 343 -19.03 66.31 8.70
CA HIS D 343 -19.31 67.71 8.37
C HIS D 343 -18.95 67.92 6.91
N PRO D 344 -19.76 67.38 5.98
CA PRO D 344 -19.34 67.34 4.58
C PRO D 344 -19.10 68.70 3.95
N GLU D 345 -19.86 69.73 4.33
CA GLU D 345 -19.74 71.02 3.64
C GLU D 345 -18.37 71.65 3.86
N ALA D 346 -17.73 71.38 5.00
CA ALA D 346 -16.38 71.86 5.27
C ALA D 346 -15.32 70.84 4.86
N LEU D 347 -15.72 69.66 4.41
CA LEU D 347 -14.75 68.63 4.06
C LEU D 347 -13.82 69.10 2.94
N SER D 348 -14.31 69.96 2.05
CA SER D 348 -13.48 70.46 0.96
C SER D 348 -12.38 71.41 1.44
N GLU D 349 -12.48 71.95 2.65
CA GLU D 349 -11.46 72.87 3.14
C GLU D 349 -10.63 72.28 4.28
N LYS D 350 -11.25 71.48 5.16
CA LYS D 350 -10.54 70.91 6.29
C LYS D 350 -9.75 69.66 5.93
N LEU D 351 -9.97 69.07 4.75
CA LEU D 351 -9.23 67.90 4.34
C LEU D 351 -8.15 68.31 3.34
N PRO D 352 -6.86 68.20 3.69
CA PRO D 352 -5.81 68.65 2.77
C PRO D 352 -5.82 67.94 1.43
N THR D 353 -6.14 66.65 1.41
CA THR D 353 -6.20 65.91 0.16
C THR D 353 -7.27 66.48 -0.76
N LEU D 354 -8.48 66.66 -0.23
CA LEU D 354 -9.56 67.22 -1.02
C LEU D 354 -9.27 68.68 -1.39
N ARG D 355 -8.69 69.45 -0.47
CA ARG D 355 -8.38 70.83 -0.76
C ARG D 355 -7.38 70.95 -1.91
N LEU D 356 -6.38 70.06 -1.93
CA LEU D 356 -5.42 70.07 -3.03
C LEU D 356 -6.04 69.56 -4.33
N LEU D 357 -6.93 68.57 -4.24
CA LEU D 357 -7.51 68.01 -5.45
C LEU D 357 -8.51 68.97 -6.09
N THR D 358 -9.41 69.56 -5.30
CA THR D 358 -10.40 70.47 -5.84
C THR D 358 -9.88 71.91 -5.96
N ARG D 359 -8.58 72.12 -5.83
CA ARG D 359 -8.02 73.45 -6.06
C ARG D 359 -8.26 73.88 -7.50
N SER D 360 -8.75 75.11 -7.67
CA SER D 360 -9.07 75.61 -9.00
C SER D 360 -7.80 75.92 -9.78
N ALA D 361 -7.88 75.75 -11.10
CA ALA D 361 -6.74 76.03 -11.96
C ALA D 361 -6.43 77.51 -12.08
N GLU D 362 -7.42 78.38 -11.93
CA GLU D 362 -7.18 79.81 -12.02
C GLU D 362 -6.29 80.30 -10.90
N VAL D 363 -6.51 79.82 -9.67
CA VAL D 363 -5.68 80.23 -8.54
C VAL D 363 -4.25 79.74 -8.73
N ILE D 364 -4.09 78.51 -9.21
CA ILE D 364 -2.75 77.99 -9.49
C ILE D 364 -2.06 78.84 -10.53
N GLN D 365 -2.79 79.22 -11.59
CA GLN D 365 -2.21 80.07 -12.63
C GLN D 365 -1.79 81.41 -12.07
N ILE D 366 -2.62 82.00 -11.21
CA ILE D 366 -2.30 83.30 -10.62
C ILE D 366 -1.05 83.20 -9.75
N GLN D 367 -0.96 82.17 -8.92
CA GLN D 367 0.20 82.05 -8.04
C GLN D 367 1.46 81.74 -8.83
N ALA D 368 1.32 80.95 -9.90
CA ALA D 368 2.47 80.68 -10.78
C ALA D 368 2.96 81.95 -11.44
N GLN D 369 2.04 82.78 -11.93
CA GLN D 369 2.44 84.06 -12.52
C GLN D 369 3.10 84.96 -11.48
N ARG D 370 2.56 84.98 -10.26
CA ARG D 370 3.14 85.80 -9.20
C ARG D 370 4.56 85.35 -8.86
N LEU D 371 4.78 84.04 -8.79
CA LEU D 371 6.10 83.51 -8.44
C LEU D 371 7.05 83.48 -9.61
N GLN D 372 6.57 83.67 -10.84
CA GLN D 372 7.45 83.60 -12.00
C GLN D 372 8.52 84.69 -11.97
N ALA D 373 8.15 85.91 -11.60
CA ALA D 373 9.05 87.06 -11.77
C ALA D 373 10.36 86.90 -11.01
N PRO D 374 10.40 86.58 -9.71
CA PRO D 374 11.71 86.44 -9.05
C PRO D 374 12.49 85.25 -9.55
N LEU D 375 11.83 84.12 -9.78
CA LEU D 375 12.53 82.95 -10.32
C LEU D 375 13.06 83.21 -11.72
N ALA D 376 12.28 83.90 -12.55
CA ALA D 376 12.76 84.25 -13.89
C ALA D 376 13.94 85.22 -13.81
N ALA D 377 13.89 86.17 -12.87
CA ALA D 377 15.01 87.09 -12.71
C ALA D 377 16.28 86.37 -12.28
N HIS D 378 16.14 85.41 -11.36
CA HIS D 378 17.32 84.71 -10.85
C HIS D 378 17.87 83.68 -11.83
N TYR D 379 17.00 83.01 -12.58
CA TYR D 379 17.40 81.92 -13.47
C TYR D 379 17.37 82.31 -14.94
N GLY D 380 17.14 83.59 -15.25
CA GLY D 380 17.01 84.00 -16.64
C GLY D 380 18.27 83.80 -17.44
N ALA D 381 19.43 83.75 -16.78
CA ALA D 381 20.67 83.50 -17.50
C ALA D 381 20.69 82.11 -18.12
N GLU D 382 20.18 81.11 -17.41
CA GLU D 382 20.24 79.73 -17.87
C GLU D 382 18.88 79.13 -18.21
N PHE D 383 17.80 79.58 -17.58
CA PHE D 383 16.50 78.95 -17.73
C PHE D 383 15.42 79.98 -18.00
N ALA D 384 14.41 79.57 -18.76
CA ALA D 384 13.27 80.43 -19.10
C ALA D 384 12.08 79.98 -18.25
N VAL D 385 11.77 80.76 -17.22
CA VAL D 385 10.67 80.44 -16.31
C VAL D 385 9.38 81.00 -16.91
N GLN D 386 8.52 80.11 -17.39
CA GLN D 386 7.27 80.50 -18.02
C GLN D 386 6.13 79.67 -17.44
N VAL D 387 4.94 80.23 -17.51
CA VAL D 387 3.73 79.58 -17.00
C VAL D 387 2.94 79.06 -18.20
N MET D 388 2.83 77.74 -18.31
CA MET D 388 2.03 77.09 -19.35
C MET D 388 1.25 75.96 -18.72
N PRO D 389 0.07 75.63 -19.26
CA PRO D 389 -0.77 74.62 -18.61
C PRO D 389 -0.14 73.24 -18.64
N CYS D 390 -0.44 72.45 -17.62
CA CYS D 390 -0.02 71.07 -17.53
C CYS D 390 -1.11 70.28 -16.83
N LEU D 391 -0.89 68.98 -16.69
CA LEU D 391 -1.85 68.10 -16.05
C LEU D 391 -1.19 67.40 -14.87
N SER D 392 -2.01 67.12 -13.85
CA SER D 392 -1.55 66.61 -12.57
C SER D 392 -2.31 65.34 -12.25
N GLN D 393 -1.62 64.36 -11.69
CA GLN D 393 -2.24 63.11 -11.27
C GLN D 393 -2.87 63.25 -9.90
N ILE D 394 -3.96 62.51 -9.69
CA ILE D 394 -4.54 62.42 -8.35
C ILE D 394 -3.58 61.74 -7.40
N GLY D 395 -3.00 60.62 -7.83
CA GLY D 395 -2.06 59.86 -7.02
C GLY D 395 -2.56 58.45 -6.77
N SER D 396 -2.34 57.96 -5.56
CA SER D 396 -2.75 56.62 -5.18
C SER D 396 -4.27 56.51 -5.08
N GLY D 397 -4.78 55.33 -5.38
CA GLY D 397 -6.19 55.05 -5.32
C GLY D 397 -6.97 55.37 -6.57
N SER D 398 -6.40 56.13 -7.51
CA SER D 398 -7.06 56.48 -8.75
C SER D 398 -6.21 56.04 -9.93
N LEU D 399 -6.81 56.07 -11.11
CA LEU D 399 -6.10 55.67 -12.32
C LEU D 399 -5.02 56.69 -12.65
N PRO D 400 -3.76 56.29 -12.69
CA PRO D 400 -2.68 57.27 -12.87
C PRO D 400 -2.42 57.63 -14.32
N VAL D 401 -3.15 58.58 -14.91
CA VAL D 401 -2.77 58.96 -16.26
C VAL D 401 -2.37 60.43 -16.34
N ASP D 402 -3.35 61.34 -16.32
CA ASP D 402 -3.29 62.78 -16.02
C ASP D 402 -4.69 63.35 -16.13
N ARG D 403 -5.20 64.05 -15.11
CA ARG D 403 -6.55 64.58 -15.21
C ARG D 403 -6.71 66.02 -14.72
N LEU D 404 -5.90 66.47 -13.77
CA LEU D 404 -6.16 67.78 -13.16
C LEU D 404 -5.45 68.89 -13.92
N PRO D 405 -6.17 69.82 -14.52
CA PRO D 405 -5.49 70.96 -15.16
C PRO D 405 -4.87 71.87 -14.12
N SER D 406 -3.62 72.28 -14.38
CA SER D 406 -2.86 73.06 -13.41
C SER D 406 -1.82 73.89 -14.16
N ALA D 407 -1.09 74.71 -13.41
CA ALA D 407 -0.04 75.54 -13.96
C ALA D 407 1.30 75.11 -13.37
N ALA D 408 2.35 75.17 -14.17
CA ALA D 408 3.66 74.69 -13.77
C ALA D 408 4.73 75.70 -14.18
N LEU D 409 5.84 75.66 -13.44
CA LEU D 409 7.02 76.46 -13.76
C LEU D 409 8.09 75.56 -14.37
N THR D 410 8.64 75.97 -15.50
CA THR D 410 9.60 75.17 -16.23
C THR D 410 10.96 75.86 -16.25
N PHE D 411 12.01 75.03 -16.22
CA PHE D 411 13.40 75.49 -16.30
C PHE D 411 14.01 74.92 -17.58
N THR D 412 14.17 75.77 -18.60
CA THR D 412 14.59 75.33 -19.91
C THR D 412 16.07 75.60 -20.11
N PRO D 413 16.90 74.60 -20.36
CA PRO D 413 18.32 74.86 -20.64
C PRO D 413 18.51 75.45 -22.03
N HIS D 414 19.30 76.53 -22.10
CA HIS D 414 19.49 77.21 -23.38
C HIS D 414 20.31 76.37 -24.34
N ASP D 415 21.31 75.64 -23.84
CA ASP D 415 22.17 74.84 -24.70
C ASP D 415 21.55 73.50 -25.06
N GLY D 416 20.37 73.16 -24.53
CA GLY D 416 19.76 71.90 -24.83
C GLY D 416 20.50 70.70 -24.28
N ARG D 417 21.08 70.83 -23.10
CA ARG D 417 21.79 69.74 -22.44
C ARG D 417 21.02 69.30 -21.20
N GLY D 418 20.86 67.99 -21.05
CA GLY D 418 20.22 67.45 -19.86
C GLY D 418 21.09 67.47 -18.63
N SER D 419 22.39 67.73 -18.79
CA SER D 419 23.28 67.83 -17.64
C SER D 419 22.89 68.99 -16.73
N HIS D 420 22.50 70.12 -17.33
CA HIS D 420 22.04 71.25 -16.53
C HIS D 420 20.80 70.88 -15.73
N LEU D 421 19.86 70.17 -16.36
CA LEU D 421 18.64 69.76 -15.66
C LEU D 421 18.95 68.79 -14.52
N GLU D 422 19.84 67.82 -14.77
CA GLU D 422 20.20 66.87 -13.71
C GLU D 422 20.91 67.57 -12.56
N SER D 423 21.82 68.49 -12.87
CA SER D 423 22.51 69.24 -11.81
C SER D 423 21.54 70.10 -11.02
N LEU D 424 20.58 70.74 -11.69
CA LEU D 424 19.58 71.53 -10.99
C LEU D 424 18.72 70.65 -10.08
N ALA D 425 18.33 69.46 -10.57
CA ALA D 425 17.55 68.55 -9.75
C ALA D 425 18.34 68.10 -8.52
N ALA D 426 19.63 67.78 -8.70
CA ALA D 426 20.46 67.42 -7.56
C ALA D 426 20.60 68.58 -6.57
N ARG D 427 20.78 69.80 -7.09
CA ARG D 427 20.90 70.98 -6.23
C ARG D 427 19.65 71.17 -5.39
N TRP D 428 18.47 71.00 -6.01
CA TRP D 428 17.23 71.12 -5.24
C TRP D 428 17.05 69.96 -4.27
N ARG D 429 17.50 68.77 -4.63
CA ARG D 429 17.41 67.63 -3.71
C ARG D 429 18.39 67.75 -2.55
N GLU D 430 19.42 68.58 -2.67
CA GLU D 430 20.36 68.80 -1.57
C GLU D 430 19.89 69.85 -0.57
N LEU D 431 18.81 70.57 -0.87
CA LEU D 431 18.34 71.64 0.00
C LEU D 431 17.73 71.07 1.27
N PRO D 432 17.72 71.86 2.37
CA PRO D 432 17.11 71.36 3.61
C PRO D 432 15.66 70.95 3.45
N VAL D 433 14.90 71.68 2.65
CA VAL D 433 13.55 71.27 2.28
C VAL D 433 13.59 70.92 0.79
N PRO D 434 13.89 69.68 0.44
CA PRO D 434 14.09 69.33 -0.97
C PRO D 434 12.86 69.62 -1.82
N VAL D 435 13.10 70.09 -3.03
CA VAL D 435 12.04 70.36 -4.00
C VAL D 435 12.20 69.35 -5.13
N ILE D 436 11.15 68.58 -5.39
CA ILE D 436 11.17 67.51 -6.38
C ILE D 436 10.33 67.94 -7.57
N GLY D 437 10.97 68.00 -8.74
CA GLY D 437 10.28 68.27 -9.99
C GLY D 437 10.33 67.03 -10.88
N ARG D 438 9.82 67.21 -12.10
CA ARG D 438 9.76 66.12 -13.05
C ARG D 438 10.41 66.54 -14.37
N ILE D 439 11.20 65.65 -14.95
CA ILE D 439 11.84 65.90 -16.25
C ILE D 439 10.83 65.48 -17.31
N TYR D 440 9.96 66.41 -17.68
CA TYR D 440 8.87 66.15 -18.62
C TYR D 440 9.10 66.99 -19.87
N ASP D 441 8.88 66.37 -21.04
CA ASP D 441 9.01 67.05 -22.32
C ASP D 441 10.39 67.70 -22.49
N GLY D 442 11.41 67.04 -21.94
CA GLY D 442 12.76 67.56 -22.06
C GLY D 442 13.07 68.76 -21.20
N ARG D 443 12.17 69.13 -20.28
CA ARG D 443 12.38 70.29 -19.43
C ARG D 443 11.98 69.93 -18.00
N LEU D 444 12.52 70.70 -17.05
CA LEU D 444 12.25 70.47 -15.63
C LEU D 444 10.99 71.24 -15.24
N TRP D 445 9.96 70.52 -14.86
CA TRP D 445 8.66 71.08 -14.50
C TRP D 445 8.43 70.95 -13.01
N LEU D 446 7.91 72.03 -12.41
CA LEU D 446 7.42 72.03 -11.03
C LEU D 446 5.93 72.36 -11.11
N ASP D 447 5.09 71.41 -10.68
CA ASP D 447 3.65 71.64 -10.68
C ASP D 447 3.23 72.29 -9.37
N LEU D 448 2.48 73.39 -9.49
CA LEU D 448 2.15 74.21 -8.34
C LEU D 448 0.77 73.92 -7.76
N ARG D 449 0.19 72.77 -8.10
CA ARG D 449 -1.09 72.37 -7.50
C ARG D 449 -0.95 72.09 -6.02
N CYS D 450 0.13 71.42 -5.62
CA CYS D 450 0.33 70.98 -4.25
C CYS D 450 1.11 71.98 -3.41
N LEU D 451 1.42 73.16 -3.95
CA LEU D 451 2.18 74.18 -3.24
C LEU D 451 1.19 75.03 -2.45
N GLU D 452 1.15 74.81 -1.13
CA GLU D 452 0.20 75.52 -0.27
C GLU D 452 0.79 76.81 0.31
N ASP D 453 2.04 76.79 0.72
CA ASP D 453 2.70 77.95 1.32
C ASP D 453 3.89 78.32 0.45
N GLU D 454 3.77 79.43 -0.29
CA GLU D 454 4.81 79.87 -1.21
C GLU D 454 5.92 80.66 -0.52
N GLN D 455 5.72 81.09 0.73
CA GLN D 455 6.72 81.87 1.42
C GLN D 455 8.02 81.08 1.59
N ARG D 456 7.92 79.81 1.99
CA ARG D 456 9.11 78.99 2.14
C ARG D 456 9.65 78.55 0.78
N PHE D 457 8.76 78.23 -0.15
CA PHE D 457 9.19 77.73 -1.46
C PHE D 457 9.99 78.78 -2.22
N LEU D 458 9.53 80.04 -2.20
CA LEU D 458 10.23 81.08 -2.95
C LEU D 458 11.62 81.33 -2.38
N GLU D 459 11.74 81.38 -1.05
CA GLU D 459 13.04 81.62 -0.45
C GLU D 459 13.96 80.41 -0.59
N MET D 460 13.40 79.21 -0.66
CA MET D 460 14.24 78.03 -0.88
C MET D 460 14.72 77.96 -2.32
N LEU D 461 13.88 78.36 -3.27
CA LEU D 461 14.26 78.31 -4.68
C LEU D 461 15.21 79.43 -5.06
N LEU D 462 15.03 80.62 -4.48
CA LEU D 462 15.88 81.75 -4.83
C LEU D 462 17.32 81.51 -4.43
N LYS D 463 17.54 80.93 -3.25
CA LYS D 463 18.88 80.67 -2.76
C LYS D 463 19.36 79.27 -3.18
N GLN E 77 -34.18 36.89 -50.29
CA GLN E 77 -32.75 37.08 -50.47
C GLN E 77 -31.96 35.93 -49.85
N SER E 78 -30.67 35.90 -50.11
CA SER E 78 -29.81 34.84 -49.60
C SER E 78 -29.42 35.13 -48.15
N ALA E 79 -28.56 34.29 -47.58
CA ALA E 79 -28.14 34.47 -46.19
C ALA E 79 -27.20 35.67 -46.05
N LEU E 80 -26.21 35.78 -46.94
CA LEU E 80 -25.20 36.83 -46.84
C LEU E 80 -25.62 38.02 -47.70
N ARG E 81 -26.70 38.66 -47.27
CA ARG E 81 -27.18 39.85 -47.95
C ARG E 81 -26.13 40.95 -47.83
N PRO E 82 -25.74 41.59 -48.92
CA PRO E 82 -24.82 42.73 -48.82
C PRO E 82 -25.44 43.84 -47.98
N VAL E 83 -24.61 44.47 -47.15
CA VAL E 83 -25.06 45.52 -46.26
C VAL E 83 -24.10 46.70 -46.37
N ILE E 84 -24.60 47.87 -46.01
CA ILE E 84 -23.81 49.09 -46.01
C ILE E 84 -23.41 49.36 -44.56
N ASN E 85 -22.16 49.03 -44.23
CA ASN E 85 -21.66 49.15 -42.86
C ASN E 85 -21.41 50.62 -42.55
N LEU E 86 -22.46 51.30 -42.12
CA LEU E 86 -22.39 52.70 -41.77
C LEU E 86 -22.29 52.93 -40.26
N THR E 87 -21.99 51.88 -39.51
CA THR E 87 -21.87 51.98 -38.06
C THR E 87 -20.56 52.63 -37.63
N GLY E 88 -19.62 52.85 -38.56
CA GLY E 88 -18.34 53.43 -38.23
C GLY E 88 -17.25 52.43 -37.90
N THR E 89 -17.59 51.15 -37.76
CA THR E 89 -16.61 50.10 -37.51
C THR E 89 -16.20 49.52 -38.86
N VAL E 90 -14.97 49.79 -39.27
CA VAL E 90 -14.51 49.34 -40.58
C VAL E 90 -14.38 47.82 -40.62
N LEU E 91 -13.71 47.24 -39.63
CA LEU E 91 -13.52 45.79 -39.56
C LEU E 91 -14.51 45.22 -38.54
N HIS E 92 -15.76 45.10 -38.97
CA HIS E 92 -16.81 44.58 -38.12
C HIS E 92 -16.71 43.05 -38.09
N THR E 93 -16.53 42.49 -36.88
CA THR E 93 -16.36 41.04 -36.77
C THR E 93 -17.62 40.29 -37.19
N ASN E 94 -18.80 40.85 -36.94
CA ASN E 94 -20.06 40.22 -37.29
C ASN E 94 -20.46 40.47 -38.73
N LEU E 95 -19.69 41.26 -39.47
CA LEU E 95 -20.00 41.61 -40.85
C LEU E 95 -18.96 41.12 -41.84
N GLY E 96 -18.11 40.18 -41.44
CA GLY E 96 -17.11 39.62 -42.32
C GLY E 96 -15.70 40.18 -42.17
N ARG E 97 -15.48 41.08 -41.21
CA ARG E 97 -14.18 41.71 -40.97
C ARG E 97 -13.75 42.41 -42.25
N ALA E 98 -12.58 42.10 -42.82
CA ALA E 98 -12.03 42.89 -43.92
C ALA E 98 -12.66 42.54 -45.25
N LEU E 99 -12.94 43.57 -46.04
CA LEU E 99 -13.35 43.37 -47.43
C LEU E 99 -12.13 43.08 -48.29
N GLN E 100 -12.26 42.13 -49.20
CA GLN E 100 -11.15 41.68 -50.02
C GLN E 100 -10.99 42.56 -51.25
N ALA E 101 -9.76 42.63 -51.75
CA ALA E 101 -9.42 43.49 -52.87
C ALA E 101 -9.95 42.92 -54.18
N GLU E 102 -9.87 43.74 -55.23
CA GLU E 102 -10.28 43.28 -56.56
C GLU E 102 -9.37 42.16 -57.06
N ALA E 103 -8.07 42.25 -56.76
CA ALA E 103 -7.17 41.18 -57.14
C ALA E 103 -7.52 39.88 -56.45
N ALA E 104 -7.86 39.95 -55.15
CA ALA E 104 -8.28 38.76 -54.43
C ALA E 104 -9.58 38.20 -55.01
N VAL E 105 -10.53 39.07 -55.36
CA VAL E 105 -11.79 38.60 -55.94
C VAL E 105 -11.53 37.91 -57.27
N GLU E 106 -10.67 38.48 -58.11
CA GLU E 106 -10.38 37.88 -59.40
C GLU E 106 -9.67 36.54 -59.25
N ALA E 107 -8.70 36.46 -58.34
CA ALA E 107 -8.02 35.20 -58.11
C ALA E 107 -8.98 34.14 -57.59
N VAL E 108 -9.89 34.51 -56.69
CA VAL E 108 -10.84 33.55 -56.14
C VAL E 108 -11.79 33.06 -57.24
N ALA E 109 -12.28 33.98 -58.07
CA ALA E 109 -13.18 33.57 -59.15
C ALA E 109 -12.47 32.66 -60.13
N GLN E 110 -11.20 32.96 -60.45
CA GLN E 110 -10.42 32.11 -61.35
C GLN E 110 -10.21 30.72 -60.75
N ALA E 111 -9.93 30.66 -59.45
CA ALA E 111 -9.73 29.36 -58.80
C ALA E 111 -11.02 28.55 -58.75
N MET E 112 -12.16 29.23 -58.54
CA MET E 112 -13.43 28.52 -58.49
C MET E 112 -13.83 28.00 -59.87
N ARG E 113 -13.69 28.83 -60.90
CA ARG E 113 -14.19 28.46 -62.22
C ARG E 113 -13.36 27.39 -62.89
N SER E 114 -12.06 27.33 -62.61
CA SER E 114 -11.16 26.43 -63.30
C SER E 114 -10.32 25.64 -62.32
N PRO E 115 -9.90 24.44 -62.69
CA PRO E 115 -9.00 23.67 -61.82
C PRO E 115 -7.68 24.40 -61.62
N VAL E 116 -7.12 24.27 -60.42
CA VAL E 116 -5.87 24.91 -60.08
C VAL E 116 -4.95 23.88 -59.43
N THR E 117 -3.64 24.12 -59.56
CA THR E 117 -2.66 23.21 -58.97
C THR E 117 -2.60 23.39 -57.47
N LEU E 118 -3.63 22.92 -56.77
CA LEU E 118 -3.71 23.09 -55.33
C LEU E 118 -2.69 22.23 -54.60
N GLU E 119 -2.53 20.98 -55.02
CA GLU E 119 -1.62 20.04 -54.39
C GLU E 119 -0.84 19.27 -55.45
N TYR E 120 -0.54 19.94 -56.56
CA TYR E 120 0.18 19.32 -57.66
C TYR E 120 1.49 20.07 -57.93
N HIS E 129 3.56 20.89 -52.46
CA HIS E 129 2.71 20.99 -51.27
C HIS E 129 1.68 22.11 -51.45
N ARG E 130 0.61 22.04 -50.67
CA ARG E 130 -0.50 22.97 -50.81
C ARG E 130 -0.14 24.39 -50.43
N ASP E 131 0.85 24.56 -49.55
CA ASP E 131 1.08 25.86 -48.91
C ASP E 131 2.56 26.22 -49.13
N ARG E 132 3.00 26.15 -50.38
CA ARG E 132 4.37 26.46 -50.73
C ARG E 132 4.55 27.82 -51.38
N ALA E 133 3.68 28.20 -52.31
CA ALA E 133 3.75 29.54 -52.89
C ALA E 133 3.52 30.60 -51.82
N LEU E 134 2.53 30.37 -50.95
CA LEU E 134 2.24 31.31 -49.88
C LEU E 134 3.36 31.34 -48.85
N ALA E 135 4.00 30.18 -48.59
CA ALA E 135 5.13 30.17 -47.67
C ALA E 135 6.29 31.00 -48.22
N GLN E 136 6.57 30.88 -49.52
CA GLN E 136 7.61 31.70 -50.13
C GLN E 136 7.24 33.18 -50.07
N LEU E 137 5.98 33.51 -50.35
CA LEU E 137 5.56 34.91 -50.33
C LEU E 137 5.65 35.49 -48.92
N LEU E 138 5.29 34.72 -47.91
CA LEU E 138 5.40 35.19 -46.52
C LEU E 138 6.86 35.29 -46.07
N CYS E 139 7.72 34.38 -46.54
CA CYS E 139 9.15 34.53 -46.27
C CYS E 139 9.69 35.80 -46.91
N ARG E 140 9.23 36.13 -48.11
CA ARG E 140 9.65 37.37 -48.75
C ARG E 140 9.14 38.57 -47.97
N ILE E 141 7.92 38.52 -47.47
CA ILE E 141 7.33 39.67 -46.77
C ILE E 141 7.80 39.73 -45.33
N THR E 142 7.47 38.70 -44.54
CA THR E 142 7.78 38.73 -43.12
C THR E 142 9.26 38.49 -42.84
N GLY E 143 9.87 37.55 -43.56
CA GLY E 143 11.24 37.17 -43.30
C GLY E 143 11.43 35.92 -42.49
N ALA E 144 10.37 35.12 -42.30
CA ALA E 144 10.48 33.87 -41.55
C ALA E 144 10.96 32.75 -42.45
N GLU E 145 11.42 31.67 -41.80
CA GLU E 145 11.94 30.53 -42.54
C GLU E 145 10.83 29.78 -43.27
N ASP E 146 9.72 29.51 -42.57
CA ASP E 146 8.63 28.75 -43.14
C ASP E 146 7.31 29.28 -42.61
N ALA E 147 6.21 28.86 -43.24
CA ALA E 147 4.89 29.32 -42.89
C ALA E 147 3.87 28.19 -43.05
N CYS E 148 2.79 28.31 -42.28
CA CYS E 148 1.69 27.34 -42.26
C CYS E 148 0.38 28.11 -42.26
N ILE E 149 -0.62 27.58 -42.95
CA ILE E 149 -1.91 28.25 -43.10
C ILE E 149 -3.02 27.32 -42.67
N VAL E 150 -3.88 27.80 -41.79
CA VAL E 150 -4.99 27.02 -41.26
C VAL E 150 -6.28 27.81 -41.36
N ASN E 151 -7.37 27.24 -40.84
CA ASN E 151 -8.71 27.78 -41.04
C ASN E 151 -8.81 29.22 -40.53
N ASN E 152 -8.35 29.46 -39.30
CA ASN E 152 -8.36 30.80 -38.72
C ASN E 152 -7.31 30.84 -37.62
N ASN E 153 -7.14 32.02 -37.02
CA ASN E 153 -6.10 32.18 -36.00
C ASN E 153 -6.43 31.40 -34.73
N ALA E 154 -7.70 31.13 -34.46
CA ALA E 154 -8.03 30.20 -33.39
C ALA E 154 -7.48 28.81 -33.69
N ALA E 155 -7.65 28.35 -34.93
CA ALA E 155 -7.04 27.10 -35.36
C ALA E 155 -5.53 27.19 -35.36
N ALA E 156 -4.98 28.36 -35.69
CA ALA E 156 -3.52 28.53 -35.66
C ALA E 156 -2.98 28.36 -34.25
N VAL E 157 -3.61 28.99 -33.26
CA VAL E 157 -3.16 28.85 -31.88
C VAL E 157 -3.35 27.43 -31.40
N LEU E 158 -4.49 26.81 -31.72
CA LEU E 158 -4.72 25.43 -31.31
C LEU E 158 -3.67 24.49 -31.88
N LEU E 159 -3.40 24.59 -33.17
CA LEU E 159 -2.40 23.72 -33.80
C LEU E 159 -1.00 24.00 -33.26
N MET E 160 -0.67 25.27 -33.07
CA MET E 160 0.64 25.63 -32.53
C MET E 160 0.85 25.00 -31.15
N LEU E 161 -0.15 25.13 -30.28
CA LEU E 161 -0.01 24.61 -28.92
C LEU E 161 -0.04 23.09 -28.89
N ALA E 162 -0.87 22.46 -29.73
CA ALA E 162 -0.98 21.01 -29.72
C ALA E 162 0.21 20.35 -30.42
N ALA E 163 0.91 21.05 -31.29
CA ALA E 163 2.04 20.48 -31.99
C ALA E 163 3.38 20.80 -31.36
N THR E 164 3.50 21.91 -30.64
CA THR E 164 4.77 22.27 -30.01
C THR E 164 4.77 22.11 -28.50
N ALA E 165 3.61 22.02 -27.85
CA ALA E 165 3.58 22.01 -26.40
C ALA E 165 2.55 21.04 -25.84
N SER E 166 2.27 19.95 -26.55
CA SER E 166 1.27 19.00 -26.09
C SER E 166 1.77 18.26 -24.86
N GLY E 167 0.99 18.30 -23.79
CA GLY E 167 1.34 17.65 -22.55
C GLY E 167 2.35 18.39 -21.69
N LYS E 168 2.74 19.60 -22.09
CA LYS E 168 3.78 20.36 -21.40
C LYS E 168 3.25 21.74 -21.04
N GLU E 169 3.89 22.35 -20.04
CA GLU E 169 3.49 23.66 -19.57
C GLU E 169 3.84 24.73 -20.58
N VAL E 170 3.01 25.77 -20.65
CA VAL E 170 3.28 26.97 -21.41
C VAL E 170 3.12 28.16 -20.48
N VAL E 171 4.12 29.04 -20.46
CA VAL E 171 4.13 30.19 -19.57
C VAL E 171 3.51 31.36 -20.31
N VAL E 172 2.38 31.85 -19.79
CA VAL E 172 1.68 32.99 -20.35
C VAL E 172 1.50 34.02 -19.25
N SER E 173 1.74 35.28 -19.57
CA SER E 173 1.54 36.35 -18.59
C SER E 173 0.08 36.40 -18.16
N ARG E 174 -0.14 36.72 -16.89
CA ARG E 174 -1.50 36.81 -16.37
C ARG E 174 -2.28 37.97 -16.98
N GLY E 175 -1.61 38.92 -17.62
CA GLY E 175 -2.24 40.03 -18.29
C GLY E 175 -2.40 39.86 -19.79
N GLU E 176 -2.21 38.64 -20.31
CA GLU E 176 -2.40 38.37 -21.73
C GLU E 176 -3.36 37.21 -21.98
N LEU E 177 -4.03 36.72 -20.93
CA LEU E 177 -5.03 35.66 -21.08
C LEU E 177 -6.28 36.31 -21.67
N VAL E 178 -6.29 36.40 -22.98
CA VAL E 178 -7.20 37.25 -23.74
C VAL E 178 -8.45 36.47 -24.10
N GLU E 179 -9.55 37.19 -24.27
CA GLU E 179 -10.78 36.66 -24.84
C GLU E 179 -11.17 37.50 -26.04
N ILE E 180 -11.38 36.85 -27.18
CA ILE E 180 -11.75 37.51 -28.42
C ILE E 180 -13.16 37.12 -28.78
N GLY E 181 -14.02 38.11 -28.99
CA GLY E 181 -15.39 37.84 -29.42
C GLY E 181 -16.26 37.23 -28.34
N GLY E 182 -15.82 36.11 -27.78
CA GLY E 182 -16.58 35.41 -26.76
C GLY E 182 -16.47 33.91 -26.88
N ALA E 183 -16.10 33.42 -28.06
CA ALA E 183 -15.86 32.00 -28.28
C ALA E 183 -14.40 31.63 -28.14
N PHE E 184 -13.48 32.58 -28.25
CA PHE E 184 -12.05 32.33 -28.13
C PHE E 184 -11.57 32.86 -26.78
N ARG E 185 -10.99 31.96 -25.98
CA ARG E 185 -10.41 32.32 -24.69
C ARG E 185 -9.11 31.54 -24.57
N ILE E 186 -8.02 32.24 -24.19
CA ILE E 186 -6.71 31.58 -24.13
C ILE E 186 -6.69 30.42 -23.16
N PRO E 187 -7.22 30.51 -21.92
CA PRO E 187 -7.24 29.32 -21.06
C PRO E 187 -7.98 28.14 -21.65
N ASP E 188 -9.12 28.39 -22.32
CA ASP E 188 -9.91 27.29 -22.86
C ASP E 188 -9.24 26.69 -24.10
N VAL E 189 -8.66 27.54 -24.95
CA VAL E 189 -7.93 27.04 -26.11
C VAL E 189 -6.74 26.21 -25.65
N MET E 190 -6.07 26.65 -24.58
CA MET E 190 -4.96 25.88 -24.02
C MET E 190 -5.43 24.55 -23.45
N ARG E 191 -6.60 24.53 -22.82
CA ARG E 191 -7.14 23.27 -22.34
C ARG E 191 -7.42 22.31 -23.50
N GLN E 192 -7.99 22.83 -24.60
CA GLN E 192 -8.26 21.98 -25.76
C GLN E 192 -6.98 21.44 -26.37
N ALA E 193 -5.94 22.27 -26.46
CA ALA E 193 -4.71 21.88 -27.13
C ALA E 193 -3.90 20.87 -26.34
N GLY E 194 -4.28 20.54 -25.11
CA GLY E 194 -3.56 19.57 -24.33
C GLY E 194 -2.40 20.12 -23.54
N CYS E 195 -2.20 21.44 -23.54
CA CYS E 195 -1.13 22.06 -22.79
C CYS E 195 -1.57 22.36 -21.36
N THR E 196 -0.61 22.74 -20.53
CA THR E 196 -0.86 23.21 -19.17
C THR E 196 -0.55 24.70 -19.14
N LEU E 197 -1.55 25.50 -18.78
CA LEU E 197 -1.36 26.94 -18.70
C LEU E 197 -0.66 27.30 -17.40
N HIS E 198 0.50 27.92 -17.51
CA HIS E 198 1.24 28.44 -16.36
C HIS E 198 1.15 29.96 -16.42
N GLU E 199 0.46 30.54 -15.45
CA GLU E 199 0.25 31.98 -15.41
C GLU E 199 1.26 32.62 -14.46
N VAL E 200 1.85 33.72 -14.91
CA VAL E 200 2.93 34.38 -14.19
C VAL E 200 2.59 35.86 -14.06
N GLY E 201 3.17 36.49 -13.04
CA GLY E 201 2.93 37.89 -12.86
C GLY E 201 1.51 38.18 -12.40
N THR E 202 1.10 39.42 -12.63
CA THR E 202 -0.23 39.90 -12.29
C THR E 202 -0.90 40.45 -13.53
N THR E 203 -2.12 40.95 -13.35
CA THR E 203 -2.90 41.45 -14.48
C THR E 203 -2.25 42.67 -15.11
N ASN E 204 -1.71 43.57 -14.30
CA ASN E 204 -1.13 44.81 -14.82
C ASN E 204 0.40 44.79 -14.84
N ARG E 205 1.04 44.16 -13.87
CA ARG E 205 2.49 44.18 -13.74
C ARG E 205 3.03 42.75 -13.91
N THR E 206 3.77 42.51 -14.98
CA THR E 206 4.47 41.25 -15.19
C THR E 206 5.94 41.55 -15.47
N HIS E 207 6.82 40.94 -14.70
CA HIS E 207 8.25 41.15 -14.82
C HIS E 207 8.92 39.91 -15.39
N ALA E 208 10.13 40.10 -15.93
CA ALA E 208 10.85 38.98 -16.54
C ALA E 208 11.17 37.91 -15.53
N ASN E 209 11.32 38.28 -14.26
CA ASN E 209 11.55 37.27 -13.22
C ASN E 209 10.34 36.36 -13.04
N ASP E 210 9.14 36.87 -13.30
CA ASP E 210 7.95 36.03 -13.25
C ASP E 210 8.02 34.94 -14.32
N TYR E 211 8.48 35.29 -15.52
CA TYR E 211 8.71 34.28 -16.54
C TYR E 211 9.83 33.32 -16.13
N ARG E 212 10.90 33.86 -15.55
CA ARG E 212 12.07 33.04 -15.21
C ARG E 212 11.74 32.01 -14.14
N GLN E 213 10.97 32.39 -13.13
CA GLN E 213 10.69 31.48 -12.02
C GLN E 213 9.77 30.33 -12.42
N ALA E 214 9.07 30.46 -13.54
CA ALA E 214 8.13 29.42 -13.96
C ALA E 214 8.73 28.41 -14.92
N VAL E 215 9.86 28.74 -15.54
CA VAL E 215 10.48 27.83 -16.49
C VAL E 215 11.08 26.65 -15.73
N ASN E 216 10.67 25.44 -16.09
CA ASN E 216 11.19 24.23 -15.46
C ASN E 216 11.34 23.18 -16.55
N GLU E 217 11.51 21.93 -16.15
CA GLU E 217 11.71 20.84 -17.10
C GLU E 217 10.46 20.51 -17.89
N ASN E 218 9.28 20.87 -17.40
CA ASN E 218 8.03 20.63 -18.12
C ASN E 218 7.62 21.79 -19.00
N THR E 219 8.32 22.91 -18.94
CA THR E 219 7.96 24.07 -19.76
C THR E 219 8.34 23.83 -21.22
N ALA E 220 7.40 24.06 -22.11
CA ALA E 220 7.64 23.89 -23.54
C ALA E 220 7.73 25.19 -24.31
N LEU E 221 7.00 26.23 -23.89
CA LEU E 221 6.98 27.49 -24.62
C LEU E 221 6.87 28.64 -23.64
N LEU E 222 7.27 29.82 -24.11
CA LEU E 222 6.89 31.09 -23.51
C LEU E 222 5.99 31.78 -24.53
N MET E 223 4.72 31.95 -24.18
CA MET E 223 3.73 32.46 -25.11
C MET E 223 3.41 33.91 -24.79
N LYS E 224 3.61 34.79 -25.76
CA LYS E 224 3.17 36.17 -25.66
C LYS E 224 1.95 36.36 -26.55
N VAL E 225 0.84 36.78 -25.94
CA VAL E 225 -0.40 36.99 -26.65
C VAL E 225 -0.61 38.49 -26.80
N HIS E 226 -0.83 38.93 -28.03
CA HIS E 226 -1.08 40.34 -28.27
C HIS E 226 -2.53 40.65 -27.92
N THR E 227 -2.72 41.53 -26.94
CA THR E 227 -4.06 41.96 -26.52
C THR E 227 -4.58 42.93 -27.57
N SER E 228 -5.15 42.36 -28.64
CA SER E 228 -5.59 43.18 -29.76
C SER E 228 -6.87 43.94 -29.45
N ASN E 229 -7.78 43.33 -28.68
CA ASN E 229 -9.08 43.93 -28.43
C ASN E 229 -9.13 44.76 -27.15
N TYR E 230 -8.03 44.82 -26.38
CA TYR E 230 -8.05 45.59 -25.16
C TYR E 230 -6.65 46.09 -24.84
N SER E 231 -6.58 47.10 -23.98
CA SER E 231 -5.34 47.64 -23.48
C SER E 231 -5.48 47.97 -22.00
N ILE E 232 -4.50 47.56 -21.21
CA ILE E 232 -4.48 47.86 -19.78
C ILE E 232 -3.71 49.16 -19.59
N GLN E 233 -4.35 50.14 -18.98
CA GLN E 233 -3.77 51.47 -18.81
C GLN E 233 -3.62 51.78 -17.33
N GLY E 234 -2.53 52.49 -17.00
CA GLY E 234 -2.25 52.84 -15.62
C GLY E 234 -0.90 52.33 -15.17
N PHE E 235 -0.85 51.74 -13.98
CA PHE E 235 0.37 51.14 -13.45
C PHE E 235 0.50 49.76 -14.08
N THR E 236 1.26 49.70 -15.18
CA THR E 236 1.38 48.49 -15.99
C THR E 236 2.85 48.21 -16.29
N LYS E 237 3.12 46.95 -16.61
CA LYS E 237 4.44 46.50 -17.00
C LYS E 237 4.30 45.23 -17.83
N ALA E 238 4.88 45.23 -19.02
CA ALA E 238 4.87 44.07 -19.89
C ALA E 238 6.28 43.80 -20.39
N ILE E 239 6.62 42.53 -20.54
CA ILE E 239 7.90 42.12 -21.08
C ILE E 239 7.76 42.00 -22.59
N ASP E 240 8.59 42.75 -23.32
CA ASP E 240 8.52 42.75 -24.77
C ASP E 240 9.02 41.44 -25.35
N GLU E 241 8.89 41.29 -26.66
CA GLU E 241 9.30 40.05 -27.31
C GLU E 241 10.80 39.87 -27.30
N ALA E 242 11.58 40.95 -27.46
CA ALA E 242 13.04 40.81 -27.50
C ALA E 242 13.57 40.29 -26.17
N GLU E 243 13.10 40.86 -25.06
CA GLU E 243 13.54 40.41 -23.75
C GLU E 243 13.13 38.96 -23.51
N LEU E 244 11.93 38.59 -23.95
CA LEU E 244 11.46 37.23 -23.72
C LEU E 244 12.20 36.21 -24.57
N VAL E 245 12.52 36.54 -25.82
CA VAL E 245 13.30 35.60 -26.64
C VAL E 245 14.72 35.50 -26.11
N ALA E 246 15.26 36.59 -25.56
CA ALA E 246 16.56 36.49 -24.90
C ALA E 246 16.51 35.57 -23.70
N LEU E 247 15.46 35.69 -22.88
CA LEU E 247 15.29 34.82 -21.73
C LEU E 247 15.13 33.36 -22.17
N GLY E 248 14.35 33.13 -23.22
CA GLY E 248 14.17 31.77 -23.70
C GLY E 248 15.43 31.17 -24.28
N LYS E 249 16.24 31.98 -24.96
CA LYS E 249 17.54 31.52 -25.43
C LYS E 249 18.44 31.16 -24.26
N GLU E 250 18.42 31.98 -23.20
CA GLU E 250 19.20 31.67 -22.01
C GLU E 250 18.75 30.36 -21.38
N LEU E 251 17.44 30.12 -21.32
CA LEU E 251 16.88 28.95 -20.67
C LEU E 251 16.53 27.82 -21.65
N ASP E 252 16.87 27.97 -22.94
CA ASP E 252 16.60 26.96 -23.96
C ASP E 252 15.11 26.62 -24.03
N VAL E 253 14.28 27.66 -24.10
CA VAL E 253 12.84 27.50 -24.22
C VAL E 253 12.36 28.38 -25.36
N PRO E 254 11.65 27.84 -26.35
CA PRO E 254 11.19 28.67 -27.48
C PRO E 254 10.12 29.66 -27.04
N VAL E 255 10.04 30.76 -27.78
CA VAL E 255 9.08 31.83 -27.51
C VAL E 255 8.17 31.96 -28.71
N VAL E 256 6.86 31.85 -28.49
CA VAL E 256 5.87 31.97 -29.54
C VAL E 256 4.97 33.17 -29.23
N THR E 257 4.27 33.64 -30.26
CA THR E 257 3.46 34.83 -30.16
C THR E 257 2.14 34.63 -30.90
N ASP E 258 1.05 34.96 -30.21
CA ASP E 258 -0.28 35.00 -30.80
C ASP E 258 -0.60 36.44 -31.16
N LEU E 259 -0.04 36.89 -32.29
CA LEU E 259 -0.15 38.29 -32.67
C LEU E 259 -1.60 38.68 -32.94
N GLY E 260 -2.32 37.83 -33.67
CA GLY E 260 -3.72 38.08 -33.94
C GLY E 260 -3.98 39.02 -35.10
N SER E 261 -3.78 40.32 -34.88
CA SER E 261 -4.17 41.32 -35.88
C SER E 261 -3.40 41.12 -37.18
N GLY E 262 -2.09 40.90 -37.10
CA GLY E 262 -1.28 40.64 -38.25
C GLY E 262 -1.19 41.77 -39.26
N SER E 263 -0.95 42.99 -38.78
CA SER E 263 -0.72 44.12 -39.67
C SER E 263 0.68 43.99 -40.27
N LEU E 264 0.76 43.91 -41.59
CA LEU E 264 2.03 43.71 -42.27
C LEU E 264 2.73 45.00 -42.63
N VAL E 265 2.10 46.16 -42.41
CA VAL E 265 2.70 47.45 -42.71
C VAL E 265 2.59 48.34 -41.48
N ASP E 266 3.50 49.30 -41.39
CA ASP E 266 3.51 50.24 -40.28
C ASP E 266 2.33 51.20 -40.43
N LEU E 267 1.31 51.03 -39.59
CA LEU E 267 0.12 51.87 -39.68
C LEU E 267 0.42 53.32 -39.35
N SER E 268 1.45 53.60 -38.55
CA SER E 268 1.80 54.97 -38.22
C SER E 268 2.17 55.78 -39.46
N GLN E 269 2.58 55.11 -40.55
CA GLN E 269 2.86 55.83 -41.79
C GLN E 269 1.61 56.45 -42.37
N TYR E 270 0.45 55.84 -42.14
CA TYR E 270 -0.82 56.33 -42.66
C TYR E 270 -1.59 57.16 -41.65
N GLY E 271 -1.02 57.43 -40.48
CA GLY E 271 -1.69 58.18 -39.44
C GLY E 271 -2.50 57.34 -38.47
N LEU E 272 -2.68 56.06 -38.75
CA LEU E 272 -3.38 55.13 -37.88
C LEU E 272 -2.46 54.70 -36.74
N PRO E 273 -3.03 54.26 -35.62
CA PRO E 273 -2.19 53.80 -34.51
C PRO E 273 -1.34 52.61 -34.91
N LYS E 274 -0.09 52.61 -34.46
CA LYS E 274 0.83 51.54 -34.83
C LYS E 274 0.48 50.25 -34.10
N GLU E 275 0.62 49.13 -34.80
CA GLU E 275 0.41 47.81 -34.23
C GLU E 275 1.63 46.94 -34.49
N PRO E 276 1.90 45.98 -33.61
CA PRO E 276 3.08 45.12 -33.82
C PRO E 276 2.99 44.35 -35.13
N MET E 277 4.13 44.19 -35.77
CA MET E 277 4.20 43.56 -37.08
C MET E 277 4.84 42.19 -36.98
N PRO E 278 4.43 41.24 -37.84
CA PRO E 278 5.12 39.96 -37.87
C PRO E 278 6.59 40.07 -38.24
N GLN E 279 6.96 41.08 -39.05
CA GLN E 279 8.36 41.27 -39.39
C GLN E 279 9.19 41.58 -38.15
N GLU E 280 8.67 42.46 -37.29
CA GLU E 280 9.41 42.82 -36.08
C GLU E 280 9.59 41.62 -35.16
N LEU E 281 8.53 40.83 -34.98
CA LEU E 281 8.62 39.65 -34.12
C LEU E 281 9.55 38.60 -34.71
N ILE E 282 9.51 38.41 -36.02
CA ILE E 282 10.37 37.42 -36.67
C ILE E 282 11.83 37.86 -36.56
N ALA E 283 12.11 39.14 -36.78
CA ALA E 283 13.47 39.64 -36.65
C ALA E 283 13.96 39.59 -35.21
N ALA E 284 13.09 39.86 -34.25
CA ALA E 284 13.47 39.84 -32.84
C ALA E 284 13.84 38.45 -32.34
N GLY E 285 13.46 37.40 -33.04
CA GLY E 285 13.79 36.06 -32.64
C GLY E 285 12.66 35.21 -32.10
N VAL E 286 11.43 35.51 -32.47
CA VAL E 286 10.28 34.72 -32.01
C VAL E 286 10.18 33.46 -32.86
N SER E 287 10.06 32.31 -32.19
CA SER E 287 10.06 31.04 -32.88
C SER E 287 8.87 30.89 -33.82
N LEU E 288 7.67 31.24 -33.35
CA LEU E 288 6.46 31.15 -34.16
C LEU E 288 5.59 32.37 -33.88
N VAL E 289 5.00 32.93 -34.93
CA VAL E 289 4.09 34.06 -34.83
C VAL E 289 2.83 33.71 -35.60
N SER E 290 1.67 33.74 -34.93
CA SER E 290 0.41 33.39 -35.58
C SER E 290 -0.48 34.62 -35.63
N PHE E 291 -1.05 34.89 -36.80
CA PHE E 291 -1.91 36.04 -36.97
C PHE E 291 -3.04 35.73 -37.95
N SER E 292 -4.11 36.52 -37.84
CA SER E 292 -5.26 36.35 -38.71
C SER E 292 -5.02 37.00 -40.07
N GLY E 293 -5.81 36.57 -41.05
CA GLY E 293 -5.71 37.11 -42.39
C GLY E 293 -6.81 38.08 -42.74
N ASP E 294 -7.82 38.19 -41.89
CA ASP E 294 -8.95 39.06 -42.19
C ASP E 294 -9.08 40.23 -41.23
N1 LLP E 295 -6.05 35.48 -31.09
C2 LLP E 295 -5.85 36.80 -31.18
C2' LLP E 295 -4.71 37.49 -30.39
C3 LLP E 295 -6.70 37.58 -32.01
O3 LLP E 295 -6.49 38.95 -32.09
C4 LLP E 295 -7.72 36.99 -32.72
C4' LLP E 295 -8.64 37.96 -33.64
C5 LLP E 295 -7.92 35.64 -32.64
C6 LLP E 295 -7.08 34.88 -31.82
C5' LLP E 295 -9.06 34.89 -33.40
OP4 LLP E 295 -9.15 35.22 -34.78
P LLP E 295 -10.50 34.98 -35.49
OP1 LLP E 295 -10.26 33.93 -36.56
OP2 LLP E 295 -10.99 36.23 -36.12
OP3 LLP E 295 -11.52 34.50 -34.50
N LLP E 295 -8.15 40.35 -40.29
CA LLP E 295 -8.18 41.47 -39.35
CB LLP E 295 -7.44 41.13 -38.07
CG LLP E 295 -8.14 39.97 -37.39
CD LLP E 295 -8.70 40.40 -36.03
CE LLP E 295 -7.86 39.82 -34.87
NZ LLP E 295 -7.96 38.35 -34.83
C LLP E 295 -7.59 42.67 -40.00
O LLP E 295 -8.25 43.32 -40.79
N LEU E 296 -6.34 42.97 -39.70
CA LEU E 296 -5.70 44.17 -40.24
C LEU E 296 -4.93 43.87 -41.52
N LEU E 297 -4.84 42.57 -41.87
CA LEU E 297 -4.15 42.19 -43.10
C LEU E 297 -4.98 42.53 -44.33
N GLY E 298 -6.31 42.51 -44.20
CA GLY E 298 -7.18 42.87 -45.29
C GLY E 298 -7.50 41.77 -46.26
N GLY E 299 -7.39 40.50 -45.86
CA GLY E 299 -7.60 39.40 -46.76
C GLY E 299 -8.70 38.46 -46.32
N PRO E 300 -8.51 37.17 -46.57
CA PRO E 300 -9.52 36.17 -46.21
C PRO E 300 -9.32 35.66 -44.78
N GLN E 301 -10.35 34.96 -44.28
CA GLN E 301 -10.23 34.33 -42.98
C GLN E 301 -9.22 33.21 -43.05
N ALA E 302 -8.05 33.43 -42.45
CA ALA E 302 -7.00 32.43 -42.45
C ALA E 302 -6.16 32.60 -41.20
N GLY E 303 -5.52 31.52 -40.78
CA GLY E 303 -4.59 31.58 -39.68
C GLY E 303 -3.18 31.33 -40.16
N ILE E 304 -2.32 32.34 -40.12
CA ILE E 304 -1.00 32.27 -40.72
C ILE E 304 0.03 32.20 -39.61
N ILE E 305 0.81 31.12 -39.59
CA ILE E 305 1.86 30.91 -38.61
C ILE E 305 3.18 30.97 -39.35
N VAL E 306 4.05 31.89 -38.95
CA VAL E 306 5.35 32.05 -39.60
C VAL E 306 6.44 31.85 -38.57
N GLY E 307 7.50 31.18 -38.96
CA GLY E 307 8.60 31.03 -38.01
C GLY E 307 9.60 29.98 -38.47
N LYS E 308 10.24 29.35 -37.49
CA LYS E 308 11.34 28.44 -37.75
C LYS E 308 10.85 27.24 -38.56
N LYS E 309 11.74 26.77 -39.44
CA LYS E 309 11.39 25.68 -40.35
C LYS E 309 11.08 24.39 -39.59
N GLU E 310 11.82 24.11 -38.52
CA GLU E 310 11.60 22.86 -37.78
C GLU E 310 10.24 22.86 -37.08
N MET E 311 9.88 23.97 -36.42
CA MET E 311 8.59 24.01 -35.74
C MET E 311 7.43 24.07 -36.72
N ILE E 312 7.60 24.78 -37.83
CA ILE E 312 6.57 24.77 -38.86
C ILE E 312 6.40 23.37 -39.42
N ALA E 313 7.50 22.63 -39.59
CA ALA E 313 7.41 21.26 -40.06
C ALA E 313 6.72 20.36 -39.04
N ARG E 314 6.92 20.64 -37.75
CA ARG E 314 6.16 19.95 -36.72
C ARG E 314 4.67 20.24 -36.85
N LEU E 315 4.33 21.49 -37.13
CA LEU E 315 2.93 21.87 -37.28
C LEU E 315 2.29 21.19 -38.48
N GLN E 316 2.99 21.19 -39.61
CA GLN E 316 2.43 20.65 -40.85
C GLN E 316 2.23 19.14 -40.76
N SER E 317 3.02 18.45 -39.94
CA SER E 317 2.93 17.01 -39.79
C SER E 317 1.98 16.59 -38.68
N HIS E 318 1.39 17.53 -37.96
CA HIS E 318 0.47 17.17 -36.89
C HIS E 318 -0.82 16.59 -37.46
N PRO E 319 -1.43 15.63 -36.77
CA PRO E 319 -2.71 15.08 -37.23
C PRO E 319 -3.81 16.12 -37.33
N LEU E 320 -3.77 17.17 -36.51
CA LEU E 320 -4.80 18.20 -36.55
C LEU E 320 -4.79 18.98 -37.86
N LYS E 321 -3.64 19.07 -38.52
CA LYS E 321 -3.51 19.94 -39.69
C LYS E 321 -4.50 19.58 -40.77
N ARG E 322 -4.75 18.29 -40.98
CA ARG E 322 -5.72 17.87 -41.98
C ARG E 322 -7.10 18.45 -41.69
N ALA E 323 -7.49 18.51 -40.42
CA ALA E 323 -8.75 19.13 -40.07
C ALA E 323 -8.71 20.64 -40.25
N LEU E 324 -7.55 21.25 -40.09
CA LEU E 324 -7.41 22.70 -40.10
C LEU E 324 -6.89 23.24 -41.41
N ARG E 325 -6.58 22.39 -42.38
CA ARG E 325 -6.02 22.84 -43.65
C ARG E 325 -6.91 23.87 -44.32
N ALA E 326 -6.32 24.71 -45.14
CA ALA E 326 -7.01 25.85 -45.75
C ALA E 326 -7.53 25.52 -47.14
N ASP E 327 -8.67 26.12 -47.47
CA ASP E 327 -9.39 25.88 -48.71
C ASP E 327 -8.68 26.54 -49.89
N LYS E 328 -9.07 26.14 -51.10
CA LYS E 328 -8.40 26.67 -52.29
C LYS E 328 -8.76 28.13 -52.55
N MET E 329 -10.01 28.55 -52.31
CA MET E 329 -10.30 29.98 -52.45
C MET E 329 -9.66 30.78 -51.33
N THR E 330 -9.55 30.19 -50.14
CA THR E 330 -8.82 30.86 -49.06
C THR E 330 -7.37 31.10 -49.46
N LEU E 331 -6.72 30.09 -50.03
CA LEU E 331 -5.34 30.26 -50.47
C LEU E 331 -5.24 31.23 -51.63
N ALA E 332 -6.21 31.20 -52.56
CA ALA E 332 -6.19 32.14 -53.68
C ALA E 332 -6.30 33.58 -53.19
N ALA E 333 -7.26 33.84 -52.32
CA ALA E 333 -7.44 35.18 -51.77
C ALA E 333 -6.23 35.61 -50.97
N LEU E 334 -5.66 34.71 -50.17
CA LEU E 334 -4.49 35.06 -49.38
C LEU E 334 -3.30 35.38 -50.27
N GLU E 335 -3.08 34.59 -51.31
CA GLU E 335 -1.96 34.86 -52.22
C GLU E 335 -2.14 36.19 -52.94
N ALA E 336 -3.35 36.45 -53.45
CA ALA E 336 -3.59 37.71 -54.15
C ALA E 336 -3.46 38.90 -53.21
N THR E 337 -3.94 38.77 -51.97
CA THR E 337 -3.81 39.85 -51.00
C THR E 337 -2.37 40.10 -50.62
N LEU E 338 -1.61 39.03 -50.38
CA LEU E 338 -0.21 39.18 -50.01
C LEU E 338 0.62 39.77 -51.15
N ARG E 339 0.24 39.49 -52.40
CA ARG E 339 0.94 40.11 -53.52
C ARG E 339 0.74 41.61 -53.57
N LEU E 340 -0.31 42.13 -52.93
CA LEU E 340 -0.49 43.57 -52.87
C LEU E 340 0.56 44.22 -51.99
N TYR E 341 1.03 43.51 -50.96
CA TYR E 341 2.03 44.05 -50.06
C TYR E 341 3.42 44.11 -50.69
N LEU E 342 3.61 43.49 -51.85
CA LEU E 342 4.84 43.63 -52.61
C LEU E 342 4.89 44.94 -53.40
N HIS E 343 3.80 45.68 -53.43
CA HIS E 343 3.70 46.96 -54.13
C HIS E 343 3.15 48.00 -53.16
N PRO E 344 3.94 48.41 -52.17
CA PRO E 344 3.41 49.23 -51.06
C PRO E 344 2.83 50.57 -51.51
N GLU E 345 3.38 51.20 -52.54
CA GLU E 345 2.94 52.54 -52.89
C GLU E 345 1.47 52.57 -53.31
N ALA E 346 1.00 51.51 -53.95
CA ALA E 346 -0.41 51.39 -54.32
C ALA E 346 -1.24 50.66 -53.28
N LEU E 347 -0.62 50.25 -52.17
CA LEU E 347 -1.33 49.45 -51.18
C LEU E 347 -2.48 50.21 -50.56
N SER E 348 -2.30 51.52 -50.32
CA SER E 348 -3.38 52.33 -49.77
C SER E 348 -4.56 52.47 -50.73
N GLU E 349 -4.38 52.12 -52.01
CA GLU E 349 -5.46 52.20 -52.98
C GLU E 349 -6.08 50.85 -53.30
N LYS E 350 -5.26 49.82 -53.50
CA LYS E 350 -5.76 48.51 -53.89
C LYS E 350 -6.28 47.69 -52.71
N LEU E 351 -5.98 48.09 -51.47
CA LEU E 351 -6.47 47.34 -50.32
C LEU E 351 -7.69 48.05 -49.75
N PRO E 352 -8.88 47.45 -49.82
CA PRO E 352 -10.09 48.15 -49.33
C PRO E 352 -10.01 48.51 -47.86
N THR E 353 -9.40 47.67 -47.03
CA THR E 353 -9.28 47.99 -45.61
C THR E 353 -8.46 49.26 -45.41
N LEU E 354 -7.28 49.31 -46.03
CA LEU E 354 -6.44 50.49 -45.92
C LEU E 354 -7.08 51.71 -46.57
N ARG E 355 -7.77 51.51 -47.69
CA ARG E 355 -8.44 52.63 -48.36
C ARG E 355 -9.52 53.22 -47.48
N LEU E 356 -10.29 52.37 -46.79
CA LEU E 356 -11.33 52.88 -45.89
C LEU E 356 -10.74 53.49 -44.64
N LEU E 357 -9.63 52.94 -44.14
CA LEU E 357 -9.05 53.46 -42.91
C LEU E 357 -8.33 54.78 -43.15
N THR E 358 -7.59 54.90 -44.26
CA THR E 358 -6.85 56.12 -44.55
C THR E 358 -7.68 57.15 -45.31
N ARG E 359 -8.98 56.92 -45.45
CA ARG E 359 -9.84 57.91 -46.10
C ARG E 359 -9.83 59.22 -45.30
N SER E 360 -9.66 60.33 -46.01
CA SER E 360 -9.59 61.63 -45.36
C SER E 360 -10.96 62.06 -44.86
N ALA E 361 -10.95 62.86 -43.79
CA ALA E 361 -12.21 63.32 -43.20
C ALA E 361 -12.87 64.38 -44.06
N GLU E 362 -12.09 65.15 -44.83
CA GLU E 362 -12.66 66.18 -45.68
C GLU E 362 -13.54 65.57 -46.77
N VAL E 363 -13.09 64.47 -47.38
CA VAL E 363 -13.88 63.83 -48.42
C VAL E 363 -15.16 63.25 -47.83
N ILE E 364 -15.09 62.68 -46.63
CA ILE E 364 -16.29 62.18 -45.97
C ILE E 364 -17.27 63.31 -45.70
N GLN E 365 -16.75 64.46 -45.24
CA GLN E 365 -17.61 65.61 -44.98
C GLN E 365 -18.26 66.11 -46.27
N ILE E 366 -17.50 66.13 -47.37
CA ILE E 366 -18.06 66.56 -48.65
C ILE E 366 -19.16 65.61 -49.10
N GLN E 367 -18.92 64.30 -48.98
CA GLN E 367 -19.94 63.33 -49.39
C GLN E 367 -21.19 63.45 -48.52
N ALA E 368 -21.00 63.65 -47.21
CA ALA E 368 -22.14 63.81 -46.33
C ALA E 368 -22.95 65.05 -46.68
N GLN E 369 -22.27 66.16 -46.96
CA GLN E 369 -22.98 67.38 -47.36
C GLN E 369 -23.71 67.17 -48.68
N ARG E 370 -23.09 66.48 -49.62
CA ARG E 370 -23.72 66.23 -50.91
C ARG E 370 -24.96 65.35 -50.76
N LEU E 371 -24.89 64.32 -49.92
CA LEU E 371 -26.02 63.43 -49.70
C LEU E 371 -27.09 64.05 -48.82
N GLN E 372 -26.76 65.10 -48.06
CA GLN E 372 -27.76 65.72 -47.20
C GLN E 372 -28.85 66.42 -48.02
N ALA E 373 -28.47 67.03 -49.14
CA ALA E 373 -29.45 67.78 -49.93
C ALA E 373 -30.61 66.93 -50.44
N PRO E 374 -30.39 65.78 -51.08
CA PRO E 374 -31.55 64.95 -51.46
C PRO E 374 -32.36 64.49 -50.25
N LEU E 375 -31.70 64.21 -49.13
CA LEU E 375 -32.42 63.85 -47.92
C LEU E 375 -33.16 65.04 -47.34
N ALA E 376 -32.61 66.25 -47.49
CA ALA E 376 -33.30 67.45 -46.98
C ALA E 376 -34.54 67.77 -47.81
N ALA E 377 -34.44 67.63 -49.14
CA ALA E 377 -35.58 67.90 -50.01
C ALA E 377 -36.57 66.74 -50.06
N HIS E 378 -36.23 65.60 -49.46
CA HIS E 378 -37.09 64.43 -49.45
C HIS E 378 -37.25 64.02 -48.00
N TYR E 379 -37.73 62.78 -47.78
CA TYR E 379 -37.95 62.22 -46.45
C TYR E 379 -36.90 62.67 -45.44
N GLY E 380 -37.35 63.16 -44.29
CA GLY E 380 -36.48 63.79 -43.33
C GLY E 380 -37.19 64.91 -42.58
N ALA E 381 -38.40 65.25 -43.04
CA ALA E 381 -39.24 66.15 -42.25
C ALA E 381 -39.64 65.48 -40.93
N GLU E 382 -39.95 64.19 -40.98
CA GLU E 382 -40.21 63.45 -39.75
C GLU E 382 -38.97 63.33 -38.89
N PHE E 383 -37.81 63.07 -39.52
CA PHE E 383 -36.55 62.88 -38.82
C PHE E 383 -35.51 63.82 -39.44
N ALA E 384 -35.25 64.93 -38.75
CA ALA E 384 -34.32 65.93 -39.26
C ALA E 384 -32.94 65.33 -39.44
N VAL E 385 -32.32 65.60 -40.59
CA VAL E 385 -31.04 65.02 -40.98
C VAL E 385 -30.04 66.15 -41.18
N GLN E 386 -28.89 66.04 -40.51
CA GLN E 386 -27.84 67.04 -40.63
C GLN E 386 -26.49 66.37 -40.42
N VAL E 387 -25.44 67.01 -40.93
CA VAL E 387 -24.09 66.46 -40.95
C VAL E 387 -23.33 67.01 -39.76
N MET E 388 -22.77 66.12 -38.94
CA MET E 388 -21.94 66.53 -37.82
C MET E 388 -20.76 65.59 -37.66
N PRO E 389 -19.65 66.10 -37.13
CA PRO E 389 -18.53 65.24 -36.78
C PRO E 389 -18.96 64.01 -35.98
N CYS E 390 -18.17 62.94 -36.16
CA CYS E 390 -18.34 61.71 -35.42
C CYS E 390 -17.00 60.99 -35.41
N LEU E 391 -16.96 59.85 -34.73
CA LEU E 391 -15.73 59.09 -34.59
C LEU E 391 -15.97 57.64 -35.05
N SER E 392 -14.99 57.09 -35.74
CA SER E 392 -15.12 55.77 -36.36
C SER E 392 -14.09 54.82 -35.76
N GLN E 393 -14.51 53.59 -35.52
CA GLN E 393 -13.61 52.57 -35.00
C GLN E 393 -12.87 51.88 -36.14
N ILE E 394 -11.62 51.49 -35.87
CA ILE E 394 -10.86 50.70 -36.83
C ILE E 394 -11.52 49.34 -37.02
N GLY E 395 -11.91 48.69 -35.93
CA GLY E 395 -12.58 47.41 -35.99
C GLY E 395 -11.77 46.32 -35.30
N SER E 396 -11.87 45.11 -35.84
CA SER E 396 -11.15 43.97 -35.27
C SER E 396 -9.65 44.11 -35.46
N GLY E 397 -8.91 43.62 -34.46
CA GLY E 397 -7.46 43.68 -34.47
C GLY E 397 -6.87 44.93 -33.85
N SER E 398 -7.68 45.95 -33.61
CA SER E 398 -7.23 47.20 -32.99
C SER E 398 -8.08 47.47 -31.75
N LEU E 399 -7.65 48.46 -30.99
CA LEU E 399 -8.40 48.86 -29.81
C LEU E 399 -9.77 49.41 -30.22
N PRO E 400 -10.83 49.08 -29.49
CA PRO E 400 -12.15 49.66 -29.80
C PRO E 400 -12.23 51.17 -29.57
N VAL E 401 -11.12 51.80 -29.19
CA VAL E 401 -11.10 53.26 -29.15
C VAL E 401 -11.26 53.80 -30.56
N ASP E 402 -12.10 54.82 -30.71
CA ASP E 402 -12.46 55.31 -32.04
C ASP E 402 -11.25 55.85 -32.79
N ARG E 403 -10.67 56.95 -32.31
CA ARG E 403 -9.40 57.48 -32.79
C ARG E 403 -9.43 57.93 -34.25
N LEU E 404 -10.59 57.93 -34.89
CA LEU E 404 -10.68 58.29 -36.31
C LEU E 404 -11.79 59.31 -36.50
N PRO E 405 -11.48 60.55 -36.91
CA PRO E 405 -12.53 61.54 -37.19
C PRO E 405 -13.26 61.22 -38.47
N SER E 406 -14.56 61.51 -38.51
CA SER E 406 -15.39 61.29 -39.68
C SER E 406 -16.59 62.22 -39.60
N ALA E 407 -17.46 62.14 -40.61
CA ALA E 407 -18.69 62.92 -40.64
C ALA E 407 -19.88 61.99 -40.78
N ALA E 408 -20.93 62.24 -40.02
CA ALA E 408 -22.11 61.39 -40.06
C ALA E 408 -23.37 62.24 -40.16
N LEU E 409 -24.38 61.69 -40.82
CA LEU E 409 -25.70 62.28 -40.91
C LEU E 409 -26.68 61.47 -40.08
N THR E 410 -27.58 62.15 -39.40
CA THR E 410 -28.58 61.48 -38.58
C THR E 410 -29.97 61.58 -39.19
N GLU E 422 -36.14 53.10 -33.34
CA GLU E 422 -36.25 51.64 -33.39
C GLU E 422 -37.03 51.21 -34.63
N SER E 423 -38.12 51.91 -34.92
CA SER E 423 -38.91 51.59 -36.10
C SER E 423 -38.15 51.87 -37.39
N LEU E 424 -37.38 52.96 -37.42
CA LEU E 424 -36.58 53.26 -38.60
C LEU E 424 -35.50 52.20 -38.81
N ALA E 425 -34.87 51.74 -37.73
CA ALA E 425 -33.88 50.68 -37.85
C ALA E 425 -34.49 49.39 -38.38
N ALA E 426 -35.69 49.04 -37.90
CA ALA E 426 -36.37 47.86 -38.41
C ALA E 426 -36.75 48.03 -39.87
N ARG E 427 -37.17 49.23 -40.28
CA ARG E 427 -37.47 49.48 -41.68
C ARG E 427 -36.24 49.30 -42.56
N TRP E 428 -35.09 49.79 -42.09
CA TRP E 428 -33.89 49.71 -42.89
C TRP E 428 -33.29 48.31 -42.91
N ARG E 429 -33.48 47.53 -41.85
CA ARG E 429 -32.89 46.19 -41.79
C ARG E 429 -33.58 45.21 -42.73
N GLU E 430 -34.78 45.53 -43.23
CA GLU E 430 -35.50 44.67 -44.14
C GLU E 430 -35.30 45.04 -45.60
N LEU E 431 -34.50 46.05 -45.90
CA LEU E 431 -34.26 46.45 -47.27
C LEU E 431 -33.41 45.40 -47.99
N PRO E 432 -33.48 45.35 -49.32
CA PRO E 432 -32.64 44.39 -50.07
C PRO E 432 -31.16 44.58 -49.79
N VAL E 433 -30.70 45.80 -49.58
CA VAL E 433 -29.34 46.07 -49.12
C VAL E 433 -29.47 46.79 -47.78
N PRO E 434 -29.52 46.07 -46.67
CA PRO E 434 -29.80 46.71 -45.38
C PRO E 434 -28.76 47.76 -45.01
N VAL E 435 -29.23 48.82 -44.37
CA VAL E 435 -28.38 49.88 -43.85
C VAL E 435 -28.40 49.78 -42.33
N ILE E 436 -27.21 49.67 -41.72
CA ILE E 436 -27.08 49.49 -40.29
C ILE E 436 -26.40 50.73 -39.72
N GLY E 437 -27.05 51.35 -38.74
CA GLY E 437 -26.48 52.50 -38.05
C GLY E 437 -26.40 52.28 -36.55
N ARG E 438 -26.11 53.33 -35.79
CA ARG E 438 -26.00 53.22 -34.34
C ARG E 438 -26.95 54.18 -33.66
N ILE E 439 -27.63 53.70 -32.62
CA ILE E 439 -28.57 54.51 -31.85
C ILE E 439 -27.82 55.08 -30.66
N TYR E 440 -27.71 56.40 -30.60
CA TYR E 440 -27.03 57.07 -29.50
C TYR E 440 -27.53 58.50 -29.40
N ASP E 441 -27.67 58.98 -28.16
CA ASP E 441 -28.12 60.35 -27.89
C ASP E 441 -29.47 60.63 -28.56
N GLY E 442 -30.34 59.62 -28.57
CA GLY E 442 -31.63 59.76 -29.20
C GLY E 442 -31.59 59.99 -30.69
N ARG E 443 -30.48 59.65 -31.34
CA ARG E 443 -30.31 59.85 -32.77
C ARG E 443 -29.77 58.58 -33.42
N LEU E 444 -30.12 58.40 -34.69
CA LEU E 444 -29.62 57.29 -35.48
C LEU E 444 -28.48 57.79 -36.36
N TRP E 445 -27.26 57.37 -36.05
CA TRP E 445 -26.06 57.83 -36.74
C TRP E 445 -25.67 56.83 -37.82
N LEU E 446 -25.34 57.37 -39.00
CA LEU E 446 -24.86 56.60 -40.15
C LEU E 446 -23.49 57.16 -40.53
N ASP E 447 -22.43 56.60 -39.96
CA ASP E 447 -21.09 57.02 -40.30
C ASP E 447 -20.80 56.67 -41.75
N LEU E 448 -20.30 57.66 -42.52
CA LEU E 448 -20.12 57.50 -43.95
C LEU E 448 -18.67 57.22 -44.33
N ARG E 449 -17.86 56.73 -43.38
CA ARG E 449 -16.48 56.39 -43.69
C ARG E 449 -16.41 55.19 -44.63
N CYS E 450 -17.28 54.21 -44.45
CA CYS E 450 -17.24 52.95 -45.19
C CYS E 450 -18.20 52.91 -46.37
N LEU E 451 -18.78 54.05 -46.74
CA LEU E 451 -19.69 54.12 -47.88
C LEU E 451 -18.88 54.41 -49.13
N GLU E 452 -18.79 53.43 -50.02
CA GLU E 452 -18.04 53.57 -51.26
C GLU E 452 -18.92 53.71 -52.50
N ASP E 453 -20.19 53.34 -52.41
CA ASP E 453 -21.11 53.40 -53.55
C ASP E 453 -22.32 54.23 -53.13
N GLU E 454 -22.31 55.50 -53.51
CA GLU E 454 -23.36 56.42 -53.07
C GLU E 454 -24.70 56.11 -53.73
N GLN E 455 -24.67 55.57 -54.95
CA GLN E 455 -25.91 55.36 -55.70
C GLN E 455 -26.83 54.37 -55.01
N ARG E 456 -26.28 53.24 -54.57
CA ARG E 456 -27.11 52.21 -53.93
C ARG E 456 -27.69 52.71 -52.62
N PHE E 457 -26.89 53.39 -51.81
CA PHE E 457 -27.37 53.89 -50.52
C PHE E 457 -28.42 54.98 -50.70
N LEU E 458 -28.20 55.89 -51.67
CA LEU E 458 -29.15 56.97 -51.89
C LEU E 458 -30.47 56.48 -52.49
N GLU E 459 -30.49 55.29 -53.09
CA GLU E 459 -31.71 54.77 -53.70
C GLU E 459 -32.68 54.15 -52.72
N MET E 460 -32.26 53.97 -51.47
CA MET E 460 -33.15 53.67 -50.36
C MET E 460 -33.10 54.80 -49.34
N GLN F 77 3.26 34.43 -62.74
CA GLN F 77 2.25 33.41 -62.52
C GLN F 77 2.48 32.69 -61.19
N SER F 78 1.42 32.57 -60.40
CA SER F 78 1.51 31.93 -59.10
C SER F 78 1.41 30.41 -59.24
N ALA F 79 1.61 29.71 -58.13
CA ALA F 79 1.51 28.25 -58.13
C ALA F 79 0.06 27.76 -58.09
N LEU F 80 -0.91 28.66 -57.87
CA LEU F 80 -2.33 28.31 -57.99
C LEU F 80 -2.87 28.66 -59.36
N ARG F 81 -2.03 28.52 -60.38
CA ARG F 81 -2.41 28.84 -61.74
C ARG F 81 -3.49 27.89 -62.24
N PRO F 82 -4.38 28.37 -63.12
CA PRO F 82 -5.37 27.46 -63.76
C PRO F 82 -4.71 26.38 -64.61
N VAL F 83 -5.35 25.21 -64.64
CA VAL F 83 -4.84 24.05 -65.35
C VAL F 83 -5.99 23.37 -66.08
N ILE F 84 -5.72 22.96 -67.31
CA ILE F 84 -6.70 22.25 -68.14
C ILE F 84 -6.61 20.78 -67.73
N ASN F 85 -7.51 20.35 -66.85
CA ASN F 85 -7.50 19.00 -66.32
C ASN F 85 -8.04 18.05 -67.39
N LEU F 86 -7.14 17.54 -68.21
CA LEU F 86 -7.49 16.61 -69.29
C LEU F 86 -7.12 15.17 -68.95
N THR F 87 -6.87 14.87 -67.68
CA THR F 87 -6.48 13.54 -67.26
C THR F 87 -7.66 12.57 -67.20
N GLY F 88 -8.89 13.05 -67.35
CA GLY F 88 -10.06 12.21 -67.27
C GLY F 88 -10.67 12.10 -65.89
N THR F 89 -9.99 12.60 -64.86
CA THR F 89 -10.54 12.61 -63.50
C THR F 89 -11.25 13.94 -63.30
N VAL F 90 -12.59 13.89 -63.21
CA VAL F 90 -13.36 15.12 -63.10
C VAL F 90 -13.12 15.80 -61.76
N LEU F 91 -13.23 15.03 -60.67
CA LEU F 91 -13.03 15.57 -59.32
C LEU F 91 -11.64 15.16 -58.85
N HIS F 92 -10.64 15.87 -59.37
CA HIS F 92 -9.25 15.62 -59.00
C HIS F 92 -8.97 16.20 -57.62
N THR F 93 -8.56 15.35 -56.68
CA THR F 93 -8.32 15.82 -55.32
C THR F 93 -7.18 16.82 -55.26
N ASN F 94 -6.20 16.69 -56.15
CA ASN F 94 -5.04 17.57 -56.17
C ASN F 94 -5.27 18.83 -57.01
N LEU F 95 -6.43 18.96 -57.64
CA LEU F 95 -6.73 20.11 -58.48
C LEU F 95 -7.92 20.91 -57.94
N GLY F 96 -8.28 20.71 -56.68
CA GLY F 96 -9.38 21.43 -56.06
C GLY F 96 -10.72 20.73 -56.07
N ARG F 97 -10.77 19.47 -56.52
CA ARG F 97 -11.99 18.67 -56.55
C ARG F 97 -13.01 19.40 -57.43
N ALA F 98 -14.19 19.74 -56.92
CA ALA F 98 -15.27 20.21 -57.76
C ALA F 98 -15.10 21.68 -58.13
N LEU F 99 -15.38 22.00 -59.39
CA LEU F 99 -15.48 23.38 -59.82
C LEU F 99 -16.82 23.96 -59.41
N GLN F 100 -16.80 25.21 -58.96
CA GLN F 100 -18.00 25.84 -58.42
C GLN F 100 -18.81 26.49 -59.54
N ALA F 101 -20.12 26.58 -59.30
CA ALA F 101 -21.05 27.09 -60.31
C ALA F 101 -20.91 28.61 -60.44
N GLU F 102 -21.54 29.14 -61.49
CA GLU F 102 -21.54 30.59 -61.70
C GLU F 102 -22.29 31.31 -60.58
N ALA F 103 -23.37 30.71 -60.08
CA ALA F 103 -24.09 31.28 -58.95
C ALA F 103 -23.19 31.33 -57.71
N ALA F 104 -22.44 30.25 -57.47
CA ALA F 104 -21.51 30.25 -56.34
C ALA F 104 -20.44 31.31 -56.52
N VAL F 105 -19.91 31.46 -57.74
CA VAL F 105 -18.88 32.46 -57.98
C VAL F 105 -19.43 33.86 -57.74
N GLU F 106 -20.65 34.14 -58.21
CA GLU F 106 -21.24 35.45 -58.02
C GLU F 106 -21.51 35.73 -56.54
N ALA F 107 -22.02 34.74 -55.81
CA ALA F 107 -22.26 34.93 -54.39
C ALA F 107 -20.96 35.18 -53.64
N VAL F 108 -19.91 34.44 -53.99
CA VAL F 108 -18.62 34.63 -53.31
C VAL F 108 -18.05 36.01 -53.61
N ALA F 109 -18.13 36.46 -54.87
CA ALA F 109 -17.64 37.79 -55.20
C ALA F 109 -18.42 38.87 -54.48
N GLN F 110 -19.74 38.71 -54.39
CA GLN F 110 -20.56 39.68 -53.66
C GLN F 110 -20.20 39.70 -52.18
N ALA F 111 -19.96 38.53 -51.58
CA ALA F 111 -19.61 38.48 -50.17
C ALA F 111 -18.23 39.09 -49.92
N MET F 112 -17.29 38.89 -50.84
CA MET F 112 -15.96 39.46 -50.67
C MET F 112 -15.98 40.98 -50.84
N ARG F 113 -16.70 41.47 -51.85
CA ARG F 113 -16.63 42.88 -52.18
C ARG F 113 -17.38 43.76 -51.20
N SER F 114 -18.40 43.23 -50.54
CA SER F 114 -19.27 44.03 -49.69
C SER F 114 -19.47 43.34 -48.36
N PRO F 115 -19.72 44.10 -47.28
CA PRO F 115 -20.02 43.47 -46.00
C PRO F 115 -21.29 42.64 -46.07
N VAL F 116 -21.31 41.54 -45.32
CA VAL F 116 -22.45 40.62 -45.31
C VAL F 116 -22.82 40.31 -43.87
N THR F 117 -24.08 39.96 -43.66
CA THR F 117 -24.56 39.59 -42.34
C THR F 117 -24.06 38.21 -41.94
N LEU F 118 -22.77 38.09 -41.65
CA LEU F 118 -22.19 36.79 -41.32
C LEU F 118 -22.67 36.31 -39.96
N GLU F 119 -22.64 37.18 -38.95
CA GLU F 119 -23.04 36.82 -37.59
C GLU F 119 -24.00 37.85 -37.02
N TYR F 120 -24.77 38.50 -37.89
CA TYR F 120 -25.77 39.48 -37.49
C TYR F 120 -27.12 39.07 -38.05
N ASP F 121 -28.10 38.89 -37.17
CA ASP F 121 -29.44 38.49 -37.56
C ASP F 121 -30.34 39.71 -37.64
N LEU F 122 -31.04 39.86 -38.76
CA LEU F 122 -31.89 41.02 -38.98
C LEU F 122 -33.25 40.85 -38.31
N ARG F 127 -27.59 39.07 -31.70
CA ARG F 127 -26.98 38.53 -32.91
C ARG F 127 -27.39 37.08 -33.15
N GLY F 128 -27.45 36.69 -34.42
CA GLY F 128 -27.78 35.33 -34.80
C GLY F 128 -26.55 34.51 -35.08
N HIS F 129 -26.76 33.21 -35.27
CA HIS F 129 -25.63 32.31 -35.49
C HIS F 129 -25.12 32.43 -36.92
N ARG F 130 -23.91 31.94 -37.13
CA ARG F 130 -23.21 32.12 -38.42
C ARG F 130 -23.90 31.38 -39.55
N ASP F 131 -24.34 30.15 -39.31
CA ASP F 131 -24.82 29.27 -40.39
C ASP F 131 -26.23 28.78 -40.10
N ARG F 132 -27.14 29.70 -39.77
CA ARG F 132 -28.52 29.32 -39.50
C ARG F 132 -29.36 29.23 -40.78
N ALA F 133 -29.19 30.17 -41.70
CA ALA F 133 -29.89 30.08 -42.98
C ALA F 133 -29.41 28.87 -43.78
N LEU F 134 -28.11 28.59 -43.71
CA LEU F 134 -27.57 27.38 -44.33
C LEU F 134 -28.16 26.13 -43.69
N ALA F 135 -28.33 26.14 -42.37
CA ALA F 135 -28.95 25.01 -41.69
C ALA F 135 -30.40 24.83 -42.13
N GLN F 136 -31.12 25.94 -42.33
CA GLN F 136 -32.49 25.84 -42.82
C GLN F 136 -32.53 25.27 -44.23
N LEU F 137 -31.59 25.70 -45.09
CA LEU F 137 -31.51 25.16 -46.44
C LEU F 137 -31.22 23.66 -46.43
N LEU F 138 -30.30 23.24 -45.56
CA LEU F 138 -29.98 21.82 -45.46
C LEU F 138 -31.13 21.01 -44.88
N CYS F 139 -31.90 21.60 -43.96
CA CYS F 139 -33.10 20.94 -43.47
C CYS F 139 -34.12 20.78 -44.59
N ARG F 140 -34.27 21.80 -45.43
CA ARG F 140 -35.18 21.70 -46.56
C ARG F 140 -34.74 20.63 -47.54
N ILE F 141 -33.45 20.54 -47.82
CA ILE F 141 -32.96 19.59 -48.82
C ILE F 141 -32.91 18.18 -48.27
N THR F 142 -32.09 17.95 -47.25
CA THR F 142 -31.89 16.61 -46.69
C THR F 142 -33.06 16.15 -45.83
N GLY F 143 -33.59 17.03 -44.99
CA GLY F 143 -34.64 16.65 -44.06
C GLY F 143 -34.19 16.48 -42.62
N ALA F 144 -32.99 16.90 -42.27
CA ALA F 144 -32.51 16.78 -40.90
C ALA F 144 -33.00 17.94 -40.04
N GLU F 145 -32.92 17.74 -38.72
CA GLU F 145 -33.38 18.76 -37.79
C GLU F 145 -32.47 19.98 -37.80
N ASP F 146 -31.15 19.76 -37.74
CA ASP F 146 -30.20 20.85 -37.66
C ASP F 146 -28.94 20.48 -38.45
N ALA F 147 -28.09 21.48 -38.68
CA ALA F 147 -26.88 21.28 -39.47
C ALA F 147 -25.76 22.15 -38.92
N CYS F 148 -24.54 21.74 -39.22
CA CYS F 148 -23.31 22.39 -38.75
C CYS F 148 -22.29 22.38 -39.88
N ILE F 149 -21.60 23.50 -40.06
CA ILE F 149 -20.63 23.67 -41.14
C ILE F 149 -19.26 23.91 -40.54
N VAL F 150 -18.27 23.12 -40.98
CA VAL F 150 -16.90 23.24 -40.50
C VAL F 150 -15.95 23.29 -41.68
N ASN F 151 -14.65 23.31 -41.40
CA ASN F 151 -13.64 23.57 -42.42
C ASN F 151 -13.69 22.52 -43.52
N ASN F 152 -13.71 21.24 -43.16
CA ASN F 152 -13.81 20.16 -44.13
C ASN F 152 -14.36 18.93 -43.42
N ASN F 153 -14.57 17.85 -44.17
CA ASN F 153 -15.16 16.65 -43.59
C ASN F 153 -14.22 15.97 -42.61
N ALA F 154 -12.91 16.16 -42.75
CA ALA F 154 -12.00 15.71 -41.71
C ALA F 154 -12.27 16.44 -40.40
N ALA F 155 -12.46 17.77 -40.48
CA ALA F 155 -12.86 18.54 -39.31
C ALA F 155 -14.24 18.14 -38.84
N ALA F 156 -15.15 17.80 -39.75
CA ALA F 156 -16.48 17.35 -39.37
C ALA F 156 -16.42 16.09 -38.53
N VAL F 157 -15.64 15.10 -38.99
CA VAL F 157 -15.51 13.85 -38.25
C VAL F 157 -14.83 14.09 -36.91
N LEU F 158 -13.78 14.91 -36.90
CA LEU F 158 -13.08 15.21 -35.66
C LEU F 158 -14.01 15.87 -34.64
N LEU F 159 -14.76 16.90 -35.06
CA LEU F 159 -15.67 17.58 -34.15
C LEU F 159 -16.79 16.66 -33.70
N MET F 160 -17.34 15.86 -34.62
CA MET F 160 -18.40 14.92 -34.26
C MET F 160 -17.93 13.96 -33.17
N LEU F 161 -16.75 13.38 -33.35
CA LEU F 161 -16.25 12.39 -32.39
C LEU F 161 -15.85 13.04 -31.08
N ALA F 162 -15.25 14.23 -31.13
CA ALA F 162 -14.81 14.89 -29.91
C ALA F 162 -15.96 15.50 -29.11
N ALA F 163 -17.09 15.80 -29.76
CA ALA F 163 -18.21 16.39 -29.06
C ALA F 163 -19.28 15.39 -28.67
N THR F 164 -19.37 14.24 -29.34
CA THR F 164 -20.38 13.26 -29.00
C THR F 164 -19.81 12.00 -28.36
N ALA F 165 -18.51 11.73 -28.48
CA ALA F 165 -17.95 10.49 -27.98
C ALA F 165 -16.59 10.67 -27.32
N SER F 166 -16.34 11.83 -26.72
CA SER F 166 -15.05 12.07 -26.10
C SER F 166 -14.88 11.21 -24.85
N GLY F 167 -13.79 10.47 -24.80
CA GLY F 167 -13.51 9.59 -23.68
C GLY F 167 -14.27 8.28 -23.68
N LYS F 168 -15.04 8.00 -24.73
CA LYS F 168 -15.89 6.83 -24.78
C LYS F 168 -15.59 6.03 -26.04
N GLU F 169 -16.00 4.77 -26.04
CA GLU F 169 -15.78 3.87 -27.16
C GLU F 169 -16.73 4.20 -28.30
N VAL F 170 -16.22 4.01 -29.53
CA VAL F 170 -17.02 4.08 -30.73
C VAL F 170 -16.83 2.78 -31.49
N VAL F 171 -17.92 2.15 -31.88
CA VAL F 171 -17.89 0.87 -32.56
C VAL F 171 -17.88 1.13 -34.06
N VAL F 172 -16.79 0.75 -34.71
CA VAL F 172 -16.64 0.89 -36.16
C VAL F 172 -16.31 -0.47 -36.74
N SER F 173 -16.94 -0.81 -37.86
CA SER F 173 -16.66 -2.07 -38.52
C SER F 173 -15.19 -2.12 -38.95
N ARG F 174 -14.61 -3.32 -38.88
CA ARG F 174 -13.22 -3.48 -39.27
C ARG F 174 -13.00 -3.28 -40.77
N GLY F 175 -14.06 -3.30 -41.57
CA GLY F 175 -14.00 -3.05 -42.99
C GLY F 175 -14.36 -1.65 -43.40
N GLU F 176 -14.45 -0.71 -42.46
CA GLU F 176 -14.73 0.68 -42.76
C GLU F 176 -13.69 1.64 -42.20
N LEU F 177 -12.59 1.11 -41.68
CA LEU F 177 -11.49 1.94 -41.17
C LEU F 177 -10.73 2.47 -42.38
N VAL F 178 -11.24 3.56 -42.92
CA VAL F 178 -10.90 4.06 -44.24
C VAL F 178 -9.72 5.02 -44.14
N GLU F 179 -8.94 5.10 -45.21
CA GLU F 179 -7.92 6.12 -45.39
C GLU F 179 -8.22 6.88 -46.67
N ILE F 180 -8.29 8.20 -46.57
CA ILE F 180 -8.58 9.08 -47.69
C ILE F 180 -7.34 9.90 -48.00
N GLY F 181 -6.88 9.85 -49.25
CA GLY F 181 -5.76 10.66 -49.66
C GLY F 181 -4.44 10.20 -49.09
N GLY F 182 -4.34 10.12 -47.77
CA GLY F 182 -3.12 9.71 -47.10
C GLY F 182 -2.91 10.45 -45.79
N ALA F 183 -3.56 11.60 -45.64
CA ALA F 183 -3.52 12.34 -44.39
C ALA F 183 -4.69 12.05 -43.47
N PHE F 184 -5.78 11.51 -44.02
CA PHE F 184 -6.96 11.17 -43.24
C PHE F 184 -7.03 9.66 -43.06
N ARG F 185 -7.02 9.22 -41.81
CA ARG F 185 -7.16 7.81 -41.46
C ARG F 185 -8.11 7.73 -40.27
N ILE F 186 -9.11 6.85 -40.37
CA ILE F 186 -10.13 6.78 -39.30
C ILE F 186 -9.52 6.44 -37.94
N PRO F 187 -8.63 5.45 -37.81
CA PRO F 187 -8.03 5.21 -36.48
C PRO F 187 -7.29 6.40 -35.92
N ASP F 188 -6.55 7.14 -36.76
CA ASP F 188 -5.80 8.29 -36.28
C ASP F 188 -6.72 9.45 -35.93
N VAL F 189 -7.77 9.66 -36.73
CA VAL F 189 -8.74 10.71 -36.42
C VAL F 189 -9.44 10.41 -35.11
N MET F 190 -9.79 9.13 -34.89
CA MET F 190 -10.38 8.72 -33.62
C MET F 190 -9.42 8.93 -32.45
N ARG F 191 -8.13 8.65 -32.66
CA ARG F 191 -7.16 8.90 -31.60
C ARG F 191 -7.07 10.38 -31.27
N GLN F 192 -7.10 11.25 -32.29
CA GLN F 192 -7.05 12.68 -32.04
C GLN F 192 -8.29 13.17 -31.31
N ALA F 193 -9.45 12.65 -31.67
CA ALA F 193 -10.71 13.14 -31.12
C ALA F 193 -10.95 12.70 -29.69
N GLY F 194 -10.06 11.90 -29.11
CA GLY F 194 -10.21 11.46 -27.75
C GLY F 194 -11.10 10.25 -27.55
N CYS F 195 -11.59 9.64 -28.62
CA CYS F 195 -12.42 8.46 -28.52
C CYS F 195 -11.56 7.20 -28.44
N THR F 196 -12.22 6.09 -28.18
CA THR F 196 -11.59 4.76 -28.22
C THR F 196 -12.22 3.99 -29.38
N LEU F 197 -11.39 3.58 -30.33
CA LEU F 197 -11.88 2.83 -31.48
C LEU F 197 -12.11 1.38 -31.07
N HIS F 198 -13.35 0.92 -31.23
CA HIS F 198 -13.71 -0.47 -31.02
C HIS F 198 -14.00 -1.07 -32.38
N GLU F 199 -13.15 -2.00 -32.82
CA GLU F 199 -13.27 -2.61 -34.13
C GLU F 199 -14.00 -3.94 -33.99
N VAL F 200 -14.95 -4.18 -34.89
CA VAL F 200 -15.81 -5.34 -34.82
C VAL F 200 -15.82 -6.04 -36.17
N GLY F 201 -16.10 -7.33 -36.15
CA GLY F 201 -16.16 -8.06 -37.39
C GLY F 201 -14.78 -8.25 -38.00
N THR F 202 -14.79 -8.51 -39.30
CA THR F 202 -13.59 -8.69 -40.08
C THR F 202 -13.57 -7.70 -41.24
N THR F 203 -12.52 -7.78 -42.05
CA THR F 203 -12.37 -6.83 -43.15
C THR F 203 -13.48 -6.98 -44.18
N ASN F 204 -13.86 -8.21 -44.52
CA ASN F 204 -14.86 -8.44 -45.56
C ASN F 204 -16.24 -8.75 -45.00
N ARG F 205 -16.33 -9.48 -43.90
CA ARG F 205 -17.61 -9.93 -43.34
C ARG F 205 -17.81 -9.30 -41.97
N THR F 206 -18.83 -8.45 -41.85
CA THR F 206 -19.22 -7.89 -40.56
C THR F 206 -20.71 -8.11 -40.37
N HIS F 207 -21.08 -8.74 -39.26
CA HIS F 207 -22.47 -9.07 -38.95
C HIS F 207 -22.98 -8.18 -37.82
N ALA F 208 -24.30 -8.09 -37.71
CA ALA F 208 -24.90 -7.24 -36.69
C ALA F 208 -24.57 -7.72 -35.30
N ASN F 209 -24.32 -9.02 -35.13
CA ASN F 209 -23.90 -9.52 -33.82
C ASN F 209 -22.54 -8.99 -33.42
N ASP F 210 -21.68 -8.71 -34.40
CA ASP F 210 -20.39 -8.09 -34.09
C ASP F 210 -20.57 -6.71 -33.48
N TYR F 211 -21.52 -5.93 -34.01
CA TYR F 211 -21.86 -4.66 -33.39
C TYR F 211 -22.48 -4.86 -32.02
N ARG F 212 -23.37 -5.85 -31.90
CA ARG F 212 -24.11 -6.06 -30.65
C ARG F 212 -23.17 -6.46 -29.51
N GLN F 213 -22.20 -7.33 -29.78
CA GLN F 213 -21.33 -7.82 -28.72
C GLN F 213 -20.38 -6.75 -28.19
N ALA F 214 -20.18 -5.67 -28.94
CA ALA F 214 -19.24 -4.63 -28.53
C ALA F 214 -19.90 -3.50 -27.76
N VAL F 215 -21.22 -3.38 -27.82
CA VAL F 215 -21.91 -2.29 -27.13
C VAL F 215 -21.90 -2.58 -25.63
N ASN F 216 -21.38 -1.64 -24.86
CA ASN F 216 -21.35 -1.76 -23.41
C ASN F 216 -21.63 -0.38 -22.83
N GLU F 217 -21.38 -0.22 -21.52
CA GLU F 217 -21.65 1.04 -20.85
C GLU F 217 -20.71 2.17 -21.28
N ASN F 218 -19.55 1.84 -21.86
CA ASN F 218 -18.63 2.85 -22.35
C ASN F 218 -18.83 3.21 -23.81
N THR F 219 -19.71 2.49 -24.52
CA THR F 219 -19.95 2.78 -25.92
C THR F 219 -20.78 4.05 -26.07
N ALA F 220 -20.31 4.96 -26.92
CA ALA F 220 -21.01 6.22 -27.16
C ALA F 220 -21.67 6.30 -28.53
N LEU F 221 -21.11 5.64 -29.54
CA LEU F 221 -21.64 5.73 -30.89
C LEU F 221 -21.46 4.40 -31.60
N LEU F 222 -22.29 4.19 -32.62
CA LEU F 222 -22.03 3.20 -33.66
C LEU F 222 -21.77 4.00 -34.93
N MET F 223 -20.54 3.94 -35.43
CA MET F 223 -20.10 4.77 -36.53
C MET F 223 -20.02 3.93 -37.81
N LYS F 224 -20.77 4.33 -38.82
CA LYS F 224 -20.66 3.75 -40.15
C LYS F 224 -19.94 4.72 -41.05
N VAL F 225 -18.82 4.27 -41.62
CA VAL F 225 -18.01 5.10 -42.50
C VAL F 225 -18.23 4.61 -43.92
N HIS F 226 -18.58 5.53 -44.82
CA HIS F 226 -18.79 5.17 -46.20
C HIS F 226 -17.43 5.08 -46.89
N THR F 227 -17.10 3.89 -47.39
CA THR F 227 -15.85 3.65 -48.10
C THR F 227 -15.98 4.27 -49.49
N SER F 228 -15.71 5.57 -49.56
CA SER F 228 -15.93 6.29 -50.81
C SER F 228 -14.85 6.00 -51.84
N ASN F 229 -13.61 5.78 -51.40
CA ASN F 229 -12.50 5.59 -52.32
C ASN F 229 -12.19 4.13 -52.59
N TYR F 230 -12.86 3.20 -51.94
CA TYR F 230 -12.59 1.79 -52.17
C TYR F 230 -13.85 0.97 -51.98
N SER F 231 -13.84 -0.23 -52.54
CA SER F 231 -14.92 -1.20 -52.37
C SER F 231 -14.31 -2.58 -52.23
N ILE F 232 -14.82 -3.36 -51.29
CA ILE F 232 -14.39 -4.73 -51.08
C ILE F 232 -15.31 -5.64 -51.87
N GLN F 233 -14.74 -6.46 -52.74
CA GLN F 233 -15.52 -7.31 -53.64
C GLN F 233 -15.20 -8.77 -53.39
N GLY F 234 -16.25 -9.60 -53.41
CA GLY F 234 -16.10 -11.02 -53.18
C GLY F 234 -17.01 -11.51 -52.08
N PHE F 235 -16.47 -12.28 -51.15
CA PHE F 235 -17.23 -12.76 -50.00
C PHE F 235 -17.26 -11.63 -48.97
N THR F 236 -18.33 -10.83 -49.03
CA THR F 236 -18.46 -9.64 -48.22
C THR F 236 -19.82 -9.59 -47.54
N LYS F 237 -19.87 -8.82 -46.46
CA LYS F 237 -21.11 -8.60 -45.71
C LYS F 237 -20.96 -7.30 -44.93
N ALA F 238 -21.89 -6.37 -45.17
CA ALA F 238 -21.91 -5.11 -44.46
C ALA F 238 -23.30 -4.88 -43.88
N ILE F 239 -23.35 -4.37 -42.66
CA ILE F 239 -24.61 -4.03 -42.02
C ILE F 239 -25.04 -2.65 -42.50
N ASP F 240 -26.23 -2.56 -43.07
CA ASP F 240 -26.72 -1.30 -43.61
C ASP F 240 -27.05 -0.32 -42.49
N GLU F 241 -27.40 0.89 -42.89
CA GLU F 241 -27.67 1.95 -41.91
C GLU F 241 -28.99 1.69 -41.17
N ALA F 242 -30.01 1.22 -41.88
CA ALA F 242 -31.30 1.00 -41.23
C ALA F 242 -31.21 -0.05 -40.14
N GLU F 243 -30.54 -1.17 -40.43
CA GLU F 243 -30.38 -2.21 -39.42
C GLU F 243 -29.56 -1.71 -38.24
N LEU F 244 -28.54 -0.90 -38.51
CA LEU F 244 -27.69 -0.41 -37.44
C LEU F 244 -28.41 0.60 -36.56
N VAL F 245 -29.22 1.48 -37.15
CA VAL F 245 -29.99 2.42 -36.33
C VAL F 245 -31.06 1.69 -35.54
N ALA F 246 -31.62 0.61 -36.10
CA ALA F 246 -32.54 -0.21 -35.33
C ALA F 246 -31.83 -0.84 -34.13
N LEU F 247 -30.62 -1.36 -34.35
CA LEU F 247 -29.84 -1.95 -33.25
C LEU F 247 -29.50 -0.90 -32.20
N GLY F 248 -29.13 0.29 -32.64
CA GLY F 248 -28.81 1.35 -31.70
C GLY F 248 -30.02 1.83 -30.90
N LYS F 249 -31.19 1.87 -31.55
CA LYS F 249 -32.42 2.18 -30.83
C LYS F 249 -32.72 1.11 -29.79
N GLU F 250 -32.52 -0.16 -30.16
CA GLU F 250 -32.73 -1.24 -29.20
C GLU F 250 -31.77 -1.12 -28.02
N LEU F 251 -30.52 -0.77 -28.28
CA LEU F 251 -29.50 -0.68 -27.23
C LEU F 251 -29.28 0.73 -26.70
N ASP F 252 -30.08 1.71 -27.16
CA ASP F 252 -29.97 3.11 -26.71
C ASP F 252 -28.57 3.67 -26.98
N VAL F 253 -28.08 3.47 -28.19
CA VAL F 253 -26.78 3.98 -28.62
C VAL F 253 -26.98 4.71 -29.95
N PRO F 254 -26.59 5.97 -30.07
CA PRO F 254 -26.77 6.68 -31.34
C PRO F 254 -25.88 6.13 -32.43
N VAL F 255 -26.34 6.30 -33.68
CA VAL F 255 -25.65 5.82 -34.86
C VAL F 255 -25.30 7.04 -35.71
N VAL F 256 -24.01 7.20 -36.01
CA VAL F 256 -23.55 8.30 -36.85
C VAL F 256 -22.90 7.72 -38.10
N THR F 257 -22.75 8.58 -39.10
CA THR F 257 -22.25 8.16 -40.40
C THR F 257 -21.30 9.21 -40.96
N ASP F 258 -20.14 8.73 -41.41
CA ASP F 258 -19.16 9.55 -42.13
C ASP F 258 -19.36 9.30 -43.62
N LEU F 259 -20.38 9.94 -44.19
CA LEU F 259 -20.74 9.68 -45.57
C LEU F 259 -19.62 10.08 -46.53
N GLY F 260 -19.05 11.26 -46.31
CA GLY F 260 -17.95 11.72 -47.13
C GLY F 260 -18.35 12.39 -48.42
N SER F 261 -18.76 11.59 -49.41
CA SER F 261 -19.01 12.12 -50.75
C SER F 261 -20.14 13.14 -50.73
N GLY F 262 -21.24 12.83 -50.05
CA GLY F 262 -22.35 13.75 -49.91
C GLY F 262 -23.06 14.10 -51.19
N SER F 263 -23.38 13.11 -52.01
CA SER F 263 -24.18 13.33 -53.20
C SER F 263 -25.63 13.58 -52.77
N LEU F 264 -26.16 14.76 -53.13
CA LEU F 264 -27.50 15.14 -52.71
C LEU F 264 -28.58 14.71 -53.70
N VAL F 265 -28.21 14.15 -54.84
CA VAL F 265 -29.18 13.70 -55.84
C VAL F 265 -28.85 12.28 -56.25
N ASP F 266 -29.87 11.58 -56.73
CA ASP F 266 -29.71 10.19 -57.18
C ASP F 266 -28.94 10.19 -58.49
N LEU F 267 -27.68 9.78 -58.44
CA LEU F 267 -26.85 9.77 -59.64
C LEU F 267 -27.32 8.77 -60.69
N SER F 268 -28.07 7.74 -60.28
CA SER F 268 -28.54 6.75 -61.23
C SER F 268 -29.47 7.37 -62.28
N GLN F 269 -30.11 8.50 -61.95
CA GLN F 269 -30.95 9.18 -62.91
C GLN F 269 -30.14 9.72 -64.09
N TYR F 270 -28.86 9.99 -63.87
CA TYR F 270 -27.99 10.53 -64.91
C TYR F 270 -27.11 9.46 -65.55
N GLY F 271 -27.32 8.19 -65.21
CA GLY F 271 -26.53 7.11 -65.74
C GLY F 271 -25.25 6.83 -64.98
N LEU F 272 -24.92 7.64 -63.98
CA LEU F 272 -23.74 7.40 -63.16
C LEU F 272 -24.08 6.46 -62.02
N PRO F 273 -23.08 5.78 -61.44
CA PRO F 273 -23.35 4.85 -60.35
C PRO F 273 -23.97 5.57 -59.15
N LYS F 274 -24.92 4.89 -58.52
CA LYS F 274 -25.61 5.47 -57.38
C LYS F 274 -24.70 5.51 -56.16
N GLU F 275 -24.81 6.60 -55.39
CA GLU F 275 -24.08 6.79 -54.15
C GLU F 275 -25.07 7.05 -53.02
N PRO F 276 -24.75 6.65 -51.80
CA PRO F 276 -25.67 6.91 -50.68
C PRO F 276 -25.89 8.40 -50.49
N MET F 277 -27.12 8.76 -50.15
CA MET F 277 -27.52 10.15 -50.03
C MET F 277 -27.72 10.53 -48.57
N PRO F 278 -27.44 11.77 -48.19
CA PRO F 278 -27.77 12.22 -46.83
C PRO F 278 -29.25 12.14 -46.53
N GLN F 279 -30.12 12.33 -47.54
CA GLN F 279 -31.55 12.21 -47.33
C GLN F 279 -31.92 10.81 -46.89
N GLU F 280 -31.36 9.78 -47.54
CA GLU F 280 -31.67 8.41 -47.18
C GLU F 280 -31.21 8.09 -45.76
N LEU F 281 -30.01 8.54 -45.39
CA LEU F 281 -29.50 8.28 -44.05
C LEU F 281 -30.31 9.02 -43.00
N ILE F 282 -30.71 10.26 -43.29
CA ILE F 282 -31.50 11.03 -42.33
C ILE F 282 -32.88 10.40 -42.15
N ALA F 283 -33.51 9.96 -43.25
CA ALA F 283 -34.80 9.31 -43.15
C ALA F 283 -34.69 7.97 -42.42
N ALA F 284 -33.62 7.22 -42.66
CA ALA F 284 -33.43 5.92 -42.02
C ALA F 284 -33.27 6.02 -40.51
N GLY F 285 -32.92 7.18 -39.98
CA GLY F 285 -32.77 7.35 -38.55
C GLY F 285 -31.35 7.51 -38.05
N VAL F 286 -30.44 7.99 -38.88
CA VAL F 286 -29.06 8.20 -38.46
C VAL F 286 -28.96 9.51 -37.69
N SER F 287 -28.35 9.46 -36.51
CA SER F 287 -28.30 10.62 -35.63
C SER F 287 -27.53 11.77 -36.26
N LEU F 288 -26.37 11.50 -36.85
CA LEU F 288 -25.55 12.53 -37.48
C LEU F 288 -24.94 11.96 -38.76
N VAL F 289 -24.92 12.77 -39.81
CA VAL F 289 -24.33 12.40 -41.09
C VAL F 289 -23.40 13.53 -41.52
N SER F 290 -22.13 13.22 -41.74
CA SER F 290 -21.15 14.21 -42.12
C SER F 290 -20.66 13.94 -43.53
N PHE F 291 -20.62 14.98 -44.36
CA PHE F 291 -20.19 14.83 -45.74
C PHE F 291 -19.46 16.08 -46.22
N SER F 292 -18.70 15.93 -47.29
CA SER F 292 -17.92 17.01 -47.87
C SER F 292 -18.78 17.86 -48.80
N GLY F 293 -18.31 19.08 -49.04
CA GLY F 293 -18.98 19.98 -49.96
C GLY F 293 -18.31 20.09 -51.30
N ASP F 294 -17.07 19.63 -51.41
CA ASP F 294 -16.33 19.74 -52.66
C ASP F 294 -16.26 18.41 -53.39
N1 LLP F 295 -14.22 10.87 -44.82
C2 LLP F 295 -14.70 10.35 -45.94
C2' LLP F 295 -15.59 9.07 -45.91
C3 LLP F 295 -14.42 10.97 -47.19
O3 LLP F 295 -14.93 10.43 -48.36
C4 LLP F 295 -13.64 12.11 -47.24
C4' LLP F 295 -13.33 12.78 -48.67
C5 LLP F 295 -13.14 12.63 -46.08
C6 LLP F 295 -13.43 12.02 -44.86
C5' LLP F 295 -12.24 13.92 -46.08
OP4 LLP F 295 -12.91 15.00 -46.69
P LLP F 295 -12.18 16.34 -46.81
OP1 LLP F 295 -11.31 16.56 -45.58
OP2 LLP F 295 -11.33 16.35 -48.02
OP3 LLP F 295 -13.19 17.43 -46.93
N LLP F 295 -16.79 17.36 -52.77
CA LLP F 295 -16.72 16.03 -53.35
CB LLP F 295 -16.93 14.99 -52.28
CG LLP F 295 -15.77 13.99 -52.31
CD LLP F 295 -14.79 14.28 -51.18
CE LLP F 295 -15.21 13.52 -49.90
NZ LLP F 295 -14.30 12.40 -49.66
C LLP F 295 -17.74 15.91 -54.44
O LLP F 295 -17.55 16.47 -55.51
N LEU F 296 -18.82 15.19 -54.19
CA LEU F 296 -19.85 14.99 -55.20
C LEU F 296 -20.95 16.04 -55.11
N LEU F 297 -20.88 16.90 -54.09
CA LEU F 297 -21.88 17.94 -53.93
C LEU F 297 -21.67 19.06 -54.94
N GLY F 298 -20.43 19.28 -55.37
CA GLY F 298 -20.14 20.27 -56.38
C GLY F 298 -19.93 21.68 -55.87
N GLY F 299 -19.60 21.85 -54.59
CA GLY F 299 -19.46 23.17 -54.02
C GLY F 299 -18.08 23.45 -53.47
N PRO F 300 -18.03 24.20 -52.37
CA PRO F 300 -16.76 24.56 -51.75
C PRO F 300 -16.29 23.50 -50.76
N GLN F 301 -15.03 23.61 -50.36
CA GLN F 301 -14.50 22.73 -49.32
C GLN F 301 -15.18 23.05 -48.01
N ALA F 302 -16.07 22.16 -47.57
CA ALA F 302 -16.78 22.36 -46.32
C ALA F 302 -17.11 21.00 -45.72
N GLY F 303 -17.29 20.98 -44.41
CA GLY F 303 -17.74 19.76 -43.74
C GLY F 303 -19.13 19.97 -43.19
N ILE F 304 -20.11 19.27 -43.73
CA ILE F 304 -21.51 19.49 -43.40
C ILE F 304 -22.00 18.32 -42.57
N ILE F 305 -22.43 18.60 -41.34
CA ILE F 305 -22.97 17.59 -40.43
C ILE F 305 -24.44 17.90 -40.24
N VAL F 306 -25.30 16.95 -40.62
CA VAL F 306 -26.74 17.14 -40.51
C VAL F 306 -27.28 16.07 -39.59
N GLY F 307 -28.24 16.45 -38.75
CA GLY F 307 -28.83 15.42 -37.90
C GLY F 307 -29.66 16.04 -36.78
N LYS F 308 -29.73 15.29 -35.68
CA LYS F 308 -30.59 15.67 -34.56
C LYS F 308 -30.17 17.01 -33.98
N LYS F 309 -31.18 17.77 -33.53
CA LYS F 309 -30.93 19.11 -33.02
C LYS F 309 -30.06 19.09 -31.77
N GLU F 310 -30.28 18.11 -30.89
CA GLU F 310 -29.52 18.06 -29.64
C GLU F 310 -28.04 17.78 -29.90
N MET F 311 -27.73 16.82 -30.76
CA MET F 311 -26.34 16.52 -31.05
C MET F 311 -25.67 17.61 -31.86
N ILE F 312 -26.40 18.22 -32.80
CA ILE F 312 -25.85 19.37 -33.51
C ILE F 312 -25.54 20.49 -32.54
N ALA F 313 -26.43 20.74 -31.57
CA ALA F 313 -26.18 21.77 -30.58
C ALA F 313 -24.99 21.40 -29.70
N ARG F 314 -24.77 20.11 -29.46
CA ARG F 314 -23.55 19.68 -28.79
C ARG F 314 -22.32 20.04 -29.62
N LEU F 315 -22.39 19.84 -30.94
CA LEU F 315 -21.27 20.18 -31.81
C LEU F 315 -21.00 21.67 -31.82
N GLN F 316 -22.06 22.48 -31.91
CA GLN F 316 -21.90 23.94 -32.00
C GLN F 316 -21.26 24.51 -30.74
N SER F 317 -21.58 23.95 -29.59
CA SER F 317 -21.09 24.44 -28.31
C SER F 317 -19.71 23.89 -27.94
N HIS F 318 -19.16 22.99 -28.73
CA HIS F 318 -17.86 22.43 -28.43
C HIS F 318 -16.77 23.49 -28.61
N PRO F 319 -15.73 23.46 -27.77
CA PRO F 319 -14.63 24.42 -27.94
C PRO F 319 -13.90 24.30 -29.27
N LEU F 320 -13.91 23.13 -29.90
CA LEU F 320 -13.25 22.97 -31.19
C LEU F 320 -13.93 23.76 -32.30
N LYS F 321 -15.22 24.07 -32.15
CA LYS F 321 -15.97 24.65 -33.25
C LYS F 321 -15.40 25.99 -33.68
N ARG F 322 -15.00 26.82 -32.74
CA ARG F 322 -14.34 28.08 -33.09
C ARG F 322 -13.13 27.83 -34.00
N ALA F 323 -12.32 26.82 -33.68
CA ALA F 323 -11.18 26.50 -34.53
C ALA F 323 -11.62 25.99 -35.90
N LEU F 324 -12.78 25.34 -35.97
CA LEU F 324 -13.23 24.69 -37.19
C LEU F 324 -14.32 25.45 -37.93
N ARG F 325 -14.74 26.60 -37.41
CA ARG F 325 -15.82 27.37 -38.03
C ARG F 325 -15.50 27.69 -39.48
N ALA F 326 -16.55 27.90 -40.27
CA ALA F 326 -16.42 28.09 -41.71
C ALA F 326 -16.37 29.57 -42.07
N ASP F 327 -15.65 29.87 -43.15
CA ASP F 327 -15.39 31.22 -43.62
C ASP F 327 -16.62 31.78 -44.32
N LYS F 328 -16.60 33.10 -44.57
CA LYS F 328 -17.77 33.74 -45.19
C LYS F 328 -17.88 33.41 -46.68
N MET F 329 -16.77 33.30 -47.41
CA MET F 329 -16.89 32.87 -48.79
C MET F 329 -17.25 31.39 -48.87
N THR F 330 -16.77 30.59 -47.92
CA THR F 330 -17.19 29.20 -47.86
C THR F 330 -18.70 29.09 -47.68
N LEU F 331 -19.25 29.88 -46.75
CA LEU F 331 -20.69 29.86 -46.53
C LEU F 331 -21.45 30.41 -47.73
N ALA F 332 -20.92 31.46 -48.37
CA ALA F 332 -21.59 32.02 -49.55
C ALA F 332 -21.64 31.00 -50.68
N ALA F 333 -20.51 30.35 -50.96
CA ALA F 333 -20.46 29.34 -52.00
C ALA F 333 -21.36 28.16 -51.66
N LEU F 334 -21.37 27.73 -50.40
CA LEU F 334 -22.20 26.60 -50.02
C LEU F 334 -23.68 26.93 -50.16
N GLU F 335 -24.09 28.13 -49.76
CA GLU F 335 -25.49 28.51 -49.90
C GLU F 335 -25.89 28.61 -51.37
N ALA F 336 -25.04 29.22 -52.20
CA ALA F 336 -25.37 29.34 -53.62
C ALA F 336 -25.42 27.98 -54.29
N THR F 337 -24.52 27.06 -53.90
CA THR F 337 -24.56 25.71 -54.46
C THR F 337 -25.81 24.96 -54.02
N LEU F 338 -26.15 25.06 -52.74
CA LEU F 338 -27.33 24.36 -52.25
C LEU F 338 -28.62 24.90 -52.86
N ARG F 339 -28.64 26.20 -53.19
CA ARG F 339 -29.81 26.76 -53.85
C ARG F 339 -30.02 26.16 -55.24
N LEU F 340 -28.97 25.63 -55.87
CA LEU F 340 -29.15 24.95 -57.15
C LEU F 340 -29.93 23.66 -57.00
N TYR F 341 -29.76 22.97 -55.87
CA TYR F 341 -30.48 21.72 -55.64
C TYR F 341 -31.96 21.93 -55.39
N LEU F 342 -32.40 23.17 -55.16
CA LEU F 342 -33.82 23.47 -55.08
C LEU F 342 -34.46 23.57 -56.45
N HIS F 343 -33.67 23.57 -57.52
CA HIS F 343 -34.15 23.62 -58.90
C HIS F 343 -33.49 22.49 -59.67
N PRO F 344 -33.91 21.24 -59.43
CA PRO F 344 -33.21 20.10 -60.04
C PRO F 344 -33.27 20.07 -61.55
N GLU F 345 -34.27 20.69 -62.16
CA GLU F 345 -34.43 20.61 -63.61
C GLU F 345 -33.21 21.17 -64.34
N ALA F 346 -32.68 22.29 -63.86
CA ALA F 346 -31.48 22.88 -64.43
C ALA F 346 -30.20 22.43 -63.72
N LEU F 347 -30.31 21.50 -62.77
CA LEU F 347 -29.15 21.10 -61.99
C LEU F 347 -28.07 20.49 -62.85
N SER F 348 -28.44 19.70 -63.85
CA SER F 348 -27.45 19.10 -64.74
C SER F 348 -26.77 20.14 -65.62
N GLU F 349 -27.27 21.37 -65.67
CA GLU F 349 -26.66 22.43 -66.46
C GLU F 349 -25.91 23.44 -65.61
N LYS F 350 -26.51 23.88 -64.50
CA LYS F 350 -25.90 24.90 -63.66
C LYS F 350 -24.80 24.37 -62.75
N LEU F 351 -24.71 23.05 -62.56
CA LEU F 351 -23.68 22.48 -61.71
C LEU F 351 -22.53 21.98 -62.58
N PRO F 352 -21.35 22.59 -62.52
CA PRO F 352 -20.25 22.15 -63.40
C PRO F 352 -19.85 20.70 -63.20
N THR F 353 -19.90 20.21 -61.97
CA THR F 353 -19.56 18.81 -61.71
C THR F 353 -20.53 17.89 -62.43
N LEU F 354 -21.83 18.13 -62.26
CA LEU F 354 -22.83 17.29 -62.92
C LEU F 354 -22.78 17.48 -64.44
N ARG F 355 -22.54 18.71 -64.89
CA ARG F 355 -22.45 18.95 -66.33
C ARG F 355 -21.30 18.19 -66.96
N LEU F 356 -20.15 18.16 -66.28
CA LEU F 356 -19.01 17.41 -66.81
C LEU F 356 -19.23 15.90 -66.70
N LEU F 357 -19.89 15.46 -65.63
CA LEU F 357 -20.11 14.03 -65.45
C LEU F 357 -21.15 13.49 -66.43
N THR F 358 -22.25 14.21 -66.60
CA THR F 358 -23.31 13.76 -67.51
C THR F 358 -23.07 14.16 -68.95
N ARG F 359 -21.89 14.70 -69.27
CA ARG F 359 -21.57 15.03 -70.65
C ARG F 359 -21.58 13.76 -71.51
N SER F 360 -22.27 13.83 -72.64
CA SER F 360 -22.40 12.67 -73.50
C SER F 360 -21.10 12.38 -74.24
N ALA F 361 -20.87 11.10 -74.52
CA ALA F 361 -19.64 10.69 -75.21
C ALA F 361 -19.62 11.10 -76.67
N GLU F 362 -20.80 11.23 -77.30
CA GLU F 362 -20.85 11.64 -78.70
C GLU F 362 -20.32 13.06 -78.88
N VAL F 363 -20.69 13.97 -77.98
CA VAL F 363 -20.22 15.35 -78.08
C VAL F 363 -18.71 15.41 -77.88
N ILE F 364 -18.18 14.63 -76.93
CA ILE F 364 -16.73 14.57 -76.75
C ILE F 364 -16.06 14.02 -78.00
N GLN F 365 -16.68 13.02 -78.64
CA GLN F 365 -16.12 12.48 -79.86
C GLN F 365 -16.07 13.53 -80.97
N ILE F 366 -17.15 14.31 -81.11
CA ILE F 366 -17.18 15.37 -82.11
C ILE F 366 -16.11 16.42 -81.81
N GLN F 367 -15.98 16.81 -80.53
CA GLN F 367 -14.97 17.79 -80.17
C GLN F 367 -13.56 17.29 -80.47
N ALA F 368 -13.29 16.02 -80.15
CA ALA F 368 -11.97 15.46 -80.41
C ALA F 368 -11.69 15.39 -81.92
N GLN F 369 -12.70 15.01 -82.71
CA GLN F 369 -12.52 14.97 -84.15
C GLN F 369 -12.25 16.36 -84.71
N ARG F 370 -12.97 17.36 -84.22
CA ARG F 370 -12.77 18.73 -84.69
C ARG F 370 -11.40 19.26 -84.30
N LEU F 371 -10.94 18.95 -83.09
CA LEU F 371 -9.64 19.41 -82.62
C LEU F 371 -8.48 18.60 -83.17
N GLN F 372 -8.75 17.44 -83.76
CA GLN F 372 -7.67 16.64 -84.34
C GLN F 372 -7.00 17.35 -85.51
N ALA F 373 -7.78 18.03 -86.34
CA ALA F 373 -7.22 18.68 -87.52
C ALA F 373 -6.18 19.75 -87.17
N PRO F 374 -6.45 20.70 -86.26
CA PRO F 374 -5.36 21.66 -85.98
C PRO F 374 -4.34 21.12 -85.00
N GLN F 386 -4.17 11.07 -82.76
CA GLN F 386 -5.31 10.22 -83.07
C GLN F 386 -6.37 10.27 -81.99
N VAL F 387 -7.63 10.13 -82.41
CA VAL F 387 -8.78 10.15 -81.52
C VAL F 387 -9.27 8.72 -81.33
N MET F 388 -9.28 8.25 -80.09
CA MET F 388 -9.80 6.93 -79.79
C MET F 388 -10.57 6.96 -78.47
N PRO F 389 -11.48 6.01 -78.27
CA PRO F 389 -12.25 6.01 -77.02
C PRO F 389 -11.37 5.70 -75.82
N CYS F 390 -11.76 6.25 -74.68
CA CYS F 390 -11.06 6.06 -73.42
C CYS F 390 -12.04 6.02 -72.26
N LEU F 391 -11.53 5.79 -71.06
CA LEU F 391 -12.34 5.68 -69.86
C LEU F 391 -11.94 6.78 -68.89
N SER F 392 -12.93 7.40 -68.26
CA SER F 392 -12.73 8.54 -67.38
C SER F 392 -13.29 8.21 -66.01
N GLN F 393 -12.57 8.65 -64.97
CA GLN F 393 -13.02 8.48 -63.60
C GLN F 393 -13.96 9.61 -63.20
N ILE F 394 -14.90 9.29 -62.30
CA ILE F 394 -15.73 10.33 -61.71
C ILE F 394 -14.87 11.26 -60.87
N GLY F 395 -13.95 10.71 -60.09
CA GLY F 395 -13.03 11.50 -59.29
C GLY F 395 -13.15 11.19 -57.81
N SER F 396 -12.92 12.20 -56.99
CA SER F 396 -13.00 12.05 -55.54
C SER F 396 -14.44 11.83 -55.11
N GLY F 397 -14.62 10.99 -54.09
CA GLY F 397 -15.93 10.64 -53.59
C GLY F 397 -16.57 9.44 -54.24
N SER F 398 -16.07 9.02 -55.40
CA SER F 398 -16.55 7.84 -56.10
C SER F 398 -15.43 6.84 -56.24
N LEU F 399 -15.79 5.61 -56.60
CA LEU F 399 -14.79 4.56 -56.74
C LEU F 399 -13.91 4.80 -57.96
N PRO F 400 -12.59 4.75 -57.82
CA PRO F 400 -11.71 4.98 -58.97
C PRO F 400 -11.59 3.77 -59.88
N VAL F 401 -12.62 3.54 -60.72
CA VAL F 401 -12.59 2.43 -61.67
C VAL F 401 -12.92 2.92 -63.07
N ASP F 402 -12.57 4.18 -63.35
CA ASP F 402 -12.90 4.83 -64.63
C ASP F 402 -14.42 4.90 -64.74
N ARG F 403 -15.05 4.12 -65.62
CA ARG F 403 -16.49 3.91 -65.75
C ARG F 403 -17.22 5.03 -66.51
N LEU F 404 -16.51 5.98 -67.11
CA LEU F 404 -17.18 6.96 -67.96
C LEU F 404 -16.63 6.86 -69.38
N PRO F 405 -17.43 6.45 -70.36
CA PRO F 405 -16.93 6.42 -71.74
C PRO F 405 -16.68 7.83 -72.26
N SER F 406 -15.53 8.02 -72.90
CA SER F 406 -15.17 9.33 -73.44
C SER F 406 -14.31 9.11 -74.67
N ALA F 407 -13.90 10.21 -75.30
CA ALA F 407 -12.99 10.15 -76.45
C ALA F 407 -11.78 11.03 -76.16
N ALA F 408 -10.60 10.51 -76.45
CA ALA F 408 -9.36 11.23 -76.14
C ALA F 408 -8.44 11.24 -77.34
N LEU F 409 -7.67 12.31 -77.44
CA LEU F 409 -6.61 12.45 -78.42
C LEU F 409 -5.27 12.07 -77.80
N THR F 410 -4.47 11.35 -78.57
CA THR F 410 -3.20 10.81 -78.09
C THR F 410 -2.05 11.34 -78.92
N PHE F 411 -0.88 11.44 -78.28
CA PHE F 411 0.36 11.84 -78.94
C PHE F 411 1.27 10.63 -78.96
N THR F 412 1.33 9.96 -80.11
CA THR F 412 2.14 8.75 -80.25
C THR F 412 3.53 9.11 -80.75
N PRO F 413 4.60 8.77 -80.03
CA PRO F 413 5.97 9.08 -80.45
C PRO F 413 6.54 8.05 -81.43
N LEU F 421 7.32 11.67 -75.11
CA LEU F 421 6.29 11.34 -74.13
C LEU F 421 6.47 12.17 -72.86
N GLU F 422 7.48 11.82 -72.06
CA GLU F 422 7.77 12.58 -70.85
C GLU F 422 8.24 13.99 -71.18
N SER F 423 9.00 14.15 -72.27
CA SER F 423 9.44 15.48 -72.67
C SER F 423 8.27 16.37 -73.05
N LEU F 424 7.27 15.80 -73.73
CA LEU F 424 6.08 16.58 -74.08
C LEU F 424 5.33 17.01 -72.84
N ALA F 425 5.21 16.12 -71.85
CA ALA F 425 4.55 16.49 -70.59
C ALA F 425 5.33 17.60 -69.88
N ALA F 426 6.67 17.50 -69.88
CA ALA F 426 7.48 18.53 -69.25
C ALA F 426 7.32 19.87 -69.95
N ARG F 427 7.28 19.87 -71.29
CA ARG F 427 7.10 21.12 -72.02
C ARG F 427 5.68 21.68 -71.89
N TRP F 428 4.70 20.84 -71.57
CA TRP F 428 3.34 21.32 -71.33
C TRP F 428 3.13 21.81 -69.91
N ARG F 429 3.85 21.27 -68.92
CA ARG F 429 3.61 21.64 -67.53
C ARG F 429 4.16 23.02 -67.19
N GLU F 430 5.10 23.54 -67.97
CA GLU F 430 5.68 24.84 -67.70
C GLU F 430 4.94 25.98 -68.39
N LEU F 431 3.87 25.69 -69.10
CA LEU F 431 3.11 26.71 -69.79
C LEU F 431 2.37 27.59 -68.78
N PRO F 432 2.09 28.85 -69.15
CA PRO F 432 1.26 29.69 -68.28
C PRO F 432 -0.07 29.07 -67.88
N VAL F 433 -0.68 28.30 -68.78
CA VAL F 433 -1.88 27.53 -68.47
C VAL F 433 -1.55 26.06 -68.68
N PRO F 434 -1.04 25.36 -67.67
CA PRO F 434 -0.54 24.00 -67.88
C PRO F 434 -1.64 23.05 -68.35
N VAL F 435 -1.25 22.09 -69.18
CA VAL F 435 -2.14 21.02 -69.64
C VAL F 435 -1.57 19.71 -69.11
N ILE F 436 -2.39 18.96 -68.39
CA ILE F 436 -1.97 17.71 -67.77
C ILE F 436 -2.69 16.56 -68.45
N GLY F 437 -1.93 15.62 -68.98
CA GLY F 437 -2.48 14.41 -69.56
C GLY F 437 -1.97 13.19 -68.84
N ARG F 438 -2.22 11.99 -69.38
CA ARG F 438 -1.79 10.77 -68.73
C ARG F 438 -0.93 9.94 -69.68
N ILE F 439 0.20 9.46 -69.18
CA ILE F 439 1.12 8.65 -69.96
C ILE F 439 0.88 7.19 -69.62
N TYR F 440 0.42 6.42 -70.61
CA TYR F 440 0.23 4.99 -70.43
C TYR F 440 0.06 4.36 -71.81
N ASP F 441 0.31 3.05 -71.87
CA ASP F 441 0.28 2.30 -73.12
C ASP F 441 1.21 2.93 -74.16
N GLY F 442 2.34 3.47 -73.68
CA GLY F 442 3.28 4.13 -74.56
C GLY F 442 2.75 5.37 -75.24
N ARG F 443 1.63 5.93 -74.78
CA ARG F 443 1.01 7.08 -75.41
C ARG F 443 0.63 8.10 -74.34
N LEU F 444 0.62 9.36 -74.76
CA LEU F 444 0.15 10.47 -73.91
C LEU F 444 -1.27 10.81 -74.33
N TRP F 445 -2.21 10.63 -73.39
CA TRP F 445 -3.63 10.80 -73.64
C TRP F 445 -4.12 12.10 -73.01
N LEU F 446 -4.99 12.80 -73.74
CA LEU F 446 -5.64 14.02 -73.26
C LEU F 446 -7.15 13.78 -73.31
N ASP F 447 -7.70 13.27 -72.20
CA ASP F 447 -9.14 13.06 -72.13
C ASP F 447 -9.85 14.41 -72.21
N LEU F 448 -10.85 14.50 -73.09
CA LEU F 448 -11.51 15.77 -73.38
C LEU F 448 -12.87 15.89 -72.72
N ARG F 449 -13.16 15.06 -71.70
CA ARG F 449 -14.42 15.18 -71.00
C ARG F 449 -14.52 16.50 -70.25
N CYS F 450 -13.42 16.95 -69.64
CA CYS F 450 -13.41 18.14 -68.80
C CYS F 450 -13.00 19.40 -69.55
N LEU F 451 -12.79 19.32 -70.86
CA LEU F 451 -12.44 20.49 -71.66
C LEU F 451 -13.71 21.27 -71.97
N GLU F 452 -13.84 22.46 -71.40
CA GLU F 452 -15.02 23.28 -71.60
C GLU F 452 -14.82 24.45 -72.55
N ASP F 453 -13.58 24.91 -72.72
CA ASP F 453 -13.27 26.05 -73.59
C ASP F 453 -12.24 25.62 -74.61
N GLU F 454 -12.68 25.40 -75.85
CA GLU F 454 -11.77 24.91 -76.89
C GLU F 454 -10.70 25.93 -77.22
N GLN F 455 -11.06 27.22 -77.24
CA GLN F 455 -10.15 28.25 -77.72
C GLN F 455 -8.89 28.32 -76.87
N ARG F 456 -9.03 28.26 -75.55
CA ARG F 456 -7.87 28.37 -74.67
C ARG F 456 -6.92 27.20 -74.87
N PHE F 457 -7.44 25.97 -74.90
CA PHE F 457 -6.59 24.80 -75.07
C PHE F 457 -5.93 24.80 -76.44
N LEU F 458 -6.68 25.16 -77.49
CA LEU F 458 -6.09 25.21 -78.83
C LEU F 458 -5.00 26.27 -78.93
N GLU F 459 -5.27 27.46 -78.38
CA GLU F 459 -4.25 28.51 -78.36
C GLU F 459 -3.01 28.07 -77.59
N MET F 460 -3.21 27.26 -76.54
CA MET F 460 -2.09 26.94 -75.67
C MET F 460 -1.34 25.69 -76.14
N LEU F 461 -1.94 24.90 -77.04
CA LEU F 461 -1.29 23.74 -77.61
C LEU F 461 -0.40 24.10 -78.81
N LEU F 462 -0.91 24.94 -79.70
CA LEU F 462 -0.15 25.35 -80.88
C LEU F 462 0.38 26.76 -80.72
N GLN G 77 -30.45 -44.07 -49.47
CA GLN G 77 -29.34 -43.19 -49.80
C GLN G 77 -28.87 -42.44 -48.56
N SER G 78 -27.57 -42.16 -48.50
CA SER G 78 -26.97 -41.46 -47.37
C SER G 78 -26.91 -39.96 -47.64
N ALA G 79 -26.51 -39.21 -46.61
CA ALA G 79 -26.29 -37.78 -46.78
C ALA G 79 -24.99 -37.49 -47.53
N LEU G 80 -24.00 -38.37 -47.41
CA LEU G 80 -22.77 -38.24 -48.19
C LEU G 80 -22.98 -38.82 -49.58
N ARG G 81 -24.04 -38.42 -50.23
CA ARG G 81 -24.46 -38.91 -51.53
C ARG G 81 -23.80 -38.12 -52.65
N PRO G 82 -23.50 -38.76 -53.78
CA PRO G 82 -22.98 -38.02 -54.93
C PRO G 82 -24.02 -37.04 -55.45
N VAL G 83 -23.53 -35.89 -55.90
CA VAL G 83 -24.37 -34.86 -56.52
C VAL G 83 -23.68 -34.39 -57.78
N ILE G 84 -24.48 -33.88 -58.71
CA ILE G 84 -23.95 -33.33 -59.97
C ILE G 84 -23.97 -31.81 -59.81
N ASN G 85 -22.79 -31.21 -59.74
CA ASN G 85 -22.64 -29.78 -59.46
C ASN G 85 -22.88 -28.99 -60.74
N LEU G 86 -24.10 -28.50 -60.92
CA LEU G 86 -24.44 -27.66 -62.06
C LEU G 86 -24.48 -26.18 -61.69
N THR G 87 -24.12 -25.82 -60.46
CA THR G 87 -24.19 -24.44 -60.01
C THR G 87 -23.13 -23.56 -60.65
N GLY G 88 -22.16 -24.14 -61.36
CA GLY G 88 -21.10 -23.36 -61.98
C GLY G 88 -19.91 -23.08 -61.08
N THR G 89 -19.98 -23.45 -59.82
CA THR G 89 -18.87 -23.27 -58.87
C THR G 89 -18.08 -24.58 -58.84
N VAL G 90 -16.87 -24.55 -59.39
CA VAL G 90 -16.06 -25.76 -59.47
C VAL G 90 -15.65 -26.22 -58.08
N LEU G 91 -15.08 -25.31 -57.29
CA LEU G 91 -14.66 -25.64 -55.92
C LEU G 91 -15.70 -25.13 -54.92
N HIS G 92 -16.79 -25.89 -54.84
CA HIS G 92 -17.88 -25.55 -53.93
C HIS G 92 -17.52 -25.99 -52.52
N THR G 93 -17.40 -25.03 -51.61
CA THR G 93 -17.01 -25.36 -50.24
C THR G 93 -18.03 -26.26 -49.56
N ASN G 94 -19.31 -26.13 -49.91
CA ASN G 94 -20.36 -26.94 -49.33
C ASN G 94 -20.50 -28.30 -50.00
N LEU G 95 -19.78 -28.54 -51.10
CA LEU G 95 -19.88 -29.76 -51.86
C LEU G 95 -18.60 -30.58 -51.85
N GLY G 96 -17.72 -30.33 -50.88
CA GLY G 96 -16.48 -31.06 -50.76
C GLY G 96 -15.28 -30.41 -51.42
N ARG G 97 -15.42 -29.22 -51.97
CA ARG G 97 -14.33 -28.46 -52.60
C ARG G 97 -13.78 -29.29 -53.76
N ALA G 98 -12.48 -29.56 -53.81
CA ALA G 98 -11.88 -30.14 -55.00
C ALA G 98 -12.13 -31.65 -55.08
N LEU G 99 -12.44 -32.11 -56.28
CA LEU G 99 -12.51 -33.54 -56.55
C LEU G 99 -11.12 -34.12 -56.62
N GLN G 100 -11.03 -35.42 -56.37
CA GLN G 100 -9.75 -36.11 -56.25
C GLN G 100 -9.41 -36.84 -57.55
N ALA G 101 -8.12 -36.90 -57.85
CA ALA G 101 -7.65 -37.57 -59.05
C ALA G 101 -7.75 -39.08 -58.89
N GLU G 102 -7.66 -39.77 -60.03
CA GLU G 102 -7.69 -41.24 -60.00
C GLU G 102 -6.49 -41.80 -59.27
N ALA G 103 -5.32 -41.17 -59.41
CA ALA G 103 -4.15 -41.62 -58.66
C ALA G 103 -4.36 -41.47 -57.16
N ALA G 104 -4.94 -40.34 -56.74
CA ALA G 104 -5.26 -40.15 -55.33
C ALA G 104 -6.27 -41.18 -54.84
N VAL G 105 -7.28 -41.48 -55.66
CA VAL G 105 -8.28 -42.47 -55.27
C VAL G 105 -7.65 -43.84 -55.11
N GLU G 106 -6.77 -44.23 -56.04
CA GLU G 106 -6.13 -45.52 -55.94
C GLU G 106 -5.20 -45.62 -54.74
N ALA G 107 -4.42 -44.55 -54.48
CA ALA G 107 -3.56 -44.55 -53.32
C ALA G 107 -4.36 -44.65 -52.02
N VAL G 108 -5.47 -43.92 -51.95
CA VAL G 108 -6.31 -43.96 -50.75
C VAL G 108 -6.91 -45.35 -50.57
N ALA G 109 -7.40 -45.96 -51.65
CA ALA G 109 -7.96 -47.30 -51.53
C ALA G 109 -6.92 -48.30 -51.08
N GLN G 110 -5.69 -48.19 -51.61
CA GLN G 110 -4.61 -49.06 -51.19
C GLN G 110 -4.28 -48.88 -49.72
N ALA G 111 -4.26 -47.62 -49.25
CA ALA G 111 -3.97 -47.36 -47.85
C ALA G 111 -5.06 -47.90 -46.93
N MET G 112 -6.33 -47.77 -47.35
CA MET G 112 -7.42 -48.30 -46.53
C MET G 112 -7.41 -49.81 -46.49
N ARG G 113 -7.20 -50.46 -47.64
CA ARG G 113 -7.37 -51.91 -47.71
C ARG G 113 -6.23 -52.65 -47.05
N SER G 114 -5.02 -52.08 -47.04
CA SER G 114 -3.84 -52.77 -46.57
C SER G 114 -3.07 -51.90 -45.60
N PRO G 115 -2.32 -52.50 -44.68
CA PRO G 115 -1.50 -51.70 -43.76
C PRO G 115 -0.44 -50.90 -44.53
N VAL G 116 -0.11 -49.73 -44.01
CA VAL G 116 0.89 -48.86 -44.63
C VAL G 116 1.85 -48.39 -43.55
N THR G 117 3.07 -48.08 -43.97
CA THR G 117 4.09 -47.61 -43.04
C THR G 117 3.83 -46.16 -42.64
N LEU G 118 2.84 -45.95 -41.77
CA LEU G 118 2.50 -44.60 -41.33
C LEU G 118 3.59 -43.99 -40.48
N GLU G 119 4.07 -44.74 -39.48
CA GLU G 119 5.12 -44.29 -38.57
C GLU G 119 6.19 -45.35 -38.43
N TYR G 120 6.60 -45.95 -39.53
CA TYR G 120 7.59 -47.02 -39.51
C TYR G 120 8.75 -46.69 -40.45
N HIS G 129 9.45 -40.11 -39.39
CA HIS G 129 8.23 -39.48 -38.89
C HIS G 129 7.04 -39.84 -39.75
N ARG G 130 5.85 -39.37 -39.34
CA ARG G 130 4.62 -39.67 -40.07
C ARG G 130 4.60 -39.04 -41.45
N ASP G 131 4.96 -37.76 -41.55
CA ASP G 131 4.97 -37.04 -42.82
C ASP G 131 6.40 -36.68 -43.20
N ARG G 132 7.08 -37.63 -43.83
CA ARG G 132 8.45 -37.42 -44.31
C ARG G 132 8.58 -37.53 -45.82
N ALA G 133 7.90 -38.50 -46.44
CA ALA G 133 7.82 -38.52 -47.90
C ALA G 133 7.12 -37.29 -48.42
N LEU G 134 6.07 -36.86 -47.72
CA LEU G 134 5.36 -35.64 -48.09
C LEU G 134 6.23 -34.41 -47.89
N ALA G 135 7.02 -34.37 -46.81
CA ALA G 135 7.91 -33.25 -46.59
C ALA G 135 8.97 -33.16 -47.69
N GLN G 136 9.52 -34.30 -48.09
CA GLN G 136 10.50 -34.31 -49.17
C GLN G 136 9.86 -33.91 -50.49
N LEU G 137 8.64 -34.37 -50.75
CA LEU G 137 7.94 -33.98 -51.97
C LEU G 137 7.66 -32.49 -52.00
N LEU G 138 7.27 -31.92 -50.86
CA LEU G 138 7.03 -30.48 -50.80
C LEU G 138 8.32 -29.69 -50.90
N CYS G 139 9.43 -30.24 -50.39
CA CYS G 139 10.72 -29.60 -50.61
C CYS G 139 11.08 -29.59 -52.08
N ARG G 140 10.80 -30.69 -52.78
CA ARG G 140 11.08 -30.74 -54.22
C ARG G 140 10.21 -29.75 -54.98
N ILE G 141 8.94 -29.64 -54.63
CA ILE G 141 8.00 -28.82 -55.39
C ILE G 141 8.15 -27.34 -55.04
N THR G 142 7.87 -26.99 -53.78
CA THR G 142 7.91 -25.59 -53.37
C THR G 142 9.33 -25.06 -53.21
N GLY G 143 10.22 -25.88 -52.65
CA GLY G 143 11.56 -25.43 -52.35
C GLY G 143 11.83 -25.06 -50.91
N ALA G 144 10.93 -25.39 -50.00
CA ALA G 144 11.12 -25.08 -48.59
C ALA G 144 12.00 -26.13 -47.92
N GLU G 145 12.48 -25.79 -46.73
CA GLU G 145 13.35 -26.71 -45.99
C GLU G 145 12.55 -27.88 -45.45
N ASP G 146 11.54 -27.60 -44.64
CA ASP G 146 10.74 -28.64 -44.01
C ASP G 146 9.25 -28.31 -44.16
N ALA G 147 8.41 -29.29 -43.85
CA ALA G 147 6.97 -29.16 -44.00
C ALA G 147 6.25 -29.90 -42.88
N CYS G 148 5.05 -29.41 -42.57
CA CYS G 148 4.14 -29.97 -41.57
C CYS G 148 2.76 -30.09 -42.17
N ILE G 149 2.03 -31.13 -41.81
CA ILE G 149 0.70 -31.39 -42.35
C ILE G 149 -0.26 -31.59 -41.20
N VAL G 150 -1.38 -30.84 -41.23
CA VAL G 150 -2.37 -30.88 -40.16
C VAL G 150 -3.76 -31.07 -40.76
N ASN G 151 -4.77 -31.02 -39.90
CA ASN G 151 -6.13 -31.36 -40.30
C ASN G 151 -6.62 -30.49 -41.45
N ASN G 152 -6.48 -29.17 -41.33
CA ASN G 152 -6.86 -28.24 -42.38
C ASN G 152 -6.07 -26.96 -42.18
N ASN G 153 -6.27 -25.99 -43.09
CA ASN G 153 -5.51 -24.75 -43.02
C ASN G 153 -5.90 -23.90 -41.81
N ALA G 154 -7.12 -24.05 -41.31
CA ALA G 154 -7.46 -23.42 -40.03
C ALA G 154 -6.62 -24.00 -38.91
N ALA G 155 -6.45 -25.32 -38.91
CA ALA G 155 -5.55 -25.96 -37.95
C ALA G 155 -4.11 -25.55 -38.20
N ALA G 156 -3.74 -25.34 -39.46
CA ALA G 156 -2.38 -24.91 -39.78
C ALA G 156 -2.10 -23.53 -39.19
N VAL G 157 -3.02 -22.59 -39.37
CA VAL G 157 -2.84 -21.26 -38.82
C VAL G 157 -2.83 -21.29 -37.30
N LEU G 158 -3.75 -22.08 -36.70
CA LEU G 158 -3.78 -22.19 -35.25
C LEU G 158 -2.46 -22.74 -34.70
N LEU G 159 -1.96 -23.83 -35.28
CA LEU G 159 -0.71 -24.42 -34.82
C LEU G 159 0.46 -23.48 -35.04
N MET G 160 0.49 -22.81 -36.19
CA MET G 160 1.57 -21.86 -36.48
C MET G 160 1.62 -20.75 -35.44
N LEU G 161 0.46 -20.16 -35.12
CA LEU G 161 0.44 -19.05 -34.18
C LEU G 161 0.68 -19.52 -32.75
N ALA G 162 0.22 -20.72 -32.41
CA ALA G 162 0.41 -21.22 -31.04
C ALA G 162 1.82 -21.71 -30.79
N ALA G 163 2.52 -22.21 -31.81
CA ALA G 163 3.85 -22.73 -31.63
C ALA G 163 4.95 -21.73 -31.96
N THR G 164 4.62 -20.63 -32.66
CA THR G 164 5.62 -19.62 -32.99
C THR G 164 5.45 -18.34 -32.19
N ALA G 165 4.23 -17.89 -31.94
CA ALA G 165 3.99 -16.59 -31.32
C ALA G 165 3.00 -16.70 -30.18
N SER G 166 3.17 -17.69 -29.32
CA SER G 166 2.27 -17.83 -28.17
C SER G 166 2.63 -16.79 -27.11
N GLY G 167 1.63 -16.01 -26.70
CA GLY G 167 1.83 -14.96 -25.72
C GLY G 167 2.51 -13.72 -26.23
N LYS G 168 2.75 -13.61 -27.54
CA LYS G 168 3.47 -12.50 -28.13
C LYS G 168 2.62 -11.87 -29.24
N GLU G 169 2.88 -10.60 -29.49
CA GLU G 169 2.13 -9.86 -30.50
C GLU G 169 2.44 -10.38 -31.90
N VAL G 170 1.43 -10.34 -32.76
CA VAL G 170 1.59 -10.63 -34.18
C VAL G 170 1.03 -9.46 -34.95
N VAL G 171 1.82 -8.93 -35.87
CA VAL G 171 1.44 -7.75 -36.64
C VAL G 171 0.76 -8.20 -37.93
N VAL G 172 -0.52 -7.88 -38.06
CA VAL G 172 -1.31 -8.20 -39.24
C VAL G 172 -1.92 -6.90 -39.78
N SER G 173 -1.89 -6.73 -41.09
CA SER G 173 -2.49 -5.57 -41.70
C SER G 173 -3.98 -5.52 -41.42
N ARG G 174 -4.50 -4.30 -41.26
CA ARG G 174 -5.93 -4.13 -40.99
C ARG G 174 -6.78 -4.50 -42.19
N GLY G 175 -6.21 -4.63 -43.38
CA GLY G 175 -6.90 -5.06 -44.56
C GLY G 175 -6.73 -6.52 -44.91
N GLU G 176 -6.21 -7.33 -43.99
CA GLU G 176 -6.05 -8.76 -44.21
C GLU G 176 -6.66 -9.59 -43.11
N LEU G 177 -7.43 -8.99 -42.21
CA LEU G 177 -8.13 -9.72 -41.16
C LEU G 177 -9.34 -10.38 -41.82
N VAL G 178 -9.12 -11.58 -42.34
CA VAL G 178 -10.02 -12.22 -43.29
C VAL G 178 -11.00 -13.11 -42.55
N GLU G 179 -12.15 -13.33 -43.17
CA GLU G 179 -13.13 -14.33 -42.73
C GLU G 179 -13.42 -15.27 -43.89
N ILE G 180 -13.28 -16.57 -43.64
CA ILE G 180 -13.51 -17.61 -44.63
C ILE G 180 -14.72 -18.42 -44.19
N GLY G 181 -15.71 -18.55 -45.08
CA GLY G 181 -16.86 -19.37 -44.78
C GLY G 181 -17.80 -18.78 -43.76
N GLY G 182 -17.27 -18.49 -42.57
CA GLY G 182 -18.06 -17.94 -41.49
C GLY G 182 -17.63 -18.46 -40.14
N ALA G 183 -16.94 -19.61 -40.14
CA ALA G 183 -16.40 -20.17 -38.91
C ALA G 183 -14.94 -19.80 -38.68
N PHE G 184 -14.25 -19.33 -39.71
CA PHE G 184 -12.84 -18.96 -39.61
C PHE G 184 -12.72 -17.44 -39.75
N ARG G 185 -12.32 -16.78 -38.67
CA ARG G 185 -11.98 -15.37 -38.69
C ARG G 185 -10.57 -15.23 -38.12
N ILE G 186 -9.76 -14.38 -38.75
CA ILE G 186 -8.38 -14.22 -38.28
C ILE G 186 -8.31 -13.73 -36.84
N PRO G 187 -9.02 -12.68 -36.43
CA PRO G 187 -8.91 -12.27 -35.02
C PRO G 187 -9.28 -13.36 -34.02
N ASP G 188 -10.29 -14.17 -34.35
CA ASP G 188 -10.67 -15.26 -33.46
C ASP G 188 -9.58 -16.32 -33.38
N VAL G 189 -8.91 -16.61 -34.49
CA VAL G 189 -7.81 -17.56 -34.48
C VAL G 189 -6.65 -17.02 -33.67
N MET G 190 -6.36 -15.73 -33.79
CA MET G 190 -5.31 -15.14 -32.95
C MET G 190 -5.67 -15.24 -31.48
N ARG G 191 -6.95 -15.04 -31.14
CA ARG G 191 -7.36 -15.17 -29.76
C ARG G 191 -7.21 -16.60 -29.26
N GLN G 192 -7.62 -17.58 -30.06
CA GLN G 192 -7.51 -18.98 -29.65
C GLN G 192 -6.07 -19.42 -29.51
N ALA G 193 -5.21 -19.01 -30.45
CA ALA G 193 -3.83 -19.46 -30.49
C ALA G 193 -2.96 -18.81 -29.43
N GLY G 194 -3.52 -17.93 -28.60
CA GLY G 194 -2.79 -17.35 -27.51
C GLY G 194 -1.92 -16.16 -27.85
N CYS G 195 -1.93 -15.71 -29.10
CA CYS G 195 -1.17 -14.55 -29.48
C CYS G 195 -2.00 -13.28 -29.33
N THR G 196 -1.35 -12.14 -29.48
CA THR G 196 -1.99 -10.84 -29.43
C THR G 196 -2.01 -10.25 -30.83
N LEU G 197 -3.20 -9.92 -31.33
CA LEU G 197 -3.32 -9.36 -32.66
C LEU G 197 -2.99 -7.87 -32.62
N HIS G 198 -2.00 -7.48 -33.39
CA HIS G 198 -1.64 -6.07 -33.58
C HIS G 198 -2.08 -5.67 -34.97
N GLU G 199 -2.98 -4.70 -35.05
CA GLU G 199 -3.54 -4.23 -36.30
C GLU G 199 -2.81 -2.96 -36.74
N VAL G 200 -2.39 -2.93 -38.00
CA VAL G 200 -1.62 -1.82 -38.52
C VAL G 200 -2.25 -1.33 -39.81
N GLY G 201 -2.04 -0.06 -40.11
CA GLY G 201 -2.58 0.48 -41.34
C GLY G 201 -4.09 0.65 -41.27
N THR G 202 -4.68 0.76 -42.45
CA THR G 202 -6.12 0.89 -42.61
C THR G 202 -6.64 -0.26 -43.47
N THR G 203 -7.95 -0.24 -43.70
CA THR G 203 -8.57 -1.32 -44.45
C THR G 203 -8.08 -1.36 -45.89
N ASN G 204 -7.91 -0.20 -46.52
CA ASN G 204 -7.51 -0.16 -47.92
C ASN G 204 -6.04 0.17 -48.12
N ARG G 205 -5.45 0.99 -47.26
CA ARG G 205 -4.07 1.45 -47.42
C ARG G 205 -3.25 1.02 -46.22
N THR G 206 -2.26 0.16 -46.44
CA THR G 206 -1.30 -0.22 -45.40
C THR G 206 0.09 0.01 -45.95
N HIS G 207 0.89 0.80 -45.22
CA HIS G 207 2.24 1.15 -45.64
C HIS G 207 3.26 0.40 -44.80
N ALA G 208 4.48 0.30 -45.33
CA ALA G 208 5.52 -0.44 -44.62
C ALA G 208 5.86 0.22 -43.28
N ASN G 209 5.67 1.54 -43.19
CA ASN G 209 5.89 2.22 -41.91
C ASN G 209 4.85 1.79 -40.87
N ASP G 210 3.66 1.39 -41.32
CA ASP G 210 2.67 0.86 -40.38
C ASP G 210 3.16 -0.44 -39.74
N TYR G 211 3.78 -1.30 -40.53
CA TYR G 211 4.41 -2.49 -39.98
C TYR G 211 5.59 -2.13 -39.09
N ARG G 212 6.40 -1.16 -39.51
CA ARG G 212 7.61 -0.80 -38.78
C ARG G 212 7.30 -0.23 -37.40
N GLN G 213 6.28 0.63 -37.31
CA GLN G 213 5.97 1.29 -36.05
C GLN G 213 5.40 0.34 -35.00
N ALA G 214 4.92 -0.82 -35.40
CA ALA G 214 4.31 -1.75 -34.46
C ALA G 214 5.28 -2.81 -33.96
N VAL G 215 6.41 -3.02 -34.63
CA VAL G 215 7.38 -4.01 -34.19
C VAL G 215 8.06 -3.51 -32.93
N ASN G 216 7.97 -4.31 -31.87
CA ASN G 216 8.59 -3.97 -30.59
C ASN G 216 9.17 -5.26 -30.02
N GLU G 217 9.53 -5.22 -28.73
CA GLU G 217 10.14 -6.37 -28.08
C GLU G 217 9.17 -7.52 -27.88
N ASN G 218 7.87 -7.26 -27.87
CA ASN G 218 6.87 -8.32 -27.74
C ASN G 218 6.40 -8.87 -29.08
N THR G 219 6.80 -8.24 -30.19
CA THR G 219 6.37 -8.71 -31.49
C THR G 219 7.13 -9.98 -31.87
N ALA G 220 6.38 -11.00 -32.27
CA ALA G 220 6.98 -12.28 -32.64
C ALA G 220 6.86 -12.60 -34.13
N LEU G 221 5.91 -11.98 -34.84
CA LEU G 221 5.68 -12.32 -36.23
C LEU G 221 5.17 -11.12 -36.99
N LEU G 222 5.41 -11.13 -38.29
CA LEU G 222 4.68 -10.29 -39.25
C LEU G 222 3.91 -11.25 -40.14
N MET G 223 2.60 -11.27 -40.01
CA MET G 223 1.76 -12.25 -40.67
C MET G 223 1.03 -11.60 -41.82
N LYS G 224 1.23 -12.11 -43.03
CA LYS G 224 0.50 -11.67 -44.21
C LYS G 224 -0.52 -12.73 -44.57
N VAL G 225 -1.79 -12.33 -44.62
CA VAL G 225 -2.89 -13.24 -44.92
C VAL G 225 -3.34 -12.95 -46.34
N HIS G 226 -3.41 -13.99 -47.16
CA HIS G 226 -3.88 -13.83 -48.52
C HIS G 226 -5.41 -13.79 -48.53
N THR G 227 -5.96 -12.66 -48.96
CA THR G 227 -7.40 -12.48 -49.04
C THR G 227 -7.91 -13.29 -50.24
N SER G 228 -8.13 -14.59 -49.99
CA SER G 228 -8.48 -15.48 -51.08
C SER G 228 -9.94 -15.30 -51.51
N ASN G 229 -10.83 -15.00 -50.58
CA ASN G 229 -12.25 -14.90 -50.88
C ASN G 229 -12.71 -13.49 -51.19
N TYR G 230 -11.83 -12.49 -51.15
CA TYR G 230 -12.23 -11.14 -51.45
C TYR G 230 -11.04 -10.34 -51.96
N SER G 231 -11.37 -9.23 -52.63
CA SER G 231 -10.37 -8.28 -53.10
C SER G 231 -10.91 -6.87 -52.88
N ILE G 232 -10.03 -5.97 -52.44
CA ILE G 232 -10.37 -4.57 -52.24
C ILE G 232 -9.97 -3.81 -53.49
N GLN G 233 -10.93 -3.10 -54.09
CA GLN G 233 -10.71 -2.37 -55.33
C GLN G 233 -10.82 -0.88 -55.07
N GLY G 234 -9.98 -0.11 -55.76
CA GLY G 234 -10.01 1.33 -55.62
C GLY G 234 -8.70 1.88 -55.09
N PHE G 235 -8.79 2.87 -54.21
CA PHE G 235 -7.61 3.47 -53.59
C PHE G 235 -7.09 2.51 -52.54
N THR G 236 -6.14 1.67 -52.94
CA THR G 236 -5.62 0.61 -52.08
C THR G 236 -4.10 0.63 -52.08
N LYS G 237 -3.53 -0.02 -51.07
CA LYS G 237 -2.09 -0.16 -50.95
C LYS G 237 -1.80 -1.34 -50.03
N ALA G 238 -1.01 -2.30 -50.52
CA ALA G 238 -0.61 -3.44 -49.73
C ALA G 238 0.90 -3.62 -49.85
N ILE G 239 1.50 -4.11 -48.78
CA ILE G 239 2.93 -4.41 -48.75
C ILE G 239 3.12 -5.86 -49.17
N ASP G 240 3.92 -6.07 -50.21
CA ASP G 240 4.13 -7.42 -50.73
C ASP G 240 4.99 -8.22 -49.75
N GLU G 241 5.15 -9.51 -50.07
CA GLU G 241 5.91 -10.39 -49.18
C GLU G 241 7.39 -10.06 -49.18
N ALA G 242 7.97 -9.73 -50.34
CA ALA G 242 9.41 -9.46 -50.41
C ALA G 242 9.79 -8.28 -49.52
N GLU G 243 9.04 -7.18 -49.63
CA GLU G 243 9.33 -6.01 -48.81
C GLU G 243 9.14 -6.31 -47.33
N LEU G 244 8.14 -7.13 -47.00
CA LEU G 244 7.88 -7.44 -45.60
C LEU G 244 8.95 -8.34 -45.01
N VAL G 245 9.44 -9.32 -45.76
CA VAL G 245 10.54 -10.14 -45.26
C VAL G 245 11.83 -9.32 -45.17
N ALA G 246 12.02 -8.34 -46.07
CA ALA G 246 13.16 -7.44 -45.92
C ALA G 246 13.06 -6.65 -44.63
N LEU G 247 11.86 -6.11 -44.34
CA LEU G 247 11.66 -5.37 -43.09
C LEU G 247 11.87 -6.26 -41.88
N GLY G 248 11.39 -7.49 -41.94
CA GLY G 248 11.57 -8.42 -40.82
C GLY G 248 13.02 -8.79 -40.61
N LYS G 249 13.77 -8.99 -41.69
CA LYS G 249 15.20 -9.22 -41.58
C LYS G 249 15.90 -8.03 -40.96
N GLU G 250 15.51 -6.82 -41.35
CA GLU G 250 16.08 -5.63 -40.75
C GLU G 250 15.79 -5.54 -39.26
N LEU G 251 14.56 -5.91 -38.86
CA LEU G 251 14.13 -5.82 -37.47
C LEU G 251 14.23 -7.15 -36.72
N ASP G 252 14.76 -8.20 -37.36
CA ASP G 252 14.92 -9.52 -36.74
C ASP G 252 13.57 -10.07 -36.27
N VAL G 253 12.59 -10.03 -37.16
CA VAL G 253 11.26 -10.56 -36.88
C VAL G 253 10.83 -11.46 -38.03
N PRO G 254 10.45 -12.71 -37.77
CA PRO G 254 10.06 -13.60 -38.88
C PRO G 254 8.74 -13.17 -39.51
N VAL G 255 8.59 -13.52 -40.79
CA VAL G 255 7.41 -13.20 -41.57
C VAL G 255 6.74 -14.50 -41.99
N VAL G 256 5.47 -14.65 -41.65
CA VAL G 256 4.71 -15.83 -42.03
C VAL G 256 3.57 -15.41 -42.95
N THR G 257 3.00 -16.39 -43.64
CA THR G 257 1.95 -16.14 -44.62
C THR G 257 0.88 -17.21 -44.51
N ASP G 258 -0.37 -16.75 -44.46
CA ASP G 258 -1.56 -17.60 -44.51
C ASP G 258 -2.08 -17.59 -45.94
N LEU G 259 -1.39 -18.33 -46.81
CA LEU G 259 -1.69 -18.28 -48.24
C LEU G 259 -3.11 -18.77 -48.52
N GLY G 260 -3.50 -19.87 -47.89
CA GLY G 260 -4.83 -20.39 -48.05
C GLY G 260 -5.04 -21.24 -49.28
N SER G 261 -5.14 -20.59 -50.45
CA SER G 261 -5.50 -21.29 -51.68
C SER G 261 -4.47 -22.35 -52.03
N GLY G 262 -3.19 -22.01 -51.96
CA GLY G 262 -2.14 -22.97 -52.24
C GLY G 262 -2.07 -23.49 -53.65
N SER G 263 -2.19 -22.62 -54.64
CA SER G 263 -2.00 -23.02 -56.03
C SER G 263 -0.52 -23.27 -56.28
N LEU G 264 -0.17 -24.47 -56.71
CA LEU G 264 1.23 -24.84 -56.91
C LEU G 264 1.72 -24.58 -58.32
N VAL G 265 0.84 -24.17 -59.25
CA VAL G 265 1.22 -23.89 -60.62
C VAL G 265 0.70 -22.51 -60.99
N ASP G 266 1.37 -21.90 -61.97
CA ASP G 266 0.95 -20.59 -62.47
C ASP G 266 -0.34 -20.76 -63.26
N LEU G 267 -1.45 -20.32 -62.69
CA LEU G 267 -2.75 -20.45 -63.36
C LEU G 267 -2.83 -19.62 -64.64
N SER G 268 -2.03 -18.56 -64.74
CA SER G 268 -2.06 -17.72 -65.94
C SER G 268 -1.70 -18.52 -67.19
N GLN G 269 -0.94 -19.59 -67.04
CA GLN G 269 -0.60 -20.44 -68.17
C GLN G 269 -1.82 -21.13 -68.76
N TYR G 270 -2.87 -21.34 -67.96
CA TYR G 270 -4.08 -21.99 -68.43
C TYR G 270 -5.21 -21.00 -68.73
N GLY G 271 -4.91 -19.70 -68.70
CA GLY G 271 -5.91 -18.68 -68.91
C GLY G 271 -6.68 -18.27 -67.67
N LEU G 272 -6.46 -18.94 -66.55
CA LEU G 272 -7.09 -18.63 -65.28
C LEU G 272 -6.36 -17.48 -64.60
N PRO G 273 -7.04 -16.73 -63.74
CA PRO G 273 -6.38 -15.65 -63.01
C PRO G 273 -5.24 -16.18 -62.15
N LYS G 274 -4.15 -15.43 -62.11
CA LYS G 274 -2.99 -15.85 -61.35
C LYS G 274 -3.22 -15.68 -59.86
N GLU G 275 -2.75 -16.65 -59.09
CA GLU G 275 -2.81 -16.62 -57.63
C GLU G 275 -1.41 -16.82 -57.08
N PRO G 276 -1.10 -16.23 -55.92
CA PRO G 276 0.24 -16.41 -55.35
C PRO G 276 0.53 -17.88 -55.06
N MET G 277 1.78 -18.27 -55.29
CA MET G 277 2.20 -19.65 -55.14
C MET G 277 3.12 -19.80 -53.95
N PRO G 278 3.11 -20.97 -53.29
CA PRO G 278 4.07 -21.20 -52.20
C PRO G 278 5.51 -21.13 -52.65
N GLN G 279 5.80 -21.47 -53.90
CA GLN G 279 7.17 -21.38 -54.41
C GLN G 279 7.67 -19.94 -54.36
N GLU G 280 6.83 -19.00 -54.81
CA GLU G 280 7.23 -17.60 -54.83
C GLU G 280 7.46 -17.06 -53.42
N LEU G 281 6.58 -17.42 -52.48
CA LEU G 281 6.72 -16.95 -51.11
C LEU G 281 7.95 -17.58 -50.44
N ILE G 282 8.22 -18.85 -50.71
CA ILE G 282 9.38 -19.52 -50.13
C ILE G 282 10.67 -18.92 -50.69
N ALA G 283 10.71 -18.67 -52.00
CA ALA G 283 11.87 -18.05 -52.60
C ALA G 283 12.07 -16.62 -52.10
N ALA G 284 10.98 -15.89 -51.87
CA ALA G 284 11.06 -14.51 -51.42
C ALA G 284 11.61 -14.39 -50.01
N GLY G 285 11.60 -15.46 -49.23
CA GLY G 285 12.12 -15.45 -47.89
C GLY G 285 11.09 -15.50 -46.77
N VAL G 286 9.90 -16.05 -47.03
CA VAL G 286 8.89 -16.15 -45.99
C VAL G 286 9.21 -17.34 -45.09
N SER G 287 9.19 -17.10 -43.78
CA SER G 287 9.59 -18.14 -42.83
C SER G 287 8.66 -19.34 -42.86
N LEU G 288 7.36 -19.11 -42.89
CA LEU G 288 6.37 -20.19 -42.93
C LEU G 288 5.23 -19.78 -43.85
N VAL G 289 4.76 -20.72 -44.66
CA VAL G 289 3.64 -20.50 -45.57
C VAL G 289 2.65 -21.64 -45.36
N SER G 290 1.41 -21.30 -45.03
CA SER G 290 0.39 -22.31 -44.78
C SER G 290 -0.70 -22.21 -45.83
N PHE G 291 -1.07 -23.36 -46.40
CA PHE G 291 -2.09 -23.38 -47.44
C PHE G 291 -2.92 -24.65 -47.35
N SER G 292 -4.10 -24.60 -47.95
CA SER G 292 -5.02 -25.73 -47.93
C SER G 292 -4.65 -26.75 -49.00
N GLY G 293 -5.25 -27.93 -48.88
CA GLY G 293 -5.01 -29.00 -49.83
C GLY G 293 -6.17 -29.27 -50.75
N ASP G 294 -7.37 -28.82 -50.38
CA ASP G 294 -8.55 -29.08 -51.19
C ASP G 294 -8.99 -27.85 -51.97
N1 LLP G 295 -7.04 -19.12 -44.19
C2 LLP G 295 -7.12 -18.72 -45.46
C2' LLP G 295 -6.34 -17.46 -45.95
C3 LLP G 295 -7.92 -19.44 -46.38
O3 LLP G 295 -7.99 -19.02 -47.70
C4 LLP G 295 -8.61 -20.56 -45.97
C4' LLP G 295 -9.51 -21.33 -47.07
C5 LLP G 295 -8.54 -20.97 -44.67
C6 LLP G 295 -7.76 -20.26 -43.76
C5' LLP G 295 -9.32 -22.22 -44.16
OP4 LLP G 295 -9.00 -23.37 -44.90
P LLP G 295 -9.63 -24.72 -44.53
OP1 LLP G 295 -9.87 -24.76 -43.02
OP2 LLP G 295 -10.92 -24.88 -45.22
OP3 LLP G 295 -8.72 -25.82 -44.94
N LLP G 295 -8.21 -26.78 -51.90
CA LLP G 295 -8.55 -25.54 -52.60
CB LLP G 295 -7.93 -24.35 -51.92
CG LLP G 295 -9.04 -23.45 -51.38
CD LLP G 295 -9.01 -23.48 -49.85
CE LLP G 295 -9.48 -22.13 -49.29
NZ LLP G 295 -8.66 -21.77 -48.13
C LLP G 295 -8.12 -25.63 -54.02
O LLP G 295 -8.63 -26.45 -54.76
N LEU G 296 -7.15 -24.80 -54.40
CA LEU G 296 -6.67 -24.81 -55.79
C LEU G 296 -5.62 -25.89 -56.00
N LEU G 297 -5.23 -26.57 -54.92
CA LEU G 297 -4.26 -27.65 -55.04
C LEU G 297 -4.90 -28.90 -55.64
N GLY G 298 -6.18 -29.10 -55.40
CA GLY G 298 -6.89 -30.24 -55.98
C GLY G 298 -6.73 -31.54 -55.23
N GLY G 299 -6.44 -31.49 -53.93
CA GLY G 299 -6.25 -32.69 -53.16
C GLY G 299 -7.25 -32.85 -52.04
N PRO G 300 -6.83 -33.48 -50.94
CA PRO G 300 -7.72 -33.68 -49.79
C PRO G 300 -7.67 -32.49 -48.84
N GLN G 301 -8.59 -32.50 -47.89
CA GLN G 301 -8.59 -31.49 -46.84
C GLN G 301 -7.34 -31.65 -45.99
N ALA G 302 -6.39 -30.73 -46.13
CA ALA G 302 -5.16 -30.79 -45.36
C ALA G 302 -4.64 -29.38 -45.18
N GLY G 303 -3.89 -29.18 -44.11
CA GLY G 303 -3.22 -27.91 -43.89
C GLY G 303 -1.73 -28.07 -43.99
N ILE G 304 -1.12 -27.50 -45.03
CA ILE G 304 0.28 -27.73 -45.33
C ILE G 304 1.05 -26.47 -44.99
N ILE G 305 2.00 -26.58 -44.06
CA ILE G 305 2.87 -25.49 -43.66
C ILE G 305 4.27 -25.82 -44.12
N VAL G 306 4.86 -24.97 -44.94
CA VAL G 306 6.19 -25.19 -45.47
C VAL G 306 7.09 -24.02 -45.08
N GLY G 307 8.33 -24.32 -44.74
CA GLY G 307 9.23 -23.23 -44.42
C GLY G 307 10.49 -23.71 -43.74
N LYS G 308 11.04 -22.83 -42.90
CA LYS G 308 12.32 -23.08 -42.27
C LYS G 308 12.26 -24.32 -41.39
N LYS G 309 13.37 -25.07 -41.37
CA LYS G 309 13.40 -26.32 -40.63
C LYS G 309 13.22 -26.10 -39.13
N GLU G 310 13.80 -25.02 -38.60
CA GLU G 310 13.70 -24.76 -37.16
C GLU G 310 12.27 -24.46 -36.74
N MET G 311 11.56 -23.62 -37.50
CA MET G 311 10.19 -23.28 -37.14
C MET G 311 9.24 -24.45 -37.39
N ILE G 312 9.47 -25.21 -38.45
CA ILE G 312 8.68 -26.42 -38.68
C ILE G 312 8.89 -27.39 -37.53
N ALA G 313 10.13 -27.52 -37.05
CA ALA G 313 10.40 -28.39 -35.92
C ALA G 313 9.74 -27.87 -34.65
N ARG G 314 9.62 -26.55 -34.51
CA ARG G 314 8.83 -25.99 -33.43
C ARG G 314 7.37 -26.41 -33.53
N LEU G 315 6.83 -26.41 -34.75
CA LEU G 315 5.45 -26.82 -34.95
C LEU G 315 5.25 -28.30 -34.63
N GLN G 316 6.19 -29.15 -35.07
CA GLN G 316 6.07 -30.59 -34.87
C GLN G 316 6.05 -30.95 -33.40
N SER G 317 6.85 -30.26 -32.59
CA SER G 317 7.00 -30.58 -31.17
C SER G 317 5.92 -29.96 -30.30
N HIS G 318 5.02 -29.15 -30.87
CA HIS G 318 3.99 -28.52 -30.08
C HIS G 318 2.97 -29.56 -29.62
N PRO G 319 2.41 -29.41 -28.41
CA PRO G 319 1.38 -30.35 -27.96
C PRO G 319 0.13 -30.36 -28.83
N LEU G 320 -0.17 -29.26 -29.53
CA LEU G 320 -1.34 -29.22 -30.40
C LEU G 320 -1.23 -30.17 -31.59
N LYS G 321 0.00 -30.44 -32.05
CA LYS G 321 0.16 -31.22 -33.27
C LYS G 321 -0.49 -32.59 -33.17
N ARG G 322 -0.42 -33.21 -31.98
CA ARG G 322 -1.05 -34.51 -31.79
C ARG G 322 -2.54 -34.44 -32.06
N ALA G 323 -3.19 -33.34 -31.67
CA ALA G 323 -4.61 -33.18 -31.96
C ALA G 323 -4.84 -32.89 -33.44
N LEU G 324 -3.88 -32.25 -34.10
CA LEU G 324 -4.05 -31.79 -35.46
C LEU G 324 -3.38 -32.70 -36.49
N ARG G 325 -2.72 -33.77 -36.07
CA ARG G 325 -2.03 -34.66 -36.99
C ARG G 325 -2.98 -35.17 -38.06
N ALA G 326 -2.42 -35.53 -39.22
CA ALA G 326 -3.21 -35.91 -40.38
C ALA G 326 -3.36 -37.42 -40.49
N ASP G 327 -4.49 -37.85 -41.03
CA ASP G 327 -4.88 -39.24 -41.16
C ASP G 327 -4.10 -39.90 -42.30
N LYS G 328 -4.08 -41.24 -42.27
CA LYS G 328 -3.35 -41.97 -43.31
C LYS G 328 -4.01 -41.83 -44.68
N MET G 329 -5.35 -41.76 -44.74
CA MET G 329 -5.99 -41.48 -46.02
C MET G 329 -5.65 -40.07 -46.50
N THR G 330 -5.63 -39.10 -45.59
CA THR G 330 -5.24 -37.75 -45.96
C THR G 330 -3.83 -37.71 -46.51
N LEU G 331 -2.90 -38.39 -45.84
CA LEU G 331 -1.52 -38.40 -46.31
C LEU G 331 -1.38 -39.13 -47.63
N ALA G 332 -2.10 -40.24 -47.81
CA ALA G 332 -2.04 -40.96 -49.08
C ALA G 332 -2.57 -40.11 -50.23
N ALA G 333 -3.72 -39.47 -50.03
CA ALA G 333 -4.28 -38.61 -51.05
C ALA G 333 -3.37 -37.43 -51.35
N LEU G 334 -2.80 -36.82 -50.31
CA LEU G 334 -1.93 -35.68 -50.52
C LEU G 334 -0.66 -36.07 -51.27
N GLU G 335 -0.08 -37.22 -50.92
CA GLU G 335 1.12 -37.69 -51.63
C GLU G 335 0.82 -37.98 -53.09
N ALA G 336 -0.29 -38.68 -53.37
CA ALA G 336 -0.63 -38.97 -54.75
C ALA G 336 -0.95 -37.72 -55.55
N THR G 337 -1.62 -36.74 -54.93
CA THR G 337 -1.91 -35.48 -55.62
C THR G 337 -0.63 -34.70 -55.89
N LEU G 338 0.27 -34.63 -54.90
CA LEU G 338 1.50 -33.88 -55.07
C LEU G 338 2.41 -34.53 -56.12
N ARG G 339 2.35 -35.86 -56.25
CA ARG G 339 3.13 -36.52 -57.30
C ARG G 339 2.61 -36.20 -58.70
N LEU G 340 1.39 -35.68 -58.82
CA LEU G 340 0.91 -35.23 -60.12
C LEU G 340 1.62 -33.96 -60.57
N TYR G 341 2.02 -33.11 -59.63
CA TYR G 341 2.70 -31.88 -59.96
C TYR G 341 4.14 -32.09 -60.40
N LEU G 342 4.69 -33.29 -60.23
CA LEU G 342 6.00 -33.61 -60.76
C LEU G 342 5.98 -33.88 -62.26
N HIS G 343 4.79 -34.05 -62.84
CA HIS G 343 4.62 -34.28 -64.27
C HIS G 343 3.59 -33.28 -64.79
N PRO G 344 3.98 -32.00 -64.93
CA PRO G 344 2.99 -30.98 -65.29
C PRO G 344 2.36 -31.17 -66.65
N GLU G 345 2.99 -31.93 -67.56
CA GLU G 345 2.45 -32.07 -68.91
C GLU G 345 1.05 -32.67 -68.89
N ALA G 346 0.83 -33.67 -68.05
CA ALA G 346 -0.49 -34.29 -67.91
C ALA G 346 -1.30 -33.68 -66.77
N LEU G 347 -0.78 -32.63 -66.13
CA LEU G 347 -1.46 -32.06 -64.96
C LEU G 347 -2.84 -31.51 -65.32
N SER G 348 -2.95 -30.88 -66.49
CA SER G 348 -4.25 -30.37 -66.92
C SER G 348 -5.26 -31.47 -67.22
N GLU G 349 -4.81 -32.72 -67.33
CA GLU G 349 -5.70 -33.84 -67.60
C GLU G 349 -5.90 -34.74 -66.39
N LYS G 350 -4.84 -35.03 -65.64
CA LYS G 350 -4.94 -35.94 -64.51
C LYS G 350 -5.44 -35.28 -63.24
N LEU G 351 -5.57 -33.95 -63.22
CA LEU G 351 -6.09 -33.24 -62.06
C LEU G 351 -7.52 -32.81 -62.34
N PRO G 352 -8.52 -33.37 -61.66
CA PRO G 352 -9.92 -33.02 -61.98
C PRO G 352 -10.22 -31.54 -61.81
N THR G 353 -9.63 -30.89 -60.81
CA THR G 353 -9.86 -29.46 -60.62
C THR G 353 -9.37 -28.67 -61.82
N LEU G 354 -8.13 -28.92 -62.25
CA LEU G 354 -7.60 -28.23 -63.42
C LEU G 354 -8.35 -28.62 -64.69
N ARG G 355 -8.71 -29.90 -64.82
CA ARG G 355 -9.44 -30.33 -66.00
C ARG G 355 -10.79 -29.62 -66.12
N LEU G 356 -11.49 -29.44 -64.99
CA LEU G 356 -12.75 -28.72 -65.01
C LEU G 356 -12.54 -27.23 -65.22
N LEU G 357 -11.45 -26.66 -64.69
CA LEU G 357 -11.22 -25.23 -64.82
C LEU G 357 -10.83 -24.86 -66.25
N THR G 358 -9.91 -25.61 -66.85
CA THR G 358 -9.44 -25.30 -68.20
C THR G 358 -10.29 -25.95 -69.29
N ARG G 359 -11.47 -26.45 -68.95
CA ARG G 359 -12.37 -26.96 -69.97
C ARG G 359 -12.80 -25.83 -70.90
N SER G 360 -12.72 -26.08 -72.20
CA SER G 360 -13.05 -25.04 -73.18
C SER G 360 -14.56 -24.84 -73.26
N ALA G 361 -14.95 -23.62 -73.63
CA ALA G 361 -16.36 -23.27 -73.69
C ALA G 361 -17.06 -23.89 -74.90
N GLU G 362 -16.33 -24.12 -75.99
CA GLU G 362 -16.93 -24.70 -77.18
C GLU G 362 -17.44 -26.12 -76.92
N VAL G 363 -16.67 -26.92 -76.17
CA VAL G 363 -17.12 -28.27 -75.83
C VAL G 363 -18.36 -28.22 -74.96
N ILE G 364 -18.42 -27.25 -74.05
CA ILE G 364 -19.61 -27.08 -73.22
C ILE G 364 -20.81 -26.72 -74.09
N GLN G 365 -20.61 -25.85 -75.07
CA GLN G 365 -21.69 -25.50 -75.99
C GLN G 365 -22.17 -26.74 -76.75
N ILE G 366 -21.23 -27.56 -77.23
CA ILE G 366 -21.61 -28.77 -77.97
C ILE G 366 -22.40 -29.72 -77.07
N GLN G 367 -21.93 -29.91 -75.85
CA GLN G 367 -22.63 -30.80 -74.93
C GLN G 367 -24.02 -30.28 -74.60
N ALA G 368 -24.16 -28.97 -74.40
CA ALA G 368 -25.47 -28.39 -74.13
C ALA G 368 -26.41 -28.57 -75.31
N GLN G 369 -25.91 -28.36 -76.53
CA GLN G 369 -26.75 -28.57 -77.71
C GLN G 369 -27.17 -30.02 -77.84
N ARG G 370 -26.26 -30.95 -77.54
CA ARG G 370 -26.59 -32.37 -77.61
C ARG G 370 -27.63 -32.75 -76.57
N LEU G 371 -27.52 -32.21 -75.36
CA LEU G 371 -28.44 -32.56 -74.28
C LEU G 371 -29.75 -31.79 -74.34
N GLN G 372 -29.84 -30.73 -75.15
CA GLN G 372 -31.05 -29.93 -75.21
C GLN G 372 -32.26 -30.71 -75.73
N ALA G 373 -32.06 -31.71 -76.58
CA ALA G 373 -33.20 -32.38 -77.21
C ALA G 373 -33.96 -33.30 -76.25
N PRO G 374 -33.32 -34.29 -75.61
CA PRO G 374 -34.12 -35.25 -74.82
C PRO G 374 -34.89 -34.62 -73.67
N LEU G 375 -34.34 -33.61 -73.00
CA LEU G 375 -35.07 -32.96 -71.91
C LEU G 375 -36.32 -32.26 -72.42
N ALA G 376 -36.18 -31.53 -73.54
CA ALA G 376 -37.35 -30.88 -74.14
C ALA G 376 -38.38 -31.90 -74.58
N ALA G 377 -37.94 -33.03 -75.14
CA ALA G 377 -38.86 -34.07 -75.55
C ALA G 377 -39.60 -34.66 -74.36
N HIS G 378 -38.89 -34.86 -73.25
CA HIS G 378 -39.49 -35.53 -72.10
C HIS G 378 -40.42 -34.59 -71.34
N TYR G 379 -39.89 -33.49 -70.80
CA TYR G 379 -40.73 -32.60 -70.01
C TYR G 379 -40.43 -31.12 -70.28
N GLY G 380 -39.87 -30.79 -71.43
CA GLY G 380 -39.63 -29.41 -71.77
C GLY G 380 -40.85 -28.66 -72.26
N ALA G 381 -41.97 -29.36 -72.46
CA ALA G 381 -43.20 -28.68 -72.86
C ALA G 381 -43.67 -27.70 -71.80
N GLU G 382 -43.56 -28.08 -70.52
CA GLU G 382 -43.92 -27.17 -69.44
C GLU G 382 -43.02 -25.94 -69.41
N PHE G 383 -41.71 -26.15 -69.61
CA PHE G 383 -40.75 -25.04 -69.62
C PHE G 383 -39.65 -25.37 -70.60
N ALA G 384 -39.47 -24.52 -71.61
CA ALA G 384 -38.52 -24.79 -72.67
C ALA G 384 -37.09 -24.65 -72.15
N VAL G 385 -36.17 -25.37 -72.80
CA VAL G 385 -34.75 -25.36 -72.46
C VAL G 385 -33.96 -24.95 -73.70
N GLN G 386 -33.09 -23.96 -73.53
CA GLN G 386 -32.24 -23.48 -74.60
C GLN G 386 -30.86 -23.17 -74.04
N VAL G 387 -29.93 -22.85 -74.93
CA VAL G 387 -28.52 -22.69 -74.59
C VAL G 387 -28.13 -21.25 -74.86
N MET G 388 -27.66 -20.56 -73.82
CA MET G 388 -27.13 -19.21 -73.92
C MET G 388 -25.89 -19.10 -73.04
N PRO G 389 -25.02 -18.13 -73.32
CA PRO G 389 -23.81 -17.96 -72.51
C PRO G 389 -24.11 -17.77 -71.03
N CYS G 390 -23.23 -18.33 -70.19
CA CYS G 390 -23.33 -18.19 -68.75
C CYS G 390 -21.93 -18.04 -68.20
N LEU G 391 -21.82 -17.74 -66.90
CA LEU G 391 -20.56 -17.51 -66.24
C LEU G 391 -20.43 -18.47 -65.07
N SER G 392 -19.21 -18.98 -64.88
CA SER G 392 -18.94 -20.01 -63.87
C SER G 392 -17.88 -19.48 -62.91
N GLN G 393 -18.09 -19.73 -61.61
CA GLN G 393 -17.09 -19.36 -60.62
C GLN G 393 -16.01 -20.43 -60.51
N ILE G 394 -14.79 -19.99 -60.23
CA ILE G 394 -13.71 -20.94 -59.96
C ILE G 394 -13.98 -21.71 -58.68
N GLY G 395 -14.45 -21.01 -57.64
CA GLY G 395 -14.80 -21.65 -56.38
C GLY G 395 -13.98 -21.10 -55.23
N SER G 396 -13.80 -21.93 -54.21
CA SER G 396 -13.04 -21.53 -53.03
C SER G 396 -11.55 -21.39 -53.38
N GLY G 397 -10.89 -20.47 -52.69
CA GLY G 397 -9.51 -20.15 -52.92
C GLY G 397 -9.27 -19.07 -53.95
N SER G 398 -10.28 -18.75 -54.76
CA SER G 398 -10.19 -17.69 -55.75
C SER G 398 -11.27 -16.66 -55.48
N LEU G 399 -11.21 -15.56 -56.22
CA LEU G 399 -12.23 -14.53 -56.09
C LEU G 399 -13.59 -15.07 -56.54
N PRO G 400 -14.67 -14.77 -55.81
CA PRO G 400 -16.00 -15.21 -56.25
C PRO G 400 -16.48 -14.56 -57.54
N VAL G 401 -15.64 -13.72 -58.16
CA VAL G 401 -15.95 -13.23 -59.49
C VAL G 401 -15.97 -14.41 -60.45
N ASP G 402 -16.98 -14.43 -61.33
CA ASP G 402 -17.16 -15.58 -62.22
C ASP G 402 -15.97 -15.77 -63.14
N ARG G 403 -15.76 -14.83 -64.07
CA ARG G 403 -14.54 -14.74 -64.87
C ARG G 403 -14.36 -15.94 -65.81
N LEU G 404 -15.38 -16.79 -65.89
CA LEU G 404 -15.25 -17.99 -66.73
C LEU G 404 -16.45 -18.18 -67.63
N PRO G 405 -16.30 -18.06 -68.94
CA PRO G 405 -17.41 -18.32 -69.86
C PRO G 405 -17.77 -19.80 -69.87
N SER G 406 -19.06 -20.07 -70.09
CA SER G 406 -19.56 -21.44 -70.12
C SER G 406 -20.93 -21.43 -70.78
N ALA G 407 -21.53 -22.62 -70.88
CA ALA G 407 -22.86 -22.80 -71.43
C ALA G 407 -23.74 -23.46 -70.39
N ALA G 408 -25.02 -23.08 -70.37
CA ALA G 408 -25.95 -23.56 -69.36
C ALA G 408 -27.29 -23.88 -70.00
N LEU G 409 -28.03 -24.75 -69.32
CA LEU G 409 -29.42 -25.04 -69.66
C LEU G 409 -30.33 -24.26 -68.71
N THR G 410 -31.28 -23.52 -69.28
CA THR G 410 -32.21 -22.71 -68.52
C THR G 410 -33.60 -23.28 -68.63
N PHE G 411 -34.29 -23.40 -67.51
CA PHE G 411 -35.66 -23.90 -67.43
C PHE G 411 -36.56 -22.71 -67.11
N THR G 412 -37.19 -22.14 -68.15
CA THR G 412 -37.99 -20.94 -68.01
C THR G 412 -39.47 -21.29 -67.97
N PRO G 413 -40.16 -21.09 -66.85
CA PRO G 413 -41.58 -21.43 -66.79
C PRO G 413 -42.41 -20.58 -67.77
N HIS G 414 -43.44 -21.19 -68.33
CA HIS G 414 -44.27 -20.50 -69.32
C HIS G 414 -45.16 -19.46 -68.67
N ASP G 415 -45.71 -19.76 -67.50
CA ASP G 415 -46.61 -18.84 -66.82
C ASP G 415 -45.88 -17.82 -65.94
N GLY G 416 -44.55 -17.88 -65.88
CA GLY G 416 -43.79 -16.92 -65.13
C GLY G 416 -44.03 -16.97 -63.62
N ARG G 417 -44.03 -18.17 -63.06
CA ARG G 417 -44.22 -18.37 -61.63
C ARG G 417 -42.99 -19.07 -61.05
N GLY G 418 -42.53 -18.57 -59.90
CA GLY G 418 -41.42 -19.21 -59.21
C GLY G 418 -41.78 -20.49 -58.50
N SER G 419 -43.07 -20.79 -58.36
CA SER G 419 -43.48 -22.04 -57.75
C SER G 419 -43.00 -23.23 -58.56
N HIS G 420 -43.10 -23.14 -59.90
CA HIS G 420 -42.59 -24.21 -60.74
C HIS G 420 -41.09 -24.42 -60.54
N LEU G 421 -40.34 -23.32 -60.46
CA LEU G 421 -38.90 -23.43 -60.25
C LEU G 421 -38.58 -24.06 -58.90
N GLU G 422 -39.28 -23.63 -57.85
CA GLU G 422 -39.02 -24.19 -56.52
C GLU G 422 -39.37 -25.67 -56.47
N SER G 423 -40.50 -26.06 -57.07
CA SER G 423 -40.89 -27.46 -57.09
C SER G 423 -39.90 -28.30 -57.89
N LEU G 424 -39.44 -27.78 -59.03
CA LEU G 424 -38.44 -28.50 -59.81
C LEU G 424 -37.14 -28.66 -59.04
N ALA G 425 -36.71 -27.61 -58.34
CA ALA G 425 -35.51 -27.70 -57.53
C ALA G 425 -35.65 -28.74 -56.43
N ALA G 426 -36.81 -28.76 -55.76
CA ALA G 426 -37.03 -29.76 -54.72
C ALA G 426 -37.03 -31.18 -55.30
N ARG G 427 -37.69 -31.37 -56.45
CA ARG G 427 -37.71 -32.67 -57.09
C ARG G 427 -36.30 -33.14 -57.44
N TRP G 428 -35.48 -32.24 -57.97
CA TRP G 428 -34.10 -32.60 -58.29
C TRP G 428 -33.30 -32.90 -57.03
N ARG G 429 -33.50 -32.12 -55.96
CA ARG G 429 -32.79 -32.36 -54.73
C ARG G 429 -33.23 -33.64 -54.03
N GLU G 430 -34.40 -34.18 -54.35
CA GLU G 430 -34.84 -35.44 -53.78
C GLU G 430 -34.48 -36.66 -54.63
N LEU G 431 -33.76 -36.47 -55.74
CA LEU G 431 -33.38 -37.58 -56.58
C LEU G 431 -32.26 -38.39 -55.93
N PRO G 432 -32.10 -39.66 -56.32
CA PRO G 432 -31.00 -40.47 -55.75
C PRO G 432 -29.63 -39.85 -55.96
N VAL G 433 -29.40 -39.23 -57.11
CA VAL G 433 -28.19 -38.45 -57.35
C VAL G 433 -28.64 -37.02 -57.62
N PRO G 434 -28.72 -36.18 -56.59
CA PRO G 434 -29.34 -34.85 -56.77
C PRO G 434 -28.58 -34.00 -57.78
N VAL G 435 -29.35 -33.21 -58.54
CA VAL G 435 -28.81 -32.23 -59.47
C VAL G 435 -29.12 -30.86 -58.90
N ILE G 436 -28.08 -30.07 -58.64
CA ILE G 436 -28.20 -28.77 -58.01
C ILE G 436 -27.97 -27.70 -59.06
N GLY G 437 -28.99 -26.90 -59.33
CA GLY G 437 -28.88 -25.76 -60.21
C GLY G 437 -28.94 -24.46 -59.44
N ARG G 438 -29.04 -23.33 -60.12
CA ARG G 438 -29.08 -22.04 -59.46
C ARG G 438 -30.27 -21.24 -59.97
N ILE G 439 -30.95 -20.55 -59.05
CA ILE G 439 -32.06 -19.67 -59.42
C ILE G 439 -31.45 -18.32 -59.77
N TYR G 440 -31.23 -18.09 -61.07
CA TYR G 440 -30.57 -16.90 -61.56
C TYR G 440 -31.45 -16.25 -62.63
N ASP G 441 -31.62 -14.94 -62.53
CA ASP G 441 -32.37 -14.15 -63.51
C ASP G 441 -33.79 -14.71 -63.71
N GLY G 442 -34.41 -15.14 -62.61
CA GLY G 442 -35.76 -15.65 -62.70
C GLY G 442 -35.90 -17.00 -63.36
N ARG G 443 -34.78 -17.69 -63.62
CA ARG G 443 -34.80 -18.99 -64.29
C ARG G 443 -33.94 -19.96 -63.50
N LEU G 444 -34.09 -21.24 -63.80
CA LEU G 444 -33.28 -22.30 -63.19
C LEU G 444 -32.17 -22.67 -64.17
N TRP G 445 -30.92 -22.49 -63.74
CA TRP G 445 -29.75 -22.66 -64.59
C TRP G 445 -28.94 -23.87 -64.14
N LEU G 446 -28.52 -24.66 -65.13
CA LEU G 446 -27.61 -25.79 -64.93
C LEU G 446 -26.38 -25.50 -65.78
N ASP G 447 -25.26 -25.22 -65.10
CA ASP G 447 -24.00 -24.91 -65.77
C ASP G 447 -23.20 -26.19 -65.95
N LEU G 448 -22.98 -26.60 -67.19
CA LEU G 448 -22.36 -27.89 -67.49
C LEU G 448 -20.84 -27.86 -67.46
N ARG G 449 -20.22 -26.85 -66.84
CA ARG G 449 -18.77 -26.83 -66.76
C ARG G 449 -18.26 -27.99 -65.91
N CYS G 450 -18.98 -28.34 -64.84
CA CYS G 450 -18.57 -29.38 -63.91
C CYS G 450 -19.36 -30.67 -64.11
N LEU G 451 -19.69 -31.01 -65.35
CA LEU G 451 -20.44 -32.22 -65.67
C LEU G 451 -19.54 -33.04 -66.61
N GLU G 452 -18.83 -34.00 -66.03
CA GLU G 452 -17.92 -34.82 -66.83
C GLU G 452 -18.65 -35.99 -67.50
N ASP G 453 -19.51 -36.67 -66.76
CA ASP G 453 -20.22 -37.84 -67.25
C ASP G 453 -21.69 -37.50 -67.42
N GLU G 454 -22.14 -37.43 -68.67
CA GLU G 454 -23.51 -37.02 -68.98
C GLU G 454 -24.52 -38.16 -68.94
N GLN G 455 -24.06 -39.41 -68.93
CA GLN G 455 -25.00 -40.54 -68.94
C GLN G 455 -25.85 -40.56 -67.68
N ARG G 456 -25.22 -40.50 -66.51
CA ARG G 456 -25.97 -40.58 -65.26
C ARG G 456 -26.81 -39.32 -65.05
N PHE G 457 -26.31 -38.15 -65.47
CA PHE G 457 -27.10 -36.93 -65.36
C PHE G 457 -28.34 -37.00 -66.22
N LEU G 458 -28.20 -37.49 -67.46
CA LEU G 458 -29.36 -37.64 -68.33
C LEU G 458 -30.35 -38.67 -67.78
N GLU G 459 -29.84 -39.78 -67.24
CA GLU G 459 -30.73 -40.77 -66.66
C GLU G 459 -31.48 -40.21 -65.46
N MET G 460 -30.81 -39.42 -64.63
CA MET G 460 -31.45 -38.85 -63.45
C MET G 460 -32.43 -37.76 -63.82
N LEU G 461 -32.17 -37.03 -64.90
CA LEU G 461 -33.05 -35.93 -65.30
C LEU G 461 -34.17 -36.37 -66.24
N LEU G 462 -34.17 -37.62 -66.68
CA LEU G 462 -35.25 -38.13 -67.52
C LEU G 462 -36.26 -38.91 -66.69
N GLN H 77 8.93 -45.83 -55.46
CA GLN H 77 7.81 -46.21 -54.60
C GLN H 77 7.68 -45.22 -53.43
N SER H 78 6.44 -44.94 -53.05
CA SER H 78 6.17 -43.99 -51.97
C SER H 78 6.39 -44.64 -50.62
N ALA H 79 6.52 -43.80 -49.59
CA ALA H 79 6.66 -44.29 -48.23
C ALA H 79 5.35 -44.81 -47.65
N LEU H 80 4.20 -44.37 -48.21
CA LEU H 80 2.91 -44.92 -47.79
C LEU H 80 2.63 -46.20 -48.57
N ARG H 81 3.57 -47.12 -48.58
CA ARG H 81 3.46 -48.35 -49.34
C ARG H 81 2.76 -49.43 -48.53
N PRO H 82 2.06 -50.34 -49.20
CA PRO H 82 1.46 -51.47 -48.49
C PRO H 82 2.52 -52.32 -47.81
N VAL H 83 2.15 -52.87 -46.66
CA VAL H 83 3.02 -53.72 -45.87
C VAL H 83 2.20 -54.87 -45.28
N ILE H 84 2.77 -56.06 -45.30
CA ILE H 84 2.09 -57.26 -44.81
C ILE H 84 2.44 -57.40 -43.34
N ASN H 85 1.48 -57.09 -42.46
CA ASN H 85 1.70 -57.06 -41.02
C ASN H 85 1.63 -58.47 -40.46
N LEU H 86 2.80 -59.12 -40.41
CA LEU H 86 2.93 -60.46 -39.83
C LEU H 86 3.56 -60.44 -38.45
N THR H 87 3.61 -59.28 -37.80
CA THR H 87 4.12 -59.19 -36.44
C THR H 87 3.15 -59.76 -35.41
N GLY H 88 1.93 -60.08 -35.79
CA GLY H 88 0.93 -60.57 -34.87
C GLY H 88 0.07 -59.49 -34.24
N THR H 89 0.47 -58.23 -34.34
CA THR H 89 -0.31 -57.12 -33.82
C THR H 89 -1.26 -56.67 -34.93
N VAL H 90 -2.56 -56.96 -34.77
CA VAL H 90 -3.52 -56.62 -35.80
C VAL H 90 -3.68 -55.11 -35.92
N LEU H 91 -3.87 -54.44 -34.79
CA LEU H 91 -4.08 -52.99 -34.78
C LEU H 91 -2.76 -52.29 -34.42
N HIS H 92 -1.84 -52.33 -35.37
CA HIS H 92 -0.54 -51.71 -35.18
C HIS H 92 -0.68 -50.19 -35.31
N THR H 93 -0.34 -49.46 -34.25
CA THR H 93 -0.49 -48.01 -34.28
C THR H 93 0.40 -47.37 -35.33
N ASN H 94 1.55 -47.96 -35.62
CA ASN H 94 2.48 -47.42 -36.59
C ASN H 94 2.21 -47.91 -38.01
N LEU H 95 1.23 -48.79 -38.19
CA LEU H 95 0.92 -49.37 -39.49
C LEU H 95 -0.50 -49.03 -39.92
N GLY H 96 -1.04 -47.92 -39.43
CA GLY H 96 -2.37 -47.47 -39.84
C GLY H 96 -3.51 -47.97 -38.99
N ARG H 97 -3.24 -48.78 -37.96
CA ARG H 97 -4.26 -49.31 -37.05
C ARG H 97 -5.24 -50.15 -37.86
N ALA H 98 -6.54 -49.87 -37.81
CA ALA H 98 -7.54 -50.78 -38.36
C ALA H 98 -7.66 -50.62 -39.88
N LEU H 99 -7.68 -51.74 -40.59
CA LEU H 99 -8.00 -51.75 -42.00
C LEU H 99 -9.50 -51.52 -42.18
N GLN H 100 -9.85 -50.75 -43.20
CA GLN H 100 -11.24 -50.39 -43.44
C GLN H 100 -11.92 -51.40 -44.36
N ALA H 101 -13.24 -51.50 -44.21
CA ALA H 101 -14.02 -52.47 -44.95
C ALA H 101 -14.19 -52.05 -46.40
N GLU H 102 -14.68 -52.99 -47.21
CA GLU H 102 -14.94 -52.69 -48.62
C GLU H 102 -16.03 -51.65 -48.78
N ALA H 103 -17.03 -51.67 -47.90
CA ALA H 103 -18.06 -50.63 -47.93
C ALA H 103 -17.47 -49.25 -47.66
N ALA H 104 -16.58 -49.16 -46.67
CA ALA H 104 -15.92 -47.89 -46.39
C ALA H 104 -15.06 -47.45 -47.56
N VAL H 105 -14.34 -48.40 -48.19
CA VAL H 105 -13.50 -48.05 -49.33
C VAL H 105 -14.34 -47.53 -50.48
N GLU H 106 -15.48 -48.19 -50.75
CA GLU H 106 -16.34 -47.75 -51.84
C GLU H 106 -16.95 -46.38 -51.56
N ALA H 107 -17.39 -46.15 -50.32
CA ALA H 107 -17.93 -44.85 -49.97
C ALA H 107 -16.88 -43.75 -50.10
N VAL H 108 -15.65 -44.04 -49.66
CA VAL H 108 -14.58 -43.05 -49.77
C VAL H 108 -14.27 -42.75 -51.22
N ALA H 109 -14.19 -43.78 -52.07
CA ALA H 109 -13.92 -43.55 -53.48
C ALA H 109 -15.03 -42.74 -54.13
N GLN H 110 -16.28 -43.04 -53.79
CA GLN H 110 -17.40 -42.28 -54.32
C GLN H 110 -17.35 -40.82 -53.88
N ALA H 111 -17.01 -40.57 -52.62
CA ALA H 111 -16.91 -39.20 -52.14
C ALA H 111 -15.77 -38.45 -52.79
N MET H 112 -14.65 -39.13 -53.05
CA MET H 112 -13.51 -38.49 -53.69
C MET H 112 -13.82 -38.15 -55.15
N ARG H 113 -14.42 -39.10 -55.87
CA ARG H 113 -14.59 -38.94 -57.31
C ARG H 113 -15.67 -37.93 -57.67
N SER H 114 -16.67 -37.76 -56.81
CA SER H 114 -17.83 -36.94 -57.14
C SER H 114 -18.13 -36.00 -55.99
N PRO H 115 -18.75 -34.85 -56.29
CA PRO H 115 -19.14 -33.93 -55.21
C PRO H 115 -20.17 -34.58 -54.30
N VAL H 116 -20.10 -34.25 -53.01
CA VAL H 116 -21.01 -34.80 -52.02
C VAL H 116 -21.56 -33.66 -51.18
N THR H 117 -22.76 -33.86 -50.63
CA THR H 117 -23.39 -32.85 -49.79
C THR H 117 -22.73 -32.81 -48.42
N LEU H 118 -21.52 -32.25 -48.36
CA LEU H 118 -20.79 -32.17 -47.09
C LEU H 118 -21.50 -31.25 -46.11
N GLU H 119 -21.83 -30.04 -46.56
CA GLU H 119 -22.41 -29.00 -45.72
C GLU H 119 -23.56 -28.32 -46.45
N TYR H 120 -24.28 -29.09 -47.27
CA TYR H 120 -25.39 -28.60 -48.07
C TYR H 120 -26.55 -29.56 -47.88
N ASP H 121 -27.39 -29.28 -46.88
CA ASP H 121 -28.52 -30.16 -46.58
C ASP H 121 -29.61 -30.00 -47.64
N LEU H 122 -30.01 -31.11 -48.25
CA LEU H 122 -31.06 -31.06 -49.26
C LEU H 122 -32.39 -30.64 -48.65
N ASP H 123 -32.70 -31.14 -47.45
CA ASP H 123 -33.94 -30.80 -46.78
C ASP H 123 -33.88 -29.40 -46.17
N ARG H 127 -28.67 -24.11 -43.62
CA ARG H 127 -27.74 -24.69 -44.59
C ARG H 127 -27.56 -26.17 -44.37
N GLY H 128 -27.41 -26.57 -43.11
CA GLY H 128 -27.19 -27.96 -42.77
C GLY H 128 -25.79 -28.23 -42.25
N HIS H 129 -25.68 -28.93 -41.13
CA HIS H 129 -24.38 -29.16 -40.53
C HIS H 129 -23.64 -30.28 -41.27
N ARG H 130 -22.36 -30.42 -40.93
CA ARG H 130 -21.47 -31.32 -41.65
C ARG H 130 -21.71 -32.79 -41.28
N ASP H 131 -21.99 -33.08 -40.01
CA ASP H 131 -22.08 -34.46 -39.54
C ASP H 131 -23.41 -34.71 -38.83
N ARG H 132 -24.51 -34.30 -39.44
CA ARG H 132 -25.83 -34.62 -38.89
C ARG H 132 -26.24 -36.05 -39.17
N ALA H 133 -25.95 -36.57 -40.36
CA ALA H 133 -26.25 -37.97 -40.65
C ALA H 133 -25.44 -38.89 -39.74
N LEU H 134 -24.17 -38.56 -39.53
CA LEU H 134 -23.33 -39.32 -38.62
C LEU H 134 -23.87 -39.25 -37.19
N ALA H 135 -24.34 -38.07 -36.77
CA ALA H 135 -24.90 -37.93 -35.44
C ALA H 135 -26.16 -38.79 -35.29
N GLN H 136 -27.01 -38.83 -36.30
CA GLN H 136 -28.21 -39.67 -36.24
C GLN H 136 -27.82 -41.15 -36.19
N LEU H 137 -26.83 -41.56 -36.97
CA LEU H 137 -26.39 -42.95 -36.94
C LEU H 137 -25.82 -43.32 -35.58
N LEU H 138 -25.04 -42.42 -34.98
CA LEU H 138 -24.49 -42.68 -33.66
C LEU H 138 -25.56 -42.67 -32.58
N CYS H 139 -26.59 -41.84 -32.73
CA CYS H 139 -27.73 -41.91 -31.82
C CYS H 139 -28.45 -43.24 -31.94
N ARG H 140 -28.60 -43.74 -33.16
CA ARG H 140 -29.23 -45.05 -33.34
C ARG H 140 -28.40 -46.16 -32.71
N ILE H 141 -27.08 -46.11 -32.87
CA ILE H 141 -26.23 -47.21 -32.40
C ILE H 141 -25.99 -47.10 -30.89
N THR H 142 -25.35 -46.03 -30.45
CA THR H 142 -25.00 -45.89 -29.04
C THR H 142 -26.19 -45.53 -28.18
N GLY H 143 -27.06 -44.65 -28.65
CA GLY H 143 -28.17 -44.16 -27.86
C GLY H 143 -28.00 -42.78 -27.26
N ALA H 144 -26.97 -42.03 -27.68
CA ALA H 144 -26.76 -40.70 -27.16
C ALA H 144 -27.64 -39.69 -27.86
N GLU H 145 -27.78 -38.51 -27.23
CA GLU H 145 -28.62 -37.47 -27.79
C GLU H 145 -27.98 -36.86 -29.04
N ASP H 146 -26.70 -36.54 -28.99
CA ASP H 146 -26.01 -35.90 -30.09
C ASP H 146 -24.58 -36.41 -30.18
N ALA H 147 -23.92 -36.10 -31.29
CA ALA H 147 -22.57 -36.57 -31.56
C ALA H 147 -21.77 -35.49 -32.28
N CYS H 148 -20.45 -35.58 -32.14
CA CYS H 148 -19.50 -34.64 -32.72
C CYS H 148 -18.29 -35.40 -33.23
N ILE H 149 -17.82 -35.06 -34.42
CA ILE H 149 -16.73 -35.76 -35.07
C ILE H 149 -15.57 -34.80 -35.25
N VAL H 150 -14.39 -35.20 -34.78
CA VAL H 150 -13.19 -34.38 -34.90
C VAL H 150 -12.05 -35.21 -35.48
N ASN H 151 -10.87 -34.62 -35.54
CA ASN H 151 -9.74 -35.22 -36.24
C ASN H 151 -9.38 -36.59 -35.67
N ASN H 152 -9.19 -36.67 -34.36
CA ASN H 152 -8.91 -37.93 -33.68
C ASN H 152 -9.33 -37.79 -32.22
N ASN H 153 -9.13 -38.86 -31.45
CA ASN H 153 -9.58 -38.84 -30.06
C ASN H 153 -8.73 -37.91 -29.20
N ALA H 154 -7.48 -37.65 -29.57
CA ALA H 154 -6.72 -36.61 -28.89
C ALA H 154 -7.38 -35.25 -29.11
N ALA H 155 -7.80 -34.97 -30.35
CA ALA H 155 -8.56 -33.76 -30.62
C ALA H 155 -9.91 -33.78 -29.92
N ALA H 156 -10.53 -34.96 -29.80
CA ALA H 156 -11.81 -35.06 -29.10
C ALA H 156 -11.67 -34.68 -27.64
N VAL H 157 -10.63 -35.20 -26.97
CA VAL H 157 -10.41 -34.86 -25.57
C VAL H 157 -10.05 -33.40 -25.43
N LEU H 158 -9.21 -32.87 -26.32
CA LEU H 158 -8.85 -31.46 -26.26
C LEU H 158 -10.08 -30.57 -26.40
N LEU H 159 -10.92 -30.84 -27.41
CA LEU H 159 -12.12 -30.03 -27.62
C LEU H 159 -13.09 -30.16 -26.46
N MET H 160 -13.28 -31.39 -25.95
CA MET H 160 -14.18 -31.61 -24.84
C MET H 160 -13.76 -30.82 -23.61
N LEU H 161 -12.46 -30.86 -23.28
CA LEU H 161 -11.98 -30.15 -22.11
C LEU H 161 -11.97 -28.65 -22.31
N ALA H 162 -11.66 -28.18 -23.53
CA ALA H 162 -11.60 -26.74 -23.78
C ALA H 162 -12.98 -26.11 -23.88
N ALA H 163 -13.99 -26.88 -24.29
CA ALA H 163 -15.33 -26.33 -24.43
C ALA H 163 -16.21 -26.59 -23.22
N THR H 164 -15.87 -27.55 -22.37
CA THR H 164 -16.71 -27.85 -21.21
C THR H 164 -16.05 -27.53 -19.88
N ALA H 165 -14.73 -27.36 -19.84
CA ALA H 165 -14.04 -27.16 -18.56
C ALA H 165 -12.93 -26.13 -18.66
N SER H 166 -13.06 -25.15 -19.56
CA SER H 166 -12.00 -24.16 -19.72
C SER H 166 -11.94 -23.24 -18.51
N GLY H 167 -10.75 -23.11 -17.94
CA GLY H 167 -10.54 -22.27 -16.79
C GLY H 167 -10.97 -22.87 -15.47
N LYS H 168 -11.48 -24.10 -15.47
CA LYS H 168 -12.02 -24.74 -14.28
C LYS H 168 -11.25 -26.03 -14.02
N GLU H 169 -11.56 -26.68 -12.90
CA GLU H 169 -10.88 -27.88 -12.48
C GLU H 169 -11.56 -29.11 -13.07
N VAL H 170 -10.76 -30.13 -13.36
CA VAL H 170 -11.24 -31.43 -13.78
C VAL H 170 -10.68 -32.46 -12.80
N VAL H 171 -11.56 -33.28 -12.24
CA VAL H 171 -11.18 -34.27 -11.24
C VAL H 171 -10.96 -35.60 -11.96
N VAL H 172 -9.74 -36.11 -11.89
CA VAL H 172 -9.37 -37.37 -12.53
C VAL H 172 -8.65 -38.23 -11.50
N SER H 173 -8.93 -39.53 -11.52
CA SER H 173 -8.23 -40.45 -10.63
C SER H 173 -6.74 -40.45 -10.94
N ARG H 174 -5.94 -40.60 -9.90
CA ARG H 174 -4.48 -40.63 -10.06
C ARG H 174 -4.02 -41.88 -10.79
N GLY H 175 -4.87 -42.88 -10.94
CA GLY H 175 -4.56 -44.08 -11.69
C GLY H 175 -5.14 -44.13 -13.08
N GLU H 176 -5.61 -43.00 -13.60
CA GLU H 176 -6.14 -42.91 -14.96
C GLU H 176 -5.44 -41.85 -15.80
N LEU H 177 -4.35 -41.27 -15.29
CA LEU H 177 -3.58 -40.28 -16.03
C LEU H 177 -2.72 -41.03 -17.03
N VAL H 178 -3.32 -41.30 -18.18
CA VAL H 178 -2.82 -42.26 -19.15
C VAL H 178 -1.94 -41.57 -20.18
N GLU H 179 -0.96 -42.31 -20.69
CA GLU H 179 -0.15 -41.89 -21.82
C GLU H 179 -0.34 -42.89 -22.95
N ILE H 180 -0.70 -42.41 -24.13
CA ILE H 180 -0.94 -43.24 -25.30
C ILE H 180 0.15 -42.94 -26.33
N GLY H 181 0.85 -43.98 -26.76
CA GLY H 181 1.83 -43.82 -27.82
C GLY H 181 3.09 -43.09 -27.40
N GLY H 182 2.94 -41.92 -26.81
CA GLY H 182 4.07 -41.12 -26.40
C GLY H 182 3.83 -39.64 -26.60
N ALA H 183 2.99 -39.30 -27.58
CA ALA H 183 2.63 -37.91 -27.83
C ALA H 183 1.39 -37.46 -27.08
N PHE H 184 0.59 -38.40 -26.58
CA PHE H 184 -0.62 -38.08 -25.85
C PHE H 184 -0.42 -38.35 -24.36
N ARG H 185 -0.69 -37.34 -23.55
CA ARG H 185 -0.57 -37.43 -22.10
C ARG H 185 -1.70 -36.63 -21.49
N ILE H 186 -2.45 -37.24 -20.58
CA ILE H 186 -3.61 -36.56 -20.00
C ILE H 186 -3.24 -35.24 -19.33
N PRO H 187 -2.21 -35.17 -18.46
CA PRO H 187 -1.86 -33.85 -17.89
C PRO H 187 -1.51 -32.81 -18.93
N ASP H 188 -0.82 -33.22 -20.01
CA ASP H 188 -0.46 -32.27 -21.06
C ASP H 188 -1.68 -31.79 -21.83
N VAL H 189 -2.64 -32.69 -22.07
CA VAL H 189 -3.87 -32.29 -22.73
C VAL H 189 -4.66 -31.31 -21.87
N MET H 190 -4.67 -31.54 -20.55
CA MET H 190 -5.34 -30.59 -19.66
C MET H 190 -4.63 -29.25 -19.65
N ARG H 191 -3.30 -29.25 -19.72
CA ARG H 191 -2.58 -27.98 -19.81
C ARG H 191 -2.93 -27.26 -21.11
N GLN H 192 -2.99 -27.98 -22.23
CA GLN H 192 -3.33 -27.35 -23.51
C GLN H 192 -4.78 -26.86 -23.51
N ALA H 193 -5.70 -27.62 -22.93
CA ALA H 193 -7.11 -27.31 -22.99
C ALA H 193 -7.52 -26.21 -22.02
N GLY H 194 -6.60 -25.68 -21.23
CA GLY H 194 -6.92 -24.60 -20.32
C GLY H 194 -7.56 -25.04 -19.02
N CYS H 195 -7.67 -26.34 -18.78
CA CYS H 195 -8.25 -26.85 -17.54
C CYS H 195 -7.19 -26.95 -16.44
N THR H 196 -7.66 -27.20 -15.23
CA THR H 196 -6.80 -27.50 -14.10
C THR H 196 -7.00 -28.95 -13.73
N LEU H 197 -5.92 -29.73 -13.77
CA LEU H 197 -6.02 -31.15 -13.43
C LEU H 197 -6.03 -31.30 -11.92
N HIS H 198 -7.11 -31.87 -11.39
CA HIS H 198 -7.22 -32.22 -9.98
C HIS H 198 -7.11 -33.74 -9.86
N GLU H 199 -6.05 -34.20 -9.22
CA GLU H 199 -5.77 -35.63 -9.10
C GLU H 199 -6.22 -36.13 -7.73
N VAL H 200 -6.91 -37.26 -7.72
CA VAL H 200 -7.52 -37.79 -6.52
C VAL H 200 -7.11 -39.25 -6.36
N GLY H 201 -7.13 -39.71 -5.12
CA GLY H 201 -6.79 -41.10 -4.88
C GLY H 201 -5.32 -41.36 -5.07
N THR H 202 -5.02 -42.63 -5.34
CA THR H 202 -3.66 -43.09 -5.59
C THR H 202 -3.62 -43.81 -6.94
N THR H 203 -2.44 -44.32 -7.26
CA THR H 203 -2.26 -45.01 -8.54
C THR H 203 -3.09 -46.29 -8.61
N ASN H 204 -3.15 -47.04 -7.52
CA ASN H 204 -3.87 -48.31 -7.53
C ASN H 204 -5.24 -48.24 -6.85
N ARG H 205 -5.38 -47.45 -5.80
CA ARG H 205 -6.61 -47.41 -5.01
C ARG H 205 -7.20 -46.01 -5.07
N THR H 206 -8.35 -45.87 -5.73
CA THR H 206 -9.11 -44.63 -5.75
C THR H 206 -10.52 -44.92 -5.27
N HIS H 207 -10.97 -44.16 -4.28
CA HIS H 207 -12.28 -44.34 -3.67
C HIS H 207 -13.19 -43.18 -4.04
N ALA H 208 -14.50 -43.41 -3.91
CA ALA H 208 -15.47 -42.39 -4.27
C ALA H 208 -15.33 -41.16 -3.39
N ASN H 209 -14.86 -41.33 -2.15
CA ASN H 209 -14.63 -40.18 -1.28
C ASN H 209 -13.50 -39.30 -1.81
N ASP H 210 -12.53 -39.90 -2.51
CA ASP H 210 -11.48 -39.09 -3.13
C ASP H 210 -12.06 -38.17 -4.18
N TYR H 211 -13.01 -38.66 -4.97
CA TYR H 211 -13.73 -37.80 -5.90
C TYR H 211 -14.56 -36.76 -5.16
N ARG H 212 -15.22 -37.17 -4.09
CA ARG H 212 -16.13 -36.28 -3.37
C ARG H 212 -15.39 -35.12 -2.73
N GLN H 213 -14.23 -35.36 -2.15
CA GLN H 213 -13.52 -34.30 -1.43
C GLN H 213 -12.95 -33.26 -2.37
N ALA H 214 -12.75 -33.58 -3.64
CA ALA H 214 -12.16 -32.64 -4.58
C ALA H 214 -13.17 -31.75 -5.28
N VAL H 215 -14.45 -32.09 -5.23
CA VAL H 215 -15.49 -31.32 -5.91
C VAL H 215 -15.73 -30.03 -5.12
N ASN H 216 -15.60 -28.89 -5.80
CA ASN H 216 -15.85 -27.60 -5.19
C ASN H 216 -16.50 -26.72 -6.26
N GLU H 217 -16.55 -25.42 -6.00
CA GLU H 217 -17.20 -24.48 -6.92
C GLU H 217 -16.44 -24.32 -8.23
N ASN H 218 -15.13 -24.61 -8.26
CA ASN H 218 -14.34 -24.50 -9.47
C ASN H 218 -14.31 -25.79 -10.28
N THR H 219 -14.89 -26.88 -9.76
CA THR H 219 -14.89 -28.14 -10.47
C THR H 219 -15.89 -28.11 -11.61
N ALA H 220 -15.44 -28.45 -12.82
CA ALA H 220 -16.30 -28.47 -13.99
C ALA H 220 -16.71 -29.87 -14.43
N LEU H 221 -15.84 -30.87 -14.25
CA LEU H 221 -16.13 -32.21 -14.71
C LEU H 221 -15.53 -33.23 -13.75
N LEU H 222 -16.08 -34.43 -13.80
CA LEU H 222 -15.44 -35.63 -13.27
C LEU H 222 -15.09 -36.48 -14.48
N MET H 223 -13.79 -36.66 -14.73
CA MET H 223 -13.32 -37.30 -15.95
C MET H 223 -12.82 -38.70 -15.64
N LYS H 224 -13.39 -39.69 -16.31
CA LYS H 224 -12.92 -41.06 -16.23
C LYS H 224 -12.23 -41.42 -17.55
N VAL H 225 -10.96 -41.79 -17.46
CA VAL H 225 -10.18 -42.15 -18.63
C VAL H 225 -10.01 -43.66 -18.64
N HIS H 226 -10.38 -44.29 -19.74
CA HIS H 226 -10.21 -45.73 -19.86
C HIS H 226 -8.77 -46.04 -20.19
N THR H 227 -8.11 -46.79 -19.30
CA THR H 227 -6.72 -47.19 -19.50
C THR H 227 -6.69 -48.29 -20.55
N SER H 228 -6.68 -47.87 -21.81
CA SER H 228 -6.79 -48.82 -22.90
C SER H 228 -5.48 -49.58 -23.14
N ASN H 229 -4.33 -48.94 -22.91
CA ASN H 229 -3.05 -49.55 -23.19
C ASN H 229 -2.39 -50.17 -21.97
N TYR H 230 -3.01 -50.07 -20.79
CA TYR H 230 -2.42 -50.66 -19.60
C TYR H 230 -3.51 -51.05 -18.61
N SER H 231 -3.15 -51.94 -17.70
CA SER H 231 -4.02 -52.35 -16.62
C SER H 231 -3.20 -52.50 -15.35
N ILE H 232 -3.72 -52.00 -14.23
CA ILE H 232 -3.07 -52.12 -12.95
C ILE H 232 -3.65 -53.33 -12.23
N GLN H 233 -2.78 -54.26 -11.84
CA GLN H 233 -3.20 -55.52 -11.25
C GLN H 233 -2.62 -55.67 -9.86
N GLY H 234 -3.40 -56.25 -8.96
CA GLY H 234 -3.00 -56.44 -7.59
C GLY H 234 -3.98 -55.85 -6.61
N PHE H 235 -3.50 -55.05 -5.66
CA PHE H 235 -4.36 -54.35 -4.71
C PHE H 235 -4.83 -53.08 -5.39
N THR H 236 -6.01 -53.12 -5.98
CA THR H 236 -6.52 -52.03 -6.79
C THR H 236 -7.98 -51.74 -6.45
N LYS H 237 -8.40 -50.52 -6.75
CA LYS H 237 -9.78 -50.09 -6.59
C LYS H 237 -10.04 -48.94 -7.54
N ALA H 238 -11.07 -49.10 -8.37
CA ALA H 238 -11.48 -48.05 -9.30
C ALA H 238 -12.97 -47.81 -9.15
N ILE H 239 -13.36 -46.55 -9.20
CA ILE H 239 -14.77 -46.17 -9.15
C ILE H 239 -15.36 -46.30 -10.55
N ASP H 240 -16.42 -47.09 -10.68
CA ASP H 240 -17.03 -47.31 -11.97
C ASP H 240 -17.77 -46.05 -12.43
N GLU H 241 -18.24 -46.10 -13.68
CA GLU H 241 -18.91 -44.94 -14.25
C GLU H 241 -20.28 -44.71 -13.63
N ALA H 242 -20.97 -45.78 -13.21
CA ALA H 242 -22.29 -45.61 -12.59
C ALA H 242 -22.17 -44.87 -11.26
N GLU H 243 -21.22 -45.27 -10.42
CA GLU H 243 -21.01 -44.59 -9.15
C GLU H 243 -20.65 -43.13 -9.35
N LEU H 244 -19.77 -42.86 -10.32
CA LEU H 244 -19.33 -41.49 -10.54
C LEU H 244 -20.46 -40.64 -11.13
N VAL H 245 -21.29 -41.23 -11.98
CA VAL H 245 -22.44 -40.53 -12.50
C VAL H 245 -23.41 -40.17 -11.38
N ALA H 246 -23.66 -41.12 -10.47
CA ALA H 246 -24.51 -40.82 -9.32
C ALA H 246 -23.92 -39.72 -8.45
N LEU H 247 -22.60 -39.77 -8.21
CA LEU H 247 -21.94 -38.75 -7.40
C LEU H 247 -22.04 -37.38 -8.07
N GLY H 248 -21.83 -37.32 -9.38
CA GLY H 248 -21.94 -36.05 -10.08
C GLY H 248 -23.36 -35.51 -10.10
N LYS H 249 -24.35 -36.40 -10.21
CA LYS H 249 -25.74 -35.98 -10.11
C LYS H 249 -26.04 -35.41 -8.73
N GLU H 250 -25.51 -36.05 -7.69
CA GLU H 250 -25.69 -35.54 -6.33
C GLU H 250 -25.03 -34.17 -6.17
N LEU H 251 -23.84 -33.99 -6.72
CA LEU H 251 -23.08 -32.76 -6.55
C LEU H 251 -23.24 -31.79 -7.71
N ASP H 252 -24.12 -32.09 -8.67
CA ASP H 252 -24.36 -31.23 -9.83
C ASP H 252 -23.09 -30.96 -10.63
N VAL H 253 -22.34 -32.03 -10.90
CA VAL H 253 -21.11 -31.95 -11.69
C VAL H 253 -21.19 -32.99 -12.79
N PRO H 254 -21.05 -32.61 -14.06
CA PRO H 254 -21.13 -33.59 -15.14
C PRO H 254 -19.95 -34.55 -15.12
N VAL H 255 -20.18 -35.75 -15.65
CA VAL H 255 -19.18 -36.81 -15.72
C VAL H 255 -18.91 -37.10 -17.18
N VAL H 256 -17.64 -37.04 -17.58
CA VAL H 256 -17.25 -37.33 -18.95
C VAL H 256 -16.27 -38.50 -18.93
N THR H 257 -16.13 -39.14 -20.09
CA THR H 257 -15.31 -40.34 -20.22
C THR H 257 -14.49 -40.27 -21.49
N ASP H 258 -13.19 -40.55 -21.35
CA ASP H 258 -12.28 -40.71 -22.47
C ASP H 258 -12.13 -42.20 -22.74
N LEU H 259 -13.14 -42.78 -23.40
CA LEU H 259 -13.17 -44.21 -23.61
C LEU H 259 -11.99 -44.68 -24.44
N GLY H 260 -11.68 -43.95 -25.52
CA GLY H 260 -10.55 -44.29 -26.36
C GLY H 260 -10.80 -45.37 -27.37
N SER H 261 -10.86 -46.62 -26.92
CA SER H 261 -10.95 -47.76 -27.83
C SER H 261 -12.23 -47.70 -28.65
N GLY H 262 -13.36 -47.44 -28.00
CA GLY H 262 -14.63 -47.31 -28.69
C GLY H 262 -15.13 -48.56 -29.37
N SER H 263 -15.07 -49.70 -28.70
CA SER H 263 -15.67 -50.91 -29.23
C SER H 263 -17.19 -50.82 -29.14
N LEU H 264 -17.85 -50.92 -30.28
CA LEU H 264 -19.30 -50.74 -30.34
C LEU H 264 -20.06 -52.04 -30.14
N VAL H 265 -19.38 -53.18 -30.05
CA VAL H 265 -20.02 -54.47 -29.85
C VAL H 265 -19.34 -55.18 -28.69
N ASP H 266 -20.07 -56.11 -28.09
CA ASP H 266 -19.54 -56.89 -26.97
C ASP H 266 -18.54 -57.90 -27.52
N LEU H 267 -17.25 -57.66 -27.28
CA LEU H 267 -16.22 -58.55 -27.79
C LEU H 267 -16.28 -59.93 -27.16
N SER H 268 -16.85 -60.06 -25.95
CA SER H 268 -16.95 -61.37 -25.32
C SER H 268 -17.80 -62.32 -26.13
N GLN H 269 -18.69 -61.80 -26.98
CA GLN H 269 -19.49 -62.65 -27.84
C GLN H 269 -18.62 -63.38 -28.87
N TYR H 270 -17.47 -62.80 -29.23
CA TYR H 270 -16.58 -63.39 -30.21
C TYR H 270 -15.42 -64.14 -29.59
N GLY H 271 -15.45 -64.37 -28.27
CA GLY H 271 -14.37 -65.04 -27.59
C GLY H 271 -13.20 -64.15 -27.23
N LEU H 272 -13.31 -62.85 -27.47
CA LEU H 272 -12.27 -61.88 -27.19
C LEU H 272 -12.55 -61.17 -25.87
N PRO H 273 -11.52 -60.59 -25.25
CA PRO H 273 -11.74 -59.90 -23.97
C PRO H 273 -12.73 -58.75 -24.12
N LYS H 274 -13.61 -58.63 -23.12
CA LYS H 274 -14.62 -57.59 -23.16
C LYS H 274 -14.00 -56.22 -22.90
N GLU H 275 -14.50 -55.22 -23.61
CA GLU H 275 -14.07 -53.84 -23.44
C GLU H 275 -15.29 -52.97 -23.21
N PRO H 276 -15.15 -51.88 -22.45
CA PRO H 276 -16.30 -51.01 -22.21
C PRO H 276 -16.84 -50.43 -23.51
N MET H 277 -18.16 -50.32 -23.58
CA MET H 277 -18.82 -49.88 -24.79
C MET H 277 -19.41 -48.49 -24.59
N PRO H 278 -19.47 -47.68 -25.65
CA PRO H 278 -20.14 -46.37 -25.52
C PRO H 278 -21.60 -46.48 -25.16
N GLN H 279 -22.28 -47.57 -25.57
CA GLN H 279 -23.68 -47.76 -25.20
C GLN H 279 -23.84 -47.87 -23.69
N GLU H 280 -22.97 -48.65 -23.04
CA GLU H 280 -23.06 -48.82 -21.60
C GLU H 280 -22.82 -47.51 -20.87
N LEU H 281 -21.83 -46.73 -21.31
CA LEU H 281 -21.55 -45.45 -20.67
C LEU H 281 -22.67 -44.45 -20.89
N ILE H 282 -23.24 -44.43 -22.10
CA ILE H 282 -24.34 -43.52 -22.40
C ILE H 282 -25.57 -43.88 -21.56
N ALA H 283 -25.87 -45.18 -21.44
CA ALA H 283 -26.99 -45.61 -20.63
C ALA H 283 -26.76 -45.33 -19.14
N ALA H 284 -25.51 -45.45 -18.68
CA ALA H 284 -25.20 -45.22 -17.27
C ALA H 284 -25.31 -43.76 -16.87
N GLY H 285 -25.44 -42.84 -17.81
CA GLY H 285 -25.60 -41.44 -17.50
C GLY H 285 -24.36 -40.58 -17.65
N VAL H 286 -23.46 -40.93 -18.55
CA VAL H 286 -22.26 -40.13 -18.78
C VAL H 286 -22.58 -39.02 -19.75
N SER H 287 -22.21 -37.78 -19.38
CA SER H 287 -22.56 -36.62 -20.19
C SER H 287 -21.91 -36.67 -21.57
N LEU H 288 -20.63 -37.03 -21.62
CA LEU H 288 -19.90 -37.08 -22.88
C LEU H 288 -18.97 -38.28 -22.86
N VAL H 289 -18.90 -39.00 -23.97
CA VAL H 289 -18.03 -40.16 -24.14
C VAL H 289 -17.28 -39.97 -25.44
N SER H 290 -15.95 -39.94 -25.38
CA SER H 290 -15.12 -39.73 -26.56
C SER H 290 -14.31 -40.98 -26.86
N PHE H 291 -14.33 -41.41 -28.12
CA PHE H 291 -13.59 -42.60 -28.49
C PHE H 291 -13.04 -42.46 -29.91
N SER H 292 -12.04 -43.29 -30.21
CA SER H 292 -11.40 -43.28 -31.52
C SER H 292 -12.24 -44.05 -32.54
N GLY H 293 -11.87 -43.90 -33.80
CA GLY H 293 -12.56 -44.58 -34.87
C GLY H 293 -11.71 -45.62 -35.57
N ASP H 294 -10.40 -45.58 -35.35
CA ASP H 294 -9.50 -46.53 -36.00
C ASP H 294 -9.06 -47.63 -35.07
N1 LLP H 295 -7.27 -41.32 -25.18
C2 LLP H 295 -7.41 -42.63 -24.99
C2' LLP H 295 -8.01 -43.18 -23.66
C3 LLP H 295 -7.02 -43.53 -26.00
O3 LLP H 295 -7.17 -44.90 -25.80
C4 LLP H 295 -6.49 -43.08 -27.18
C4' LLP H 295 -6.05 -44.15 -28.30
C5 LLP H 295 -6.34 -41.73 -27.39
C6 LLP H 295 -6.73 -40.84 -26.39
C5' LLP H 295 -5.74 -41.15 -28.71
OP4 LLP H 295 -6.48 -41.58 -29.83
P LLP H 295 -6.06 -41.16 -31.25
OP1 LLP H 295 -5.48 -39.74 -31.20
OP2 LLP H 295 -5.04 -42.07 -31.78
OP3 LLP H 295 -7.25 -41.19 -32.15
N LLP H 295 -9.58 -47.64 -33.85
CA LLP H 295 -9.21 -48.68 -32.88
CB LLP H 295 -9.29 -48.11 -31.48
CG LLP H 295 -8.11 -47.16 -31.28
CD LLP H 295 -7.82 -47.05 -29.77
CE LLP H 295 -6.68 -46.04 -29.54
NZ LLP H 295 -7.15 -44.99 -28.62
C LLP H 295 -10.10 -49.85 -33.04
O LLP H 295 -10.16 -50.41 -34.12
N LEU H 296 -10.79 -50.24 -31.98
CA LEU H 296 -11.65 -51.42 -32.04
C LEU H 296 -12.92 -51.18 -32.84
N LEU H 297 -13.14 -49.93 -33.25
CA LEU H 297 -14.29 -49.62 -34.09
C LEU H 297 -14.07 -50.12 -35.52
N GLY H 298 -12.82 -50.11 -35.98
CA GLY H 298 -12.51 -50.62 -37.30
C GLY H 298 -12.74 -49.66 -38.44
N GLY H 299 -12.72 -48.35 -38.19
CA GLY H 299 -12.96 -47.37 -39.22
C GLY H 299 -11.78 -46.47 -39.47
N PRO H 300 -12.06 -45.21 -39.84
CA PRO H 300 -11.01 -44.24 -40.10
C PRO H 300 -10.55 -43.54 -38.81
N GLN H 301 -9.44 -42.82 -38.92
CA GLN H 301 -8.98 -42.00 -37.81
C GLN H 301 -9.99 -40.88 -37.58
N ALA H 302 -10.73 -40.97 -36.48
CA ALA H 302 -11.72 -39.97 -36.15
C ALA H 302 -11.88 -39.93 -34.63
N GLY H 303 -12.32 -38.78 -34.12
CA GLY H 303 -12.63 -38.66 -32.72
C GLY H 303 -14.11 -38.42 -32.53
N ILE H 304 -14.81 -39.40 -31.96
CA ILE H 304 -16.26 -39.36 -31.87
C ILE H 304 -16.66 -39.09 -30.44
N ILE H 305 -17.35 -37.97 -30.21
CA ILE H 305 -17.85 -37.60 -28.89
C ILE H 305 -19.36 -37.68 -28.94
N VAL H 306 -19.93 -38.54 -28.10
CA VAL H 306 -21.38 -38.73 -28.06
C VAL H 306 -21.88 -38.39 -26.68
N GLY H 307 -23.05 -37.78 -26.62
CA GLY H 307 -23.62 -37.51 -25.31
C GLY H 307 -24.73 -36.46 -25.37
N LYS H 308 -24.82 -35.69 -24.29
CA LYS H 308 -25.92 -34.77 -24.09
C LYS H 308 -25.94 -33.71 -25.19
N LYS H 309 -27.16 -33.31 -25.57
CA LYS H 309 -27.32 -32.33 -26.66
C LYS H 309 -26.71 -30.99 -26.28
N GLU H 310 -26.88 -30.56 -25.03
CA GLU H 310 -26.30 -29.29 -24.61
C GLU H 310 -24.77 -29.33 -24.66
N MET H 311 -24.19 -30.42 -24.17
CA MET H 311 -22.73 -30.54 -24.14
C MET H 311 -22.17 -30.59 -25.56
N ILE H 312 -22.81 -31.36 -26.43
CA ILE H 312 -22.38 -31.44 -27.82
C ILE H 312 -22.51 -30.08 -28.49
N ALA H 313 -23.62 -29.37 -28.24
CA ALA H 313 -23.80 -28.06 -28.83
C ALA H 313 -22.74 -27.08 -28.34
N ARG H 314 -22.29 -27.24 -27.10
CA ARG H 314 -21.15 -26.47 -26.62
C ARG H 314 -19.89 -26.82 -27.41
N LEU H 315 -19.69 -28.10 -27.70
CA LEU H 315 -18.51 -28.52 -28.45
C LEU H 315 -18.51 -27.95 -29.87
N GLN H 316 -19.65 -28.04 -30.56
CA GLN H 316 -19.71 -27.64 -31.95
C GLN H 316 -19.54 -26.13 -32.11
N SER H 317 -19.92 -25.36 -31.11
CA SER H 317 -19.83 -23.91 -31.17
C SER H 317 -18.47 -23.37 -30.73
N HIS H 318 -17.57 -24.24 -30.26
CA HIS H 318 -16.27 -23.79 -29.82
C HIS H 318 -15.41 -23.36 -31.02
N PRO H 319 -14.58 -22.34 -30.84
CA PRO H 319 -13.68 -21.93 -31.94
C PRO H 319 -12.72 -23.03 -32.38
N LEU H 320 -12.35 -23.94 -31.49
CA LEU H 320 -11.44 -25.02 -31.84
C LEU H 320 -12.02 -25.97 -32.87
N LYS H 321 -13.35 -26.13 -32.91
CA LYS H 321 -13.95 -27.14 -33.77
C LYS H 321 -13.60 -26.92 -35.24
N ARG H 322 -13.51 -25.66 -35.67
CA ARG H 322 -13.13 -25.37 -37.04
C ARG H 322 -11.78 -25.97 -37.38
N ALA H 323 -10.83 -25.90 -36.45
CA ALA H 323 -9.53 -26.53 -36.67
C ALA H 323 -9.61 -28.05 -36.62
N LEU H 324 -10.55 -28.59 -35.86
CA LEU H 324 -10.62 -30.02 -35.61
C LEU H 324 -11.68 -30.73 -36.44
N ARG H 325 -12.41 -30.02 -37.29
CA ARG H 325 -13.46 -30.63 -38.09
C ARG H 325 -12.91 -31.77 -38.93
N ALA H 326 -13.81 -32.65 -39.38
CA ALA H 326 -13.44 -33.89 -40.06
C ALA H 326 -13.63 -33.77 -41.57
N ASP H 327 -12.73 -34.42 -42.31
CA ASP H 327 -12.73 -34.38 -43.77
C ASP H 327 -13.91 -35.18 -44.33
N LYS H 328 -14.22 -34.94 -45.61
CA LYS H 328 -15.29 -35.69 -46.25
C LYS H 328 -14.93 -37.16 -46.44
N MET H 329 -13.66 -37.46 -46.69
CA MET H 329 -13.24 -38.87 -46.74
C MET H 329 -13.40 -39.52 -45.37
N THR H 330 -13.01 -38.81 -44.31
CA THR H 330 -13.17 -39.34 -42.97
C THR H 330 -14.64 -39.58 -42.64
N LEU H 331 -15.50 -38.62 -42.98
CA LEU H 331 -16.92 -38.78 -42.69
C LEU H 331 -17.53 -39.91 -43.52
N ALA H 332 -17.15 -40.03 -44.79
CA ALA H 332 -17.67 -41.11 -45.61
C ALA H 332 -17.26 -42.47 -45.08
N ALA H 333 -15.97 -42.62 -44.73
CA ALA H 333 -15.50 -43.89 -44.18
C ALA H 333 -16.18 -44.19 -42.86
N LEU H 334 -16.33 -43.18 -41.99
CA LEU H 334 -16.96 -43.42 -40.70
C LEU H 334 -18.41 -43.81 -40.85
N GLU H 335 -19.15 -43.17 -41.77
CA GLU H 335 -20.55 -43.53 -41.93
C GLU H 335 -20.70 -44.91 -42.53
N ALA H 336 -19.88 -45.26 -43.52
CA ALA H 336 -19.95 -46.60 -44.09
C ALA H 336 -19.58 -47.67 -43.06
N THR H 337 -18.58 -47.38 -42.20
CA THR H 337 -18.22 -48.32 -41.15
C THR H 337 -19.34 -48.45 -40.12
N LEU H 338 -19.95 -47.34 -39.73
CA LEU H 338 -21.02 -47.38 -38.74
C LEU H 338 -22.25 -48.11 -39.27
N ARG H 339 -22.51 -48.01 -40.57
CA ARG H 339 -23.63 -48.75 -41.14
C ARG H 339 -23.42 -50.25 -41.13
N LEU H 340 -22.17 -50.70 -40.95
CA LEU H 340 -21.92 -52.13 -40.81
C LEU H 340 -22.43 -52.65 -39.47
N TYR H 341 -22.45 -51.80 -38.45
CA TYR H 341 -22.91 -52.20 -37.13
C TYR H 341 -24.42 -52.31 -37.04
N LEU H 342 -25.14 -51.86 -38.07
CA LEU H 342 -26.59 -52.03 -38.12
C LEU H 342 -27.00 -53.43 -38.55
N HIS H 343 -26.06 -54.23 -39.05
CA HIS H 343 -26.31 -55.62 -39.43
C HIS H 343 -25.24 -56.47 -38.76
N PRO H 344 -25.37 -56.72 -37.45
CA PRO H 344 -24.30 -57.41 -36.72
C PRO H 344 -24.00 -58.82 -37.21
N GLU H 345 -24.96 -59.48 -37.86
CA GLU H 345 -24.75 -60.86 -38.28
C GLU H 345 -23.56 -60.99 -39.23
N ALA H 346 -23.44 -60.04 -40.17
CA ALA H 346 -22.32 -60.03 -41.10
C ALA H 346 -21.15 -59.22 -40.59
N LEU H 347 -21.22 -58.69 -39.37
CA LEU H 347 -20.16 -57.81 -38.87
C LEU H 347 -18.84 -58.53 -38.76
N SER H 348 -18.86 -59.81 -38.36
CA SER H 348 -17.62 -60.58 -38.27
C SER H 348 -17.01 -60.85 -39.64
N GLU H 349 -17.77 -60.64 -40.71
CA GLU H 349 -17.26 -60.85 -42.07
C GLU H 349 -16.97 -59.54 -42.78
N LYS H 350 -17.84 -58.54 -42.64
CA LYS H 350 -17.65 -57.28 -43.36
C LYS H 350 -16.54 -56.44 -42.75
N LEU H 351 -16.34 -56.52 -41.44
CA LEU H 351 -15.35 -55.70 -40.76
C LEU H 351 -14.01 -56.41 -40.77
N PRO H 352 -12.99 -55.88 -41.45
CA PRO H 352 -11.69 -56.56 -41.48
C PRO H 352 -11.06 -56.71 -40.11
N THR H 353 -11.24 -55.74 -39.22
CA THR H 353 -10.68 -55.84 -37.87
C THR H 353 -11.27 -57.03 -37.13
N LEU H 354 -12.59 -57.16 -37.15
CA LEU H 354 -13.23 -58.29 -36.49
C LEU H 354 -12.90 -59.60 -37.19
N ARG H 355 -12.82 -59.58 -38.53
CA ARG H 355 -12.50 -60.80 -39.26
C ARG H 355 -11.10 -61.31 -38.90
N LEU H 356 -10.14 -60.39 -38.77
CA LEU H 356 -8.79 -60.80 -38.39
C LEU H 356 -8.73 -61.19 -36.91
N LEU H 357 -9.54 -60.54 -36.07
CA LEU H 357 -9.49 -60.83 -34.63
C LEU H 357 -10.15 -62.16 -34.33
N THR H 358 -11.29 -62.45 -34.95
CA THR H 358 -12.01 -63.70 -34.71
C THR H 358 -11.60 -64.82 -35.65
N ARG H 359 -10.51 -64.64 -36.40
CA ARG H 359 -10.00 -65.72 -37.23
C ARG H 359 -9.60 -66.91 -36.35
N SER H 360 -10.04 -68.11 -36.74
CA SER H 360 -9.79 -69.29 -35.94
C SER H 360 -8.33 -69.73 -36.09
N ALA H 361 -7.83 -70.40 -35.04
CA ALA H 361 -6.45 -70.85 -35.03
C ALA H 361 -6.21 -72.06 -35.93
N GLU H 362 -7.23 -72.89 -36.15
CA GLU H 362 -7.07 -74.05 -37.03
C GLU H 362 -6.80 -73.62 -38.46
N VAL H 363 -7.51 -72.60 -38.95
CA VAL H 363 -7.29 -72.12 -40.32
C VAL H 363 -5.89 -71.53 -40.45
N ILE H 364 -5.43 -70.79 -39.43
CA ILE H 364 -4.08 -70.25 -39.46
C ILE H 364 -3.06 -71.37 -39.48
N GLN H 365 -3.30 -72.43 -38.69
CA GLN H 365 -2.39 -73.57 -38.69
C GLN H 365 -2.33 -74.23 -40.07
N ILE H 366 -3.50 -74.41 -40.71
CA ILE H 366 -3.54 -75.03 -42.02
C ILE H 366 -2.80 -74.16 -43.03
N GLN H 367 -3.02 -72.84 -42.99
CA GLN H 367 -2.37 -71.95 -43.94
C GLN H 367 -0.86 -71.93 -43.73
N ALA H 368 -0.41 -71.96 -42.47
CA ALA H 368 1.02 -71.99 -42.19
C ALA H 368 1.65 -73.30 -42.67
N GLN H 369 0.95 -74.42 -42.47
CA GLN H 369 1.47 -75.70 -42.95
C GLN H 369 1.54 -75.72 -44.47
N ARG H 370 0.53 -75.16 -45.14
CA ARG H 370 0.52 -75.14 -46.60
C ARG H 370 1.67 -74.30 -47.15
N LEU H 371 1.95 -73.17 -46.53
CA LEU H 371 3.06 -72.32 -46.96
C LEU H 371 4.39 -72.89 -46.51
N VAL H 385 12.55 -73.30 -41.44
CA VAL H 385 11.15 -73.01 -41.72
C VAL H 385 10.26 -74.01 -40.98
N GLN H 386 9.82 -73.64 -39.79
CA GLN H 386 8.99 -74.50 -38.96
C GLN H 386 7.76 -73.73 -38.49
N VAL H 387 6.66 -74.46 -38.35
CA VAL H 387 5.37 -73.90 -37.93
C VAL H 387 5.13 -74.35 -36.50
N MET H 388 4.95 -73.39 -35.60
CA MET H 388 4.60 -73.69 -34.21
C MET H 388 3.65 -72.66 -33.64
N PRO H 389 2.99 -73.00 -32.54
CA PRO H 389 2.07 -72.05 -31.88
C PRO H 389 2.74 -70.73 -31.53
N CYS H 390 1.97 -69.65 -31.67
CA CYS H 390 2.39 -68.33 -31.23
C CYS H 390 1.19 -67.62 -30.64
N LEU H 391 1.40 -66.44 -30.08
CA LEU H 391 0.32 -65.66 -29.50
C LEU H 391 0.35 -64.27 -30.13
N SER H 392 -0.83 -63.77 -30.51
CA SER H 392 -0.95 -62.54 -31.28
C SER H 392 -1.60 -61.46 -30.44
N GLN H 393 -0.96 -60.30 -30.39
CA GLN H 393 -1.51 -59.14 -29.69
C GLN H 393 -2.63 -58.51 -30.51
N ILE H 394 -3.69 -58.10 -29.82
CA ILE H 394 -4.81 -57.47 -30.51
C ILE H 394 -4.39 -56.15 -31.15
N GLY H 395 -3.68 -55.32 -30.40
CA GLY H 395 -3.19 -54.05 -30.93
C GLY H 395 -3.70 -52.88 -30.11
N SER H 396 -3.93 -51.76 -30.81
CA SER H 396 -4.40 -50.54 -30.16
C SER H 396 -5.82 -50.71 -29.62
N GLY H 397 -6.08 -50.06 -28.49
CA GLY H 397 -7.37 -50.11 -27.84
C GLY H 397 -7.55 -51.26 -26.87
N SER H 398 -6.69 -52.27 -26.94
CA SER H 398 -6.74 -53.41 -26.05
C SER H 398 -5.42 -53.52 -25.30
N LEU H 399 -5.44 -54.26 -24.20
CA LEU H 399 -4.21 -54.45 -23.42
C LEU H 399 -3.17 -55.20 -24.24
N PRO H 400 -1.91 -54.77 -24.19
CA PRO H 400 -0.87 -55.40 -25.02
C PRO H 400 -0.61 -56.88 -24.72
N VAL H 401 -1.34 -57.49 -23.78
CA VAL H 401 -1.23 -58.92 -23.58
C VAL H 401 -1.67 -59.62 -24.84
N ASP H 402 -0.99 -60.72 -25.18
CA ASP H 402 -1.26 -61.42 -26.42
C ASP H 402 -2.68 -61.97 -26.46
N ARG H 403 -2.97 -62.96 -25.61
CA ARG H 403 -4.34 -63.43 -25.35
C ARG H 403 -5.01 -64.00 -26.60
N LEU H 404 -4.25 -64.22 -27.66
CA LEU H 404 -4.84 -64.77 -28.88
C LEU H 404 -3.96 -65.85 -29.49
N PRO H 405 -4.41 -67.12 -29.46
CA PRO H 405 -3.61 -68.18 -30.06
C PRO H 405 -3.54 -68.04 -31.58
N SER H 406 -2.43 -68.50 -32.15
CA SER H 406 -2.22 -68.47 -33.59
C SER H 406 -1.08 -69.44 -33.91
N ALA H 407 -0.74 -69.53 -35.19
CA ALA H 407 0.38 -70.34 -35.64
C ALA H 407 1.30 -69.49 -36.50
N ALA H 408 2.60 -69.62 -36.29
CA ALA H 408 3.57 -68.80 -37.00
C ALA H 408 4.67 -69.66 -37.59
N LEU H 409 5.21 -69.20 -38.72
CA LEU H 409 6.38 -69.81 -39.33
C LEU H 409 7.63 -69.04 -38.93
N THR H 410 8.69 -69.77 -38.60
CA THR H 410 9.92 -69.18 -38.10
C THR H 410 11.07 -69.45 -39.06
N PHE H 411 11.98 -68.49 -39.14
CA PHE H 411 13.20 -68.61 -39.93
C PHE H 411 14.36 -68.74 -38.95
N THR H 412 14.97 -69.93 -38.90
CA THR H 412 16.07 -70.19 -37.98
C THR H 412 17.40 -70.25 -38.72
N LEU H 421 19.25 -63.49 -39.49
CA LEU H 421 18.20 -62.98 -38.62
C LEU H 421 17.99 -61.49 -38.85
N GLU H 422 18.93 -60.67 -38.38
CA GLU H 422 18.83 -59.22 -38.58
C GLU H 422 18.91 -58.86 -40.06
N SER H 423 19.87 -59.47 -40.78
CA SER H 423 20.02 -59.19 -42.20
C SER H 423 18.83 -59.69 -43.01
N LEU H 424 18.22 -60.81 -42.59
CA LEU H 424 17.02 -61.28 -43.27
C LEU H 424 15.88 -60.28 -43.14
N ALA H 425 15.69 -59.72 -41.93
CA ALA H 425 14.67 -58.71 -41.74
C ALA H 425 14.98 -57.45 -42.55
N ALA H 426 16.25 -57.05 -42.58
CA ALA H 426 16.62 -55.88 -43.37
C ALA H 426 16.34 -56.10 -44.85
N ARG H 427 16.64 -57.30 -45.36
CA ARG H 427 16.35 -57.61 -46.75
C ARG H 427 14.85 -57.63 -47.02
N TRP H 428 14.06 -58.16 -46.08
CA TRP H 428 12.62 -58.19 -46.26
C TRP H 428 12.00 -56.80 -46.22
N ARG H 429 12.57 -55.87 -45.47
CA ARG H 429 12.04 -54.51 -45.42
C ARG H 429 12.29 -53.72 -46.71
N GLU H 430 13.07 -54.25 -47.64
CA GLU H 430 13.38 -53.55 -48.88
C GLU H 430 12.51 -53.99 -50.05
N LEU H 431 11.61 -54.94 -49.85
CA LEU H 431 10.77 -55.43 -50.93
C LEU H 431 9.74 -54.37 -51.33
N PRO H 432 9.21 -54.46 -52.56
CA PRO H 432 8.14 -53.53 -52.95
C PRO H 432 6.96 -53.55 -52.01
N VAL H 433 6.62 -54.72 -51.47
CA VAL H 433 5.64 -54.83 -50.39
C VAL H 433 6.38 -55.42 -49.20
N PRO H 434 6.91 -54.59 -48.29
CA PRO H 434 7.76 -55.10 -47.21
C PRO H 434 7.02 -56.10 -46.33
N VAL H 435 7.75 -57.12 -45.88
CA VAL H 435 7.22 -58.08 -44.93
C VAL H 435 7.91 -57.87 -43.58
N ILE H 436 7.13 -57.49 -42.58
CA ILE H 436 7.66 -57.22 -41.24
C ILE H 436 7.29 -58.39 -40.34
N GLY H 437 8.32 -59.06 -39.81
CA GLY H 437 8.14 -60.06 -38.78
C GLY H 437 8.70 -59.58 -37.47
N ARG H 438 8.71 -60.49 -36.49
CA ARG H 438 9.17 -60.16 -35.14
C ARG H 438 10.33 -61.07 -34.75
N ILE H 439 11.39 -60.49 -34.20
CA ILE H 439 12.51 -61.25 -33.69
C ILE H 439 12.16 -61.65 -32.26
N TYR H 440 11.57 -62.83 -32.10
CA TYR H 440 11.07 -63.31 -30.82
C TYR H 440 11.74 -64.64 -30.50
N ASP H 441 12.19 -64.78 -29.25
CA ASP H 441 12.78 -66.03 -28.76
C ASP H 441 13.97 -66.46 -29.62
N GLY H 442 14.72 -65.48 -30.11
CA GLY H 442 15.89 -65.77 -30.92
C GLY H 442 15.60 -66.23 -32.33
N ARG H 443 14.34 -66.17 -32.76
CA ARG H 443 13.96 -66.60 -34.10
C ARG H 443 13.10 -65.52 -34.76
N LEU H 444 13.11 -65.52 -36.09
CA LEU H 444 12.30 -64.57 -36.85
C LEU H 444 10.94 -65.20 -37.12
N TRP H 445 9.90 -64.70 -36.44
CA TRP H 445 8.55 -65.23 -36.53
C TRP H 445 7.72 -64.37 -37.48
N LEU H 446 6.91 -65.03 -38.30
CA LEU H 446 5.95 -64.37 -39.19
C LEU H 446 4.57 -64.86 -38.79
N ASP H 447 3.89 -64.11 -37.92
CA ASP H 447 2.55 -64.48 -37.49
C ASP H 447 1.59 -64.36 -38.67
N LEU H 448 0.88 -65.44 -38.98
CA LEU H 448 0.04 -65.51 -40.16
C LEU H 448 -1.43 -65.22 -39.85
N ARG H 449 -1.71 -64.54 -38.73
CA ARG H 449 -3.09 -64.21 -38.41
C ARG H 449 -3.63 -63.13 -39.34
N CYS H 450 -2.81 -62.13 -39.68
CA CYS H 450 -3.22 -61.00 -40.48
C CYS H 450 -2.95 -61.18 -41.97
N LEU H 451 -2.48 -62.34 -42.39
CA LEU H 451 -2.18 -62.62 -43.79
C LEU H 451 -3.48 -63.04 -44.45
N GLU H 452 -4.08 -62.15 -45.23
CA GLU H 452 -5.37 -62.42 -45.86
C GLU H 452 -5.24 -62.98 -47.28
N ASP H 453 -4.19 -62.60 -48.00
CA ASP H 453 -3.99 -63.02 -49.39
C ASP H 453 -2.68 -63.77 -49.48
N GLU H 454 -2.76 -65.11 -49.48
CA GLU H 454 -1.55 -65.93 -49.56
C GLU H 454 -0.90 -65.84 -50.94
N GLN H 455 -1.72 -65.76 -51.99
CA GLN H 455 -1.20 -65.77 -53.35
C GLN H 455 -0.28 -64.58 -53.61
N ARG H 456 -0.68 -63.40 -53.14
CA ARG H 456 0.16 -62.22 -53.30
C ARG H 456 1.41 -62.30 -52.41
N PHE H 457 1.24 -62.76 -51.16
CA PHE H 457 2.35 -62.77 -50.22
C PHE H 457 3.45 -63.71 -50.66
N LEU H 458 3.08 -64.89 -51.20
CA LEU H 458 4.06 -65.89 -51.55
C LEU H 458 5.01 -65.44 -52.65
N GLU H 459 4.62 -64.44 -53.45
CA GLU H 459 5.47 -64.01 -54.55
C GLU H 459 6.74 -63.33 -54.06
N MET H 460 6.64 -62.48 -53.03
CA MET H 460 7.82 -61.79 -52.52
C MET H 460 8.79 -62.73 -51.81
N LEU H 461 8.29 -63.76 -51.12
CA LEU H 461 9.15 -64.70 -50.43
C LEU H 461 9.25 -66.01 -51.18
N GLN I 77 -10.25 -66.27 26.79
CA GLN I 77 -9.71 -66.08 25.44
C GLN I 77 -9.79 -64.63 25.01
N SER I 78 -8.66 -64.10 24.53
CA SER I 78 -8.57 -62.73 24.09
C SER I 78 -8.86 -62.64 22.59
N ALA I 79 -8.87 -61.41 22.06
CA ALA I 79 -9.08 -61.20 20.65
C ALA I 79 -7.81 -61.42 19.82
N LEU I 80 -6.67 -61.66 20.47
CA LEU I 80 -5.42 -61.97 19.78
C LEU I 80 -5.12 -63.47 19.89
N ARG I 81 -6.16 -64.30 19.89
CA ARG I 81 -5.97 -65.73 20.02
C ARG I 81 -5.32 -66.29 18.76
N PRO I 82 -4.61 -67.41 18.88
CA PRO I 82 -4.01 -68.05 17.70
C PRO I 82 -5.07 -68.47 16.69
N VAL I 83 -4.72 -68.36 15.41
CA VAL I 83 -5.60 -68.73 14.32
C VAL I 83 -4.79 -69.49 13.28
N ILE I 84 -5.36 -70.57 12.78
CA ILE I 84 -4.72 -71.41 11.77
C ILE I 84 -5.06 -70.82 10.42
N ASN I 85 -4.08 -70.14 9.81
CA ASN I 85 -4.27 -69.41 8.56
C ASN I 85 -4.26 -70.38 7.39
N LEU I 86 -5.43 -70.86 7.01
CA LEU I 86 -5.59 -71.76 5.87
C LEU I 86 -6.18 -71.07 4.65
N THR I 87 -6.17 -69.74 4.61
CA THR I 87 -6.69 -69.00 3.46
C THR I 87 -5.75 -69.04 2.26
N GLY I 88 -4.52 -69.54 2.43
CA GLY I 88 -3.55 -69.56 1.36
C GLY I 88 -2.65 -68.35 1.30
N THR I 89 -2.96 -67.29 2.04
CA THR I 89 -2.10 -66.11 2.11
C THR I 89 -1.15 -66.29 3.28
N VAL I 90 0.13 -66.48 2.97
CA VAL I 90 1.12 -66.73 4.02
C VAL I 90 1.32 -65.48 4.86
N LEU I 91 1.54 -64.33 4.23
CA LEU I 91 1.76 -63.08 4.93
C LEU I 91 0.47 -62.25 4.92
N HIS I 92 -0.45 -62.67 5.77
CA HIS I 92 -1.75 -61.99 5.91
C HIS I 92 -1.56 -60.74 6.76
N THR I 93 -1.78 -59.57 6.17
CA THR I 93 -1.57 -58.32 6.90
C THR I 93 -2.49 -58.21 8.11
N ASN I 94 -3.68 -58.81 8.04
CA ASN I 94 -4.64 -58.77 9.14
C ASN I 94 -4.41 -59.88 10.15
N LEU I 95 -3.42 -60.74 9.93
CA LEU I 95 -3.17 -61.89 10.80
C LEU I 95 -1.75 -61.88 11.35
N GLY I 96 -1.19 -60.68 11.56
CA GLY I 96 0.16 -60.56 12.10
C GLY I 96 1.27 -60.60 11.07
N ARG I 97 0.94 -60.80 9.79
CA ARG I 97 1.90 -60.85 8.69
C ARG I 97 2.89 -61.99 8.97
N ALA I 98 4.19 -61.75 8.99
CA ALA I 98 5.16 -62.84 9.03
C ALA I 98 5.28 -63.44 10.42
N LEU I 99 5.38 -64.77 10.46
CA LEU I 99 5.67 -65.49 11.69
C LEU I 99 7.17 -65.47 11.94
N GLN I 100 7.55 -65.35 13.20
CA GLN I 100 8.95 -65.20 13.57
C GLN I 100 9.58 -66.54 13.89
N ALA I 101 10.91 -66.60 13.76
CA ALA I 101 11.65 -67.83 13.94
C ALA I 101 11.77 -68.20 15.41
N GLU I 102 12.22 -69.43 15.66
CA GLU I 102 12.45 -69.87 17.03
C GLU I 102 13.58 -69.08 17.68
N ALA I 103 14.62 -68.72 16.91
CA ALA I 103 15.68 -67.88 17.45
C ALA I 103 15.15 -66.51 17.84
N ALA I 104 14.28 -65.93 17.00
CA ALA I 104 13.66 -64.66 17.35
C ALA I 104 12.80 -64.79 18.60
N VAL I 105 12.05 -65.88 18.72
CA VAL I 105 11.21 -66.09 19.89
C VAL I 105 12.07 -66.20 21.15
N GLU I 106 13.18 -66.94 21.06
CA GLU I 106 14.04 -67.11 22.23
C GLU I 106 14.70 -65.81 22.63
N ALA I 107 15.20 -65.05 21.65
CA ALA I 107 15.82 -63.76 21.96
C ALA I 107 14.79 -62.79 22.57
N VAL I 108 13.57 -62.79 22.04
CA VAL I 108 12.53 -61.93 22.58
C VAL I 108 12.20 -62.32 24.02
N ALA I 109 12.07 -63.63 24.28
CA ALA I 109 11.78 -64.07 25.64
C ALA I 109 12.92 -63.71 26.60
N GLN I 110 14.16 -63.86 26.14
CA GLN I 110 15.31 -63.54 26.99
C GLN I 110 15.34 -62.05 27.33
N ALA I 111 15.10 -61.19 26.34
CA ALA I 111 15.05 -59.75 26.63
C ALA I 111 13.82 -59.38 27.44
N MET I 112 12.74 -60.16 27.30
CA MET I 112 11.51 -59.92 28.04
C MET I 112 11.69 -60.22 29.52
N ARG I 113 12.37 -61.31 29.83
CA ARG I 113 12.50 -61.78 31.21
C ARG I 113 13.57 -61.00 31.98
N SER I 114 14.64 -60.59 31.31
CA SER I 114 15.82 -60.06 31.98
C SER I 114 16.22 -58.72 31.39
N PRO I 115 16.90 -57.87 32.18
CA PRO I 115 17.37 -56.59 31.65
C PRO I 115 18.37 -56.81 30.53
N VAL I 116 18.37 -55.87 29.57
CA VAL I 116 19.27 -55.94 28.43
C VAL I 116 19.93 -54.58 28.23
N THR I 117 21.11 -54.60 27.61
CA THR I 117 21.87 -53.38 27.34
C THR I 117 21.25 -52.65 26.15
N LEU I 118 20.08 -52.05 26.42
CA LEU I 118 19.36 -51.33 25.37
C LEU I 118 20.07 -50.04 24.99
N GLU I 119 20.47 -49.26 26.00
CA GLU I 119 21.15 -47.98 25.79
C GLU I 119 22.38 -47.87 26.69
N TYR I 120 23.01 -49.00 26.99
CA TYR I 120 24.18 -49.06 27.86
C TYR I 120 25.28 -49.80 27.11
N ASP I 121 26.20 -49.04 26.51
CA ASP I 121 27.31 -49.63 25.78
C ASP I 121 28.37 -50.10 26.76
N LEU I 122 28.74 -51.37 26.69
CA LEU I 122 29.70 -51.96 27.61
C LEU I 122 31.14 -51.60 27.22
N ARG I 127 27.21 -43.32 27.07
CA ARG I 127 26.26 -44.36 26.66
C ARG I 127 26.26 -44.55 25.15
N GLY I 128 25.94 -45.76 24.71
CA GLY I 128 25.80 -46.06 23.30
C GLY I 128 24.35 -45.95 22.85
N HIS I 129 24.16 -45.87 21.54
CA HIS I 129 22.82 -45.70 21.02
C HIS I 129 22.03 -47.01 21.11
N ARG I 130 20.73 -46.89 20.85
CA ARG I 130 19.82 -48.02 21.02
C ARG I 130 20.07 -49.13 20.01
N ASP I 131 20.36 -48.79 18.75
CA ASP I 131 20.44 -49.78 17.68
C ASP I 131 21.76 -49.67 16.92
N ARG I 132 22.87 -49.66 17.67
CA ARG I 132 24.18 -49.62 17.03
C ARG I 132 24.62 -51.00 16.53
N ALA I 133 24.47 -52.04 17.35
CA ALA I 133 24.88 -53.37 16.93
C ALA I 133 23.98 -53.89 15.82
N LEU I 134 22.69 -53.56 15.88
CA LEU I 134 21.79 -53.95 14.80
C LEU I 134 22.08 -53.19 13.52
N ALA I 135 22.51 -51.93 13.63
CA ALA I 135 22.97 -51.19 12.45
C ALA I 135 24.23 -51.83 11.87
N GLN I 136 25.12 -52.32 12.74
CA GLN I 136 26.30 -53.04 12.27
C GLN I 136 25.90 -54.31 11.52
N LEU I 137 24.93 -55.05 12.05
CA LEU I 137 24.45 -56.24 11.37
C LEU I 137 23.84 -55.90 10.01
N LEU I 138 23.06 -54.82 9.95
CA LEU I 138 22.48 -54.39 8.68
C LEU I 138 23.55 -53.95 7.69
N CYS I 139 24.61 -53.29 8.17
CA CYS I 139 25.72 -52.94 7.31
C CYS I 139 26.41 -54.18 6.76
N ARG I 140 26.58 -55.20 7.60
CA ARG I 140 27.19 -56.45 7.14
C ARG I 140 26.32 -57.12 6.09
N ILE I 141 25.00 -57.13 6.28
CA ILE I 141 24.12 -57.86 5.38
C ILE I 141 23.92 -57.10 4.06
N THR I 142 23.44 -55.86 4.15
CA THR I 142 23.10 -55.08 2.97
C THR I 142 24.30 -54.37 2.37
N GLY I 143 25.14 -53.75 3.19
CA GLY I 143 26.27 -52.98 2.70
C GLY I 143 26.14 -51.48 2.83
N ALA I 144 25.18 -50.99 3.62
CA ALA I 144 25.00 -49.56 3.80
C ALA I 144 25.95 -49.03 4.87
N GLU I 145 26.15 -47.71 4.84
CA GLU I 145 27.03 -47.08 5.82
C GLU I 145 26.41 -47.12 7.21
N ASP I 146 25.14 -46.75 7.33
CA ASP I 146 24.46 -46.68 8.61
C ASP I 146 23.02 -47.10 8.45
N ALA I 147 22.34 -47.31 9.59
CA ALA I 147 20.97 -47.78 9.59
C ALA I 147 20.21 -47.15 10.76
N CYS I 148 18.90 -46.99 10.58
CA CYS I 148 17.98 -46.44 11.55
C CYS I 148 16.76 -47.35 11.63
N ILE I 149 16.21 -47.50 12.83
CA ILE I 149 15.11 -48.43 13.05
C ILE I 149 13.97 -47.69 13.75
N VAL I 150 12.77 -47.80 13.18
CA VAL I 150 11.60 -47.12 13.70
C VAL I 150 10.44 -48.09 13.82
N ASN I 151 9.28 -47.56 14.21
CA ASN I 151 8.13 -48.39 14.56
C ASN I 151 7.72 -49.31 13.40
N ASN I 152 7.55 -48.74 12.21
CA ASN I 152 7.22 -49.52 11.02
C ASN I 152 7.65 -48.71 9.80
N ASN I 153 7.44 -49.29 8.61
CA ASN I 153 7.89 -48.65 7.39
C ASN I 153 7.10 -47.38 7.07
N ALA I 154 5.85 -47.27 7.54
CA ALA I 154 5.16 -46.00 7.44
C ALA I 154 5.87 -44.93 8.26
N ALA I 155 6.30 -45.28 9.47
CA ALA I 155 7.11 -44.38 10.27
C ALA I 155 8.47 -44.13 9.62
N ALA I 156 9.02 -45.14 8.95
CA ALA I 156 10.30 -44.96 8.27
C ALA I 156 10.18 -43.92 7.16
N VAL I 157 9.14 -44.03 6.34
CA VAL I 157 8.92 -43.06 5.27
C VAL I 157 8.65 -41.68 5.83
N LEU I 158 7.82 -41.60 6.88
CA LEU I 158 7.53 -40.31 7.48
C LEU I 158 8.78 -39.64 8.03
N LEU I 159 9.60 -40.39 8.77
CA LEU I 159 10.83 -39.83 9.32
C LEU I 159 11.81 -39.45 8.22
N MET I 160 11.94 -40.29 7.20
CA MET I 160 12.83 -39.99 6.09
C MET I 160 12.44 -38.67 5.42
N LEU I 161 11.16 -38.51 5.12
CA LEU I 161 10.70 -37.31 4.44
C LEU I 161 10.78 -36.08 5.34
N ALA I 162 10.47 -36.23 6.63
CA ALA I 162 10.48 -35.08 7.53
C ALA I 162 11.89 -34.66 7.91
N ALA I 163 12.87 -35.57 7.84
CA ALA I 163 14.22 -35.21 8.23
C ALA I 163 15.13 -34.89 7.05
N THR I 164 14.78 -35.33 5.84
CA THR I 164 15.62 -35.04 4.69
C THR I 164 14.97 -34.10 3.69
N ALA I 165 13.66 -33.89 3.74
CA ALA I 165 12.99 -33.09 2.72
C ALA I 165 11.91 -32.19 3.30
N SER I 166 12.03 -31.79 4.55
CA SER I 166 11.00 -30.97 5.17
C SER I 166 10.97 -29.58 4.55
N GLY I 167 9.80 -29.17 4.10
CA GLY I 167 9.64 -27.87 3.47
C GLY I 167 10.08 -27.78 2.03
N LYS I 168 10.53 -28.89 1.44
CA LYS I 168 11.07 -28.91 0.10
C LYS I 168 10.32 -29.91 -0.75
N GLU I 169 10.44 -29.77 -2.06
CA GLU I 169 9.76 -30.63 -3.02
C GLU I 169 10.44 -31.99 -3.08
N VAL I 170 9.63 -33.02 -3.33
CA VAL I 170 10.12 -34.37 -3.56
C VAL I 170 9.50 -34.85 -4.87
N VAL I 171 10.34 -35.34 -5.77
CA VAL I 171 9.89 -35.78 -7.08
C VAL I 171 9.57 -37.27 -7.02
N VAL I 172 8.30 -37.62 -7.21
CA VAL I 172 7.84 -39.00 -7.22
C VAL I 172 7.11 -39.25 -8.54
N SER I 173 7.37 -40.40 -9.15
CA SER I 173 6.68 -40.76 -10.38
C SER I 173 5.19 -40.87 -10.13
N ARG I 174 4.40 -40.49 -11.14
CA ARG I 174 2.95 -40.56 -11.01
C ARG I 174 2.44 -42.00 -10.96
N GLY I 175 3.27 -42.96 -11.35
CA GLY I 175 2.93 -44.37 -11.28
C GLY I 175 3.45 -45.08 -10.05
N GLU I 176 3.96 -44.36 -9.06
CA GLU I 176 4.44 -44.94 -7.82
C GLU I 176 3.76 -44.36 -6.59
N LEU I 177 2.76 -43.49 -6.77
CA LEU I 177 1.99 -42.98 -5.64
C LEU I 177 1.08 -44.08 -5.14
N VAL I 178 1.52 -44.81 -4.13
CA VAL I 178 0.98 -46.12 -3.79
C VAL I 178 0.15 -46.01 -2.51
N GLU I 179 -0.87 -46.85 -2.43
CA GLU I 179 -1.65 -47.04 -1.22
C GLU I 179 -1.46 -48.47 -0.74
N ILE I 180 -1.04 -48.63 0.51
CA ILE I 180 -0.82 -49.94 1.11
C ILE I 180 -1.88 -50.16 2.18
N GLY I 181 -2.63 -51.24 2.06
CA GLY I 181 -3.62 -51.58 3.08
C GLY I 181 -4.85 -50.72 3.11
N GLY I 182 -4.69 -49.40 3.13
CA GLY I 182 -5.81 -48.49 3.19
C GLY I 182 -5.54 -47.31 4.10
N ALA I 183 -4.66 -47.49 5.08
CA ALA I 183 -4.26 -46.42 5.97
C ALA I 183 -2.98 -45.73 5.53
N PHE I 184 -2.14 -46.39 4.75
CA PHE I 184 -0.92 -45.80 4.22
C PHE I 184 -1.18 -45.36 2.79
N ARG I 185 -0.79 -44.12 2.48
CA ARG I 185 -1.06 -43.52 1.18
C ARG I 185 0.03 -42.48 0.95
N ILE I 186 0.79 -42.64 -0.14
CA ILE I 186 1.99 -41.82 -0.33
C ILE I 186 1.68 -40.32 -0.37
N PRO I 187 0.70 -39.83 -1.14
CA PRO I 187 0.43 -38.38 -1.09
C PRO I 187 0.12 -37.86 0.31
N ASP I 188 -0.67 -38.61 1.08
CA ASP I 188 -1.02 -38.18 2.43
C ASP I 188 0.17 -38.26 3.37
N VAL I 189 1.02 -39.27 3.21
CA VAL I 189 2.21 -39.37 4.04
C VAL I 189 3.16 -38.20 3.75
N MET I 190 3.30 -37.83 2.49
CA MET I 190 4.12 -36.68 2.13
C MET I 190 3.53 -35.38 2.66
N ARG I 191 2.19 -35.26 2.65
CA ARG I 191 1.57 -34.09 3.25
C ARG I 191 1.85 -34.03 4.75
N GLN I 192 1.75 -35.16 5.44
CA GLN I 192 2.00 -35.19 6.87
C GLN I 192 3.45 -34.89 7.20
N ALA I 193 4.39 -35.34 6.38
CA ALA I 193 5.81 -35.20 6.66
C ALA I 193 6.35 -33.82 6.34
N GLY I 194 5.50 -32.90 5.91
CA GLY I 194 5.92 -31.53 5.66
C GLY I 194 6.56 -31.28 4.31
N CYS I 195 6.60 -32.27 3.43
CA CYS I 195 7.19 -32.10 2.12
C CYS I 195 6.14 -31.63 1.10
N THR I 196 6.62 -31.32 -0.09
CA THR I 196 5.77 -31.01 -1.22
C THR I 196 5.93 -32.13 -2.25
N LEU I 197 4.83 -32.78 -2.60
CA LEU I 197 4.88 -33.87 -3.55
C LEU I 197 4.88 -33.31 -4.96
N HIS I 198 5.93 -33.63 -5.73
CA HIS I 198 6.01 -33.28 -7.14
C HIS I 198 5.81 -34.56 -7.94
N GLU I 199 4.78 -34.57 -8.76
CA GLU I 199 4.41 -35.75 -9.55
C GLU I 199 4.85 -35.55 -10.99
N VAL I 200 5.51 -36.55 -11.54
CA VAL I 200 6.12 -36.47 -12.86
C VAL I 200 5.66 -37.65 -13.69
N GLY I 201 5.67 -37.48 -15.01
CA GLY I 201 5.28 -38.56 -15.87
C GLY I 201 3.80 -38.83 -15.80
N THR I 202 3.43 -40.03 -16.23
CA THR I 202 2.06 -40.49 -16.22
C THR I 202 1.96 -41.76 -15.39
N THR I 203 0.74 -42.30 -15.31
CA THR I 203 0.50 -43.47 -14.47
C THR I 203 1.25 -44.69 -14.97
N ASN I 204 1.28 -44.90 -16.28
CA ASN I 204 1.92 -46.10 -16.83
C ASN I 204 3.31 -45.86 -17.36
N ARG I 205 3.61 -44.66 -17.88
CA ARG I 205 4.85 -44.42 -18.61
C ARG I 205 5.51 -43.16 -18.09
N THR I 206 6.60 -43.32 -17.35
CA THR I 206 7.39 -42.21 -16.83
C THR I 206 8.80 -42.28 -17.41
N HIS I 207 9.27 -41.16 -17.95
CA HIS I 207 10.58 -41.07 -18.57
C HIS I 207 11.53 -40.30 -17.67
N ALA I 208 12.83 -40.49 -17.91
CA ALA I 208 13.84 -39.82 -17.09
C ALA I 208 13.78 -38.30 -17.28
N ASN I 209 13.35 -37.84 -18.45
CA ASN I 209 13.19 -36.41 -18.66
C ASN I 209 12.09 -35.84 -17.77
N ASP I 210 11.08 -36.65 -17.42
CA ASP I 210 10.07 -36.20 -16.48
C ASP I 210 10.67 -35.91 -15.11
N TYR I 211 11.59 -36.76 -14.66
CA TYR I 211 12.33 -36.48 -13.44
C TYR I 211 13.21 -35.24 -13.61
N ARG I 212 13.87 -35.13 -14.75
CA ARG I 212 14.83 -34.05 -14.97
C ARG I 212 14.16 -32.68 -14.96
N GLN I 213 12.99 -32.57 -15.61
CA GLN I 213 12.34 -31.26 -15.73
C GLN I 213 11.81 -30.76 -14.39
N ALA I 214 11.53 -31.65 -13.44
CA ALA I 214 10.95 -31.24 -12.17
C ALA I 214 12.00 -30.84 -11.14
N VAL I 215 13.27 -31.15 -11.37
CA VAL I 215 14.33 -30.83 -10.42
C VAL I 215 14.62 -29.34 -10.52
N ASN I 216 14.49 -28.64 -9.39
CA ASN I 216 14.78 -27.21 -9.33
C ASN I 216 15.48 -26.95 -8.01
N GLU I 217 15.56 -25.67 -7.62
CA GLU I 217 16.27 -25.30 -6.40
C GLU I 217 15.53 -25.71 -5.14
N ASN I 218 14.23 -25.99 -5.22
CA ASN I 218 13.45 -26.44 -4.08
C ASN I 218 13.37 -27.97 -3.97
N THR I 219 13.89 -28.69 -4.95
CA THR I 219 13.82 -30.15 -4.91
C THR I 219 14.83 -30.69 -3.90
N ALA I 220 14.36 -31.58 -3.02
CA ALA I 220 15.21 -32.17 -2.00
C ALA I 220 15.55 -33.63 -2.27
N LEU I 221 14.64 -34.39 -2.89
CA LEU I 221 14.86 -35.81 -3.10
C LEU I 221 14.24 -36.22 -4.42
N LEU I 222 14.73 -37.35 -4.93
CA LEU I 222 14.03 -38.13 -5.97
C LEU I 222 13.63 -39.44 -5.29
N MET I 223 12.34 -39.65 -5.11
CA MET I 223 11.83 -40.78 -4.35
C MET I 223 11.31 -41.83 -5.30
N LYS I 224 11.85 -43.05 -5.20
CA LYS I 224 11.32 -44.19 -5.92
C LYS I 224 10.61 -45.10 -4.93
N VAL I 225 9.33 -45.33 -5.17
CA VAL I 225 8.51 -46.17 -4.30
C VAL I 225 8.28 -47.49 -5.00
N HIS I 226 8.58 -48.58 -4.32
CA HIS I 226 8.35 -49.90 -4.89
C HIS I 226 6.89 -50.26 -4.75
N THR I 227 6.22 -50.47 -5.88
CA THR I 227 4.81 -50.86 -5.91
C THR I 227 4.73 -52.33 -5.51
N SER I 228 4.73 -52.56 -4.21
CA SER I 228 4.79 -53.93 -3.70
C SER I 228 3.45 -54.64 -3.83
N ASN I 229 2.34 -53.92 -3.69
CA ASN I 229 1.02 -54.54 -3.70
C ASN I 229 0.33 -54.45 -5.05
N TYR I 230 0.99 -53.92 -6.08
CA TYR I 230 0.38 -53.87 -7.40
C TYR I 230 1.45 -53.80 -8.47
N SER I 231 1.05 -54.13 -9.69
CA SER I 231 1.91 -54.03 -10.85
C SER I 231 1.11 -53.49 -12.02
N ILE I 232 1.65 -52.51 -12.72
CA ILE I 232 1.01 -51.95 -13.91
C ILE I 232 1.54 -52.72 -15.11
N GLN I 233 0.63 -53.33 -15.88
CA GLN I 233 1.00 -54.16 -17.00
C GLN I 233 0.42 -53.62 -18.30
N GLY I 234 1.17 -53.77 -19.37
CA GLY I 234 0.78 -53.26 -20.67
C GLY I 234 1.81 -52.32 -21.25
N PHE I 235 1.37 -51.16 -21.72
CA PHE I 235 2.27 -50.14 -22.24
C PHE I 235 2.79 -49.34 -21.05
N THR I 236 3.96 -49.72 -20.54
CA THR I 236 4.51 -49.14 -19.33
C THR I 236 5.97 -48.77 -19.54
N LYS I 237 6.46 -47.92 -18.64
CA LYS I 237 7.86 -47.50 -18.66
C LYS I 237 8.19 -46.93 -17.29
N ALA I 238 9.19 -47.50 -16.63
CA ALA I 238 9.63 -47.03 -15.32
C ALA I 238 11.14 -46.81 -15.35
N ILE I 239 11.58 -45.75 -14.69
CA ILE I 239 13.00 -45.44 -14.58
C ILE I 239 13.56 -46.22 -13.39
N ASP I 240 14.59 -47.03 -13.64
CA ASP I 240 15.17 -47.84 -12.60
C ASP I 240 15.95 -46.98 -11.61
N GLU I 241 16.44 -47.61 -10.54
CA GLU I 241 17.16 -46.86 -9.52
C GLU I 241 18.55 -46.45 -9.98
N ALA I 242 19.18 -47.22 -10.87
CA ALA I 242 20.49 -46.85 -11.37
C ALA I 242 20.43 -45.57 -12.19
N GLU I 243 19.47 -45.48 -13.11
CA GLU I 243 19.31 -44.27 -13.91
C GLU I 243 18.99 -43.07 -13.03
N LEU I 244 18.12 -43.25 -12.04
CA LEU I 244 17.73 -42.14 -11.19
C LEU I 244 18.88 -41.70 -10.29
N VAL I 245 19.69 -42.66 -9.82
CA VAL I 245 20.87 -42.32 -9.04
C VAL I 245 21.85 -41.52 -9.88
N ALA I 246 22.07 -41.95 -11.12
CA ALA I 246 22.94 -41.18 -12.01
C ALA I 246 22.40 -39.77 -12.25
N LEU I 247 21.09 -39.65 -12.48
CA LEU I 247 20.49 -38.35 -12.71
C LEU I 247 20.63 -37.45 -11.49
N GLY I 248 20.41 -38.01 -10.30
CA GLY I 248 20.55 -37.23 -9.08
C GLY I 248 21.99 -36.82 -8.82
N LYS I 249 22.95 -37.69 -9.16
CA LYS I 249 24.35 -37.31 -9.06
C LYS I 249 24.67 -36.17 -10.01
N GLU I 250 24.14 -36.23 -11.24
CA GLU I 250 24.36 -35.16 -12.19
C GLU I 250 23.75 -33.84 -11.70
N LEU I 251 22.56 -33.91 -11.10
CA LEU I 251 21.85 -32.72 -10.66
C LEU I 251 22.05 -32.41 -9.18
N ASP I 252 22.89 -33.16 -8.48
CA ASP I 252 23.17 -32.95 -7.06
C ASP I 252 21.89 -33.03 -6.22
N VAL I 253 21.12 -34.10 -6.44
CA VAL I 253 19.89 -34.36 -5.70
C VAL I 253 19.93 -35.79 -5.21
N PRO I 254 19.78 -36.05 -3.91
CA PRO I 254 19.81 -37.44 -3.43
C PRO I 254 18.58 -38.22 -3.88
N VAL I 255 18.76 -39.54 -3.98
CA VAL I 255 17.73 -40.46 -4.41
C VAL I 255 17.43 -41.41 -3.27
N VAL I 256 16.16 -41.47 -2.86
CA VAL I 256 15.74 -42.37 -1.80
C VAL I 256 14.73 -43.36 -2.36
N THR I 257 14.53 -44.45 -1.63
CA THR I 257 13.66 -45.52 -2.09
C THR I 257 12.84 -46.05 -0.92
N ASP I 258 11.54 -46.16 -1.15
CA ASP I 258 10.61 -46.79 -0.21
C ASP I 258 10.37 -48.22 -0.70
N LEU I 259 11.34 -49.09 -0.40
CA LEU I 259 11.29 -50.45 -0.93
C LEU I 259 10.10 -51.22 -0.39
N GLY I 260 9.84 -51.10 0.91
CA GLY I 260 8.70 -51.75 1.51
C GLY I 260 8.91 -53.20 1.87
N SER I 261 8.91 -54.08 0.87
CA SER I 261 8.93 -55.52 1.13
C SER I 261 10.19 -55.93 1.88
N GLY I 262 11.34 -55.42 1.45
CA GLY I 262 12.59 -55.69 2.16
C GLY I 262 13.03 -57.14 2.14
N SER I 263 12.98 -57.78 0.97
CA SER I 263 13.51 -59.13 0.82
C SER I 263 15.03 -59.05 0.77
N LEU I 264 15.69 -59.72 1.71
CA LEU I 264 17.15 -59.66 1.81
C LEU I 264 17.84 -60.76 1.02
N VAL I 265 17.10 -61.68 0.42
CA VAL I 265 17.68 -62.76 -0.37
C VAL I 265 16.99 -62.80 -1.72
N ASP I 266 17.68 -63.34 -2.71
CA ASP I 266 17.11 -63.52 -4.04
C ASP I 266 16.08 -64.63 -4.00
N LEU I 267 14.79 -64.26 -4.08
CA LEU I 267 13.74 -65.26 -4.03
C LEU I 267 13.74 -66.19 -5.23
N SER I 268 14.32 -65.75 -6.36
CA SER I 268 14.37 -66.60 -7.55
C SER I 268 15.14 -67.88 -7.31
N GLN I 269 16.03 -67.91 -6.31
CA GLN I 269 16.76 -69.13 -5.99
C GLN I 269 15.82 -70.22 -5.47
N TYR I 270 14.67 -69.83 -4.91
CA TYR I 270 13.71 -70.78 -4.38
C TYR I 270 12.53 -71.02 -5.31
N GLY I 271 12.61 -70.54 -6.55
CA GLY I 271 11.51 -70.65 -7.48
C GLY I 271 10.44 -69.60 -7.32
N LEU I 272 10.58 -68.71 -6.36
CA LEU I 272 9.63 -67.64 -6.09
C LEU I 272 9.97 -66.41 -6.92
N PRO I 273 9.01 -65.51 -7.14
CA PRO I 273 9.28 -64.32 -7.94
C PRO I 273 10.37 -63.46 -7.32
N LYS I 274 11.24 -62.93 -8.15
CA LYS I 274 12.31 -62.06 -7.69
C LYS I 274 11.75 -60.70 -7.30
N GLU I 275 12.23 -60.17 -6.19
CA GLU I 275 11.85 -58.87 -5.69
C GLU I 275 13.10 -58.04 -5.45
N PRO I 276 13.03 -56.72 -5.61
CA PRO I 276 14.22 -55.89 -5.39
C PRO I 276 14.73 -56.03 -3.96
N MET I 277 16.05 -56.03 -3.83
CA MET I 277 16.68 -56.22 -2.54
C MET I 277 17.38 -54.94 -2.09
N PRO I 278 17.48 -54.71 -0.79
CA PRO I 278 18.22 -53.52 -0.32
C PRO I 278 19.69 -53.54 -0.71
N GLN I 279 20.28 -54.72 -0.87
CA GLN I 279 21.67 -54.79 -1.31
C GLN I 279 21.84 -54.19 -2.70
N GLU I 280 20.94 -54.53 -3.61
CA GLU I 280 21.02 -54.01 -4.97
C GLU I 280 20.86 -52.49 -5.00
N LEU I 281 19.91 -51.96 -4.22
CA LEU I 281 19.70 -50.52 -4.19
C LEU I 281 20.87 -49.79 -3.55
N ILE I 282 21.44 -50.37 -2.49
CA ILE I 282 22.58 -49.74 -1.83
C ILE I 282 23.80 -49.75 -2.73
N ALA I 283 24.03 -50.86 -3.45
CA ALA I 283 25.12 -50.92 -4.40
C ALA I 283 24.92 -49.95 -5.55
N ALA I 284 23.68 -49.79 -6.01
CA ALA I 284 23.39 -48.90 -7.13
C ALA I 284 23.56 -47.43 -6.78
N GLY I 285 23.71 -47.09 -5.51
CA GLY I 285 23.94 -45.73 -5.10
C GLY I 285 22.74 -44.99 -4.56
N VAL I 286 21.76 -45.69 -4.01
CA VAL I 286 20.59 -45.05 -3.43
C VAL I 286 20.95 -44.52 -2.05
N SER I 287 20.64 -43.25 -1.80
CA SER I 287 21.04 -42.59 -0.56
C SER I 287 20.40 -43.24 0.66
N LEU I 288 19.10 -43.52 0.60
CA LEU I 288 18.39 -44.14 1.71
C LEU I 288 17.39 -45.15 1.15
N VAL I 289 17.28 -46.30 1.81
CA VAL I 289 16.35 -47.35 1.42
C VAL I 289 15.59 -47.77 2.68
N SER I 290 14.27 -47.65 2.64
CA SER I 290 13.45 -48.00 3.80
C SER I 290 12.58 -49.20 3.47
N PHE I 291 12.56 -50.17 4.37
CA PHE I 291 11.77 -51.38 4.15
C PHE I 291 11.22 -51.91 5.46
N SER I 292 10.17 -52.73 5.36
CA SER I 292 9.53 -53.32 6.51
C SER I 292 10.32 -54.51 7.02
N GLY I 293 9.98 -54.93 8.24
CA GLY I 293 10.62 -56.08 8.85
C GLY I 293 9.71 -57.28 8.98
N ASP I 294 8.41 -57.09 8.76
CA ASP I 294 7.45 -58.18 8.91
C ASP I 294 6.93 -58.66 7.56
N1 LLP I 295 5.51 -48.46 1.94
C2 LLP I 295 5.62 -49.54 1.15
C2' LLP I 295 6.19 -49.42 -0.29
C3 LLP I 295 5.20 -50.81 1.64
O3 LLP I 295 5.31 -51.93 0.82
C4 LLP I 295 4.68 -50.94 2.91
C4' LLP I 295 4.22 -52.41 3.39
C5 LLP I 295 4.57 -49.85 3.72
C6 LLP I 295 4.99 -48.60 3.24
C5' LLP I 295 3.99 -49.95 5.16
OP4 LLP I 295 4.77 -50.82 5.96
P LLP I 295 4.27 -51.23 7.36
OP1 LLP I 295 3.59 -50.04 8.01
OP2 LLP I 295 3.31 -52.34 7.24
OP3 LLP I 295 5.43 -51.67 8.16
N LLP I 295 7.53 -58.17 6.48
CA LLP I 295 7.07 -58.56 5.14
CB LLP I 295 7.26 -57.42 4.18
CG LLP I 295 5.89 -56.91 3.74
CD LLP I 295 5.69 -55.48 4.25
CE LLP I 295 4.80 -54.70 3.29
NZ LLP I 295 5.30 -53.32 3.19
C LLP I 295 7.81 -59.76 4.69
O LLP I 295 7.67 -60.82 5.28
N LEU I 296 8.62 -59.62 3.65
CA LEU I 296 9.38 -60.74 3.11
C LEU I 296 10.64 -61.01 3.93
N LEU I 297 10.93 -60.12 4.88
CA LEU I 297 12.09 -60.30 5.74
C LEU I 297 11.85 -61.38 6.78
N GLY I 298 10.61 -61.52 7.25
CA GLY I 298 10.27 -62.57 8.19
C GLY I 298 10.51 -62.25 9.64
N GLY I 299 10.59 -60.97 10.00
CA GLY I 299 10.85 -60.58 11.37
C GLY I 299 9.69 -59.88 12.02
N PRO I 300 9.98 -58.96 12.94
CA PRO I 300 8.93 -58.20 13.62
C PRO I 300 8.56 -56.95 12.84
N GLN I 301 7.47 -56.31 13.29
CA GLN I 301 7.06 -55.05 12.70
C GLN I 301 8.13 -54.00 13.00
N ALA I 302 8.89 -53.62 11.98
CA ALA I 302 9.94 -52.62 12.14
C ALA I 302 10.11 -51.89 10.84
N GLY I 303 10.56 -50.64 10.95
CA GLY I 303 10.89 -49.87 9.76
C GLY I 303 12.39 -49.62 9.69
N ILE I 304 13.06 -50.22 8.71
CA ILE I 304 14.50 -50.22 8.65
C ILE I 304 14.95 -49.32 7.50
N ILE I 305 15.72 -48.29 7.82
CA ILE I 305 16.25 -47.35 6.84
C ILE I 305 17.75 -47.56 6.80
N VAL I 306 18.29 -47.85 5.63
CA VAL I 306 19.73 -48.07 5.48
C VAL I 306 20.26 -47.13 4.42
N GLY I 307 21.45 -46.58 4.67
CA GLY I 307 22.02 -45.73 3.65
C GLY I 307 23.19 -44.92 4.18
N LYS I 308 23.37 -43.75 3.57
CA LYS I 308 24.52 -42.90 3.87
C LYS I 308 24.53 -42.49 5.33
N LYS I 309 25.72 -42.41 5.90
CA LYS I 309 25.88 -42.10 7.32
C LYS I 309 25.35 -40.71 7.66
N GLU I 310 25.57 -39.74 6.77
CA GLU I 310 25.13 -38.37 7.05
C GLU I 310 23.61 -38.27 7.11
N MET I 311 22.91 -38.89 6.14
CA MET I 311 21.45 -38.83 6.14
C MET I 311 20.86 -39.65 7.28
N ILE I 312 21.47 -40.79 7.60
CA ILE I 312 21.01 -41.56 8.74
C ILE I 312 21.18 -40.74 10.02
N ALA I 313 22.31 -40.05 10.17
CA ALA I 313 22.52 -39.20 11.33
C ALA I 313 21.52 -38.06 11.37
N ARG I 314 21.10 -37.58 10.20
CA ARG I 314 19.99 -36.61 10.16
C ARG I 314 18.71 -37.24 10.69
N LEU I 315 18.46 -38.50 10.34
CA LEU I 315 17.24 -39.17 10.80
C LEU I 315 17.26 -39.37 12.31
N GLN I 316 18.38 -39.84 12.86
CA GLN I 316 18.44 -40.17 14.28
C GLN I 316 18.33 -38.92 15.15
N SER I 317 18.72 -37.77 14.61
CA SER I 317 18.70 -36.51 15.36
C SER I 317 17.38 -35.76 15.21
N HIS I 318 16.44 -36.27 14.44
CA HIS I 318 15.17 -35.59 14.25
C HIS I 318 14.31 -35.71 15.51
N PRO I 319 13.50 -34.68 15.80
CA PRO I 319 12.57 -34.79 16.93
C PRO I 319 11.59 -35.96 16.82
N LEU I 320 11.20 -36.33 15.59
CA LEU I 320 10.24 -37.41 15.41
C LEU I 320 10.79 -38.75 15.88
N LYS I 321 12.12 -38.94 15.82
CA LYS I 321 12.70 -40.25 16.07
C LYS I 321 12.34 -40.76 17.46
N ARG I 322 12.30 -39.88 18.46
CA ARG I 322 11.94 -40.29 19.81
C ARG I 322 10.55 -40.90 19.84
N ALA I 323 9.61 -40.35 19.07
CA ALA I 323 8.28 -40.94 18.99
C ALA I 323 8.30 -42.25 18.21
N LEU I 324 9.21 -42.39 17.25
CA LEU I 324 9.22 -43.54 16.35
C LEU I 324 10.23 -44.61 16.75
N ARG I 325 11.00 -44.39 17.82
CA ARG I 325 12.02 -45.34 18.23
C ARG I 325 11.42 -46.72 18.46
N ALA I 326 12.28 -47.75 18.37
CA ALA I 326 11.84 -49.13 18.41
C ALA I 326 12.05 -49.74 19.79
N ASP I 327 11.14 -50.64 20.15
CA ASP I 327 11.12 -51.31 21.45
C ASP I 327 12.26 -52.32 21.55
N LYS I 328 12.57 -52.72 22.78
CA LYS I 328 13.61 -53.73 22.98
C LYS I 328 13.18 -55.09 22.48
N MET I 329 11.88 -55.42 22.55
CA MET I 329 11.40 -56.65 21.94
C MET I 329 11.57 -56.61 20.43
N THR I 330 11.24 -55.47 19.82
CA THR I 330 11.40 -55.32 18.38
C THR I 330 12.87 -55.47 17.99
N LEU I 331 13.77 -54.85 18.75
CA LEU I 331 15.19 -54.95 18.43
C LEU I 331 15.71 -56.36 18.63
N ALA I 332 15.28 -57.03 19.69
CA ALA I 332 15.72 -58.41 19.93
C ALA I 332 15.26 -59.33 18.80
N ALA I 333 13.98 -59.24 18.43
CA ALA I 333 13.46 -60.05 17.34
C ALA I 333 14.17 -59.73 16.04
N LEU I 334 14.39 -58.44 15.76
CA LEU I 334 15.02 -58.06 14.52
C LEU I 334 16.46 -58.55 14.43
N GLU I 335 17.22 -58.47 15.52
CA GLU I 335 18.59 -58.98 15.48
C GLU I 335 18.61 -60.49 15.34
N ALA I 336 17.75 -61.20 16.07
CA ALA I 336 17.74 -62.65 15.96
C ALA I 336 17.31 -63.09 14.57
N THR I 337 16.42 -62.32 13.93
CA THR I 337 16.02 -62.64 12.56
C THR I 337 17.15 -62.34 11.56
N LEU I 338 17.80 -61.19 11.72
CA LEU I 338 18.86 -60.82 10.79
C LEU I 338 20.07 -61.74 10.91
N ARG I 339 20.29 -62.33 12.10
CA ARG I 339 21.39 -63.27 12.25
C ARG I 339 21.13 -64.57 11.48
N LEU I 340 19.88 -64.86 11.14
CA LEU I 340 19.59 -66.02 10.29
C LEU I 340 20.12 -65.81 8.88
N TYR I 341 20.09 -64.56 8.39
CA TYR I 341 20.56 -64.27 7.05
C TYR I 341 22.08 -64.37 6.92
N LEU I 342 22.81 -64.45 8.04
CA LEU I 342 24.23 -64.74 8.01
C LEU I 342 24.52 -66.21 7.80
N HIS I 343 23.49 -67.06 7.80
CA HIS I 343 23.62 -68.50 7.58
C HIS I 343 22.64 -68.91 6.50
N PRO I 344 22.90 -68.53 5.24
CA PRO I 344 21.87 -68.66 4.20
C PRO I 344 21.42 -70.10 3.94
N GLU I 345 22.31 -71.09 4.07
CA GLU I 345 21.94 -72.45 3.70
C GLU I 345 20.84 -73.01 4.59
N ALA I 346 20.78 -72.59 5.85
CA ALA I 346 19.71 -73.01 6.75
C ALA I 346 18.54 -72.05 6.74
N LEU I 347 18.62 -70.95 5.97
CA LEU I 347 17.58 -69.94 6.00
C LEU I 347 16.24 -70.48 5.55
N SER I 348 16.24 -71.39 4.56
CA SER I 348 14.99 -71.97 4.09
C SER I 348 14.34 -72.85 5.14
N GLU I 349 15.06 -73.22 6.20
CA GLU I 349 14.50 -74.05 7.26
C GLU I 349 14.24 -73.28 8.54
N LYS I 350 15.13 -72.35 8.91
CA LYS I 350 15.00 -71.62 10.16
C LYS I 350 14.09 -70.40 10.05
N LEU I 351 13.71 -69.99 8.85
CA LEU I 351 12.83 -68.86 8.67
C LEU I 351 11.43 -69.34 8.36
N PRO I 352 10.46 -69.17 9.26
CA PRO I 352 9.10 -69.71 9.00
C PRO I 352 8.47 -69.15 7.74
N THR I 353 8.70 -67.88 7.44
CA THR I 353 8.15 -67.30 6.22
C THR I 353 8.70 -68.01 4.98
N LEU I 354 10.02 -68.18 4.93
CA LEU I 354 10.64 -68.86 3.80
C LEU I 354 10.26 -70.35 3.79
N ARG I 355 10.19 -70.97 4.97
CA ARG I 355 9.82 -72.38 5.04
C ARG I 355 8.42 -72.61 4.49
N LEU I 356 7.47 -71.73 4.83
CA LEU I 356 6.12 -71.85 4.29
C LEU I 356 6.09 -71.50 2.81
N LEU I 357 6.93 -70.55 2.38
CA LEU I 357 6.91 -70.13 0.99
C LEU I 357 7.53 -71.19 0.07
N THR I 358 8.63 -71.81 0.50
CA THR I 358 9.30 -72.82 -0.31
C THR I 358 8.82 -74.23 -0.02
N ARG I 359 7.70 -74.39 0.69
CA ARG I 359 7.16 -75.72 0.92
C ARG I 359 6.73 -76.34 -0.40
N SER I 360 7.12 -77.60 -0.61
CA SER I 360 6.82 -78.28 -1.86
C SER I 360 5.34 -78.65 -1.92
N ALA I 361 4.81 -78.68 -3.15
CA ALA I 361 3.40 -79.00 -3.34
C ALA I 361 3.11 -80.48 -3.13
N GLU I 362 4.09 -81.35 -3.35
CA GLU I 362 3.88 -82.79 -3.13
C GLU I 362 3.60 -83.09 -1.66
N VAL I 363 4.34 -82.46 -0.74
CA VAL I 363 4.12 -82.69 0.67
C VAL I 363 2.75 -82.17 1.09
N ILE I 364 2.34 -81.02 0.55
CA ILE I 364 1.00 -80.50 0.84
C ILE I 364 -0.06 -81.46 0.34
N GLN I 365 0.14 -82.03 -0.85
CA GLN I 365 -0.81 -82.99 -1.39
C GLN I 365 -0.89 -84.23 -0.51
N ILE I 366 0.25 -84.72 -0.04
CA ILE I 366 0.27 -85.90 0.82
C ILE I 366 -0.46 -85.60 2.13
N GLN I 367 -0.20 -84.43 2.73
CA GLN I 367 -0.85 -84.07 3.98
C GLN I 367 -2.36 -83.93 3.80
N ALA I 368 -2.78 -83.32 2.69
CA ALA I 368 -4.21 -83.16 2.42
C ALA I 368 -4.89 -84.50 2.22
N GLN I 369 -4.23 -85.42 1.50
CA GLN I 369 -4.79 -86.76 1.33
C GLN I 369 -4.89 -87.50 2.65
N ARG I 370 -3.86 -87.36 3.50
CA ARG I 370 -3.87 -88.02 4.80
C ARG I 370 -5.00 -87.49 5.68
N LEU I 371 -5.22 -86.18 5.67
CA LEU I 371 -6.29 -85.58 6.45
C LEU I 371 -7.65 -85.87 5.83
N GLN I 386 -12.90 -83.38 -0.10
CA GLN I 386 -12.08 -83.66 -1.27
C GLN I 386 -10.81 -82.80 -1.28
N VAL I 387 -9.80 -83.27 -2.00
CA VAL I 387 -8.51 -82.60 -2.12
C VAL I 387 -8.28 -82.28 -3.57
N MET I 388 -8.14 -81.00 -3.90
CA MET I 388 -7.76 -80.67 -5.27
C MET I 388 -6.75 -79.53 -5.30
N PRO I 389 -5.97 -79.43 -6.38
CA PRO I 389 -5.09 -78.31 -6.55
C PRO I 389 -5.74 -76.97 -6.26
N CYS I 390 -4.94 -76.06 -5.71
CA CYS I 390 -5.33 -74.68 -5.48
C CYS I 390 -4.09 -73.81 -5.65
N LEU I 391 -4.27 -72.51 -5.50
CA LEU I 391 -3.19 -71.56 -5.63
C LEU I 391 -3.15 -70.66 -4.40
N SER I 392 -1.93 -70.32 -3.97
CA SER I 392 -1.70 -69.61 -2.74
C SER I 392 -0.93 -68.32 -3.03
N GLN I 393 -1.30 -67.25 -2.33
CA GLN I 393 -0.61 -65.97 -2.45
C GLN I 393 0.61 -65.93 -1.53
N ILE I 394 1.63 -65.20 -1.96
CA ILE I 394 2.77 -64.96 -1.08
C ILE I 394 2.35 -64.15 0.14
N GLY I 395 1.55 -63.11 -0.07
CA GLY I 395 1.08 -62.26 1.01
C GLY I 395 1.52 -60.82 0.83
N SER I 396 1.79 -60.15 1.95
CA SER I 396 2.24 -58.77 1.92
C SER I 396 3.65 -58.67 1.36
N GLY I 397 3.92 -57.57 0.65
CA GLY I 397 5.21 -57.33 0.04
C GLY I 397 5.36 -57.84 -1.37
N SER I 398 4.49 -58.75 -1.81
CA SER I 398 4.52 -59.29 -3.16
C SER I 398 3.20 -58.97 -3.86
N LEU I 399 3.15 -59.32 -5.13
CA LEU I 399 1.94 -59.11 -5.91
C LEU I 399 0.81 -60.00 -5.40
N PRO I 400 -0.36 -59.45 -5.10
CA PRO I 400 -1.51 -60.25 -4.67
C PRO I 400 -2.09 -61.09 -5.81
N VAL I 401 -1.35 -62.14 -6.17
CA VAL I 401 -1.76 -63.07 -7.21
C VAL I 401 -1.59 -64.49 -6.70
N ASP I 402 -2.56 -65.34 -7.07
CA ASP I 402 -2.55 -66.75 -6.68
C ASP I 402 -1.49 -67.50 -7.49
N ARG I 403 -0.23 -67.31 -7.07
CA ARG I 403 0.89 -67.79 -7.89
C ARG I 403 1.35 -69.18 -7.46
N LEU I 404 1.43 -69.45 -6.16
CA LEU I 404 2.10 -70.67 -5.71
C LEU I 404 1.17 -71.88 -5.81
N PRO I 405 1.57 -72.94 -6.50
CA PRO I 405 0.74 -74.15 -6.53
C PRO I 405 0.67 -74.78 -5.14
N SER I 406 -0.48 -75.39 -4.84
CA SER I 406 -0.69 -76.03 -3.55
C SER I 406 -1.88 -76.97 -3.68
N ALA I 407 -2.23 -77.63 -2.57
CA ALA I 407 -3.37 -78.53 -2.52
C ALA I 407 -4.32 -78.05 -1.42
N ALA I 408 -5.62 -78.10 -1.70
CA ALA I 408 -6.62 -77.59 -0.78
C ALA I 408 -7.64 -78.67 -0.46
N LEU I 409 -8.13 -78.63 0.78
CA LEU I 409 -9.22 -79.48 1.25
C LEU I 409 -10.49 -78.64 1.27
N THR I 410 -11.53 -79.13 0.60
CA THR I 410 -12.76 -78.37 0.44
C THR I 410 -13.92 -79.07 1.12
N PHE I 411 -14.87 -78.28 1.61
CA PHE I 411 -16.06 -78.79 2.27
C PHE I 411 -17.32 -78.46 1.46
N LEU I 421 -22.22 -73.77 4.40
CA LEU I 421 -21.00 -73.15 3.89
C LEU I 421 -20.62 -71.93 4.71
N GLU I 422 -21.40 -70.86 4.56
CA GLU I 422 -21.17 -69.66 5.37
C GLU I 422 -21.40 -69.92 6.85
N SER I 423 -22.41 -70.72 7.18
CA SER I 423 -22.62 -71.10 8.57
C SER I 423 -21.48 -71.97 9.09
N LEU I 424 -20.89 -72.79 8.23
CA LEU I 424 -19.72 -73.56 8.62
C LEU I 424 -18.56 -72.65 9.00
N ALA I 425 -18.32 -71.61 8.19
CA ALA I 425 -17.26 -70.65 8.49
C ALA I 425 -17.55 -69.90 9.78
N ALA I 426 -18.81 -69.50 9.98
CA ALA I 426 -19.18 -68.82 11.22
C ALA I 426 -18.98 -69.72 12.43
N ARG I 427 -19.33 -71.00 12.32
CA ARG I 427 -19.12 -71.93 13.42
C ARG I 427 -17.64 -72.12 13.70
N TRP I 428 -16.82 -72.22 12.64
CA TRP I 428 -15.39 -72.37 12.82
C TRP I 428 -14.76 -71.14 13.46
N ARG I 429 -15.26 -69.95 13.16
CA ARG I 429 -14.73 -68.74 13.76
C ARG I 429 -15.02 -68.63 15.25
N GLU I 430 -15.93 -69.46 15.78
CA GLU I 430 -16.22 -69.49 17.20
C GLU I 430 -15.21 -70.32 17.99
N LEU I 431 -14.35 -71.07 17.30
CA LEU I 431 -13.46 -72.00 17.98
C LEU I 431 -12.39 -71.25 18.77
N PRO I 432 -11.93 -71.83 19.88
CA PRO I 432 -10.79 -71.22 20.60
C PRO I 432 -9.56 -71.03 19.73
N VAL I 433 -9.30 -71.96 18.82
CA VAL I 433 -8.24 -71.80 17.82
C VAL I 433 -8.94 -71.73 16.46
N PRO I 434 -9.40 -70.56 16.04
CA PRO I 434 -10.23 -70.48 14.83
C PRO I 434 -9.50 -70.95 13.59
N VAL I 435 -10.26 -71.56 12.68
CA VAL I 435 -9.77 -71.96 11.37
C VAL I 435 -10.45 -71.08 10.33
N ILE I 436 -9.66 -70.40 9.51
CA ILE I 436 -10.18 -69.46 8.52
C ILE I 436 -9.89 -70.02 7.13
N GLY I 437 -10.94 -70.23 6.36
CA GLY I 437 -10.81 -70.65 4.97
C GLY I 437 -11.35 -69.60 4.03
N ARG I 438 -11.57 -69.95 2.77
CA ARG I 438 -12.09 -69.01 1.79
C ARG I 438 -13.31 -69.59 1.10
N ILE I 439 -14.29 -68.73 0.82
CA ILE I 439 -15.51 -69.13 0.14
C ILE I 439 -15.38 -68.72 -1.32
N TYR I 440 -15.33 -69.70 -2.21
CA TYR I 440 -15.19 -69.44 -3.63
C TYR I 440 -15.81 -70.59 -4.42
N ASP I 441 -16.46 -70.26 -5.53
CA ASP I 441 -17.11 -71.25 -6.39
C ASP I 441 -18.11 -72.10 -5.62
N GLY I 442 -18.82 -71.47 -4.69
CA GLY I 442 -19.78 -72.17 -3.87
C GLY I 442 -19.18 -73.23 -2.96
N ARG I 443 -17.87 -73.17 -2.71
CA ARG I 443 -17.19 -74.16 -1.89
C ARG I 443 -16.32 -73.46 -0.86
N LEU I 444 -16.13 -74.14 0.28
CA LEU I 444 -15.26 -73.66 1.34
C LEU I 444 -13.91 -74.37 1.21
N TRP I 445 -12.85 -73.59 1.00
CA TRP I 445 -11.51 -74.10 0.73
C TRP I 445 -10.61 -73.82 1.92
N LEU I 446 -9.79 -74.82 2.28
CA LEU I 446 -8.74 -74.70 3.29
C LEU I 446 -7.44 -75.04 2.59
N ASP I 447 -6.59 -74.03 2.41
CA ASP I 447 -5.26 -74.25 1.85
C ASP I 447 -4.31 -74.71 2.94
N LEU I 448 -3.59 -75.81 2.68
CA LEU I 448 -2.75 -76.44 3.68
C LEU I 448 -1.28 -76.08 3.52
N ARG I 449 -0.97 -75.04 2.75
CA ARG I 449 0.42 -74.60 2.63
C ARG I 449 0.95 -74.06 3.96
N CYS I 450 0.13 -73.31 4.69
CA CYS I 450 0.56 -72.64 5.91
C CYS I 450 0.29 -73.44 7.17
N LEU I 451 -0.18 -74.68 7.04
CA LEU I 451 -0.49 -75.52 8.19
C LEU I 451 0.77 -76.31 8.55
N GLU I 452 1.29 -76.07 9.75
CA GLU I 452 2.51 -76.74 10.22
C GLU I 452 2.25 -77.75 11.34
N ASP I 453 1.09 -77.66 12.01
CA ASP I 453 0.75 -78.55 13.12
C ASP I 453 -0.55 -79.28 12.76
N GLU I 454 -0.41 -80.43 12.10
CA GLU I 454 -1.59 -81.16 11.65
C GLU I 454 -2.35 -81.78 12.81
N GLN I 455 -1.67 -82.11 13.90
CA GLN I 455 -2.33 -82.74 15.03
C GLN I 455 -3.39 -81.81 15.63
N ARG I 456 -3.00 -80.56 15.92
CA ARG I 456 -3.95 -79.62 16.51
C ARG I 456 -5.11 -79.33 15.58
N PHE I 457 -4.83 -79.13 14.29
CA PHE I 457 -5.91 -78.84 13.34
C PHE I 457 -6.85 -80.01 13.20
N LEU I 458 -6.31 -81.24 13.14
CA LEU I 458 -7.16 -82.42 13.02
C LEU I 458 -8.02 -82.60 14.27
N GLU I 459 -7.43 -82.40 15.46
CA GLU I 459 -8.21 -82.50 16.68
C GLU I 459 -9.28 -81.42 16.74
N MET I 460 -8.96 -80.23 16.23
CA MET I 460 -9.84 -79.08 16.40
C MET I 460 -11.01 -79.14 15.42
N LEU I 461 -10.76 -79.65 14.22
CA LEU I 461 -11.82 -79.78 13.22
C LEU I 461 -12.77 -80.92 13.58
N LEU I 462 -12.25 -82.02 14.09
CA LEU I 462 -13.07 -83.17 14.42
C LEU I 462 -13.96 -82.88 15.63
N ALA J 76 27.86 -66.95 20.85
CA ALA J 76 28.61 -65.78 21.30
C ALA J 76 27.72 -64.84 22.12
N GLN J 77 27.75 -63.56 21.79
CA GLN J 77 26.97 -62.54 22.47
C GLN J 77 26.25 -61.67 21.45
N SER J 78 24.96 -61.44 21.69
CA SER J 78 24.16 -60.61 20.81
C SER J 78 24.22 -59.15 21.29
N ALA J 79 23.40 -58.28 20.69
CA ALA J 79 23.38 -56.88 21.11
C ALA J 79 22.77 -56.74 22.50
N LEU J 80 21.61 -57.35 22.73
CA LEU J 80 20.89 -57.22 23.99
C LEU J 80 21.33 -58.34 24.91
N ARG J 81 22.58 -58.23 25.36
CA ARG J 81 23.11 -59.21 26.31
C ARG J 81 22.34 -59.10 27.62
N PRO J 82 21.85 -60.21 28.16
CA PRO J 82 21.22 -60.15 29.49
C PRO J 82 22.20 -59.64 30.53
N VAL J 83 21.70 -58.81 31.43
CA VAL J 83 22.53 -58.17 32.44
C VAL J 83 21.81 -58.22 33.78
N ILE J 84 22.57 -58.51 34.82
CA ILE J 84 22.05 -58.54 36.18
C ILE J 84 22.15 -57.11 36.73
N ASN J 85 21.01 -56.43 36.76
CA ASN J 85 20.93 -55.03 37.16
C ASN J 85 21.05 -54.95 38.68
N LEU J 86 22.28 -54.83 39.16
CA LEU J 86 22.55 -54.70 40.59
C LEU J 86 22.88 -53.26 40.99
N THR J 87 22.60 -52.30 40.11
CA THR J 87 22.84 -50.90 40.42
C THR J 87 21.85 -50.32 41.42
N GLY J 88 20.80 -51.06 41.75
CA GLY J 88 19.79 -50.58 42.67
C GLY J 88 18.60 -49.91 42.01
N THR J 89 18.69 -49.56 40.73
CA THR J 89 17.59 -48.95 40.00
C THR J 89 16.77 -50.07 39.37
N VAL J 90 15.57 -50.29 39.91
CA VAL J 90 14.73 -51.38 39.42
C VAL J 90 14.29 -51.12 37.99
N LEU J 91 13.75 -49.93 37.73
CA LEU J 91 13.29 -49.56 36.39
C LEU J 91 14.33 -48.69 35.71
N HIS J 92 15.43 -49.34 35.33
CA HIS J 92 16.52 -48.65 34.65
C HIS J 92 16.10 -48.34 33.22
N THR J 93 16.09 -47.06 32.86
CA THR J 93 15.64 -46.68 31.52
C THR J 93 16.57 -47.20 30.43
N ASN J 94 17.86 -47.33 30.73
CA ASN J 94 18.84 -47.79 29.76
C ASN J 94 18.95 -49.30 29.74
N LEU J 95 18.20 -50.01 30.58
CA LEU J 95 18.28 -51.47 30.67
C LEU J 95 16.96 -52.14 30.33
N GLY J 96 16.10 -51.46 29.57
CA GLY J 96 14.82 -52.01 29.18
C GLY J 96 13.66 -51.66 30.06
N ARG J 97 13.89 -50.88 31.13
CA ARG J 97 12.84 -50.44 32.06
C ARG J 97 12.23 -51.68 32.70
N ALA J 98 10.91 -51.86 32.65
CA ALA J 98 10.24 -52.89 33.44
C ALA J 98 10.41 -54.27 32.81
N LEU J 99 10.80 -55.24 33.63
CA LEU J 99 10.74 -56.63 33.21
C LEU J 99 9.30 -57.10 33.19
N GLN J 100 8.98 -57.95 32.22
CA GLN J 100 7.60 -58.35 32.00
C GLN J 100 7.33 -59.72 32.62
N ALA J 101 6.05 -59.99 32.86
CA ALA J 101 5.62 -61.18 33.57
C ALA J 101 5.74 -62.42 32.69
N GLU J 102 5.59 -63.58 33.32
CA GLU J 102 5.60 -64.83 32.57
C GLU J 102 4.39 -64.94 31.65
N ALA J 103 3.24 -64.42 32.09
CA ALA J 103 2.06 -64.42 31.23
C ALA J 103 2.30 -63.57 29.98
N ALA J 104 2.94 -62.42 30.14
CA ALA J 104 3.28 -61.60 28.99
C ALA J 104 4.24 -62.33 28.06
N VAL J 105 5.23 -63.03 28.63
CA VAL J 105 6.19 -63.76 27.81
C VAL J 105 5.48 -64.86 27.02
N GLU J 106 4.58 -65.60 27.67
CA GLU J 106 3.86 -66.67 26.99
C GLU J 106 2.96 -66.12 25.89
N ALA J 107 2.25 -65.03 26.16
CA ALA J 107 1.39 -64.44 25.14
C ALA J 107 2.22 -63.94 23.96
N VAL J 108 3.37 -63.32 24.23
CA VAL J 108 4.22 -62.81 23.17
C VAL J 108 4.76 -63.97 22.32
N ALA J 109 5.21 -65.04 22.97
CA ALA J 109 5.72 -66.19 22.22
C ALA J 109 4.62 -66.81 21.37
N GLN J 110 3.41 -66.91 21.92
CA GLN J 110 2.29 -67.45 21.15
C GLN J 110 1.97 -66.58 19.95
N ALA J 111 2.01 -65.26 20.12
CA ALA J 111 1.75 -64.35 18.99
C ALA J 111 2.84 -64.45 17.94
N MET J 112 4.10 -64.61 18.37
CA MET J 112 5.21 -64.71 17.44
C MET J 112 5.12 -66.01 16.62
N ARG J 113 4.87 -67.13 17.30
CA ARG J 113 4.95 -68.43 16.64
C ARG J 113 3.76 -68.69 15.72
N SER J 114 2.60 -68.14 16.03
CA SER J 114 1.38 -68.48 15.30
C SER J 114 0.66 -67.22 14.86
N PRO J 115 -0.10 -67.30 13.77
CA PRO J 115 -0.91 -66.14 13.34
C PRO J 115 -1.95 -65.79 14.40
N VAL J 116 -2.22 -64.49 14.55
CA VAL J 116 -3.19 -64.01 15.51
C VAL J 116 -4.13 -63.05 14.82
N THR J 117 -5.35 -62.94 15.36
CA THR J 117 -6.35 -62.04 14.78
C THR J 117 -6.01 -60.60 15.14
N LEU J 118 -4.93 -60.08 14.56
CA LEU J 118 -4.49 -58.72 14.88
C LEU J 118 -5.46 -57.68 14.36
N GLU J 119 -5.95 -57.85 13.14
CA GLU J 119 -6.89 -56.90 12.54
C GLU J 119 -8.03 -57.63 11.84
N TYR J 120 -8.42 -58.79 12.36
CA TYR J 120 -9.48 -59.60 11.77
C TYR J 120 -10.66 -59.72 12.73
N HIS J 129 -11.19 -53.61 15.04
CA HIS J 129 -10.01 -52.76 14.96
C HIS J 129 -8.80 -53.49 15.58
N ARG J 130 -7.63 -52.88 15.44
CA ARG J 130 -6.39 -53.52 15.91
C ARG J 130 -6.36 -53.66 17.43
N ASP J 131 -6.79 -52.64 18.16
CA ASP J 131 -6.63 -52.59 19.61
C ASP J 131 -7.97 -52.38 20.30
N ARG J 132 -8.98 -53.15 19.92
CA ARG J 132 -10.28 -53.04 20.56
C ARG J 132 -10.36 -53.87 21.85
N ALA J 133 -9.73 -55.04 21.87
CA ALA J 133 -9.70 -55.83 23.10
C ALA J 133 -8.98 -55.09 24.21
N LEU J 134 -7.86 -54.44 23.88
CA LEU J 134 -7.14 -53.65 24.87
C LEU J 134 -7.93 -52.43 25.29
N ALA J 135 -8.69 -51.82 24.37
CA ALA J 135 -9.55 -50.71 24.75
C ALA J 135 -10.62 -51.15 25.74
N GLN J 136 -11.21 -52.32 25.51
CA GLN J 136 -12.18 -52.85 26.46
C GLN J 136 -11.54 -53.16 27.81
N LEU J 137 -10.33 -53.73 27.80
CA LEU J 137 -9.63 -54.03 29.04
C LEU J 137 -9.33 -52.75 29.82
N LEU J 138 -8.89 -51.70 29.12
CA LEU J 138 -8.59 -50.43 29.80
C LEU J 138 -9.85 -49.73 30.28
N CYS J 139 -10.96 -49.87 29.55
CA CYS J 139 -12.24 -49.38 30.06
C CYS J 139 -12.63 -50.11 31.33
N ARG J 140 -12.40 -51.42 31.39
CA ARG J 140 -12.67 -52.17 32.60
C ARG J 140 -11.78 -51.71 33.76
N ILE J 141 -10.51 -51.45 33.48
CA ILE J 141 -9.56 -51.11 34.54
C ILE J 141 -9.65 -49.63 34.88
N THR J 142 -9.34 -48.76 33.91
CA THR J 142 -9.29 -47.33 34.19
C THR J 142 -10.68 -46.71 34.32
N GLY J 143 -11.62 -47.14 33.48
CA GLY J 143 -12.94 -46.54 33.46
C GLY J 143 -13.16 -45.51 32.36
N ALA J 144 -12.27 -45.43 31.38
CA ALA J 144 -12.43 -44.47 30.30
C ALA J 144 -13.34 -45.03 29.21
N GLU J 145 -13.85 -44.14 28.37
CA GLU J 145 -14.74 -44.54 27.30
C GLU J 145 -14.00 -45.33 26.22
N ASP J 146 -12.82 -44.84 25.81
CA ASP J 146 -12.07 -45.48 24.73
C ASP J 146 -10.59 -45.34 25.00
N ALA J 147 -9.80 -46.10 24.26
CA ALA J 147 -8.35 -46.13 24.42
C ALA J 147 -7.66 -46.25 23.06
N CYS J 148 -6.43 -45.74 23.01
CA CYS J 148 -5.59 -45.76 21.82
C CYS J 148 -4.18 -46.15 22.25
N ILE J 149 -3.52 -46.97 21.45
CA ILE J 149 -2.19 -47.49 21.78
C ILE J 149 -1.22 -47.13 20.66
N VAL J 150 -0.09 -46.54 21.03
CA VAL J 150 0.92 -46.12 20.09
C VAL J 150 2.28 -46.62 20.53
N ASN J 151 3.32 -46.21 19.80
CA ASN J 151 4.66 -46.78 19.99
C ASN J 151 5.17 -46.57 21.41
N ASN J 152 5.08 -45.35 21.92
CA ASN J 152 5.49 -45.04 23.28
C ASN J 152 4.75 -43.79 23.72
N ASN J 153 5.00 -43.37 24.97
CA ASN J 153 4.30 -42.19 25.49
C ASN J 153 4.75 -40.90 24.81
N ALA J 154 5.96 -40.86 24.27
CA ALA J 154 6.34 -39.74 23.43
C ALA J 154 5.46 -39.68 22.19
N ALA J 155 5.24 -40.84 21.55
CA ALA J 155 4.31 -40.92 20.43
C ALA J 155 2.88 -40.61 20.89
N ALA J 156 2.52 -41.01 22.10
CA ALA J 156 1.19 -40.72 22.61
C ALA J 156 0.96 -39.22 22.74
N VAL J 157 1.92 -38.51 23.33
CA VAL J 157 1.81 -37.07 23.47
C VAL J 157 1.81 -36.39 22.10
N LEU J 158 2.68 -36.84 21.20
CA LEU J 158 2.73 -36.26 19.86
C LEU J 158 1.39 -36.42 19.14
N LEU J 159 0.84 -37.64 19.15
CA LEU J 159 -0.44 -37.87 18.48
C LEU J 159 -1.57 -37.10 19.14
N MET J 160 -1.59 -37.06 20.48
CA MET J 160 -2.60 -36.29 21.20
C MET J 160 -2.59 -34.84 20.77
N LEU J 161 -1.41 -34.23 20.77
CA LEU J 161 -1.32 -32.80 20.46
C LEU J 161 -1.60 -32.53 18.99
N ALA J 162 -1.14 -33.41 18.10
CA ALA J 162 -1.35 -33.20 16.67
C ALA J 162 -2.78 -33.47 16.24
N ALA J 163 -3.51 -34.32 16.98
CA ALA J 163 -4.88 -34.65 16.59
C ALA J 163 -5.91 -33.77 17.28
N THR J 164 -5.61 -33.26 18.47
CA THR J 164 -6.59 -32.47 19.20
C THR J 164 -6.26 -30.98 19.28
N ALA J 165 -5.03 -30.57 18.99
CA ALA J 165 -4.65 -29.18 19.16
C ALA J 165 -3.75 -28.67 18.04
N SER J 166 -3.87 -29.24 16.85
CA SER J 166 -3.01 -28.81 15.75
C SER J 166 -3.39 -27.41 15.30
N GLY J 167 -2.38 -26.53 15.25
CA GLY J 167 -2.60 -25.16 14.86
C GLY J 167 -3.16 -24.25 15.92
N LYS J 168 -3.38 -24.76 17.13
CA LYS J 168 -4.01 -24.02 18.20
C LYS J 168 -3.11 -24.02 19.44
N GLU J 169 -3.40 -23.11 20.36
CA GLU J 169 -2.62 -22.96 21.57
C GLU J 169 -2.95 -24.05 22.58
N VAL J 170 -1.95 -24.42 23.37
CA VAL J 170 -2.13 -25.34 24.48
C VAL J 170 -1.54 -24.67 25.72
N VAL J 171 -2.33 -24.60 26.78
CA VAL J 171 -1.91 -23.94 28.01
C VAL J 171 -1.26 -24.98 28.90
N VAL J 172 0.04 -24.81 29.16
CA VAL J 172 0.80 -25.69 30.04
C VAL J 172 1.45 -24.83 31.11
N SER J 173 1.41 -25.32 32.35
CA SER J 173 2.04 -24.60 33.44
C SER J 173 3.55 -24.50 33.22
N ARG J 174 4.12 -23.38 33.63
CA ARG J 174 5.55 -23.16 33.48
C ARG J 174 6.39 -24.10 34.34
N GLY J 175 5.78 -24.76 35.32
CA GLY J 175 6.45 -25.73 36.16
C GLY J 175 6.22 -27.18 35.77
N GLU J 176 5.64 -27.42 34.59
CA GLU J 176 5.41 -28.78 34.11
C GLU J 176 6.05 -29.02 32.75
N LEU J 177 6.84 -28.07 32.25
CA LEU J 177 7.54 -28.24 30.99
C LEU J 177 8.72 -29.17 31.24
N VAL J 178 8.47 -30.46 31.11
CA VAL J 178 9.33 -31.51 31.62
C VAL J 178 10.25 -32.01 30.52
N GLU J 179 11.42 -32.50 30.92
CA GLU J 179 12.32 -33.22 30.04
C GLU J 179 12.57 -34.60 30.62
N ILE J 180 12.31 -35.63 29.81
CA ILE J 180 12.51 -37.02 30.20
C ILE J 180 13.69 -37.56 29.41
N GLY J 181 14.66 -38.13 30.11
CA GLY J 181 15.86 -38.57 29.42
C GLY J 181 16.58 -37.40 28.80
N GLY J 182 16.90 -37.51 27.51
CA GLY J 182 17.53 -36.42 26.81
C GLY J 182 16.87 -36.08 25.50
N ALA J 183 16.00 -36.97 25.03
CA ALA J 183 15.35 -36.80 23.74
C ALA J 183 13.93 -36.27 23.85
N PHE J 184 13.23 -36.54 24.95
CA PHE J 184 11.88 -36.04 25.14
C PHE J 184 11.92 -34.74 25.93
N ARG J 185 11.23 -33.73 25.40
CA ARG J 185 11.23 -32.38 25.97
C ARG J 185 9.93 -31.73 25.55
N ILE J 186 9.12 -31.32 26.52
CA ILE J 186 7.75 -30.91 26.24
C ILE J 186 7.68 -29.76 25.22
N PRO J 187 8.42 -28.67 25.37
CA PRO J 187 8.33 -27.60 24.35
C PRO J 187 8.64 -28.08 22.95
N ASP J 188 9.62 -28.97 22.81
CA ASP J 188 9.97 -29.49 21.48
C ASP J 188 8.86 -30.40 20.94
N VAL J 189 8.20 -31.14 21.81
CA VAL J 189 7.07 -31.97 21.38
C VAL J 189 5.93 -31.10 20.89
N MET J 190 5.64 -30.00 21.62
CA MET J 190 4.59 -29.09 21.16
C MET J 190 4.97 -28.43 19.84
N ARG J 191 6.24 -28.09 19.66
CA ARG J 191 6.68 -27.56 18.37
C ARG J 191 6.49 -28.58 17.24
N GLN J 192 6.87 -29.83 17.49
CA GLN J 192 6.77 -30.86 16.47
C GLN J 192 5.32 -31.18 16.13
N ALA J 193 4.46 -31.20 17.13
CA ALA J 193 3.07 -31.59 16.95
C ALA J 193 2.20 -30.49 16.34
N GLY J 194 2.79 -29.35 15.98
CA GLY J 194 2.05 -28.29 15.33
C GLY J 194 1.26 -27.39 16.24
N CYS J 195 1.38 -27.55 17.56
CA CYS J 195 0.67 -26.72 18.50
C CYS J 195 1.47 -25.48 18.85
N THR J 196 0.84 -24.58 19.59
CA THR J 196 1.49 -23.41 20.15
C THR J 196 1.53 -23.58 21.67
N LEU J 197 2.71 -23.49 22.25
CA LEU J 197 2.85 -23.63 23.69
C LEU J 197 2.56 -22.30 24.36
N HIS J 198 1.56 -22.29 25.23
CA HIS J 198 1.25 -21.14 26.07
C HIS J 198 1.67 -21.49 27.49
N GLU J 199 2.66 -20.75 28.01
CA GLU J 199 3.20 -20.98 29.34
C GLU J 199 2.55 -20.02 30.33
N VAL J 200 2.11 -20.56 31.46
CA VAL J 200 1.38 -19.79 32.45
C VAL J 200 2.03 -20.01 33.81
N GLY J 201 1.86 -19.02 34.69
CA GLY J 201 2.40 -19.15 36.01
C GLY J 201 3.92 -19.04 36.01
N THR J 202 4.51 -19.53 37.08
CA THR J 202 5.95 -19.55 37.26
C THR J 202 6.42 -20.98 37.46
N THR J 203 7.72 -21.15 37.66
CA THR J 203 8.29 -22.48 37.81
C THR J 203 7.79 -23.17 39.07
N ASN J 204 7.67 -22.43 40.18
CA ASN J 204 7.25 -23.04 41.43
C ASN J 204 5.79 -22.78 41.79
N ARG J 205 5.25 -21.63 41.42
CA ARG J 205 3.88 -21.26 41.81
C ARG J 205 3.07 -20.98 40.56
N THR J 206 2.07 -21.82 40.30
CA THR J 206 1.09 -21.60 39.26
C THR J 206 -0.29 -21.57 39.88
N HIS J 207 -1.08 -20.55 39.56
CA HIS J 207 -2.41 -20.38 40.11
C HIS J 207 -3.46 -20.61 39.03
N ALA J 208 -4.68 -20.90 39.46
CA ALA J 208 -5.76 -21.16 38.52
C ALA J 208 -6.05 -19.94 37.66
N ASN J 209 -5.81 -18.73 38.20
CA ASN J 209 -5.99 -17.53 37.41
C ASN J 209 -4.98 -17.45 36.28
N ASP J 210 -3.80 -18.04 36.46
CA ASP J 210 -2.83 -18.10 35.37
C ASP J 210 -3.36 -18.92 34.20
N TYR J 211 -4.03 -20.03 34.49
CA TYR J 211 -4.71 -20.79 33.44
C TYR J 211 -5.86 -19.99 32.84
N ARG J 212 -6.62 -19.31 33.69
CA ARG J 212 -7.82 -18.60 33.24
C ARG J 212 -7.47 -17.46 32.30
N GLN J 213 -6.42 -16.70 32.60
CA GLN J 213 -6.08 -15.53 31.80
C GLN J 213 -5.53 -15.90 30.43
N ALA J 214 -5.08 -17.14 30.25
CA ALA J 214 -4.50 -17.57 28.98
C ALA J 214 -5.51 -18.20 28.04
N VAL J 215 -6.67 -18.62 28.54
CA VAL J 215 -7.67 -19.25 27.68
C VAL J 215 -8.31 -18.19 26.81
N ASN J 216 -8.24 -18.40 25.49
CA ASN J 216 -8.85 -17.49 24.53
C ASN J 216 -9.46 -18.33 23.42
N GLU J 217 -9.79 -17.69 22.31
CA GLU J 217 -10.45 -18.37 21.20
C GLU J 217 -9.52 -19.32 20.45
N ASN J 218 -8.20 -19.14 20.57
CA ASN J 218 -7.25 -20.04 19.93
C ASN J 218 -6.82 -21.18 20.83
N THR J 219 -7.24 -21.19 22.09
CA THR J 219 -6.85 -22.26 23.00
C THR J 219 -7.60 -23.55 22.68
N ALA J 220 -6.86 -24.64 22.56
CA ALA J 220 -7.44 -25.94 22.27
C ALA J 220 -7.45 -26.88 23.46
N LEU J 221 -6.48 -26.79 24.36
CA LEU J 221 -6.37 -27.72 25.47
C LEU J 221 -5.81 -27.01 26.68
N LEU J 222 -6.05 -27.60 27.84
CA LEU J 222 -5.29 -27.33 29.06
C LEU J 222 -4.55 -28.62 29.39
N MET J 223 -3.23 -28.58 29.28
CA MET J 223 -2.40 -29.77 29.43
C MET J 223 -1.73 -29.78 30.79
N LYS J 224 -1.95 -30.83 31.55
CA LYS J 224 -1.24 -31.06 32.81
C LYS J 224 -0.25 -32.20 32.59
N VAL J 225 1.02 -31.91 32.81
CA VAL J 225 2.09 -32.88 32.63
C VAL J 225 2.55 -33.33 34.01
N HIS J 226 2.58 -34.64 34.22
CA HIS J 226 3.04 -35.17 35.49
C HIS J 226 4.57 -35.19 35.50
N THR J 227 5.15 -34.43 36.41
CA THR J 227 6.61 -34.37 36.56
C THR J 227 7.06 -35.65 37.25
N SER J 228 7.23 -36.69 36.43
CA SER J 228 7.55 -38.01 36.98
C SER J 228 9.00 -38.12 37.42
N ASN J 229 9.92 -37.46 36.73
CA ASN J 229 11.34 -37.59 37.04
C ASN J 229 11.87 -36.50 37.96
N TYR J 230 11.02 -35.59 38.42
CA TYR J 230 11.48 -34.55 39.33
C TYR J 230 10.31 -34.04 40.16
N SER J 231 10.67 -33.36 41.25
CA SER J 231 9.71 -32.69 42.12
C SER J 231 10.30 -31.38 42.59
N ILE J 232 9.45 -30.36 42.72
CA ILE J 232 9.86 -29.05 43.20
C ILE J 232 9.48 -28.94 44.66
N GLN J 233 10.46 -28.70 45.52
CA GLN J 233 10.24 -28.56 46.95
C GLN J 233 10.36 -27.10 47.37
N GLY J 234 9.64 -26.75 48.42
CA GLY J 234 9.69 -25.41 48.95
C GLY J 234 8.41 -24.63 48.74
N PHE J 235 8.54 -23.36 48.38
CA PHE J 235 7.39 -22.49 48.10
C PHE J 235 6.84 -22.87 46.74
N THR J 236 5.85 -23.74 46.72
CA THR J 236 5.29 -24.29 45.50
C THR J 236 3.76 -24.20 45.52
N LYS J 237 3.18 -24.26 44.33
CA LYS J 237 1.73 -24.26 44.17
C LYS J 237 1.41 -24.83 42.80
N ALA J 238 0.59 -25.87 42.77
CA ALA J 238 0.15 -26.48 41.52
C ALA J 238 -1.36 -26.68 41.57
N ILE J 239 -2.02 -26.46 40.44
CA ILE J 239 -3.45 -26.69 40.31
C ILE J 239 -3.67 -28.16 39.96
N ASP J 240 -4.49 -28.85 40.74
CA ASP J 240 -4.74 -30.25 40.52
C ASP J 240 -5.61 -30.45 39.29
N GLU J 241 -5.84 -31.72 38.93
CA GLU J 241 -6.62 -32.01 37.74
C GLU J 241 -8.10 -31.74 37.95
N ALA J 242 -8.59 -31.84 39.18
CA ALA J 242 -10.01 -31.54 39.44
C ALA J 242 -10.31 -30.07 39.19
N GLU J 243 -9.47 -29.18 39.74
CA GLU J 243 -9.67 -27.75 39.53
C GLU J 243 -9.57 -27.39 38.05
N LEU J 244 -8.59 -27.97 37.36
CA LEU J 244 -8.42 -27.64 35.95
C LEU J 244 -9.54 -28.20 35.10
N VAL J 245 -10.06 -29.37 35.45
CA VAL J 245 -11.22 -29.92 34.74
C VAL J 245 -12.44 -29.03 34.94
N ALA J 246 -12.65 -28.56 36.17
CA ALA J 246 -13.75 -27.62 36.42
C ALA J 246 -13.57 -26.33 35.62
N LEU J 247 -12.35 -25.80 35.59
CA LEU J 247 -12.10 -24.57 34.83
C LEU J 247 -12.33 -24.77 33.35
N GLY J 248 -11.89 -25.90 32.80
CA GLY J 248 -12.11 -26.18 31.40
C GLY J 248 -13.57 -26.39 31.06
N LYS J 249 -14.32 -27.02 31.97
CA LYS J 249 -15.77 -27.14 31.79
C LYS J 249 -16.43 -25.77 31.78
N GLU J 250 -16.00 -24.88 32.68
CA GLU J 250 -16.54 -23.53 32.70
C GLU J 250 -16.22 -22.79 31.41
N LEU J 251 -15.00 -22.94 30.90
CA LEU J 251 -14.56 -22.20 29.72
C LEU J 251 -14.69 -23.01 28.43
N ASP J 252 -15.28 -24.21 28.49
CA ASP J 252 -15.47 -25.07 27.33
C ASP J 252 -14.14 -25.37 26.63
N VAL J 253 -13.15 -25.79 27.41
CA VAL J 253 -11.84 -26.15 26.91
C VAL J 253 -11.47 -27.51 27.49
N PRO J 254 -11.15 -28.52 26.67
CA PRO J 254 -10.81 -29.83 27.23
C PRO J 254 -9.50 -29.81 27.98
N VAL J 255 -9.36 -30.74 28.92
CA VAL J 255 -8.18 -30.87 29.76
C VAL J 255 -7.57 -32.24 29.51
N VAL J 256 -6.28 -32.25 29.15
CA VAL J 256 -5.57 -33.50 28.91
C VAL J 256 -4.41 -33.60 29.90
N THR J 257 -3.92 -34.82 30.07
CA THR J 257 -2.88 -35.10 31.04
C THR J 257 -1.85 -36.05 30.44
N ASP J 258 -0.58 -35.68 30.56
CA ASP J 258 0.55 -36.52 30.19
C ASP J 258 1.07 -37.19 31.46
N LEU J 259 0.36 -38.23 31.90
CA LEU J 259 0.67 -38.87 33.17
C LEU J 259 2.07 -39.48 33.15
N GLY J 260 2.40 -40.18 32.07
CA GLY J 260 3.72 -40.77 31.93
C GLY J 260 3.88 -42.10 32.62
N SER J 261 4.00 -42.09 33.95
CA SER J 261 4.34 -43.31 34.68
C SER J 261 3.24 -44.37 34.52
N GLY J 262 1.99 -43.96 34.66
CA GLY J 262 0.87 -44.87 34.46
C GLY J 262 0.78 -46.02 35.44
N SER J 263 0.93 -45.73 36.72
CA SER J 263 0.70 -46.75 37.74
C SER J 263 -0.79 -47.01 37.87
N LEU J 264 -1.20 -48.26 37.67
CA LEU J 264 -2.61 -48.61 37.68
C LEU J 264 -3.13 -49.02 39.05
N VAL J 265 -2.25 -49.13 40.04
CA VAL J 265 -2.64 -49.51 41.39
C VAL J 265 -2.07 -48.50 42.37
N ASP J 266 -2.70 -48.41 43.54
CA ASP J 266 -2.22 -47.52 44.59
C ASP J 266 -0.97 -48.11 45.19
N LEU J 267 0.18 -47.49 44.93
CA LEU J 267 1.44 -47.99 45.45
C LEU J 267 1.54 -47.87 46.96
N SER J 268 0.76 -46.96 47.57
CA SER J 268 0.82 -46.78 49.02
C SER J 268 0.43 -48.05 49.77
N GLN J 269 -0.39 -48.90 49.15
CA GLN J 269 -0.75 -50.17 49.78
C GLN J 269 0.44 -51.09 49.95
N TYR J 270 1.48 -50.92 49.13
CA TYR J 270 2.67 -51.76 49.18
C TYR J 270 3.83 -51.09 49.90
N GLY J 271 3.60 -49.93 50.52
CA GLY J 271 4.65 -49.17 51.15
C GLY J 271 5.45 -48.29 50.21
N LEU J 272 5.16 -48.34 48.91
CA LEU J 272 5.83 -47.51 47.93
C LEU J 272 5.17 -46.13 47.88
N PRO J 273 5.91 -45.11 47.44
CA PRO J 273 5.32 -43.77 47.33
C PRO J 273 4.14 -43.77 46.36
N LYS J 274 3.10 -43.03 46.73
CA LYS J 274 1.91 -42.97 45.90
C LYS J 274 2.16 -42.13 44.65
N GLU J 275 1.63 -42.60 43.52
CA GLU J 275 1.71 -41.91 42.25
C GLU J 275 0.31 -41.75 41.68
N PRO J 276 0.05 -40.69 40.94
CA PRO J 276 -1.28 -40.50 40.34
C PRO J 276 -1.61 -41.65 39.41
N MET J 277 -2.88 -42.05 39.43
CA MET J 277 -3.35 -43.18 38.65
C MET J 277 -4.28 -42.72 37.54
N PRO J 278 -4.32 -43.43 36.41
CA PRO J 278 -5.26 -43.05 35.34
C PRO J 278 -6.71 -43.15 35.78
N GLN J 279 -7.04 -44.02 36.73
CA GLN J 279 -8.41 -44.11 37.22
C GLN J 279 -8.85 -42.81 37.86
N GLU J 280 -7.98 -42.23 38.70
CA GLU J 280 -8.33 -40.99 39.38
C GLU J 280 -8.51 -39.84 38.38
N LEU J 281 -7.63 -39.76 37.39
CA LEU J 281 -7.75 -38.69 36.39
C LEU J 281 -8.98 -38.88 35.53
N ILE J 282 -9.29 -40.13 35.16
CA ILE J 282 -10.47 -40.39 34.35
C ILE J 282 -11.75 -40.06 35.13
N ALA J 283 -11.79 -40.43 36.41
CA ALA J 283 -12.93 -40.10 37.24
C ALA J 283 -13.05 -38.59 37.47
N ALA J 284 -11.93 -37.88 37.57
CA ALA J 284 -11.96 -36.45 37.80
C ALA J 284 -12.43 -35.66 36.58
N GLY J 285 -12.56 -36.28 35.42
CA GLY J 285 -13.05 -35.62 34.24
C GLY J 285 -12.02 -35.17 33.24
N VAL J 286 -10.89 -35.86 33.15
CA VAL J 286 -9.85 -35.50 32.19
C VAL J 286 -10.19 -36.12 30.84
N SER J 287 -10.17 -35.30 29.79
CA SER J 287 -10.57 -35.76 28.47
C SER J 287 -9.66 -36.87 27.94
N LEU J 288 -8.35 -36.71 28.10
CA LEU J 288 -7.39 -37.70 27.63
C LEU J 288 -6.26 -37.81 28.65
N VAL J 289 -5.85 -39.05 28.93
CA VAL J 289 -4.74 -39.33 29.83
C VAL J 289 -3.79 -40.28 29.11
N SER J 290 -2.54 -39.88 28.94
CA SER J 290 -1.56 -40.69 28.23
C SER J 290 -0.47 -41.15 29.19
N PHE J 291 -0.15 -42.43 29.15
CA PHE J 291 0.86 -42.98 30.05
C PHE J 291 1.63 -44.10 29.36
N SER J 292 2.80 -44.40 29.92
CA SER J 292 3.68 -45.41 29.36
C SER J 292 3.28 -46.80 29.85
N GLY J 293 3.65 -47.81 29.06
CA GLY J 293 3.42 -49.18 29.42
C GLY J 293 4.57 -49.89 30.10
N ASP J 294 5.78 -49.32 29.97
CA ASP J 294 7.01 -49.96 30.50
C ASP J 294 7.51 -49.28 31.77
N1 LLP J 295 6.20 -38.08 29.23
C2 LLP J 295 6.20 -38.33 30.54
C2' LLP J 295 5.46 -37.41 31.46
C3 LLP J 295 6.89 -39.43 31.06
O3 LLP J 295 6.85 -39.62 32.39
C4 LLP J 295 7.58 -40.29 30.20
C4' LLP J 295 8.30 -41.42 30.76
C5 LLP J 295 7.57 -40.00 28.83
C6 LLP J 295 6.88 -38.91 28.40
C5' LLP J 295 8.29 -40.86 27.82
OP4 LLP J 295 7.84 -42.23 27.82
P LLP J 295 8.33 -43.23 26.68
OP1 LLP J 295 7.49 -44.48 26.82
OP2 LLP J 295 9.80 -43.48 26.92
OP3 LLP J 295 8.08 -42.47 25.42
N LLP J 295 6.80 -48.29 32.27
CA LLP J 295 7.21 -47.68 33.54
CB LLP J 295 7.03 -46.16 33.48
CG LLP J 295 7.68 -45.47 32.29
CD LLP J 295 8.45 -44.21 32.65
CE LLP J 295 7.65 -42.95 32.42
NZ LLP J 295 7.73 -42.52 31.02
C LLP J 295 6.51 -48.44 34.65
O LLP J 295 6.73 -49.65 34.76
N LEU J 296 5.66 -47.79 35.44
CA LEU J 296 5.05 -48.50 36.60
C LEU J 296 3.91 -49.43 36.17
N LEU J 297 3.37 -49.30 34.95
CA LEU J 297 2.34 -50.27 34.49
C LEU J 297 3.06 -51.61 34.49
N GLY J 298 4.33 -51.60 34.13
CA GLY J 298 5.06 -52.84 34.28
C GLY J 298 5.05 -53.76 33.08
N GLY J 299 4.73 -53.26 31.90
CA GLY J 299 4.64 -54.09 30.72
C GLY J 299 5.61 -53.69 29.63
N PRO J 300 5.15 -53.70 28.39
CA PRO J 300 6.02 -53.38 27.25
C PRO J 300 6.03 -51.88 26.96
N GLN J 301 6.97 -51.48 26.10
CA GLN J 301 7.03 -50.09 25.66
C GLN J 301 5.79 -49.78 24.83
N ALA J 302 4.88 -49.00 25.39
CA ALA J 302 3.67 -48.63 24.68
C ALA J 302 3.20 -47.28 25.21
N GLY J 303 2.46 -46.56 24.36
CA GLY J 303 1.85 -45.32 24.78
C GLY J 303 0.34 -45.46 24.81
N ILE J 304 -0.25 -45.44 25.99
CA ILE J 304 -1.67 -45.74 26.16
C ILE J 304 -2.39 -44.44 26.47
N ILE J 305 -3.34 -44.07 25.63
CA ILE J 305 -4.14 -42.87 25.80
C ILE J 305 -5.58 -43.32 26.06
N VAL J 306 -6.12 -42.94 27.21
CA VAL J 306 -7.47 -43.33 27.58
C VAL J 306 -8.30 -42.07 27.79
N GLY J 307 -9.55 -42.12 27.36
CA GLY J 307 -10.39 -40.96 27.61
C GLY J 307 -11.68 -41.01 26.79
N LYS J 308 -12.16 -39.81 26.47
CA LYS J 308 -13.46 -39.68 25.81
C LYS J 308 -13.44 -40.36 24.45
N LYS J 309 -14.60 -40.94 24.09
CA LYS J 309 -14.71 -41.68 22.84
C LYS J 309 -14.48 -40.77 21.63
N GLU J 310 -15.00 -39.54 21.69
CA GLU J 310 -14.82 -38.62 20.58
C GLU J 310 -13.36 -38.22 20.40
N MET J 311 -12.67 -37.94 21.52
CA MET J 311 -11.26 -37.57 21.44
C MET J 311 -10.41 -38.73 20.93
N ILE J 312 -10.68 -39.93 21.44
CA ILE J 312 -9.95 -41.11 20.98
C ILE J 312 -10.22 -41.35 19.50
N ALA J 313 -11.47 -41.17 19.07
CA ALA J 313 -11.80 -41.35 17.66
C ALA J 313 -11.07 -40.33 16.79
N ARG J 314 -10.89 -39.11 17.30
CA ARG J 314 -10.04 -38.15 16.60
C ARG J 314 -8.61 -38.66 16.52
N LEU J 315 -8.12 -39.28 17.58
CA LEU J 315 -6.75 -39.78 17.60
C LEU J 315 -6.55 -40.91 16.58
N GLN J 316 -7.48 -41.87 16.56
CA GLN J 316 -7.32 -43.05 15.71
C GLN J 316 -7.40 -42.70 14.24
N SER J 317 -8.15 -41.65 13.89
CA SER J 317 -8.32 -41.26 12.50
C SER J 317 -7.22 -40.33 12.00
N HIS J 318 -6.27 -39.97 12.84
CA HIS J 318 -5.20 -39.08 12.41
C HIS J 318 -4.24 -39.79 11.47
N PRO J 319 -3.66 -39.06 10.51
CA PRO J 319 -2.64 -39.68 9.65
C PRO J 319 -1.44 -40.21 10.40
N LEU J 320 -1.05 -39.57 11.51
CA LEU J 320 0.11 -40.01 12.27
C LEU J 320 -0.06 -41.38 12.88
N LYS J 321 -1.29 -41.80 13.17
CA LYS J 321 -1.50 -43.05 13.89
C LYS J 321 -0.89 -44.23 13.15
N ARG J 322 -1.00 -44.25 11.83
CA ARG J 322 -0.41 -45.33 11.04
C ARG J 322 1.08 -45.45 11.28
N ALA J 323 1.77 -44.30 11.40
CA ALA J 323 3.19 -44.33 11.73
C ALA J 323 3.42 -44.76 13.17
N LEU J 324 2.50 -44.41 14.07
CA LEU J 324 2.67 -44.66 15.50
C LEU J 324 1.98 -45.94 15.95
N ARG J 325 1.46 -46.74 15.02
CA ARG J 325 0.71 -47.94 15.34
C ARG J 325 1.53 -48.87 16.23
N ALA J 326 0.83 -49.76 16.94
CA ALA J 326 1.46 -50.68 17.87
C ALA J 326 1.57 -52.07 17.28
N ASP J 327 2.69 -52.74 17.56
CA ASP J 327 3.02 -54.04 17.00
C ASP J 327 2.20 -55.13 17.67
N LYS J 328 2.14 -56.30 17.03
CA LYS J 328 1.39 -57.42 17.58
C LYS J 328 2.06 -57.99 18.83
N MET J 329 3.39 -58.00 18.88
CA MET J 329 4.05 -58.39 20.12
C MET J 329 3.77 -57.39 21.24
N THR J 330 3.78 -56.10 20.91
CA THR J 330 3.46 -55.09 21.90
C THR J 330 2.03 -55.25 22.40
N LEU J 331 1.09 -55.49 21.49
CA LEU J 331 -0.30 -55.69 21.90
C LEU J 331 -0.46 -56.95 22.73
N ALA J 332 0.23 -58.03 22.36
CA ALA J 332 0.15 -59.27 23.13
C ALA J 332 0.67 -59.07 24.55
N ALA J 333 1.84 -58.45 24.68
CA ALA J 333 2.41 -58.19 25.99
C ALA J 333 1.52 -57.28 26.81
N LEU J 334 0.99 -56.23 26.18
CA LEU J 334 0.14 -55.29 26.90
C LEU J 334 -1.15 -55.96 27.38
N GLU J 335 -1.76 -56.80 26.55
CA GLU J 335 -2.97 -57.50 26.96
C GLU J 335 -2.68 -58.46 28.11
N ALA J 336 -1.59 -59.23 28.02
CA ALA J 336 -1.29 -60.17 29.08
C ALA J 336 -0.93 -59.46 30.37
N THR J 337 -0.25 -58.32 30.29
CA THR J 337 0.09 -57.56 31.48
C THR J 337 -1.15 -56.93 32.10
N LEU J 338 -2.03 -56.37 31.28
CA LEU J 338 -3.24 -55.73 31.81
C LEU J 338 -4.17 -56.76 32.42
N ARG J 339 -4.18 -57.99 31.91
CA ARG J 339 -5.00 -59.03 32.51
C ARG J 339 -4.51 -59.43 33.90
N LEU J 340 -3.28 -59.08 34.27
CA LEU J 340 -2.82 -59.34 35.63
C LEU J 340 -3.49 -58.40 36.64
N TYR J 341 -3.81 -57.18 36.21
CA TYR J 341 -4.43 -56.21 37.10
C TYR J 341 -5.88 -56.56 37.41
N LEU J 342 -6.48 -57.51 36.68
CA LEU J 342 -7.82 -57.97 36.98
C LEU J 342 -7.87 -58.89 38.20
N HIS J 343 -6.72 -59.38 38.65
CA HIS J 343 -6.63 -60.21 39.86
C HIS J 343 -5.55 -59.61 40.74
N PRO J 344 -5.85 -58.50 41.43
CA PRO J 344 -4.80 -57.79 42.17
C PRO J 344 -4.16 -58.59 43.29
N GLU J 345 -4.84 -59.63 43.80
CA GLU J 345 -4.32 -60.37 44.94
C GLU J 345 -2.96 -60.99 44.63
N ALA J 346 -2.81 -61.54 43.44
CA ALA J 346 -1.54 -62.13 43.01
C ALA J 346 -0.68 -61.12 42.24
N LEU J 347 -1.13 -59.86 42.15
CA LEU J 347 -0.40 -58.88 41.35
C LEU J 347 1.01 -58.64 41.89
N SER J 348 1.16 -58.62 43.21
CA SER J 348 2.48 -58.43 43.80
C SER J 348 3.40 -59.62 43.57
N GLU J 349 2.86 -60.75 43.10
CA GLU J 349 3.67 -61.94 42.82
C GLU J 349 3.93 -62.13 41.33
N LYS J 350 2.89 -61.99 40.51
CA LYS J 350 3.01 -62.24 39.07
C LYS J 350 3.63 -61.08 38.30
N LEU J 351 3.71 -59.89 38.90
CA LEU J 351 4.30 -58.74 38.22
C LEU J 351 5.74 -58.57 38.66
N PRO J 352 6.73 -58.78 37.79
CA PRO J 352 8.13 -58.67 38.24
C PRO J 352 8.49 -57.31 38.78
N THR J 353 7.95 -56.24 38.21
CA THR J 353 8.23 -54.89 38.71
C THR J 353 7.74 -54.74 40.15
N LEU J 354 6.48 -55.12 40.39
CA LEU J 354 5.94 -55.03 41.74
C LEU J 354 6.63 -56.00 42.69
N ARG J 355 6.98 -57.19 42.20
CA ARG J 355 7.67 -58.16 43.05
C ARG J 355 9.04 -57.63 43.48
N LEU J 356 9.77 -56.98 42.57
CA LEU J 356 11.06 -56.42 42.92
C LEU J 356 10.91 -55.20 43.83
N LEU J 357 9.87 -54.40 43.60
CA LEU J 357 9.69 -53.19 44.42
C LEU J 357 9.22 -53.54 45.83
N THR J 358 8.28 -54.47 45.96
CA THR J 358 7.76 -54.85 47.26
C THR J 358 8.61 -55.90 47.96
N ARG J 359 9.78 -56.24 47.42
CA ARG J 359 10.66 -57.19 48.08
C ARG J 359 11.10 -56.65 49.44
N SER J 360 11.01 -57.49 50.45
CA SER J 360 11.36 -57.07 51.81
C SER J 360 12.88 -56.98 51.96
N ALA J 361 13.30 -56.09 52.87
CA ALA J 361 14.73 -55.86 53.08
C ALA J 361 15.39 -56.99 53.86
N GLU J 362 14.63 -57.69 54.71
CA GLU J 362 15.21 -58.80 55.48
C GLU J 362 15.66 -59.93 54.56
N VAL J 363 14.85 -60.27 53.56
CA VAL J 363 15.22 -61.32 52.63
C VAL J 363 16.45 -60.91 51.81
N ILE J 364 16.52 -59.65 51.41
CA ILE J 364 17.70 -59.16 50.71
C ILE J 364 18.94 -59.27 51.61
N GLN J 365 18.79 -58.94 52.89
CA GLN J 365 19.92 -59.04 53.81
C GLN J 365 20.38 -60.49 53.95
N ILE J 366 19.43 -61.41 54.07
CA ILE J 366 19.77 -62.83 54.20
C ILE J 366 20.48 -63.32 52.94
N GLN J 367 19.95 -62.96 51.77
CA GLN J 367 20.58 -63.40 50.52
C GLN J 367 21.97 -62.80 50.35
N ALA J 368 22.14 -61.54 50.72
CA ALA J 368 23.45 -60.90 50.62
C ALA J 368 24.46 -61.56 51.55
N GLN J 369 24.06 -61.84 52.80
CA GLN J 369 25.00 -62.47 53.72
C GLN J 369 25.28 -63.92 53.34
N ARG J 370 24.35 -64.58 52.65
CA ARG J 370 24.62 -65.92 52.14
C ARG J 370 25.59 -65.89 50.97
N LEU J 371 25.38 -64.96 50.02
CA LEU J 371 26.29 -64.84 48.89
C LEU J 371 27.63 -64.24 49.28
N GLN J 372 27.75 -63.65 50.46
CA GLN J 372 29.02 -63.07 50.89
C GLN J 372 30.09 -64.13 51.06
N ALA J 373 29.72 -65.31 51.57
CA ALA J 373 30.72 -66.34 51.86
C ALA J 373 31.46 -66.81 50.61
N PRO J 374 30.81 -67.15 49.49
CA PRO J 374 31.63 -67.55 48.34
C PRO J 374 32.10 -66.36 47.51
N GLN J 386 31.34 -58.43 52.58
CA GLN J 386 31.24 -57.04 53.02
C GLN J 386 29.86 -56.48 52.68
N VAL J 387 28.89 -56.75 53.55
CA VAL J 387 27.49 -56.45 53.30
C VAL J 387 27.06 -55.34 54.26
N MET J 388 26.55 -54.25 53.70
CA MET J 388 25.98 -53.19 54.53
C MET J 388 24.68 -52.69 53.91
N PRO J 389 23.80 -52.13 54.72
CA PRO J 389 22.63 -51.47 54.23
C PRO J 389 22.94 -50.41 53.17
N CYS J 390 22.01 -50.29 52.22
CA CYS J 390 22.01 -49.22 51.24
C CYS J 390 20.55 -48.92 50.88
N LEU J 391 20.37 -48.02 49.92
CA LEU J 391 19.05 -47.66 49.44
C LEU J 391 19.01 -47.80 47.92
N SER J 392 17.84 -48.10 47.40
CA SER J 392 17.63 -48.41 46.00
C SER J 392 16.58 -47.48 45.40
N GLN J 393 16.76 -47.16 44.12
CA GLN J 393 15.84 -46.30 43.40
C GLN J 393 14.72 -47.14 42.78
N ILE J 394 13.51 -46.59 42.78
CA ILE J 394 12.41 -47.24 42.08
C ILE J 394 12.71 -47.31 40.59
N GLY J 395 13.21 -46.22 40.02
CA GLY J 395 13.58 -46.17 38.61
C GLY J 395 12.78 -45.13 37.86
N SER J 396 12.57 -45.39 36.57
CA SER J 396 11.81 -44.48 35.73
C SER J 396 10.34 -44.47 36.14
N GLY J 397 9.71 -43.30 35.99
CA GLY J 397 8.34 -43.09 36.40
C GLY J 397 8.17 -42.58 37.81
N SER J 398 9.18 -42.71 38.66
CA SER J 398 9.15 -42.21 40.02
C SER J 398 10.29 -41.23 40.22
N LEU J 399 10.23 -40.50 41.33
CA LEU J 399 11.24 -39.50 41.63
C LEU J 399 12.55 -40.17 41.99
N PRO J 400 13.66 -39.85 41.32
CA PRO J 400 14.94 -40.48 41.63
C PRO J 400 15.58 -39.96 42.90
N VAL J 401 15.20 -40.50 44.06
CA VAL J 401 15.74 -40.03 45.33
C VAL J 401 16.33 -41.16 46.16
N ASP J 402 16.46 -42.35 45.59
CA ASP J 402 17.17 -43.46 46.25
C ASP J 402 16.51 -43.81 47.58
N ARG J 403 15.26 -44.29 47.50
CA ARG J 403 14.35 -44.31 48.64
C ARG J 403 14.22 -45.66 49.35
N LEU J 404 14.31 -46.79 48.64
CA LEU J 404 13.87 -48.01 49.31
C LEU J 404 15.02 -48.70 50.05
N PRO J 405 14.78 -49.19 51.27
CA PRO J 405 15.85 -49.89 52.00
C PRO J 405 16.26 -51.18 51.30
N SER J 406 17.54 -51.53 51.43
CA SER J 406 18.08 -52.74 50.83
C SER J 406 19.42 -53.03 51.47
N ALA J 407 20.00 -54.18 51.13
CA ALA J 407 21.32 -54.58 51.60
C ALA J 407 22.20 -54.88 50.39
N ALA J 408 23.43 -54.36 50.40
CA ALA J 408 24.33 -54.54 49.26
C ALA J 408 25.71 -54.96 49.74
N LEU J 409 26.39 -55.73 48.88
CA LEU J 409 27.77 -56.12 49.09
C LEU J 409 28.69 -55.27 48.24
N THR J 410 29.85 -54.91 48.79
CA THR J 410 30.80 -54.05 48.11
C THR J 410 32.16 -54.73 47.99
N PHE J 411 32.91 -54.29 46.99
CA PHE J 411 34.27 -54.74 46.76
C PHE J 411 35.23 -53.60 47.09
N THR J 412 35.75 -53.61 48.31
CA THR J 412 36.64 -52.56 48.79
C THR J 412 38.07 -52.88 48.40
N PRO J 413 38.77 -51.97 47.70
CA PRO J 413 40.16 -52.20 47.30
C PRO J 413 41.16 -51.83 48.39
N LEU J 421 39.04 -50.54 40.87
CA LEU J 421 37.59 -50.56 40.79
C LEU J 421 37.13 -50.42 39.35
N GLU J 422 37.70 -49.46 38.63
CA GLU J 422 37.35 -49.25 37.23
C GLU J 422 37.69 -50.47 36.39
N SER J 423 38.88 -51.06 36.62
CA SER J 423 39.27 -52.26 35.90
C SER J 423 38.34 -53.43 36.24
N LEU J 424 37.99 -53.57 37.52
CA LEU J 424 37.03 -54.60 37.91
C LEU J 424 35.67 -54.37 37.25
N ALA J 425 35.23 -53.12 37.20
CA ALA J 425 33.97 -52.81 36.56
C ALA J 425 33.99 -53.19 35.08
N ALA J 426 35.08 -52.86 34.37
CA ALA J 426 35.19 -53.23 32.97
C ALA J 426 35.25 -54.74 32.79
N ARG J 427 35.99 -55.45 33.66
CA ARG J 427 36.08 -56.90 33.56
C ARG J 427 34.71 -57.54 33.75
N TRP J 428 33.91 -57.01 34.68
CA TRP J 428 32.56 -57.53 34.85
C TRP J 428 31.67 -57.15 33.66
N ARG J 429 31.87 -55.96 33.09
CA ARG J 429 31.10 -55.53 31.93
C ARG J 429 31.41 -56.34 30.68
N GLU J 430 32.57 -57.00 30.63
CA GLU J 430 32.93 -57.83 29.49
C GLU J 430 32.50 -59.29 29.66
N LEU J 431 31.83 -59.63 30.75
CA LEU J 431 31.38 -61.00 30.96
C LEU J 431 30.24 -61.34 30.03
N PRO J 432 30.02 -62.65 29.77
CA PRO J 432 28.87 -63.03 28.92
C PRO J 432 27.54 -62.53 29.43
N VAL J 433 27.35 -62.55 30.74
CA VAL J 433 26.19 -61.91 31.38
C VAL J 433 26.73 -60.80 32.28
N PRO J 434 26.86 -59.58 31.78
CA PRO J 434 27.56 -58.54 32.54
C PRO J 434 26.87 -58.22 33.85
N VAL J 435 27.67 -57.82 34.83
CA VAL J 435 27.19 -57.38 36.13
C VAL J 435 27.54 -55.91 36.27
N ILE J 436 26.53 -55.08 36.50
CA ILE J 436 26.69 -53.63 36.61
C ILE J 436 26.45 -53.24 38.06
N GLY J 437 27.44 -52.59 38.67
CA GLY J 437 27.29 -52.04 40.01
C GLY J 437 27.49 -50.55 40.00
N ARG J 438 27.62 -49.93 41.18
CA ARG J 438 27.80 -48.49 41.27
C ARG J 438 29.08 -48.17 42.04
N ILE J 439 29.85 -47.22 41.53
CA ILE J 439 31.09 -46.79 42.17
C ILE J 439 30.78 -45.56 43.01
N TYR J 440 30.92 -45.70 44.33
CA TYR J 440 30.65 -44.60 45.24
C TYR J 440 31.37 -44.86 46.55
N ASP J 441 31.82 -43.77 47.19
CA ASP J 441 32.52 -43.85 48.46
C ASP J 441 33.75 -44.75 48.37
N GLY J 442 34.43 -44.71 47.23
CA GLY J 442 35.59 -45.55 47.02
C GLY J 442 35.29 -47.04 47.02
N ARG J 443 34.04 -47.43 46.82
CA ARG J 443 33.64 -48.83 46.84
C ARG J 443 32.77 -49.14 45.63
N LEU J 444 32.81 -50.40 45.20
CA LEU J 444 31.93 -50.91 44.16
C LEU J 444 30.79 -51.66 44.83
N TRP J 445 29.58 -51.13 44.70
CA TRP J 445 28.39 -51.66 45.34
C TRP J 445 27.57 -52.47 44.36
N LEU J 446 27.06 -53.62 44.82
CA LEU J 446 26.17 -54.47 44.04
C LEU J 446 24.88 -54.63 44.83
N ASP J 447 23.91 -53.76 44.57
CA ASP J 447 22.62 -53.85 45.23
C ASP J 447 21.91 -55.12 44.78
N LEU J 448 21.43 -55.92 45.74
CA LEU J 448 20.86 -57.22 45.46
C LEU J 448 19.34 -57.23 45.53
N ARG J 449 18.71 -56.05 45.38
CA ARG J 449 17.25 -56.01 45.35
C ARG J 449 16.71 -56.68 44.09
N CYS J 450 17.39 -56.49 42.95
CA CYS J 450 16.91 -56.97 41.66
C CYS J 450 17.54 -58.28 41.24
N LEU J 451 18.28 -58.95 42.12
CA LEU J 451 18.90 -60.23 41.81
C LEU J 451 17.87 -61.32 42.09
N GLU J 452 17.38 -61.96 41.04
CA GLU J 452 16.38 -63.00 41.18
C GLU J 452 16.95 -64.41 41.04
N ASP J 453 18.04 -64.57 40.30
CA ASP J 453 18.66 -65.88 40.09
C ASP J 453 20.09 -65.83 40.59
N GLU J 454 20.33 -66.44 41.76
CA GLU J 454 21.65 -66.38 42.38
C GLU J 454 22.66 -67.26 41.66
N GLN J 455 22.18 -68.33 41.01
CA GLN J 455 23.09 -69.28 40.38
C GLN J 455 23.91 -68.63 39.27
N ARG J 456 23.25 -67.86 38.41
CA ARG J 456 23.97 -67.22 37.31
C ARG J 456 24.94 -66.15 37.84
N PHE J 457 24.52 -65.40 38.86
CA PHE J 457 25.39 -64.36 39.41
C PHE J 457 26.63 -64.97 40.05
N LEU J 458 26.46 -66.05 40.81
CA LEU J 458 27.62 -66.72 41.40
C LEU J 458 28.50 -67.36 40.33
N GLU J 459 27.88 -67.95 39.32
CA GLU J 459 28.65 -68.58 38.24
C GLU J 459 29.44 -67.56 37.44
N MET J 460 28.98 -66.31 37.39
CA MET J 460 29.67 -65.26 36.67
C MET J 460 30.71 -64.53 37.51
N LEU J 461 30.82 -64.87 38.78
CA LEU J 461 31.82 -64.25 39.65
C LEU J 461 32.75 -65.30 40.25
#